data_2LY2
#
_entry.id   2LY2
#
_entity_poly.entity_id   1
_entity_poly.type   'polypeptide(L)'
_entity_poly.pdbx_seq_one_letter_code
;GHMDEVQNRIKEILDKHNNGIWISKLPHFYKEFYKEDLNQGVLQQFEHWPHICTVEKPCGGGQDSLLYPARREQPLKSDQ
DPEKELPPPPPAPKQEVPSQGSPAVMPDVKEKVAELLGKYSSGLWASALPKAFEDMYKVKFPEDALKNLASLSDVCTINY
ISGNTQKAILYAKLPLPTDK
;
_entity_poly.pdbx_strand_id   A
#
# COMPACT_ATOMS: atom_id res chain seq x y z
N GLY A 1 62.67 21.78 11.44
CA GLY A 1 61.42 22.59 11.46
C GLY A 1 61.54 23.85 10.61
N HIS A 2 60.43 24.28 10.01
CA HIS A 2 60.31 25.55 9.28
C HIS A 2 58.84 25.96 9.17
N MET A 3 58.02 25.19 8.45
CA MET A 3 56.64 25.58 8.16
C MET A 3 55.79 25.58 9.44
N ASP A 4 56.10 24.68 10.38
CA ASP A 4 55.56 24.65 11.73
C ASP A 4 55.87 25.94 12.50
N GLU A 5 57.01 26.58 12.26
CA GLU A 5 57.35 27.83 12.90
C GLU A 5 56.55 28.98 12.27
N VAL A 6 56.30 28.95 10.95
CA VAL A 6 55.48 29.97 10.28
C VAL A 6 54.05 29.88 10.82
N GLN A 7 53.51 28.66 10.84
CA GLN A 7 52.24 28.34 11.47
C GLN A 7 52.17 28.94 12.86
N ASN A 8 53.08 28.52 13.75
CA ASN A 8 52.95 28.89 15.15
C ASN A 8 53.12 30.39 15.36
N ARG A 9 53.87 31.13 14.53
CA ARG A 9 53.99 32.56 14.78
C ARG A 9 52.73 33.30 14.36
N ILE A 10 52.03 32.89 13.31
CA ILE A 10 50.77 33.58 13.01
C ILE A 10 49.74 33.32 14.10
N LYS A 11 49.61 32.08 14.63
CA LYS A 11 48.70 31.95 15.77
C LYS A 11 49.22 32.75 16.96
N GLU A 12 50.54 32.87 17.17
CA GLU A 12 51.09 33.63 18.28
C GLU A 12 50.63 35.10 18.20
N ILE A 13 50.86 35.81 17.10
CA ILE A 13 50.42 37.20 17.00
C ILE A 13 48.92 37.26 17.18
N LEU A 14 48.16 36.47 16.42
CA LEU A 14 46.71 36.61 16.41
C LEU A 14 46.13 36.29 17.78
N ASP A 15 46.71 35.35 18.52
CA ASP A 15 46.24 34.98 19.84
C ASP A 15 46.59 36.05 20.87
N LYS A 16 47.83 36.58 20.80
CA LYS A 16 48.29 37.65 21.68
C LYS A 16 47.41 38.89 21.47
N HIS A 17 47.08 39.18 20.21
CA HIS A 17 46.29 40.35 19.85
C HIS A 17 44.82 40.12 20.18
N ASN A 18 44.36 38.86 20.12
CA ASN A 18 42.98 38.35 20.17
C ASN A 18 42.09 38.94 19.07
N ASN A 19 41.98 40.27 19.03
CA ASN A 19 41.37 40.98 17.92
C ASN A 19 42.24 40.66 16.70
N GLY A 20 41.61 40.17 15.63
CA GLY A 20 42.31 39.72 14.44
C GLY A 20 42.97 40.86 13.67
N ILE A 21 43.69 40.50 12.61
CA ILE A 21 44.45 41.43 11.78
C ILE A 21 43.88 41.38 10.36
N TRP A 22 43.62 42.55 9.74
CA TRP A 22 43.18 42.64 8.35
C TRP A 22 44.22 42.02 7.42
N ILE A 23 43.81 41.27 6.37
CA ILE A 23 44.79 40.60 5.51
C ILE A 23 45.74 41.62 4.88
N SER A 24 45.25 42.81 4.50
CA SER A 24 46.12 43.84 3.93
C SER A 24 47.15 44.37 4.94
N LYS A 25 46.86 44.34 6.25
CA LYS A 25 47.81 44.82 7.27
C LYS A 25 48.67 43.70 7.86
N LEU A 26 48.23 42.44 7.75
CA LEU A 26 49.02 41.25 8.11
C LEU A 26 50.47 41.31 7.61
N PRO A 27 50.79 41.61 6.33
CA PRO A 27 52.17 41.59 5.85
C PRO A 27 53.06 42.57 6.61
N HIS A 28 52.63 43.81 6.87
CA HIS A 28 53.49 44.73 7.61
C HIS A 28 53.48 44.40 9.10
N PHE A 29 52.41 43.81 9.63
CA PHE A 29 52.42 43.30 10.99
C PHE A 29 53.47 42.21 11.15
N TYR A 30 53.55 41.31 10.18
CA TYR A 30 54.51 40.22 10.13
C TYR A 30 55.93 40.78 10.03
N LYS A 31 56.17 41.73 9.12
CA LYS A 31 57.46 42.40 8.96
C LYS A 31 57.91 43.06 10.26
N GLU A 32 57.00 43.71 10.99
CA GLU A 32 57.33 44.36 12.24
C GLU A 32 57.72 43.35 13.30
N PHE A 33 56.99 42.23 13.39
CA PHE A 33 57.15 41.32 14.50
C PHE A 33 58.29 40.33 14.27
N TYR A 34 58.35 39.72 13.09
CA TYR A 34 59.24 38.59 12.78
C TYR A 34 60.36 38.96 11.80
N LYS A 35 60.46 40.26 11.49
CA LYS A 35 61.57 40.87 10.75
C LYS A 35 61.81 40.23 9.38
N GLU A 36 60.73 39.90 8.68
CA GLU A 36 60.81 39.15 7.45
C GLU A 36 59.73 39.64 6.50
N ASP A 37 60.04 39.64 5.21
CA ASP A 37 59.13 40.03 4.15
C ASP A 37 58.22 38.86 3.84
N LEU A 38 56.96 38.95 4.27
CA LEU A 38 55.95 37.94 4.07
C LEU A 38 55.73 37.71 2.55
N ASN A 39 55.98 36.48 2.08
CA ASN A 39 55.71 36.11 0.69
C ASN A 39 54.18 36.06 0.45
N GLN A 40 53.72 36.36 -0.76
CA GLN A 40 52.28 36.36 -1.06
C GLN A 40 51.65 34.96 -0.86
N GLY A 41 52.42 33.87 -1.02
CA GLY A 41 51.93 32.51 -0.88
C GLY A 41 51.53 32.17 0.56
N VAL A 42 52.08 32.86 1.56
CA VAL A 42 51.70 32.58 2.94
C VAL A 42 50.24 33.06 3.16
N LEU A 43 49.75 34.04 2.40
CA LEU A 43 48.33 34.41 2.42
C LEU A 43 47.46 33.22 2.07
N GLN A 44 47.86 32.40 1.10
CA GLN A 44 47.14 31.21 0.74
C GLN A 44 47.16 30.19 1.88
N GLN A 45 48.30 30.04 2.57
CA GLN A 45 48.34 29.25 3.80
C GLN A 45 47.30 29.76 4.81
N PHE A 46 47.20 31.08 5.00
CA PHE A 46 46.29 31.63 6.00
C PHE A 46 44.83 31.26 5.65
N GLU A 47 44.49 31.28 4.36
CA GLU A 47 43.16 30.92 3.90
C GLU A 47 42.85 29.44 4.20
N HIS A 48 43.82 28.53 4.06
CA HIS A 48 43.52 27.11 4.22
C HIS A 48 43.74 26.58 5.63
N TRP A 49 44.53 27.23 6.49
CA TRP A 49 44.93 26.71 7.79
C TRP A 49 43.71 26.60 8.72
N PRO A 50 43.30 25.39 9.15
CA PRO A 50 42.23 25.25 10.13
C PRO A 50 42.73 25.42 11.59
N HIS A 51 44.05 25.29 11.82
CA HIS A 51 44.61 25.20 13.18
C HIS A 51 45.37 26.45 13.60
N ILE A 52 45.46 27.47 12.72
CA ILE A 52 46.25 28.68 13.02
C ILE A 52 45.33 29.89 13.15
N CYS A 53 44.33 30.00 12.27
CA CYS A 53 43.54 31.19 12.13
C CYS A 53 42.20 30.87 11.43
N THR A 54 41.38 31.91 11.28
CA THR A 54 40.17 31.89 10.48
C THR A 54 40.13 33.20 9.72
N VAL A 55 39.97 33.14 8.39
CA VAL A 55 39.68 34.32 7.59
C VAL A 55 38.19 34.62 7.81
N GLU A 56 37.86 35.89 8.00
CA GLU A 56 36.52 36.36 8.31
C GLU A 56 36.22 37.54 7.42
N LYS A 57 34.98 37.69 6.99
CA LYS A 57 34.52 38.86 6.24
C LYS A 57 33.46 39.62 7.07
N PRO A 58 33.86 40.32 8.16
CA PRO A 58 32.98 41.24 8.87
C PRO A 58 32.32 42.22 7.89
N CYS A 59 31.07 42.62 8.17
CA CYS A 59 30.29 43.49 7.28
C CYS A 59 30.96 44.85 7.05
N GLY A 60 31.74 45.34 8.03
CA GLY A 60 32.45 46.60 7.93
C GLY A 60 33.73 46.52 7.09
N GLY A 61 34.21 45.32 6.74
CA GLY A 61 35.43 45.14 5.96
C GLY A 61 35.21 45.57 4.51
N GLY A 62 34.10 45.11 3.91
CA GLY A 62 33.62 45.52 2.59
C GLY A 62 34.43 44.95 1.41
N GLN A 63 35.76 44.99 1.50
CA GLN A 63 36.68 44.65 0.41
C GLN A 63 37.97 43.98 0.93
N ASP A 64 38.02 43.59 2.20
CA ASP A 64 39.13 42.84 2.80
C ASP A 64 38.54 41.98 3.93
N SER A 65 39.38 41.15 4.56
CA SER A 65 38.97 40.13 5.51
C SER A 65 39.86 40.22 6.76
N LEU A 66 39.39 39.71 7.91
CA LEU A 66 40.15 39.68 9.14
C LEU A 66 40.65 38.28 9.38
N LEU A 67 41.90 38.15 9.83
CA LEU A 67 42.48 36.91 10.31
C LEU A 67 42.26 36.88 11.81
N TYR A 68 41.30 36.09 12.27
CA TYR A 68 41.12 35.80 13.68
C TYR A 68 42.08 34.66 14.07
N PRO A 69 42.47 34.55 15.36
CA PRO A 69 43.25 33.42 15.86
C PRO A 69 42.47 32.09 15.79
N ALA A 70 43.20 30.98 15.95
CA ALA A 70 42.69 29.61 16.00
C ALA A 70 41.59 29.28 17.02
N ARG A 71 41.04 30.22 17.79
CA ARG A 71 40.00 29.91 18.78
C ARG A 71 38.75 29.25 18.18
N ARG A 72 38.52 29.49 16.88
CA ARG A 72 37.40 28.95 16.11
C ARG A 72 37.71 27.56 15.54
N GLU A 73 38.84 26.93 15.89
CA GLU A 73 39.21 25.60 15.42
C GLU A 73 38.12 24.55 15.76
N GLN A 74 38.17 23.42 15.04
CA GLN A 74 37.34 22.23 15.25
C GLN A 74 35.85 22.57 15.54
N PRO A 75 35.14 23.24 14.60
CA PRO A 75 33.77 23.67 14.85
C PRO A 75 32.77 22.50 14.86
N LEU A 76 32.85 21.59 13.88
CA LEU A 76 31.90 20.48 13.69
C LEU A 76 32.56 19.38 12.82
N LYS A 77 33.84 19.10 13.08
CA LYS A 77 34.69 18.20 12.27
C LYS A 77 35.27 17.08 13.16
N SER A 78 34.53 16.71 14.22
CA SER A 78 34.95 15.75 15.23
C SER A 78 35.24 14.36 14.65
N ASP A 79 34.58 14.00 13.54
CA ASP A 79 34.66 12.67 12.88
C ASP A 79 34.34 11.49 13.83
N GLN A 80 33.62 11.81 14.92
CA GLN A 80 33.21 10.89 15.99
C GLN A 80 31.83 11.32 16.54
N ASP A 81 31.15 12.23 15.83
CA ASP A 81 29.89 12.82 16.26
C ASP A 81 28.75 11.80 16.45
N PRO A 82 28.62 10.76 15.61
CA PRO A 82 27.64 9.68 15.80
C PRO A 82 27.75 8.94 17.15
N GLU A 83 28.84 9.08 17.91
CA GLU A 83 29.05 8.36 19.16
C GLU A 83 29.45 9.27 20.33
N LYS A 84 29.45 10.59 20.13
CA LYS A 84 29.83 11.54 21.19
C LYS A 84 28.79 11.57 22.30
N GLU A 85 27.52 11.36 21.93
CA GLU A 85 26.38 11.28 22.83
C GLU A 85 25.43 10.13 22.45
N LEU A 86 25.64 9.50 21.28
CA LEU A 86 24.82 8.44 20.66
C LEU A 86 23.35 8.45 21.13
N PRO A 87 22.57 9.48 20.72
CA PRO A 87 21.14 9.59 21.00
C PRO A 87 20.35 8.31 20.66
N PRO A 88 19.17 8.10 21.26
CA PRO A 88 18.32 6.96 20.96
C PRO A 88 17.79 7.01 19.50
N PRO A 89 17.33 5.86 18.95
CA PRO A 89 16.95 5.75 17.54
C PRO A 89 15.92 6.77 17.00
N PRO A 90 14.79 7.08 17.67
CA PRO A 90 13.75 7.89 17.07
C PRO A 90 14.12 9.40 17.06
N PRO A 91 13.41 10.22 16.26
CA PRO A 91 13.57 11.68 16.29
C PRO A 91 13.45 12.27 17.71
N ALA A 92 12.53 11.71 18.50
CA ALA A 92 12.37 11.94 19.93
C ALA A 92 11.59 10.73 20.49
N PRO A 93 11.64 10.42 21.79
CA PRO A 93 10.80 9.40 22.42
C PRO A 93 9.30 9.54 22.15
N LYS A 94 8.80 10.78 21.95
CA LYS A 94 7.40 11.05 21.60
C LYS A 94 7.05 10.62 20.16
N GLN A 95 8.05 10.24 19.36
CA GLN A 95 7.95 9.93 17.93
C GLN A 95 8.58 8.55 17.69
N GLU A 96 8.36 7.59 18.61
CA GLU A 96 8.96 6.25 18.58
C GLU A 96 8.55 5.44 17.34
N VAL A 97 7.50 5.84 16.64
CA VAL A 97 7.02 5.24 15.39
C VAL A 97 6.69 6.37 14.39
N PRO A 98 7.70 6.89 13.65
CA PRO A 98 7.49 7.90 12.61
C PRO A 98 6.53 7.42 11.51
N SER A 99 6.55 6.13 11.19
CA SER A 99 5.71 5.50 10.17
C SER A 99 4.22 5.61 10.52
N GLN A 100 3.35 5.53 9.50
CA GLN A 100 1.89 5.55 9.66
C GLN A 100 1.27 4.71 8.54
N GLY A 101 0.09 4.15 8.80
CA GLY A 101 -0.66 3.32 7.86
C GLY A 101 -1.93 2.80 8.52
N SER A 102 -2.69 1.97 7.80
CA SER A 102 -3.99 1.45 8.22
C SER A 102 -4.04 -0.08 8.09
N PRO A 103 -4.78 -0.79 8.96
CA PRO A 103 -4.99 -2.23 8.86
C PRO A 103 -5.92 -2.61 7.70
N ALA A 104 -5.89 -3.90 7.45
CA ALA A 104 -6.67 -4.61 6.46
C ALA A 104 -8.12 -4.73 6.91
N VAL A 105 -9.00 -5.06 5.97
CA VAL A 105 -10.40 -5.34 6.25
C VAL A 105 -10.45 -6.64 7.08
N MET A 106 -10.64 -6.50 8.39
CA MET A 106 -10.73 -7.59 9.36
C MET A 106 -11.88 -7.30 10.35
N PRO A 107 -13.16 -7.36 9.90
CA PRO A 107 -14.34 -7.30 10.76
C PRO A 107 -14.30 -8.25 11.95
N ASP A 108 -15.19 -8.05 12.92
CA ASP A 108 -15.15 -8.74 14.22
C ASP A 108 -15.22 -10.25 14.11
N VAL A 109 -15.97 -10.82 13.15
CA VAL A 109 -16.00 -12.26 12.97
C VAL A 109 -14.61 -12.76 12.53
N LYS A 110 -13.93 -12.03 11.62
CA LYS A 110 -12.57 -12.43 11.21
C LYS A 110 -11.67 -12.34 12.42
N GLU A 111 -11.77 -11.29 13.22
CA GLU A 111 -10.93 -11.10 14.39
C GLU A 111 -11.13 -12.23 15.41
N LYS A 112 -12.39 -12.64 15.67
CA LYS A 112 -12.71 -13.74 16.57
C LYS A 112 -11.99 -14.99 16.10
N VAL A 113 -12.19 -15.38 14.84
CA VAL A 113 -11.53 -16.55 14.26
C VAL A 113 -10.01 -16.41 14.39
N ALA A 114 -9.44 -15.26 14.01
CA ALA A 114 -8.00 -15.11 13.88
C ALA A 114 -7.30 -15.25 15.23
N GLU A 115 -7.81 -14.60 16.27
CA GLU A 115 -7.27 -14.76 17.62
C GLU A 115 -7.52 -16.17 18.12
N LEU A 116 -8.71 -16.72 17.90
CA LEU A 116 -9.06 -18.07 18.33
C LEU A 116 -8.09 -19.11 17.77
N LEU A 117 -7.76 -19.01 16.48
CA LEU A 117 -6.74 -19.85 15.88
C LEU A 117 -5.38 -19.66 16.55
N GLY A 118 -5.01 -18.41 16.87
CA GLY A 118 -3.77 -18.09 17.58
C GLY A 118 -3.66 -18.83 18.92
N LYS A 119 -4.77 -19.05 19.63
CA LYS A 119 -4.74 -19.67 20.96
C LYS A 119 -4.41 -21.18 20.93
N TYR A 120 -4.40 -21.85 19.77
CA TYR A 120 -4.31 -23.32 19.68
C TYR A 120 -3.24 -23.77 18.68
N SER A 121 -2.20 -24.45 19.17
CA SER A 121 -1.23 -25.15 18.33
C SER A 121 -1.89 -26.30 17.56
N SER A 122 -2.93 -26.91 18.16
CA SER A 122 -3.80 -27.92 17.56
C SER A 122 -4.69 -27.38 16.43
N GLY A 123 -4.66 -26.06 16.18
CA GLY A 123 -5.63 -25.44 15.31
C GLY A 123 -7.00 -25.58 15.97
N LEU A 124 -8.07 -25.43 15.20
CA LEU A 124 -9.41 -25.76 15.67
C LEU A 124 -9.95 -26.72 14.63
N TRP A 125 -10.61 -27.77 15.09
CA TRP A 125 -11.26 -28.74 14.22
C TRP A 125 -12.65 -28.20 13.85
N ALA A 126 -13.28 -28.75 12.81
CA ALA A 126 -14.53 -28.22 12.25
C ALA A 126 -15.62 -27.97 13.30
N SER A 127 -15.77 -28.88 14.27
CA SER A 127 -16.75 -28.75 15.35
C SER A 127 -16.20 -27.91 16.50
N ALA A 128 -14.89 -28.03 16.78
CA ALA A 128 -14.23 -27.31 17.86
C ALA A 128 -14.20 -25.80 17.58
N LEU A 129 -14.19 -25.36 16.31
CA LEU A 129 -14.20 -23.93 15.96
C LEU A 129 -15.47 -23.28 16.53
N PRO A 130 -16.71 -23.68 16.18
CA PRO A 130 -17.93 -23.23 16.86
C PRO A 130 -17.89 -23.34 18.39
N LYS A 131 -17.46 -24.49 18.94
CA LYS A 131 -17.48 -24.67 20.39
C LYS A 131 -16.58 -23.65 21.08
N ALA A 132 -15.35 -23.50 20.58
CA ALA A 132 -14.37 -22.59 21.15
C ALA A 132 -14.78 -21.13 20.96
N PHE A 133 -15.40 -20.79 19.82
CA PHE A 133 -15.99 -19.49 19.55
C PHE A 133 -16.92 -19.09 20.68
N GLU A 134 -17.92 -19.94 20.94
CA GLU A 134 -19.01 -19.62 21.83
C GLU A 134 -18.52 -19.60 23.28
N ASP A 135 -17.63 -20.54 23.64
CA ASP A 135 -17.07 -20.64 24.98
C ASP A 135 -16.16 -19.47 25.30
N MET A 136 -15.23 -19.12 24.40
CA MET A 136 -14.19 -18.16 24.72
C MET A 136 -14.74 -16.74 24.75
N TYR A 137 -15.58 -16.36 23.78
CA TYR A 137 -16.09 -15.00 23.70
C TYR A 137 -17.41 -14.85 24.47
N LYS A 138 -17.87 -15.92 25.13
CA LYS A 138 -19.13 -16.01 25.88
C LYS A 138 -20.29 -15.44 25.04
N VAL A 139 -20.52 -16.05 23.89
CA VAL A 139 -21.53 -15.64 22.91
C VAL A 139 -22.20 -16.89 22.33
N LYS A 140 -23.39 -16.71 21.77
CA LYS A 140 -24.14 -17.66 20.97
C LYS A 140 -24.52 -16.83 19.75
N PHE A 141 -23.88 -17.05 18.60
CA PHE A 141 -23.99 -16.15 17.45
C PHE A 141 -24.37 -16.89 16.15
N PRO A 142 -24.83 -16.17 15.10
CA PRO A 142 -25.43 -16.77 13.92
C PRO A 142 -24.58 -17.86 13.28
N GLU A 143 -25.24 -18.87 12.74
CA GLU A 143 -24.57 -19.91 11.96
C GLU A 143 -23.96 -19.31 10.69
N ASP A 144 -24.49 -18.19 10.18
CA ASP A 144 -23.86 -17.45 9.09
C ASP A 144 -22.41 -17.06 9.39
N ALA A 145 -22.08 -16.87 10.67
CA ALA A 145 -20.71 -16.58 11.10
C ALA A 145 -19.91 -17.86 11.39
N LEU A 146 -20.52 -18.92 11.97
CA LEU A 146 -19.78 -20.08 12.48
C LEU A 146 -19.84 -21.35 11.62
N LYS A 147 -20.71 -21.42 10.62
CA LYS A 147 -20.83 -22.56 9.68
C LYS A 147 -20.37 -22.21 8.27
N ASN A 148 -20.16 -20.93 7.96
CA ASN A 148 -19.72 -20.47 6.64
C ASN A 148 -18.23 -20.74 6.48
N LEU A 149 -17.88 -21.99 6.16
CA LEU A 149 -16.51 -22.49 6.06
C LEU A 149 -15.64 -21.61 5.16
N ALA A 150 -16.20 -20.94 4.16
CA ALA A 150 -15.46 -20.09 3.24
C ALA A 150 -14.86 -18.86 3.93
N SER A 151 -15.63 -18.15 4.75
CA SER A 151 -15.12 -17.00 5.51
C SER A 151 -14.05 -17.48 6.48
N LEU A 152 -14.26 -18.65 7.06
CA LEU A 152 -13.27 -19.26 7.93
C LEU A 152 -12.00 -19.58 7.13
N SER A 153 -12.15 -20.02 5.87
CA SER A 153 -11.04 -20.24 4.95
C SER A 153 -10.34 -18.95 4.51
N ASP A 154 -10.98 -17.78 4.62
CA ASP A 154 -10.31 -16.52 4.38
C ASP A 154 -9.33 -16.24 5.54
N VAL A 155 -9.78 -16.46 6.78
CA VAL A 155 -8.92 -16.21 7.95
C VAL A 155 -7.99 -17.39 8.30
N CYS A 156 -8.22 -18.59 7.77
CA CYS A 156 -7.52 -19.80 8.20
C CYS A 156 -7.16 -20.69 7.01
N THR A 157 -6.10 -21.47 7.18
CA THR A 157 -5.78 -22.55 6.25
C THR A 157 -6.81 -23.59 6.67
N ILE A 158 -7.65 -24.04 5.73
CA ILE A 158 -8.55 -25.14 5.99
C ILE A 158 -8.08 -26.29 5.13
N ASN A 159 -7.98 -27.43 5.80
CA ASN A 159 -7.41 -28.67 5.32
C ASN A 159 -8.30 -29.76 5.89
N TYR A 160 -8.30 -30.94 5.28
CA TYR A 160 -9.27 -31.99 5.58
C TYR A 160 -8.59 -33.27 6.03
N ILE A 161 -9.38 -34.10 6.70
CA ILE A 161 -8.96 -35.37 7.25
C ILE A 161 -10.06 -36.37 6.88
N SER A 162 -9.73 -37.66 6.87
CA SER A 162 -10.61 -38.78 6.51
C SER A 162 -11.04 -38.81 5.03
N GLY A 163 -10.82 -37.73 4.27
CA GLY A 163 -11.06 -37.62 2.84
C GLY A 163 -11.12 -36.14 2.45
N ASN A 164 -11.10 -35.84 1.16
CA ASN A 164 -11.24 -34.46 0.68
C ASN A 164 -12.61 -33.92 1.10
N THR A 165 -12.62 -32.80 1.83
CA THR A 165 -13.82 -32.20 2.39
C THR A 165 -14.68 -33.21 3.19
N GLN A 166 -14.05 -34.17 3.88
CA GLN A 166 -14.80 -35.21 4.61
C GLN A 166 -14.94 -34.78 6.07
N LYS A 167 -13.81 -34.42 6.69
CA LYS A 167 -13.70 -33.77 7.99
C LYS A 167 -12.75 -32.60 7.75
N ALA A 168 -12.81 -31.51 8.51
CA ALA A 168 -11.99 -30.32 8.28
C ALA A 168 -11.28 -29.90 9.57
N ILE A 169 -10.17 -29.20 9.38
CA ILE A 169 -9.28 -28.65 10.39
C ILE A 169 -9.03 -27.21 9.95
N LEU A 170 -8.69 -26.33 10.89
CA LEU A 170 -8.33 -24.95 10.62
C LEU A 170 -6.99 -24.71 11.29
N TYR A 171 -6.08 -24.02 10.61
CA TYR A 171 -4.82 -23.49 11.14
C TYR A 171 -4.78 -22.00 10.81
N ALA A 172 -3.97 -21.20 11.52
CA ALA A 172 -3.96 -19.76 11.31
C ALA A 172 -3.43 -19.40 9.90
N LYS A 173 -4.08 -18.43 9.25
CA LYS A 173 -3.60 -17.79 8.01
C LYS A 173 -3.43 -16.28 8.23
N LEU A 174 -4.15 -15.71 9.20
CA LEU A 174 -4.01 -14.35 9.75
C LEU A 174 -3.64 -13.30 8.68
N PRO A 175 -4.51 -13.05 7.69
CA PRO A 175 -4.20 -12.14 6.59
C PRO A 175 -4.05 -10.70 7.14
N LEU A 176 -2.92 -10.07 6.84
CA LEU A 176 -2.64 -8.67 7.14
C LEU A 176 -1.64 -8.18 6.08
N PRO A 177 -2.08 -8.04 4.81
CA PRO A 177 -1.20 -7.70 3.69
C PRO A 177 -0.79 -6.23 3.71
N THR A 178 -1.43 -5.42 4.56
CA THR A 178 -1.30 -3.99 4.54
C THR A 178 0.08 -3.56 5.04
N ASP A 179 0.80 -2.79 4.21
CA ASP A 179 2.08 -2.17 4.59
C ASP A 179 1.90 -0.68 4.87
N LYS A 180 0.87 -0.07 4.29
CA LYS A 180 0.42 1.30 4.48
C LYS A 180 -1.10 1.29 4.26
N GLY A 1 2.04 42.92 15.27
CA GLY A 1 2.91 43.39 14.16
C GLY A 1 2.17 43.38 12.83
N HIS A 2 2.28 44.45 12.04
CA HIS A 2 1.54 44.64 10.79
C HIS A 2 1.81 43.52 9.77
N MET A 3 3.01 42.93 9.79
CA MET A 3 3.39 41.83 8.92
C MET A 3 2.44 40.64 9.06
N ASP A 4 1.90 40.38 10.25
CA ASP A 4 0.94 39.29 10.47
C ASP A 4 -0.43 39.67 9.92
N GLU A 5 -0.83 40.92 10.10
CA GLU A 5 -2.14 41.40 9.65
C GLU A 5 -2.18 41.49 8.11
N VAL A 6 -1.08 41.88 7.47
CA VAL A 6 -0.95 41.95 6.02
C VAL A 6 -1.06 40.53 5.47
N GLN A 7 -0.28 39.58 6.00
CA GLN A 7 -0.37 38.17 5.68
C GLN A 7 -1.82 37.68 5.74
N ASN A 8 -2.45 37.80 6.92
CA ASN A 8 -3.74 37.17 7.12
C ASN A 8 -4.84 37.81 6.26
N ARG A 9 -4.75 39.11 5.91
CA ARG A 9 -5.82 39.68 5.07
C ARG A 9 -5.67 39.18 3.64
N ILE A 10 -4.47 38.95 3.12
CA ILE A 10 -4.36 38.39 1.78
C ILE A 10 -4.92 36.97 1.73
N LYS A 11 -4.64 36.11 2.71
CA LYS A 11 -5.32 34.80 2.66
C LYS A 11 -6.83 34.98 2.84
N GLU A 12 -7.30 35.97 3.60
CA GLU A 12 -8.73 36.17 3.81
C GLU A 12 -9.43 36.49 2.48
N ILE A 13 -8.97 37.49 1.71
CA ILE A 13 -9.59 37.78 0.41
C ILE A 13 -9.53 36.54 -0.46
N LEU A 14 -8.34 35.93 -0.59
CA LEU A 14 -8.15 34.81 -1.49
C LEU A 14 -9.02 33.62 -1.08
N ASP A 15 -9.36 33.47 0.20
CA ASP A 15 -10.18 32.36 0.67
C ASP A 15 -11.68 32.67 0.55
N LYS A 16 -12.09 33.94 0.70
CA LYS A 16 -13.46 34.35 0.38
C LYS A 16 -13.70 34.26 -1.13
N HIS A 17 -12.64 34.39 -1.92
CA HIS A 17 -12.64 34.34 -3.38
C HIS A 17 -11.85 33.11 -3.78
N ASN A 18 -12.23 31.95 -3.20
CA ASN A 18 -11.49 30.68 -3.25
C ASN A 18 -10.97 30.27 -4.62
N ASN A 19 -11.73 30.56 -5.69
CA ASN A 19 -11.32 30.26 -7.06
C ASN A 19 -10.03 30.99 -7.49
N GLY A 20 -9.62 32.04 -6.77
CA GLY A 20 -8.39 32.78 -6.93
C GLY A 20 -8.61 34.20 -7.48
N ILE A 21 -7.54 34.99 -7.53
CA ILE A 21 -7.52 36.39 -8.00
C ILE A 21 -6.27 36.56 -8.89
N TRP A 22 -6.40 37.14 -10.09
CA TRP A 22 -5.25 37.45 -10.96
C TRP A 22 -4.32 38.44 -10.27
N ILE A 23 -2.99 38.32 -10.41
CA ILE A 23 -2.07 39.23 -9.71
C ILE A 23 -2.31 40.67 -10.16
N SER A 24 -2.63 40.90 -11.43
CA SER A 24 -2.96 42.24 -11.93
C SER A 24 -4.25 42.81 -11.32
N LYS A 25 -5.19 41.97 -10.88
CA LYS A 25 -6.46 42.44 -10.27
C LYS A 25 -6.43 42.38 -8.74
N LEU A 26 -5.48 41.68 -8.12
CA LEU A 26 -5.22 41.70 -6.67
C LEU A 26 -5.16 43.13 -6.11
N PRO A 27 -4.40 44.09 -6.67
CA PRO A 27 -4.38 45.48 -6.16
C PRO A 27 -5.77 46.12 -6.16
N HIS A 28 -6.58 45.91 -7.20
CA HIS A 28 -7.97 46.37 -7.25
C HIS A 28 -8.72 45.73 -6.08
N PHE A 29 -8.60 44.40 -5.94
CA PHE A 29 -9.37 43.66 -4.98
C PHE A 29 -9.01 44.06 -3.55
N TYR A 30 -7.74 44.37 -3.31
CA TYR A 30 -7.22 44.84 -2.03
C TYR A 30 -7.80 46.22 -1.73
N LYS A 31 -7.67 47.17 -2.65
CA LYS A 31 -8.23 48.51 -2.51
C LYS A 31 -9.74 48.45 -2.25
N GLU A 32 -10.46 47.58 -2.94
CA GLU A 32 -11.89 47.41 -2.84
C GLU A 32 -12.27 46.92 -1.44
N PHE A 33 -11.51 45.98 -0.87
CA PHE A 33 -11.86 45.35 0.40
C PHE A 33 -11.38 46.14 1.62
N TYR A 34 -10.21 46.78 1.54
CA TYR A 34 -9.54 47.37 2.70
C TYR A 34 -9.33 48.88 2.59
N LYS A 35 -9.69 49.47 1.45
CA LYS A 35 -9.59 50.91 1.17
C LYS A 35 -8.16 51.39 1.46
N GLU A 36 -7.18 50.57 1.03
CA GLU A 36 -5.77 50.77 1.25
C GLU A 36 -5.07 50.49 -0.08
N ASP A 37 -4.03 51.26 -0.36
CA ASP A 37 -3.26 51.18 -1.60
C ASP A 37 -2.20 50.09 -1.45
N LEU A 38 -2.42 48.97 -2.13
CA LEU A 38 -1.46 47.87 -2.19
C LEU A 38 -0.13 48.38 -2.77
N ASN A 39 0.94 48.36 -1.97
CA ASN A 39 2.28 48.69 -2.45
C ASN A 39 2.79 47.58 -3.39
N GLN A 40 3.64 47.91 -4.36
CA GLN A 40 4.17 46.93 -5.31
C GLN A 40 5.00 45.83 -4.59
N GLY A 41 5.64 46.13 -3.46
CA GLY A 41 6.44 45.16 -2.71
C GLY A 41 5.60 44.05 -2.08
N VAL A 42 4.28 44.25 -1.93
CA VAL A 42 3.45 43.18 -1.42
C VAL A 42 3.36 42.08 -2.49
N LEU A 43 3.46 42.40 -3.79
CA LEU A 43 3.60 41.38 -4.85
C LEU A 43 4.81 40.47 -4.58
N GLN A 44 5.93 41.04 -4.12
CA GLN A 44 7.14 40.27 -3.91
C GLN A 44 6.92 39.27 -2.76
N GLN A 45 6.32 39.74 -1.66
CA GLN A 45 6.04 38.82 -0.55
C GLN A 45 4.90 37.83 -0.89
N PHE A 46 3.96 38.16 -1.79
CA PHE A 46 3.00 37.16 -2.26
C PHE A 46 3.74 35.97 -2.85
N GLU A 47 4.77 36.25 -3.68
CA GLU A 47 5.56 35.20 -4.30
C GLU A 47 6.31 34.37 -3.25
N HIS A 48 6.87 34.99 -2.20
CA HIS A 48 7.63 34.24 -1.20
C HIS A 48 6.74 33.49 -0.18
N TRP A 49 5.52 33.95 0.13
CA TRP A 49 4.70 33.39 1.19
C TRP A 49 4.29 31.95 0.87
N PRO A 50 4.70 30.95 1.67
CA PRO A 50 4.25 29.57 1.48
C PRO A 50 2.91 29.26 2.16
N HIS A 51 2.47 30.11 3.11
CA HIS A 51 1.32 29.81 3.98
C HIS A 51 0.21 30.87 3.89
N ILE A 52 0.30 31.78 2.92
CA ILE A 52 -0.80 32.72 2.64
C ILE A 52 -1.47 32.34 1.32
N CYS A 53 -0.69 31.96 0.32
CA CYS A 53 -1.18 31.77 -1.03
C CYS A 53 -0.25 30.88 -1.87
N THR A 54 -0.67 30.62 -3.10
CA THR A 54 0.12 29.96 -4.14
C THR A 54 -0.09 30.82 -5.40
N VAL A 55 0.91 30.90 -6.27
CA VAL A 55 0.91 31.70 -7.48
C VAL A 55 0.97 30.70 -8.63
N GLU A 56 -0.18 30.45 -9.26
CA GLU A 56 -0.32 29.52 -10.36
C GLU A 56 -0.15 30.29 -11.66
N LYS A 57 0.73 29.82 -12.55
CA LYS A 57 0.92 30.42 -13.88
C LYS A 57 0.59 29.38 -14.96
N PRO A 58 -0.69 28.98 -15.10
CA PRO A 58 -1.10 28.08 -16.17
C PRO A 58 -0.88 28.78 -17.52
N CYS A 59 -0.07 28.16 -18.39
CA CYS A 59 0.40 28.79 -19.63
C CYS A 59 -0.74 29.15 -20.59
N GLY A 60 -1.87 28.42 -20.54
CA GLY A 60 -3.03 28.66 -21.37
C GLY A 60 -3.99 29.70 -20.77
N GLY A 61 -3.76 30.14 -19.53
CA GLY A 61 -4.66 31.05 -18.83
C GLY A 61 -4.44 32.49 -19.24
N GLY A 62 -3.19 32.90 -19.46
CA GLY A 62 -2.83 34.27 -19.82
C GLY A 62 -1.33 34.53 -19.65
N GLN A 63 -0.95 35.82 -19.72
CA GLN A 63 0.42 36.29 -19.50
C GLN A 63 0.55 36.90 -18.10
N ASP A 64 -0.22 36.35 -17.14
CA ASP A 64 -0.23 36.71 -15.72
C ASP A 64 -0.47 35.40 -14.93
N SER A 65 -0.61 35.48 -13.62
CA SER A 65 -0.72 34.34 -12.73
C SER A 65 -1.96 34.52 -11.83
N LEU A 66 -2.42 33.46 -11.17
CA LEU A 66 -3.54 33.52 -10.25
C LEU A 66 -3.03 33.24 -8.86
N LEU A 67 -3.41 34.10 -7.94
CA LEU A 67 -3.22 33.89 -6.53
C LEU A 67 -4.35 33.00 -6.09
N TYR A 68 -4.00 31.85 -5.52
CA TYR A 68 -4.94 30.97 -4.85
C TYR A 68 -4.68 31.11 -3.35
N PRO A 69 -5.68 30.86 -2.49
CA PRO A 69 -5.50 30.87 -1.04
C PRO A 69 -4.62 29.71 -0.56
N ALA A 70 -4.15 29.78 0.68
CA ALA A 70 -3.37 28.73 1.33
C ALA A 70 -4.04 27.35 1.44
N ARG A 71 -5.29 27.17 1.02
CA ARG A 71 -5.89 25.83 0.89
C ARG A 71 -5.06 24.96 -0.07
N ARG A 72 -4.28 25.57 -0.97
CA ARG A 72 -3.37 24.91 -1.90
C ARG A 72 -1.91 25.16 -1.49
N GLU A 73 -1.62 25.18 -0.18
CA GLU A 73 -0.24 25.19 0.35
C GLU A 73 0.63 24.09 -0.28
N GLN A 74 -0.01 23.00 -0.71
CA GLN A 74 0.55 21.94 -1.53
C GLN A 74 -0.42 21.82 -2.72
N PRO A 75 -0.10 22.40 -3.89
CA PRO A 75 -0.95 22.30 -5.07
C PRO A 75 -0.86 20.87 -5.64
N LEU A 76 -1.71 20.60 -6.64
CA LEU A 76 -1.68 19.40 -7.47
C LEU A 76 -1.59 19.88 -8.91
N LYS A 77 -0.64 19.33 -9.68
CA LYS A 77 -0.29 19.82 -11.01
C LYS A 77 -0.16 18.71 -12.05
N SER A 78 -0.71 17.52 -11.77
CA SER A 78 -0.68 16.37 -12.67
C SER A 78 -2.08 15.79 -12.84
N ASP A 79 -3.10 16.65 -12.89
CA ASP A 79 -4.46 16.22 -13.27
C ASP A 79 -4.45 15.58 -14.67
N GLN A 80 -3.47 15.96 -15.50
CA GLN A 80 -3.19 15.39 -16.82
C GLN A 80 -1.78 14.78 -16.86
N ASP A 81 -1.23 14.39 -15.70
CA ASP A 81 0.01 13.60 -15.59
C ASP A 81 -0.02 12.54 -14.49
N PRO A 82 -1.11 11.75 -14.30
CA PRO A 82 -1.20 10.69 -13.30
C PRO A 82 -0.40 9.44 -13.73
N GLU A 83 0.76 9.64 -14.35
CA GLU A 83 1.64 8.60 -14.86
C GLU A 83 3.06 9.08 -14.56
N LYS A 84 3.36 10.37 -14.85
CA LYS A 84 4.53 11.19 -14.51
C LYS A 84 5.89 10.51 -14.59
N GLU A 85 6.15 9.50 -13.77
CA GLU A 85 7.30 8.62 -13.94
C GLU A 85 7.14 7.82 -15.23
N LEU A 86 5.89 7.65 -15.71
CA LEU A 86 5.45 6.85 -16.85
C LEU A 86 6.31 5.58 -17.09
N PRO A 87 6.43 4.69 -16.09
CA PRO A 87 7.18 3.44 -16.24
C PRO A 87 6.48 2.50 -17.24
N PRO A 88 7.17 1.46 -17.75
CA PRO A 88 6.55 0.39 -18.53
C PRO A 88 5.29 -0.14 -17.81
N PRO A 89 4.11 -0.18 -18.46
CA PRO A 89 2.85 -0.53 -17.81
C PRO A 89 2.90 -1.86 -17.04
N PRO A 90 2.54 -1.89 -15.74
CA PRO A 90 2.38 -3.13 -14.99
C PRO A 90 1.08 -3.85 -15.43
N PRO A 91 0.89 -5.13 -15.03
CA PRO A 91 -0.38 -5.84 -15.20
C PRO A 91 -1.57 -5.08 -14.63
N ALA A 92 -1.38 -4.41 -13.49
CA ALA A 92 -2.29 -3.47 -12.86
C ALA A 92 -1.46 -2.57 -11.95
N PRO A 93 -1.86 -1.32 -11.68
CA PRO A 93 -1.08 -0.43 -10.81
C PRO A 93 -1.05 -0.93 -9.35
N LYS A 94 -2.07 -1.69 -8.93
CA LYS A 94 -2.13 -2.24 -7.56
C LYS A 94 -0.95 -3.17 -7.28
N GLN A 95 -0.64 -4.09 -8.22
CA GLN A 95 0.38 -5.11 -7.95
C GLN A 95 1.80 -4.53 -8.03
N GLU A 96 1.97 -3.36 -8.68
CA GLU A 96 3.27 -2.67 -8.71
C GLU A 96 3.63 -2.13 -7.32
N VAL A 97 2.64 -1.69 -6.53
CA VAL A 97 2.86 -1.05 -5.24
C VAL A 97 1.66 -1.35 -4.30
N PRO A 98 1.54 -2.60 -3.81
CA PRO A 98 0.48 -2.98 -2.90
C PRO A 98 0.68 -2.32 -1.52
N SER A 99 -0.40 -2.25 -0.74
CA SER A 99 -0.33 -1.82 0.66
C SER A 99 0.55 -2.78 1.47
N GLN A 100 1.28 -2.24 2.45
CA GLN A 100 2.14 -3.00 3.37
C GLN A 100 2.05 -2.32 4.74
N GLY A 101 2.31 -3.09 5.81
CA GLY A 101 2.43 -2.57 7.17
C GLY A 101 1.17 -1.84 7.68
N SER A 102 -0.01 -2.19 7.13
CA SER A 102 -1.27 -1.48 7.38
C SER A 102 -2.42 -2.49 7.54
N PRO A 103 -3.51 -2.13 8.24
CA PRO A 103 -4.70 -2.97 8.35
C PRO A 103 -5.32 -3.37 7.02
N ALA A 104 -6.06 -4.47 7.13
CA ALA A 104 -6.82 -5.13 6.07
C ALA A 104 -8.29 -5.24 6.48
N VAL A 105 -9.17 -5.54 5.52
CA VAL A 105 -10.58 -5.81 5.76
C VAL A 105 -10.67 -6.98 6.74
N MET A 106 -11.03 -6.69 8.00
CA MET A 106 -11.09 -7.67 9.08
C MET A 106 -12.36 -7.45 9.91
N PRO A 107 -13.55 -7.81 9.38
CA PRO A 107 -14.79 -7.86 10.14
C PRO A 107 -14.61 -8.64 11.45
N ASP A 108 -15.45 -8.35 12.43
CA ASP A 108 -15.25 -8.85 13.80
C ASP A 108 -15.38 -10.36 13.90
N VAL A 109 -16.22 -11.00 13.08
CA VAL A 109 -16.29 -12.47 13.04
C VAL A 109 -14.91 -13.01 12.63
N LYS A 110 -14.31 -12.46 11.58
CA LYS A 110 -12.98 -12.88 11.13
C LYS A 110 -11.94 -12.64 12.22
N GLU A 111 -12.01 -11.52 12.94
CA GLU A 111 -11.07 -11.22 14.01
C GLU A 111 -11.20 -12.24 15.15
N LYS A 112 -12.43 -12.60 15.56
CA LYS A 112 -12.67 -13.64 16.56
C LYS A 112 -11.97 -14.92 16.13
N VAL A 113 -12.24 -15.37 14.90
CA VAL A 113 -11.63 -16.56 14.35
C VAL A 113 -10.10 -16.44 14.38
N ALA A 114 -9.54 -15.32 13.93
CA ALA A 114 -8.10 -15.17 13.77
C ALA A 114 -7.38 -15.27 15.13
N GLU A 115 -7.92 -14.60 16.16
CA GLU A 115 -7.39 -14.70 17.52
C GLU A 115 -7.56 -16.14 18.03
N LEU A 116 -8.75 -16.71 17.88
CA LEU A 116 -9.10 -18.05 18.33
C LEU A 116 -8.16 -19.10 17.74
N LEU A 117 -7.86 -19.00 16.44
CA LEU A 117 -6.88 -19.87 15.80
C LEU A 117 -5.50 -19.69 16.43
N GLY A 118 -5.10 -18.46 16.71
CA GLY A 118 -3.84 -18.15 17.36
C GLY A 118 -3.69 -18.85 18.70
N LYS A 119 -4.78 -19.06 19.45
CA LYS A 119 -4.72 -19.69 20.77
C LYS A 119 -4.43 -21.20 20.73
N TYR A 120 -4.44 -21.88 19.57
CA TYR A 120 -4.38 -23.34 19.50
C TYR A 120 -3.37 -23.84 18.47
N SER A 121 -2.34 -24.55 18.94
CA SER A 121 -1.40 -25.29 18.09
C SER A 121 -2.11 -26.46 17.36
N SER A 122 -3.13 -27.04 17.99
CA SER A 122 -4.06 -28.02 17.41
C SER A 122 -4.94 -27.44 16.31
N GLY A 123 -4.87 -26.12 16.06
CA GLY A 123 -5.83 -25.46 15.21
C GLY A 123 -7.19 -25.58 15.89
N LEU A 124 -8.26 -25.44 15.12
CA LEU A 124 -9.60 -25.76 15.60
C LEU A 124 -10.19 -26.68 14.56
N TRP A 125 -10.82 -27.75 15.01
CA TRP A 125 -11.51 -28.69 14.14
C TRP A 125 -12.88 -28.10 13.75
N ALA A 126 -13.50 -28.63 12.70
CA ALA A 126 -14.76 -28.11 12.15
C ALA A 126 -15.83 -27.84 13.20
N SER A 127 -16.00 -28.75 14.17
CA SER A 127 -16.99 -28.61 15.24
C SER A 127 -16.42 -27.81 16.42
N ALA A 128 -15.11 -27.97 16.69
CA ALA A 128 -14.44 -27.29 17.79
C ALA A 128 -14.36 -25.78 17.55
N LEU A 129 -14.32 -25.31 16.28
CA LEU A 129 -14.32 -23.88 15.97
C LEU A 129 -15.58 -23.22 16.55
N PRO A 130 -16.83 -23.61 16.20
CA PRO A 130 -18.05 -23.18 16.88
C PRO A 130 -18.02 -23.31 18.41
N LYS A 131 -17.61 -24.47 18.95
CA LYS A 131 -17.62 -24.66 20.41
C LYS A 131 -16.69 -23.65 21.09
N ALA A 132 -15.46 -23.53 20.61
CA ALA A 132 -14.46 -22.63 21.19
C ALA A 132 -14.85 -21.17 21.02
N PHE A 133 -15.50 -20.83 19.90
CA PHE A 133 -16.07 -19.50 19.64
C PHE A 133 -16.96 -19.08 20.80
N GLU A 134 -17.96 -19.91 21.10
CA GLU A 134 -18.99 -19.58 22.07
C GLU A 134 -18.42 -19.65 23.49
N ASP A 135 -17.54 -20.62 23.74
CA ASP A 135 -16.88 -20.83 25.02
C ASP A 135 -15.97 -19.66 25.39
N MET A 136 -15.23 -19.10 24.43
CA MET A 136 -14.20 -18.12 24.75
C MET A 136 -14.78 -16.71 24.83
N TYR A 137 -15.63 -16.31 23.88
CA TYR A 137 -16.12 -14.94 23.83
C TYR A 137 -17.42 -14.73 24.62
N LYS A 138 -17.99 -15.81 25.21
CA LYS A 138 -19.22 -15.80 25.99
C LYS A 138 -20.40 -15.27 25.15
N VAL A 139 -20.60 -15.92 24.01
CA VAL A 139 -21.54 -15.51 22.98
C VAL A 139 -22.27 -16.74 22.48
N LYS A 140 -23.50 -16.55 21.99
CA LYS A 140 -24.28 -17.56 21.27
C LYS A 140 -24.69 -16.78 20.03
N PHE A 141 -23.91 -16.90 18.95
CA PHE A 141 -24.05 -16.04 17.78
C PHE A 141 -24.45 -16.83 16.52
N PRO A 142 -24.96 -16.17 15.46
CA PRO A 142 -25.58 -16.84 14.32
C PRO A 142 -24.71 -17.95 13.76
N GLU A 143 -25.32 -19.09 13.42
CA GLU A 143 -24.59 -20.22 12.89
C GLU A 143 -23.82 -19.85 11.62
N ASP A 144 -24.30 -18.90 10.82
CA ASP A 144 -23.60 -18.43 9.61
C ASP A 144 -22.17 -17.98 9.96
N ALA A 145 -22.00 -17.24 11.06
CA ALA A 145 -20.69 -16.79 11.50
C ALA A 145 -19.75 -17.96 11.80
N LEU A 146 -20.29 -19.12 12.20
CA LEU A 146 -19.53 -20.28 12.69
C LEU A 146 -19.39 -21.36 11.61
N LYS A 147 -20.28 -21.37 10.61
CA LYS A 147 -20.41 -22.45 9.63
C LYS A 147 -20.08 -22.01 8.21
N ASN A 148 -19.98 -20.70 7.92
CA ASN A 148 -19.60 -20.19 6.60
C ASN A 148 -18.11 -20.43 6.37
N LEU A 149 -17.76 -21.64 5.94
CA LEU A 149 -16.41 -22.14 5.78
C LEU A 149 -15.51 -21.19 4.96
N ALA A 150 -16.07 -20.42 4.03
CA ALA A 150 -15.29 -19.55 3.14
C ALA A 150 -14.64 -18.38 3.87
N SER A 151 -15.38 -17.61 4.68
CA SER A 151 -14.80 -16.49 5.42
C SER A 151 -13.77 -17.02 6.42
N LEU A 152 -14.07 -18.19 7.00
CA LEU A 152 -13.12 -18.85 7.87
C LEU A 152 -11.88 -19.24 7.09
N SER A 153 -12.01 -19.68 5.83
CA SER A 153 -10.88 -19.96 4.95
C SER A 153 -10.11 -18.70 4.55
N ASP A 154 -10.73 -17.51 4.63
CA ASP A 154 -10.02 -16.26 4.36
C ASP A 154 -9.06 -15.95 5.52
N VAL A 155 -9.46 -16.24 6.76
CA VAL A 155 -8.57 -16.07 7.93
C VAL A 155 -7.73 -17.32 8.30
N CYS A 156 -8.05 -18.50 7.76
CA CYS A 156 -7.46 -19.75 8.22
C CYS A 156 -7.09 -20.65 7.03
N THR A 157 -6.07 -21.48 7.22
CA THR A 157 -5.79 -22.56 6.29
C THR A 157 -6.87 -23.56 6.66
N ILE A 158 -7.71 -23.98 5.72
CA ILE A 158 -8.65 -25.06 5.95
C ILE A 158 -8.12 -26.23 5.13
N ASN A 159 -7.98 -27.37 5.80
CA ASN A 159 -7.40 -28.59 5.28
C ASN A 159 -8.29 -29.71 5.80
N TYR A 160 -8.61 -30.67 4.95
CA TYR A 160 -9.50 -31.75 5.31
C TYR A 160 -8.72 -32.87 5.97
N ILE A 161 -9.44 -33.65 6.77
CA ILE A 161 -8.96 -34.82 7.47
C ILE A 161 -9.93 -35.95 7.06
N SER A 162 -9.46 -37.20 7.12
CA SER A 162 -10.21 -38.44 6.83
C SER A 162 -10.56 -38.63 5.34
N GLY A 163 -10.42 -37.60 4.51
CA GLY A 163 -10.61 -37.64 3.06
C GLY A 163 -10.86 -36.24 2.53
N ASN A 164 -10.86 -36.06 1.21
CA ASN A 164 -11.15 -34.78 0.59
C ASN A 164 -12.57 -34.36 0.96
N THR A 165 -12.72 -33.19 1.58
CA THR A 165 -13.97 -32.66 2.09
C THR A 165 -14.71 -33.67 3.01
N GLN A 166 -13.98 -34.52 3.76
CA GLN A 166 -14.63 -35.54 4.59
C GLN A 166 -14.91 -34.94 5.97
N LYS A 167 -13.88 -34.40 6.63
CA LYS A 167 -14.01 -33.59 7.83
C LYS A 167 -12.97 -32.48 7.72
N ALA A 168 -13.03 -31.39 8.48
CA ALA A 168 -12.18 -30.21 8.23
C ALA A 168 -11.44 -29.82 9.50
N ILE A 169 -10.30 -29.18 9.30
CA ILE A 169 -9.48 -28.55 10.32
C ILE A 169 -9.28 -27.10 9.86
N LEU A 170 -8.98 -26.21 10.80
CA LEU A 170 -8.55 -24.86 10.54
C LEU A 170 -7.21 -24.68 11.25
N TYR A 171 -6.26 -23.99 10.60
CA TYR A 171 -5.00 -23.53 11.19
C TYR A 171 -4.90 -22.01 10.90
N ALA A 172 -4.10 -21.27 11.67
CA ALA A 172 -3.95 -19.83 11.47
C ALA A 172 -3.30 -19.53 10.11
N LYS A 173 -3.71 -18.43 9.46
CA LYS A 173 -3.11 -17.92 8.22
C LYS A 173 -2.65 -16.45 8.35
N LEU A 174 -2.84 -15.85 9.54
CA LEU A 174 -2.41 -14.50 9.96
C LEU A 174 -2.36 -13.47 8.81
N PRO A 175 -3.51 -13.13 8.19
CA PRO A 175 -3.53 -12.31 6.99
C PRO A 175 -3.27 -10.81 7.25
N LEU A 176 -3.39 -10.33 8.50
CA LEU A 176 -3.32 -8.91 8.84
C LEU A 176 -1.94 -8.33 8.49
N PRO A 177 -1.79 -7.46 7.48
CA PRO A 177 -0.49 -6.92 7.06
C PRO A 177 0.11 -5.97 8.09
N THR A 178 -0.67 -5.49 9.05
CA THR A 178 -0.15 -4.61 10.09
C THR A 178 0.97 -5.29 10.90
N ASP A 179 0.92 -6.63 11.03
CA ASP A 179 1.84 -7.45 11.82
C ASP A 179 2.05 -6.89 13.26
N LYS A 180 0.97 -6.31 13.82
CA LYS A 180 0.95 -5.89 15.22
C LYS A 180 1.05 -7.10 16.14
N GLY A 1 6.15 -54.81 -29.24
CA GLY A 1 6.14 -53.32 -29.31
C GLY A 1 7.51 -52.73 -29.03
N HIS A 2 8.00 -51.85 -29.91
CA HIS A 2 9.38 -51.34 -29.86
C HIS A 2 9.71 -50.63 -28.55
N MET A 3 8.71 -50.04 -27.88
CA MET A 3 8.92 -49.33 -26.60
C MET A 3 9.44 -50.26 -25.50
N ASP A 4 9.34 -51.59 -25.63
CA ASP A 4 9.98 -52.53 -24.70
C ASP A 4 11.50 -52.43 -24.79
N GLU A 5 12.05 -52.22 -25.98
CA GLU A 5 13.48 -52.02 -26.15
C GLU A 5 13.88 -50.65 -25.59
N VAL A 6 13.02 -49.64 -25.74
CA VAL A 6 13.27 -48.31 -25.19
C VAL A 6 13.30 -48.39 -23.67
N GLN A 7 12.27 -48.99 -23.06
CA GLN A 7 12.21 -49.30 -21.64
C GLN A 7 13.52 -49.91 -21.17
N ASN A 8 13.89 -51.05 -21.76
CA ASN A 8 15.02 -51.80 -21.22
C ASN A 8 16.31 -51.00 -21.36
N ARG A 9 16.52 -50.18 -22.39
CA ARG A 9 17.81 -49.49 -22.49
C ARG A 9 17.89 -48.38 -21.46
N ILE A 10 16.79 -47.71 -21.11
CA ILE A 10 16.88 -46.68 -20.09
C ILE A 10 17.20 -47.30 -18.73
N LYS A 11 16.62 -48.46 -18.36
CA LYS A 11 17.08 -49.07 -17.10
C LYS A 11 18.55 -49.43 -17.23
N GLU A 12 19.04 -49.89 -18.38
CA GLU A 12 20.46 -50.25 -18.49
C GLU A 12 21.36 -49.03 -18.30
N ILE A 13 21.14 -47.87 -18.95
CA ILE A 13 22.00 -46.73 -18.70
C ILE A 13 21.91 -46.30 -17.24
N LEU A 14 20.70 -46.20 -16.68
CA LEU A 14 20.57 -45.73 -15.30
C LEU A 14 21.17 -46.72 -14.32
N ASP A 15 21.16 -48.02 -14.61
CA ASP A 15 21.74 -49.04 -13.74
C ASP A 15 23.26 -49.04 -13.84
N LYS A 16 23.81 -48.92 -15.05
CA LYS A 16 25.26 -48.87 -15.28
C LYS A 16 25.85 -47.58 -14.73
N HIS A 17 25.07 -46.50 -14.79
CA HIS A 17 25.42 -45.16 -14.34
C HIS A 17 24.63 -44.92 -13.06
N ASN A 18 24.75 -45.86 -12.11
CA ASN A 18 23.95 -45.99 -10.88
C ASN A 18 23.68 -44.69 -10.13
N ASN A 19 24.64 -43.78 -10.09
CA ASN A 19 24.50 -42.48 -9.41
C ASN A 19 23.33 -41.63 -9.94
N GLY A 20 22.82 -41.92 -11.14
CA GLY A 20 21.68 -41.26 -11.76
C GLY A 20 22.09 -40.22 -12.80
N ILE A 21 21.11 -39.68 -13.52
CA ILE A 21 21.29 -38.77 -14.66
C ILE A 21 20.23 -37.67 -14.55
N TRP A 22 20.60 -36.39 -14.62
CA TRP A 22 19.64 -35.26 -14.64
C TRP A 22 18.71 -35.39 -15.85
N ILE A 23 17.42 -35.08 -15.73
CA ILE A 23 16.47 -35.27 -16.84
C ILE A 23 16.93 -34.43 -18.05
N SER A 24 17.44 -33.22 -17.82
CA SER A 24 17.94 -32.36 -18.90
C SER A 24 19.19 -32.94 -19.58
N LYS A 25 20.00 -33.75 -18.88
CA LYS A 25 21.19 -34.37 -19.48
C LYS A 25 20.92 -35.80 -19.97
N LEU A 26 19.83 -36.45 -19.58
CA LEU A 26 19.38 -37.74 -20.12
C LEU A 26 19.37 -37.76 -21.67
N PRO A 27 18.80 -36.80 -22.41
CA PRO A 27 18.84 -36.82 -23.87
C PRO A 27 20.27 -36.82 -24.42
N HIS A 28 21.18 -36.02 -23.83
CA HIS A 28 22.60 -36.03 -24.17
C HIS A 28 23.17 -37.43 -23.95
N PHE A 29 22.89 -38.00 -22.78
CA PHE A 29 23.39 -39.30 -22.40
C PHE A 29 22.88 -40.39 -23.35
N TYR A 30 21.61 -40.32 -23.73
CA TYR A 30 20.96 -41.24 -24.64
C TYR A 30 21.60 -41.16 -26.02
N LYS A 31 21.73 -39.95 -26.57
CA LYS A 31 22.40 -39.71 -27.86
C LYS A 31 23.82 -40.24 -27.85
N GLU A 32 24.55 -40.07 -26.75
CA GLU A 32 25.92 -40.52 -26.59
C GLU A 32 25.97 -42.06 -26.57
N PHE A 33 25.04 -42.73 -25.89
CA PHE A 33 25.14 -44.16 -25.64
C PHE A 33 24.51 -45.01 -26.77
N TYR A 34 23.40 -44.54 -27.36
CA TYR A 34 22.58 -45.31 -28.29
C TYR A 34 22.48 -44.68 -29.68
N LYS A 35 23.16 -43.54 -29.88
CA LYS A 35 23.33 -42.87 -31.18
C LYS A 35 21.99 -42.54 -31.81
N GLU A 36 21.04 -42.11 -30.98
CA GLU A 36 19.65 -41.95 -31.34
C GLU A 36 19.10 -40.71 -30.63
N ASP A 37 18.15 -40.04 -31.28
CA ASP A 37 17.49 -38.86 -30.74
C ASP A 37 16.37 -39.32 -29.81
N LEU A 38 16.56 -39.12 -28.50
CA LEU A 38 15.50 -39.29 -27.52
C LEU A 38 14.35 -38.34 -27.85
N ASN A 39 13.18 -38.89 -28.19
CA ASN A 39 11.97 -38.10 -28.39
C ASN A 39 11.53 -37.49 -27.06
N GLN A 40 10.90 -36.30 -27.06
CA GLN A 40 10.44 -35.66 -25.83
C GLN A 40 9.41 -36.52 -25.08
N GLY A 41 8.62 -37.35 -25.78
CA GLY A 41 7.57 -38.16 -25.17
C GLY A 41 8.12 -39.29 -24.31
N VAL A 42 9.39 -39.69 -24.48
CA VAL A 42 9.95 -40.71 -23.63
C VAL A 42 10.10 -40.15 -22.21
N LEU A 43 10.30 -38.83 -22.03
CA LEU A 43 10.27 -38.18 -20.71
C LEU A 43 8.96 -38.45 -19.97
N GLN A 44 7.83 -38.38 -20.69
CA GLN A 44 6.53 -38.64 -20.07
C GLN A 44 6.45 -40.10 -19.64
N GLN A 45 6.95 -41.00 -20.48
CA GLN A 45 7.01 -42.42 -20.14
C GLN A 45 7.94 -42.66 -18.95
N PHE A 46 9.07 -41.94 -18.82
CA PHE A 46 9.96 -42.11 -17.68
C PHE A 46 9.21 -41.83 -16.37
N GLU A 47 8.40 -40.78 -16.34
CA GLU A 47 7.57 -40.45 -15.19
C GLU A 47 6.59 -41.59 -14.89
N HIS A 48 5.96 -42.19 -15.92
CA HIS A 48 4.96 -43.23 -15.70
C HIS A 48 5.53 -44.62 -15.42
N TRP A 49 6.77 -44.95 -15.85
CA TRP A 49 7.36 -46.27 -15.76
C TRP A 49 7.78 -46.61 -14.33
N PRO A 50 7.15 -47.58 -13.63
CA PRO A 50 7.66 -48.06 -12.34
C PRO A 50 8.83 -49.06 -12.53
N HIS A 51 8.89 -49.74 -13.68
CA HIS A 51 9.80 -50.87 -13.91
C HIS A 51 11.18 -50.42 -14.42
N ILE A 52 11.35 -49.14 -14.76
CA ILE A 52 12.55 -48.68 -15.47
C ILE A 52 13.35 -47.70 -14.61
N CYS A 53 12.69 -46.76 -13.93
CA CYS A 53 13.36 -45.66 -13.27
C CYS A 53 12.51 -45.04 -12.17
N THR A 54 13.08 -44.05 -11.49
CA THR A 54 12.40 -43.16 -10.56
C THR A 54 12.91 -41.75 -10.91
N VAL A 55 12.05 -40.75 -10.75
CA VAL A 55 12.39 -39.35 -10.93
C VAL A 55 12.43 -38.75 -9.53
N GLU A 56 13.55 -38.11 -9.19
CA GLU A 56 13.86 -37.66 -7.83
C GLU A 56 14.14 -36.17 -7.88
N LYS A 57 13.45 -35.41 -7.04
CA LYS A 57 13.61 -33.95 -6.93
C LYS A 57 13.83 -33.57 -5.46
N PRO A 58 15.04 -33.84 -4.91
CA PRO A 58 15.44 -33.39 -3.58
C PRO A 58 15.20 -31.90 -3.33
N CYS A 59 15.21 -31.51 -2.05
CA CYS A 59 14.87 -30.17 -1.59
C CYS A 59 15.84 -29.06 -2.05
N GLY A 60 17.00 -29.41 -2.62
CA GLY A 60 17.99 -28.48 -3.13
C GLY A 60 19.08 -29.22 -3.91
N GLY A 61 20.04 -28.47 -4.44
CA GLY A 61 21.18 -29.02 -5.18
C GLY A 61 20.98 -28.97 -6.71
N GLY A 62 19.84 -28.46 -7.19
CA GLY A 62 19.54 -28.33 -8.61
C GLY A 62 18.17 -27.68 -8.81
N GLN A 63 17.78 -27.52 -10.08
CA GLN A 63 16.51 -26.94 -10.52
C GLN A 63 15.91 -27.85 -11.62
N ASP A 64 16.10 -29.16 -11.45
CA ASP A 64 15.70 -30.24 -12.34
C ASP A 64 15.50 -31.47 -11.45
N SER A 65 15.32 -32.67 -12.02
CA SER A 65 15.18 -33.92 -11.27
C SER A 65 16.26 -34.89 -11.74
N LEU A 66 16.53 -35.96 -10.98
CA LEU A 66 17.47 -36.99 -11.35
C LEU A 66 16.69 -38.25 -11.62
N LEU A 67 17.05 -38.91 -12.72
CA LEU A 67 16.60 -40.23 -13.04
C LEU A 67 17.52 -41.17 -12.29
N TYR A 68 16.93 -42.00 -11.45
CA TYR A 68 17.60 -43.12 -10.81
C TYR A 68 17.07 -44.41 -11.45
N PRO A 69 17.83 -45.50 -11.43
CA PRO A 69 17.39 -46.80 -11.94
C PRO A 69 16.19 -47.36 -11.16
N ALA A 70 15.52 -48.36 -11.75
CA ALA A 70 14.34 -49.07 -11.23
C ALA A 70 14.39 -49.67 -9.80
N ARG A 71 15.44 -49.47 -9.00
CA ARG A 71 15.63 -50.20 -7.73
C ARG A 71 14.49 -50.00 -6.71
N ARG A 72 13.75 -48.89 -6.77
CA ARG A 72 12.60 -48.65 -5.88
C ARG A 72 11.40 -49.52 -6.27
N GLU A 73 11.34 -49.98 -7.53
CA GLU A 73 10.34 -50.82 -8.19
C GLU A 73 8.86 -50.42 -8.08
N GLN A 74 8.50 -49.41 -7.29
CA GLN A 74 7.13 -48.92 -7.10
C GLN A 74 7.20 -47.47 -6.59
N PRO A 75 6.32 -46.55 -7.06
CA PRO A 75 6.19 -45.23 -6.46
C PRO A 75 5.40 -45.36 -5.14
N LEU A 76 5.17 -44.24 -4.44
CA LEU A 76 4.35 -44.21 -3.23
C LEU A 76 2.87 -44.59 -3.51
N LYS A 77 2.42 -44.44 -4.77
CA LYS A 77 1.06 -44.70 -5.26
C LYS A 77 -0.02 -43.81 -4.64
N SER A 78 0.33 -42.82 -3.81
CA SER A 78 -0.62 -41.81 -3.36
C SER A 78 -1.10 -40.99 -4.56
N ASP A 79 -2.37 -40.58 -4.52
CA ASP A 79 -3.02 -39.72 -5.51
C ASP A 79 -3.78 -38.58 -4.80
N GLN A 80 -3.42 -38.33 -3.54
CA GLN A 80 -4.09 -37.42 -2.60
C GLN A 80 -3.03 -36.64 -1.81
N ASP A 81 -1.85 -36.45 -2.41
CA ASP A 81 -0.65 -35.93 -1.75
C ASP A 81 -0.81 -34.56 -1.07
N PRO A 82 -1.57 -33.58 -1.62
CA PRO A 82 -1.84 -32.29 -0.99
C PRO A 82 -2.41 -32.36 0.44
N GLU A 83 -2.89 -33.51 0.90
CA GLU A 83 -3.40 -33.71 2.26
C GLU A 83 -2.87 -35.02 2.86
N LYS A 84 -1.84 -35.62 2.27
CA LYS A 84 -1.27 -36.87 2.76
C LYS A 84 -0.35 -36.54 3.94
N GLU A 85 0.61 -35.63 3.71
CA GLU A 85 1.47 -35.11 4.77
C GLU A 85 0.75 -34.05 5.60
N LEU A 86 -0.28 -33.40 5.02
CA LEU A 86 -1.10 -32.32 5.60
C LEU A 86 -0.37 -31.45 6.65
N PRO A 87 0.75 -30.78 6.29
CA PRO A 87 1.55 -30.03 7.25
C PRO A 87 0.80 -28.79 7.76
N PRO A 88 1.13 -28.29 8.97
CA PRO A 88 0.63 -27.03 9.49
C PRO A 88 1.27 -25.83 8.75
N PRO A 89 0.78 -24.59 8.98
CA PRO A 89 1.43 -23.36 8.51
C PRO A 89 2.93 -23.30 8.86
N PRO A 90 3.74 -22.54 8.09
CA PRO A 90 5.19 -22.52 8.27
C PRO A 90 5.57 -21.81 9.59
N PRO A 91 6.78 -22.06 10.13
CA PRO A 91 7.28 -21.37 11.32
C PRO A 91 7.48 -19.87 11.07
N ALA A 92 7.88 -19.51 9.84
CA ALA A 92 7.92 -18.15 9.32
C ALA A 92 7.87 -18.20 7.79
N PRO A 93 7.32 -17.17 7.12
CA PRO A 93 7.40 -17.00 5.67
C PRO A 93 8.82 -17.13 5.11
N LYS A 94 8.91 -17.40 3.80
CA LYS A 94 10.19 -17.54 3.10
C LYS A 94 10.97 -16.22 3.09
N GLN A 95 12.28 -16.31 2.83
CA GLN A 95 13.19 -15.16 2.78
C GLN A 95 12.91 -14.20 1.61
N GLU A 96 11.95 -14.53 0.73
CA GLU A 96 11.43 -13.61 -0.28
C GLU A 96 10.83 -12.36 0.38
N VAL A 97 10.25 -12.50 1.58
CA VAL A 97 9.52 -11.47 2.34
C VAL A 97 8.52 -10.72 1.42
N PRO A 98 7.36 -11.34 1.11
CA PRO A 98 6.30 -10.73 0.32
C PRO A 98 5.97 -9.28 0.72
N SER A 99 5.59 -8.46 -0.26
CA SER A 99 5.42 -7.02 -0.11
C SER A 99 4.44 -6.64 0.99
N GLN A 100 4.77 -5.57 1.72
CA GLN A 100 3.91 -4.95 2.72
C GLN A 100 2.70 -4.29 2.04
N GLY A 101 1.71 -3.87 2.84
CA GLY A 101 0.52 -3.18 2.38
C GLY A 101 -0.32 -2.73 3.58
N SER A 102 -1.49 -2.13 3.31
CA SER A 102 -2.46 -1.74 4.33
C SER A 102 -2.88 -2.98 5.16
N PRO A 103 -3.23 -2.82 6.45
CA PRO A 103 -3.57 -3.94 7.31
C PRO A 103 -4.84 -4.65 6.83
N ALA A 104 -4.90 -5.95 7.15
CA ALA A 104 -6.01 -6.83 6.80
C ALA A 104 -7.26 -6.37 7.52
N VAL A 105 -8.37 -6.26 6.78
CA VAL A 105 -9.67 -5.99 7.36
C VAL A 105 -10.06 -7.18 8.23
N MET A 106 -10.19 -6.93 9.53
CA MET A 106 -10.62 -7.90 10.53
C MET A 106 -11.83 -7.35 11.29
N PRO A 107 -13.03 -7.29 10.65
CA PRO A 107 -14.26 -6.99 11.37
C PRO A 107 -14.56 -8.09 12.39
N ASP A 108 -15.56 -7.89 13.24
CA ASP A 108 -15.84 -8.71 14.42
C ASP A 108 -15.75 -10.22 14.20
N VAL A 109 -16.50 -10.79 13.26
CA VAL A 109 -16.48 -12.24 13.05
C VAL A 109 -15.10 -12.67 12.51
N LYS A 110 -14.49 -11.88 11.62
CA LYS A 110 -13.19 -12.20 11.04
C LYS A 110 -12.13 -12.22 12.15
N GLU A 111 -12.14 -11.22 13.02
CA GLU A 111 -11.21 -11.10 14.12
C GLU A 111 -11.40 -12.27 15.08
N LYS A 112 -12.65 -12.65 15.39
CA LYS A 112 -12.93 -13.78 16.27
C LYS A 112 -12.22 -15.03 15.75
N VAL A 113 -12.42 -15.40 14.48
CA VAL A 113 -11.69 -16.56 13.95
C VAL A 113 -10.20 -16.32 14.03
N ALA A 114 -9.69 -15.17 13.54
CA ALA A 114 -8.27 -14.97 13.40
C ALA A 114 -7.53 -15.07 14.75
N GLU A 115 -8.09 -14.47 15.81
CA GLU A 115 -7.53 -14.52 17.16
C GLU A 115 -7.67 -15.94 17.74
N LEU A 116 -8.86 -16.56 17.62
CA LEU A 116 -9.11 -17.91 18.10
C LEU A 116 -8.11 -18.90 17.51
N LEU A 117 -7.87 -18.83 16.20
CA LEU A 117 -6.91 -19.68 15.53
C LEU A 117 -5.49 -19.41 16.03
N GLY A 118 -5.13 -18.14 16.26
CA GLY A 118 -3.82 -17.77 16.78
C GLY A 118 -3.51 -18.45 18.12
N LYS A 119 -4.52 -18.61 18.99
CA LYS A 119 -4.34 -19.21 20.33
C LYS A 119 -4.18 -20.74 20.30
N TYR A 120 -4.32 -21.41 19.15
CA TYR A 120 -4.41 -22.87 19.08
C TYR A 120 -3.43 -23.44 18.06
N SER A 121 -2.28 -23.94 18.52
CA SER A 121 -1.34 -24.69 17.69
C SER A 121 -1.97 -26.01 17.16
N SER A 122 -2.93 -26.56 17.89
CA SER A 122 -3.80 -27.68 17.51
C SER A 122 -4.77 -27.31 16.38
N GLY A 123 -4.85 -26.04 16.00
CA GLY A 123 -5.89 -25.55 15.12
C GLY A 123 -7.23 -25.65 15.84
N LEU A 124 -8.31 -25.40 15.11
CA LEU A 124 -9.66 -25.68 15.60
C LEU A 124 -10.25 -26.61 14.57
N TRP A 125 -10.65 -27.78 15.02
CA TRP A 125 -11.33 -28.77 14.20
C TRP A 125 -12.73 -28.27 13.87
N ALA A 126 -13.40 -28.83 12.86
CA ALA A 126 -14.67 -28.32 12.34
C ALA A 126 -15.75 -28.13 13.43
N SER A 127 -15.80 -29.03 14.41
CA SER A 127 -16.73 -28.92 15.54
C SER A 127 -16.16 -28.06 16.66
N ALA A 128 -14.84 -28.15 16.89
CA ALA A 128 -14.16 -27.37 17.92
C ALA A 128 -14.21 -25.88 17.62
N LEU A 129 -14.28 -25.46 16.34
CA LEU A 129 -14.36 -24.05 15.95
C LEU A 129 -15.60 -23.37 16.56
N PRO A 130 -16.85 -23.80 16.30
CA PRO A 130 -18.04 -23.24 16.95
C PRO A 130 -18.01 -23.43 18.46
N LYS A 131 -17.56 -24.59 18.99
CA LYS A 131 -17.50 -24.76 20.45
C LYS A 131 -16.59 -23.71 21.09
N ALA A 132 -15.37 -23.55 20.58
CA ALA A 132 -14.39 -22.60 21.12
C ALA A 132 -14.86 -21.15 20.92
N PHE A 133 -15.52 -20.86 19.78
CA PHE A 133 -16.11 -19.56 19.50
C PHE A 133 -17.03 -19.13 20.64
N GLU A 134 -18.02 -19.97 20.95
CA GLU A 134 -19.09 -19.58 21.86
C GLU A 134 -18.57 -19.61 23.30
N ASP A 135 -17.64 -20.51 23.61
CA ASP A 135 -17.02 -20.61 24.92
C ASP A 135 -16.14 -19.40 25.23
N MET A 136 -15.27 -19.00 24.28
CA MET A 136 -14.24 -18.01 24.55
C MET A 136 -14.83 -16.61 24.58
N TYR A 137 -15.70 -16.29 23.62
CA TYR A 137 -16.26 -14.95 23.48
C TYR A 137 -17.61 -14.82 24.18
N LYS A 138 -18.07 -15.87 24.89
CA LYS A 138 -19.36 -15.95 25.60
C LYS A 138 -20.52 -15.36 24.80
N VAL A 139 -20.60 -15.76 23.53
CA VAL A 139 -21.64 -15.35 22.58
C VAL A 139 -22.27 -16.61 22.00
N LYS A 140 -23.59 -16.60 21.78
CA LYS A 140 -24.28 -17.64 21.02
C LYS A 140 -24.68 -16.85 19.78
N PHE A 141 -23.84 -16.91 18.74
CA PHE A 141 -23.96 -16.03 17.58
C PHE A 141 -24.41 -16.79 16.33
N PRO A 142 -24.90 -16.10 15.27
CA PRO A 142 -25.56 -16.74 14.13
C PRO A 142 -24.74 -17.89 13.58
N GLU A 143 -25.40 -19.01 13.27
CA GLU A 143 -24.70 -20.18 12.78
C GLU A 143 -23.97 -19.88 11.48
N ASP A 144 -24.45 -18.94 10.66
CA ASP A 144 -23.75 -18.51 9.45
C ASP A 144 -22.33 -18.03 9.75
N ALA A 145 -22.13 -17.30 10.86
CA ALA A 145 -20.81 -16.83 11.28
C ALA A 145 -19.86 -17.98 11.62
N LEU A 146 -20.39 -19.14 12.05
CA LEU A 146 -19.60 -20.27 12.55
C LEU A 146 -19.50 -21.39 11.51
N LYS A 147 -20.45 -21.49 10.57
CA LYS A 147 -20.62 -22.62 9.65
C LYS A 147 -20.45 -22.23 8.18
N ASN A 148 -20.34 -20.94 7.83
CA ASN A 148 -19.96 -20.56 6.47
C ASN A 148 -18.44 -20.68 6.43
N LEU A 149 -17.95 -21.90 6.16
CA LEU A 149 -16.52 -22.18 6.26
C LEU A 149 -15.70 -21.21 5.42
N ALA A 150 -16.20 -20.72 4.28
CA ALA A 150 -15.41 -19.90 3.38
C ALA A 150 -14.88 -18.59 4.00
N SER A 151 -15.65 -17.91 4.85
CA SER A 151 -15.13 -16.72 5.54
C SER A 151 -14.02 -17.13 6.51
N LEU A 152 -14.21 -18.29 7.16
CA LEU A 152 -13.18 -18.84 8.00
C LEU A 152 -11.97 -19.15 7.11
N SER A 153 -12.11 -19.72 5.91
CA SER A 153 -11.04 -19.92 4.95
C SER A 153 -10.36 -18.62 4.50
N ASP A 154 -11.07 -17.48 4.57
CA ASP A 154 -10.49 -16.19 4.21
C ASP A 154 -9.50 -15.74 5.29
N VAL A 155 -9.73 -16.07 6.56
CA VAL A 155 -8.80 -15.69 7.65
C VAL A 155 -8.07 -16.86 8.31
N CYS A 156 -8.28 -18.11 7.86
CA CYS A 156 -7.74 -19.33 8.41
C CYS A 156 -7.39 -20.28 7.25
N THR A 157 -6.43 -21.17 7.46
CA THR A 157 -6.16 -22.27 6.54
C THR A 157 -7.28 -23.28 6.82
N ILE A 158 -7.81 -23.95 5.79
CA ILE A 158 -8.70 -25.09 5.98
C ILE A 158 -8.06 -26.23 5.19
N ASN A 159 -8.05 -27.39 5.83
CA ASN A 159 -7.46 -28.64 5.36
C ASN A 159 -8.37 -29.74 5.89
N TYR A 160 -8.33 -30.94 5.31
CA TYR A 160 -9.29 -32.01 5.58
C TYR A 160 -8.56 -33.24 6.06
N ILE A 161 -9.33 -34.12 6.71
CA ILE A 161 -8.83 -35.37 7.27
C ILE A 161 -9.90 -36.41 6.94
N SER A 162 -9.53 -37.70 6.98
CA SER A 162 -10.35 -38.85 6.60
C SER A 162 -10.70 -38.90 5.10
N GLY A 163 -10.53 -37.80 4.37
CA GLY A 163 -10.62 -37.69 2.92
C GLY A 163 -10.90 -36.22 2.55
N ASN A 164 -10.90 -35.94 1.25
CA ASN A 164 -11.21 -34.60 0.74
C ASN A 164 -12.61 -34.20 1.21
N THR A 165 -12.73 -33.06 1.89
CA THR A 165 -13.96 -32.54 2.48
C THR A 165 -14.74 -33.59 3.29
N GLN A 166 -14.07 -34.53 3.98
CA GLN A 166 -14.77 -35.55 4.78
C GLN A 166 -14.88 -35.06 6.23
N LYS A 167 -13.74 -34.65 6.80
CA LYS A 167 -13.62 -33.95 8.07
C LYS A 167 -12.75 -32.74 7.75
N ALA A 168 -12.86 -31.64 8.48
CA ALA A 168 -12.09 -30.41 8.24
C ALA A 168 -11.39 -29.98 9.53
N ILE A 169 -10.28 -29.30 9.36
CA ILE A 169 -9.43 -28.72 10.38
C ILE A 169 -9.25 -27.27 9.92
N LEU A 170 -9.03 -26.36 10.85
CA LEU A 170 -8.64 -25.00 10.54
C LEU A 170 -7.33 -24.71 11.27
N TYR A 171 -6.40 -24.01 10.62
CA TYR A 171 -5.18 -23.47 11.23
C TYR A 171 -5.16 -21.97 10.96
N ALA A 172 -4.22 -21.21 11.54
CA ALA A 172 -4.01 -19.81 11.19
C ALA A 172 -3.58 -19.67 9.72
N LYS A 173 -3.64 -18.45 9.18
CA LYS A 173 -3.28 -18.13 7.79
C LYS A 173 -2.25 -17.00 7.69
N LEU A 174 -1.62 -16.69 8.83
CA LEU A 174 -0.72 -15.57 9.09
C LEU A 174 -1.18 -14.27 8.39
N PRO A 175 -2.39 -13.75 8.71
CA PRO A 175 -2.91 -12.54 8.10
C PRO A 175 -2.17 -11.29 8.62
N LEU A 176 -2.65 -10.10 8.23
CA LEU A 176 -1.97 -8.82 8.40
C LEU A 176 -2.73 -7.78 9.26
N PRO A 177 -3.40 -8.08 10.38
CA PRO A 177 -4.01 -7.06 11.24
C PRO A 177 -2.96 -6.33 12.10
N THR A 178 -1.76 -6.13 11.56
CA THR A 178 -0.60 -5.65 12.30
C THR A 178 -0.77 -4.21 12.80
N ASP A 179 -1.52 -3.39 12.05
CA ASP A 179 -1.82 -2.00 12.37
C ASP A 179 -3.33 -1.71 12.26
N LYS A 180 -4.14 -2.78 12.34
CA LYS A 180 -5.60 -2.70 12.41
C LYS A 180 -5.96 -2.01 13.73
N GLY A 1 14.80 -31.04 -36.51
CA GLY A 1 16.25 -30.78 -36.37
C GLY A 1 16.91 -31.74 -35.39
N HIS A 2 18.04 -32.36 -35.76
CA HIS A 2 18.70 -33.42 -35.00
C HIS A 2 19.06 -33.00 -33.57
N MET A 3 19.40 -31.73 -33.36
CA MET A 3 19.72 -31.16 -32.04
C MET A 3 18.60 -31.39 -31.03
N ASP A 4 17.34 -31.35 -31.44
CA ASP A 4 16.20 -31.57 -30.55
C ASP A 4 16.15 -33.04 -30.09
N GLU A 5 16.52 -33.96 -30.97
CA GLU A 5 16.47 -35.38 -30.69
C GLU A 5 17.59 -35.79 -29.73
N VAL A 6 18.81 -35.25 -29.89
CA VAL A 6 19.91 -35.58 -28.97
C VAL A 6 19.55 -35.04 -27.59
N GLN A 7 19.12 -33.78 -27.54
CA GLN A 7 18.64 -33.11 -26.33
C GLN A 7 17.63 -34.00 -25.61
N ASN A 8 16.49 -34.27 -26.24
CA ASN A 8 15.42 -34.92 -25.52
C ASN A 8 15.75 -36.36 -25.18
N ARG A 9 16.65 -37.06 -25.88
CA ARG A 9 16.96 -38.44 -25.45
C ARG A 9 17.82 -38.40 -24.19
N ILE A 10 18.69 -37.42 -24.00
CA ILE A 10 19.41 -37.37 -22.72
C ILE A 10 18.43 -37.06 -21.59
N LYS A 11 17.54 -36.07 -21.70
CA LYS A 11 16.63 -35.89 -20.58
C LYS A 11 15.74 -37.11 -20.39
N GLU A 12 15.41 -37.86 -21.44
CA GLU A 12 14.62 -39.06 -21.33
C GLU A 12 15.35 -40.11 -20.48
N ILE A 13 16.60 -40.48 -20.77
CA ILE A 13 17.30 -41.46 -19.92
C ILE A 13 17.43 -40.90 -18.51
N LEU A 14 17.88 -39.66 -18.36
CA LEU A 14 18.11 -39.11 -17.04
C LEU A 14 16.80 -39.08 -16.23
N ASP A 15 15.64 -38.94 -16.88
CA ASP A 15 14.34 -38.97 -16.22
C ASP A 15 13.86 -40.40 -15.96
N LYS A 16 14.14 -41.36 -16.86
CA LYS A 16 13.91 -42.78 -16.64
C LYS A 16 14.68 -43.27 -15.41
N HIS A 17 15.83 -42.63 -15.15
CA HIS A 17 16.79 -42.98 -14.12
C HIS A 17 16.94 -41.74 -13.24
N ASN A 18 15.80 -41.25 -12.72
CA ASN A 18 15.65 -39.96 -12.04
C ASN A 18 16.67 -39.64 -10.95
N ASN A 19 17.28 -40.66 -10.34
CA ASN A 19 18.36 -40.47 -9.35
C ASN A 19 19.63 -39.87 -9.98
N GLY A 20 19.70 -39.79 -11.31
CA GLY A 20 20.80 -39.27 -12.10
C GLY A 20 21.74 -40.38 -12.56
N ILE A 21 22.67 -40.03 -13.47
CA ILE A 21 23.65 -40.93 -14.05
C ILE A 21 25.02 -40.25 -13.90
N TRP A 22 26.06 -40.99 -13.51
CA TRP A 22 27.44 -40.47 -13.49
C TRP A 22 27.87 -40.15 -14.91
N ILE A 23 28.54 -39.01 -15.13
CA ILE A 23 28.92 -38.57 -16.48
C ILE A 23 29.88 -39.59 -17.13
N SER A 24 30.71 -40.27 -16.33
CA SER A 24 31.57 -41.35 -16.79
C SER A 24 30.80 -42.61 -17.20
N LYS A 25 29.59 -42.85 -16.67
CA LYS A 25 28.76 -44.01 -17.03
C LYS A 25 27.64 -43.67 -18.01
N LEU A 26 27.30 -42.38 -18.20
CA LEU A 26 26.40 -41.95 -19.27
C LEU A 26 26.74 -42.50 -20.66
N PRO A 27 28.00 -42.58 -21.13
CA PRO A 27 28.31 -43.25 -22.39
C PRO A 27 27.83 -44.70 -22.45
N HIS A 28 28.06 -45.49 -21.38
CA HIS A 28 27.55 -46.85 -21.27
C HIS A 28 26.02 -46.82 -21.34
N PHE A 29 25.39 -45.94 -20.56
CA PHE A 29 23.95 -45.94 -20.42
C PHE A 29 23.28 -45.56 -21.74
N TYR A 30 23.87 -44.61 -22.47
CA TYR A 30 23.44 -44.17 -23.79
C TYR A 30 23.58 -45.32 -24.80
N LYS A 31 24.75 -45.97 -24.85
CA LYS A 31 24.98 -47.13 -25.70
C LYS A 31 23.94 -48.22 -25.46
N GLU A 32 23.62 -48.52 -24.19
CA GLU A 32 22.63 -49.54 -23.86
C GLU A 32 21.26 -49.15 -24.38
N PHE A 33 20.87 -47.88 -24.24
CA PHE A 33 19.51 -47.47 -24.50
C PHE A 33 19.25 -47.24 -26.00
N TYR A 34 20.23 -46.70 -26.73
CA TYR A 34 20.04 -46.23 -28.10
C TYR A 34 20.93 -46.94 -29.13
N LYS A 35 21.81 -47.84 -28.67
CA LYS A 35 22.73 -48.61 -29.51
C LYS A 35 23.54 -47.66 -30.40
N GLU A 36 24.02 -46.57 -29.80
CA GLU A 36 24.74 -45.50 -30.46
C GLU A 36 25.91 -45.13 -29.55
N ASP A 37 27.03 -44.79 -30.16
CA ASP A 37 28.28 -44.47 -29.47
C ASP A 37 28.28 -42.98 -29.14
N LEU A 38 28.08 -42.67 -27.86
CA LEU A 38 28.11 -41.29 -27.37
C LEU A 38 29.50 -40.68 -27.61
N ASN A 39 29.58 -39.68 -28.48
CA ASN A 39 30.83 -38.95 -28.73
C ASN A 39 31.18 -38.10 -27.51
N GLN A 40 32.47 -37.84 -27.26
CA GLN A 40 32.92 -37.07 -26.10
C GLN A 40 32.44 -35.61 -26.15
N GLY A 41 32.18 -35.05 -27.34
CA GLY A 41 31.70 -33.67 -27.48
C GLY A 41 30.26 -33.51 -26.94
N VAL A 42 29.46 -34.58 -26.94
CA VAL A 42 28.12 -34.46 -26.41
C VAL A 42 28.20 -34.14 -24.90
N LEU A 43 29.27 -34.56 -24.20
CA LEU A 43 29.49 -34.18 -22.80
C LEU A 43 29.51 -32.67 -22.62
N GLN A 44 30.16 -31.89 -23.51
CA GLN A 44 30.13 -30.44 -23.36
C GLN A 44 28.75 -29.88 -23.72
N GLN A 45 28.01 -30.54 -24.62
CA GLN A 45 26.60 -30.17 -24.81
C GLN A 45 25.88 -30.20 -23.47
N PHE A 46 26.12 -31.24 -22.67
CA PHE A 46 25.43 -31.43 -21.41
C PHE A 46 25.77 -30.31 -20.44
N GLU A 47 27.06 -29.93 -20.39
CA GLU A 47 27.52 -28.82 -19.55
C GLU A 47 26.79 -27.51 -19.89
N HIS A 48 26.40 -27.28 -21.15
CA HIS A 48 25.68 -26.05 -21.52
C HIS A 48 24.14 -26.19 -21.54
N TRP A 49 23.55 -27.36 -21.26
CA TRP A 49 22.13 -27.68 -21.45
C TRP A 49 21.29 -27.65 -20.14
N PRO A 50 20.87 -26.50 -19.59
CA PRO A 50 19.95 -26.49 -18.45
C PRO A 50 18.55 -27.04 -18.81
N HIS A 51 18.18 -27.03 -20.10
CA HIS A 51 16.89 -27.57 -20.56
C HIS A 51 16.85 -29.09 -20.57
N ILE A 52 17.98 -29.76 -20.35
CA ILE A 52 18.09 -31.20 -20.53
C ILE A 52 18.52 -31.84 -19.21
N CYS A 53 19.42 -31.18 -18.46
CA CYS A 53 20.03 -31.80 -17.30
C CYS A 53 20.59 -30.74 -16.35
N THR A 54 21.14 -31.22 -15.23
CA THR A 54 21.92 -30.44 -14.28
C THR A 54 23.17 -31.29 -14.03
N VAL A 55 24.34 -30.73 -14.32
CA VAL A 55 25.60 -31.34 -13.90
C VAL A 55 25.69 -31.09 -12.40
N GLU A 56 26.08 -32.11 -11.63
CA GLU A 56 26.29 -32.00 -10.21
C GLU A 56 27.69 -32.49 -9.94
N LYS A 57 28.45 -31.75 -9.13
CA LYS A 57 29.86 -32.02 -8.85
C LYS A 57 30.01 -32.31 -7.34
N PRO A 58 29.42 -33.42 -6.83
CA PRO A 58 29.50 -33.79 -5.42
C PRO A 58 30.92 -34.17 -5.01
N CYS A 59 31.80 -34.48 -5.96
CA CYS A 59 33.22 -34.70 -5.79
C CYS A 59 33.97 -33.81 -6.81
N GLY A 60 35.27 -33.62 -6.62
CA GLY A 60 36.07 -32.68 -7.42
C GLY A 60 37.53 -33.13 -7.59
N GLY A 61 37.81 -34.43 -7.41
CA GLY A 61 39.15 -34.99 -7.62
C GLY A 61 39.45 -35.27 -9.10
N GLY A 62 38.45 -35.18 -9.97
CA GLY A 62 38.52 -35.47 -11.39
C GLY A 62 37.14 -35.31 -12.02
N GLN A 63 36.99 -35.77 -13.26
CA GLN A 63 35.69 -35.84 -13.94
C GLN A 63 34.89 -37.01 -13.31
N ASP A 64 34.22 -36.74 -12.21
CA ASP A 64 33.44 -37.69 -11.43
C ASP A 64 32.27 -36.89 -10.87
N SER A 65 31.26 -36.71 -11.74
CA SER A 65 30.13 -35.81 -11.56
C SER A 65 28.87 -36.57 -11.96
N LEU A 66 27.68 -36.08 -11.59
CA LEU A 66 26.41 -36.67 -11.96
C LEU A 66 25.74 -35.78 -12.99
N LEU A 67 24.77 -36.37 -13.67
CA LEU A 67 23.84 -35.71 -14.55
C LEU A 67 22.47 -36.04 -14.01
N TYR A 68 21.82 -35.04 -13.42
CA TYR A 68 20.41 -35.14 -13.04
C TYR A 68 19.56 -34.72 -14.24
N PRO A 69 18.32 -35.21 -14.36
CA PRO A 69 17.38 -34.76 -15.41
C PRO A 69 16.93 -33.31 -15.21
N ALA A 70 16.50 -32.66 -16.28
CA ALA A 70 15.88 -31.34 -16.19
C ALA A 70 14.45 -31.44 -15.68
N ARG A 71 14.26 -31.03 -14.42
CA ARG A 71 12.95 -30.83 -13.76
C ARG A 71 12.89 -29.43 -13.11
N ARG A 72 13.89 -28.58 -13.40
CA ARG A 72 14.10 -27.26 -12.81
C ARG A 72 14.57 -26.27 -13.88
N GLU A 73 14.24 -26.54 -15.15
CA GLU A 73 14.57 -25.68 -16.28
C GLU A 73 13.71 -24.40 -16.25
N GLN A 74 14.08 -23.41 -17.08
CA GLN A 74 13.37 -22.13 -17.20
C GLN A 74 13.57 -21.55 -18.61
N PRO A 75 12.71 -20.63 -19.07
CA PRO A 75 12.97 -19.88 -20.29
C PRO A 75 14.04 -18.81 -20.02
N LEU A 76 14.50 -18.13 -21.08
CA LEU A 76 15.35 -16.95 -20.93
C LEU A 76 14.53 -15.89 -20.18
N LYS A 77 14.98 -15.49 -19.00
CA LYS A 77 14.25 -14.61 -18.08
C LYS A 77 15.27 -13.82 -17.26
N SER A 78 14.83 -12.73 -16.63
CA SER A 78 15.72 -11.77 -15.95
C SER A 78 15.33 -11.61 -14.47
N ASP A 79 14.85 -12.69 -13.85
CA ASP A 79 14.48 -12.70 -12.42
C ASP A 79 15.66 -12.33 -11.52
N GLN A 80 16.88 -12.67 -11.96
CA GLN A 80 18.15 -12.30 -11.32
C GLN A 80 18.52 -10.83 -11.62
N ASP A 81 17.54 -9.94 -11.55
CA ASP A 81 17.63 -8.56 -12.00
C ASP A 81 18.86 -7.75 -11.52
N PRO A 82 19.39 -7.95 -10.29
CA PRO A 82 20.64 -7.37 -9.81
C PRO A 82 21.88 -7.55 -10.71
N GLU A 83 21.84 -8.39 -11.75
CA GLU A 83 22.89 -8.45 -12.77
C GLU A 83 22.36 -8.23 -14.20
N LYS A 84 21.03 -8.20 -14.38
CA LYS A 84 20.41 -8.13 -15.71
C LYS A 84 20.08 -6.68 -16.06
N GLU A 85 19.81 -5.86 -15.05
CA GLU A 85 19.68 -4.41 -15.16
C GLU A 85 20.66 -3.72 -14.21
N LEU A 86 21.25 -4.47 -13.25
CA LEU A 86 22.29 -4.04 -12.33
C LEU A 86 22.14 -2.56 -11.91
N PRO A 87 21.01 -2.21 -11.25
CA PRO A 87 20.66 -0.82 -10.95
C PRO A 87 21.66 -0.15 -9.99
N PRO A 88 21.62 1.19 -9.86
CA PRO A 88 22.44 1.94 -8.91
C PRO A 88 22.38 1.37 -7.47
N PRO A 89 23.45 1.54 -6.67
CA PRO A 89 23.53 0.97 -5.33
C PRO A 89 22.51 1.61 -4.36
N PRO A 90 22.16 0.91 -3.27
CA PRO A 90 21.25 1.43 -2.24
C PRO A 90 21.91 2.57 -1.45
N PRO A 91 21.14 3.36 -0.67
CA PRO A 91 21.70 4.37 0.22
C PRO A 91 22.53 3.74 1.36
N ALA A 92 22.25 2.48 1.72
CA ALA A 92 23.05 1.66 2.62
C ALA A 92 22.89 0.19 2.19
N PRO A 93 23.97 -0.62 2.12
CA PRO A 93 23.90 -2.03 1.75
C PRO A 93 22.90 -2.87 2.54
N LYS A 94 22.69 -2.57 3.83
CA LYS A 94 21.66 -3.24 4.64
C LYS A 94 20.30 -2.80 4.09
N GLN A 95 19.55 -3.74 3.53
CA GLN A 95 18.20 -3.55 3.05
C GLN A 95 17.43 -4.80 3.45
N GLU A 96 16.27 -4.62 4.09
CA GLU A 96 15.40 -5.69 4.58
C GLU A 96 13.93 -5.30 4.37
N VAL A 97 13.04 -6.29 4.44
CA VAL A 97 11.60 -6.18 4.19
C VAL A 97 10.92 -7.12 5.19
N PRO A 98 9.78 -6.75 5.81
CA PRO A 98 9.05 -7.64 6.72
C PRO A 98 8.50 -8.85 5.97
N SER A 99 8.48 -10.01 6.62
CA SER A 99 8.02 -11.27 6.04
C SER A 99 6.49 -11.32 5.90
N GLN A 100 5.77 -10.52 6.69
CA GLN A 100 4.31 -10.46 6.72
C GLN A 100 3.78 -9.91 5.39
N GLY A 101 2.53 -10.26 5.07
CA GLY A 101 1.88 -9.94 3.81
C GLY A 101 0.46 -10.50 3.80
N SER A 102 -0.14 -10.60 2.61
CA SER A 102 -1.54 -10.93 2.39
C SER A 102 -2.44 -9.89 3.08
N PRO A 103 -2.74 -8.75 2.44
CA PRO A 103 -3.41 -7.64 3.11
C PRO A 103 -4.77 -8.03 3.68
N ALA A 104 -5.09 -7.49 4.85
CA ALA A 104 -6.24 -7.90 5.66
C ALA A 104 -7.30 -6.82 5.79
N VAL A 105 -8.48 -7.32 6.10
CA VAL A 105 -9.65 -6.58 6.52
C VAL A 105 -10.25 -7.56 7.54
N MET A 106 -10.36 -7.12 8.80
CA MET A 106 -10.70 -7.98 9.94
C MET A 106 -12.00 -7.54 10.62
N PRO A 107 -13.18 -7.71 9.99
CA PRO A 107 -14.46 -7.55 10.66
C PRO A 107 -14.53 -8.40 11.93
N ASP A 108 -15.43 -8.08 12.86
CA ASP A 108 -15.47 -8.69 14.20
C ASP A 108 -15.46 -10.23 14.18
N VAL A 109 -16.23 -10.86 13.29
CA VAL A 109 -16.24 -12.32 13.18
C VAL A 109 -14.89 -12.82 12.66
N LYS A 110 -14.30 -12.16 11.66
CA LYS A 110 -13.01 -12.56 11.11
C LYS A 110 -11.96 -12.45 12.22
N GLU A 111 -11.97 -11.38 12.99
CA GLU A 111 -11.08 -11.17 14.11
C GLU A 111 -11.26 -12.25 15.17
N LYS A 112 -12.50 -12.62 15.55
CA LYS A 112 -12.77 -13.67 16.53
C LYS A 112 -12.08 -14.95 16.08
N VAL A 113 -12.33 -15.38 14.84
CA VAL A 113 -11.72 -16.56 14.27
C VAL A 113 -10.19 -16.43 14.31
N ALA A 114 -9.63 -15.32 13.82
CA ALA A 114 -8.20 -15.17 13.65
C ALA A 114 -7.46 -15.25 15.00
N GLU A 115 -7.98 -14.57 16.03
CA GLU A 115 -7.42 -14.59 17.38
C GLU A 115 -7.56 -16.01 17.97
N LEU A 116 -8.75 -16.60 17.87
CA LEU A 116 -9.02 -17.96 18.33
C LEU A 116 -8.05 -18.96 17.72
N LEU A 117 -7.82 -18.88 16.41
CA LEU A 117 -6.83 -19.73 15.74
C LEU A 117 -5.43 -19.49 16.29
N GLY A 118 -5.05 -18.22 16.49
CA GLY A 118 -3.73 -17.87 17.01
C GLY A 118 -3.44 -18.54 18.36
N LYS A 119 -4.45 -18.70 19.22
CA LYS A 119 -4.26 -19.28 20.57
C LYS A 119 -4.10 -20.80 20.57
N TYR A 120 -4.21 -21.49 19.42
CA TYR A 120 -4.30 -22.95 19.37
C TYR A 120 -3.28 -23.53 18.39
N SER A 121 -2.23 -24.18 18.91
CA SER A 121 -1.27 -24.94 18.10
C SER A 121 -1.94 -26.13 17.40
N SER A 122 -2.94 -26.74 18.03
CA SER A 122 -3.79 -27.80 17.47
C SER A 122 -4.71 -27.29 16.35
N GLY A 123 -4.72 -25.98 16.08
CA GLY A 123 -5.71 -25.39 15.21
C GLY A 123 -7.06 -25.53 15.92
N LEU A 124 -8.15 -25.37 15.17
CA LEU A 124 -9.48 -25.69 15.67
C LEU A 124 -10.06 -26.62 14.62
N TRP A 125 -10.60 -27.75 15.07
CA TRP A 125 -11.26 -28.71 14.19
C TRP A 125 -12.64 -28.16 13.83
N ALA A 126 -13.29 -28.72 12.79
CA ALA A 126 -14.53 -28.17 12.24
C ALA A 126 -15.62 -27.95 13.29
N SER A 127 -15.73 -28.85 14.28
CA SER A 127 -16.69 -28.73 15.36
C SER A 127 -16.12 -27.93 16.54
N ALA A 128 -14.81 -28.09 16.82
CA ALA A 128 -14.15 -27.38 17.91
C ALA A 128 -14.10 -25.88 17.67
N LEU A 129 -14.08 -25.42 16.41
CA LEU A 129 -14.11 -23.98 16.09
C LEU A 129 -15.38 -23.36 16.69
N PRO A 130 -16.61 -23.79 16.34
CA PRO A 130 -17.84 -23.39 17.04
C PRO A 130 -17.75 -23.48 18.57
N LYS A 131 -17.32 -24.62 19.12
CA LYS A 131 -17.33 -24.80 20.58
C LYS A 131 -16.43 -23.76 21.25
N ALA A 132 -15.20 -23.59 20.75
CA ALA A 132 -14.25 -22.64 21.31
C ALA A 132 -14.72 -21.20 21.12
N PHE A 133 -15.37 -20.91 20.00
CA PHE A 133 -15.98 -19.62 19.69
C PHE A 133 -16.90 -19.22 20.83
N GLU A 134 -17.92 -20.05 21.07
CA GLU A 134 -19.00 -19.77 22.00
C GLU A 134 -18.46 -19.71 23.42
N ASP A 135 -17.53 -20.60 23.77
CA ASP A 135 -16.93 -20.67 25.08
C ASP A 135 -16.07 -19.43 25.38
N MET A 136 -15.28 -18.98 24.39
CA MET A 136 -14.28 -17.96 24.63
C MET A 136 -14.91 -16.57 24.62
N TYR A 137 -15.81 -16.32 23.67
CA TYR A 137 -16.41 -15.00 23.49
C TYR A 137 -17.79 -14.89 24.17
N LYS A 138 -18.24 -15.96 24.85
CA LYS A 138 -19.53 -16.05 25.55
C LYS A 138 -20.70 -15.48 24.74
N VAL A 139 -20.79 -15.86 23.47
CA VAL A 139 -21.83 -15.41 22.55
C VAL A 139 -22.49 -16.61 21.88
N LYS A 140 -23.82 -16.59 21.74
CA LYS A 140 -24.55 -17.54 20.92
C LYS A 140 -24.51 -16.96 19.51
N PHE A 141 -23.54 -17.40 18.73
CA PHE A 141 -23.25 -16.86 17.41
C PHE A 141 -24.41 -17.04 16.41
N PRO A 142 -24.53 -16.14 15.42
CA PRO A 142 -25.42 -16.36 14.30
C PRO A 142 -24.77 -17.50 13.48
N GLU A 143 -25.57 -18.38 12.88
CA GLU A 143 -25.03 -19.59 12.29
C GLU A 143 -24.16 -19.32 11.06
N ASP A 144 -24.41 -18.27 10.30
CA ASP A 144 -23.51 -17.89 9.20
C ASP A 144 -22.09 -17.65 9.72
N ALA A 145 -21.96 -17.04 10.90
CA ALA A 145 -20.65 -16.73 11.45
C ALA A 145 -19.87 -17.99 11.86
N LEU A 146 -20.54 -19.08 12.27
CA LEU A 146 -19.87 -20.32 12.70
C LEU A 146 -19.84 -21.41 11.63
N LYS A 147 -20.69 -21.37 10.60
CA LYS A 147 -20.77 -22.46 9.61
C LYS A 147 -20.41 -22.02 8.19
N ASN A 148 -20.22 -20.73 7.90
CA ASN A 148 -19.78 -20.28 6.57
C ASN A 148 -18.28 -20.54 6.43
N LEU A 149 -17.91 -21.79 6.09
CA LEU A 149 -16.54 -22.28 6.02
C LEU A 149 -15.64 -21.41 5.14
N ALA A 150 -16.19 -20.69 4.16
CA ALA A 150 -15.41 -19.86 3.25
C ALA A 150 -14.79 -18.64 3.93
N SER A 151 -15.56 -17.91 4.76
CA SER A 151 -15.03 -16.78 5.50
C SER A 151 -13.96 -17.25 6.49
N LEU A 152 -14.21 -18.41 7.09
CA LEU A 152 -13.24 -19.03 7.97
C LEU A 152 -11.99 -19.39 7.15
N SER A 153 -12.13 -19.85 5.90
CA SER A 153 -11.01 -20.09 5.00
C SER A 153 -10.31 -18.79 4.57
N ASP A 154 -10.96 -17.63 4.65
CA ASP A 154 -10.30 -16.36 4.35
C ASP A 154 -9.31 -16.02 5.46
N VAL A 155 -9.65 -16.32 6.73
CA VAL A 155 -8.72 -16.06 7.85
C VAL A 155 -7.92 -17.28 8.32
N CYS A 156 -8.18 -18.49 7.80
CA CYS A 156 -7.56 -19.73 8.25
C CYS A 156 -7.18 -20.61 7.08
N THR A 157 -6.14 -21.42 7.24
CA THR A 157 -5.85 -22.49 6.29
C THR A 157 -6.91 -23.51 6.66
N ILE A 158 -7.71 -23.98 5.70
CA ILE A 158 -8.62 -25.09 5.94
C ILE A 158 -8.11 -26.23 5.08
N ASN A 159 -8.04 -27.37 5.74
CA ASN A 159 -7.48 -28.61 5.26
C ASN A 159 -8.36 -29.72 5.83
N TYR A 160 -8.36 -30.89 5.23
CA TYR A 160 -9.34 -31.93 5.53
C TYR A 160 -8.64 -33.20 6.00
N ILE A 161 -9.42 -34.04 6.67
CA ILE A 161 -8.98 -35.31 7.24
C ILE A 161 -10.08 -36.34 6.90
N SER A 162 -9.75 -37.63 6.95
CA SER A 162 -10.62 -38.76 6.65
C SER A 162 -11.05 -38.85 5.17
N GLY A 163 -10.84 -37.81 4.36
CA GLY A 163 -11.09 -37.77 2.93
C GLY A 163 -11.10 -36.31 2.47
N ASN A 164 -11.10 -36.09 1.15
CA ASN A 164 -11.25 -34.76 0.58
C ASN A 164 -12.60 -34.18 1.00
N THR A 165 -12.60 -33.02 1.64
CA THR A 165 -13.79 -32.34 2.16
C THR A 165 -14.69 -33.31 2.97
N GLN A 166 -14.08 -34.17 3.81
CA GLN A 166 -14.83 -35.19 4.57
C GLN A 166 -14.96 -34.73 6.03
N LYS A 167 -13.84 -34.40 6.66
CA LYS A 167 -13.74 -33.75 7.96
C LYS A 167 -12.81 -32.56 7.70
N ALA A 168 -12.90 -31.46 8.44
CA ALA A 168 -12.09 -30.26 8.21
C ALA A 168 -11.37 -29.86 9.51
N ILE A 169 -10.24 -29.19 9.33
CA ILE A 169 -9.37 -28.62 10.34
C ILE A 169 -9.17 -27.17 9.90
N LEU A 170 -8.90 -26.27 10.85
CA LEU A 170 -8.53 -24.91 10.58
C LEU A 170 -7.18 -24.69 11.27
N TYR A 171 -6.26 -24.00 10.60
CA TYR A 171 -5.01 -23.50 11.18
C TYR A 171 -4.96 -22.00 10.92
N ALA A 172 -4.16 -21.24 11.68
CA ALA A 172 -4.04 -19.80 11.51
C ALA A 172 -3.44 -19.48 10.13
N LYS A 173 -3.97 -18.45 9.45
CA LYS A 173 -3.37 -17.90 8.23
C LYS A 173 -2.94 -16.43 8.44
N LEU A 174 -3.53 -15.76 9.44
CA LEU A 174 -3.19 -14.41 9.92
C LEU A 174 -2.73 -13.45 8.80
N PRO A 175 -3.63 -13.11 7.85
CA PRO A 175 -3.36 -12.05 6.89
C PRO A 175 -3.13 -10.73 7.65
N LEU A 176 -2.40 -9.78 7.06
CA LEU A 176 -2.03 -8.50 7.71
C LEU A 176 -1.80 -7.44 6.62
N PRO A 177 -2.21 -6.16 6.78
CA PRO A 177 -2.12 -5.10 5.75
C PRO A 177 -0.72 -4.72 5.28
N THR A 178 0.30 -5.53 5.58
CA THR A 178 1.68 -5.19 5.37
C THR A 178 2.04 -5.05 3.87
N ASP A 179 1.25 -5.66 2.97
CA ASP A 179 1.49 -5.69 1.52
C ASP A 179 0.27 -5.15 0.75
N LYS A 180 -0.50 -4.25 1.39
CA LYS A 180 -1.59 -3.51 0.75
C LYS A 180 -0.96 -2.62 -0.32
N GLY A 1 9.41 42.84 33.93
CA GLY A 1 10.52 42.50 33.00
C GLY A 1 10.40 43.25 31.68
N HIS A 2 11.46 43.98 31.28
CA HIS A 2 11.46 44.84 30.08
C HIS A 2 11.18 44.06 28.80
N MET A 3 11.48 42.76 28.74
CA MET A 3 11.24 41.89 27.59
C MET A 3 9.75 41.90 27.21
N ASP A 4 8.84 41.99 28.19
CA ASP A 4 7.41 42.09 27.93
C ASP A 4 7.03 43.47 27.36
N GLU A 5 7.73 44.52 27.78
CA GLU A 5 7.52 45.85 27.25
C GLU A 5 8.05 45.94 25.82
N VAL A 6 9.14 45.22 25.49
CA VAL A 6 9.69 45.15 24.14
C VAL A 6 8.65 44.48 23.24
N GLN A 7 8.17 43.29 23.64
CA GLN A 7 7.08 42.56 22.99
C GLN A 7 5.93 43.50 22.68
N ASN A 8 5.34 44.09 23.72
CA ASN A 8 4.10 44.82 23.54
C ASN A 8 4.31 46.08 22.70
N ARG A 9 5.49 46.72 22.71
CA ARG A 9 5.64 47.94 21.91
C ARG A 9 5.80 47.62 20.44
N ILE A 10 6.30 46.45 20.06
CA ILE A 10 6.29 46.10 18.65
C ILE A 10 4.87 45.78 18.19
N LYS A 11 4.07 45.00 18.92
CA LYS A 11 2.68 44.83 18.45
C LYS A 11 1.96 46.19 18.44
N GLU A 12 2.32 47.12 19.33
CA GLU A 12 1.75 48.46 19.34
C GLU A 12 2.06 49.20 18.04
N ILE A 13 3.32 49.28 17.56
CA ILE A 13 3.57 49.93 16.27
C ILE A 13 2.82 49.19 15.17
N LEU A 14 2.94 47.86 15.12
CA LEU A 14 2.34 47.09 14.03
C LEU A 14 0.83 47.26 14.00
N ASP A 15 0.18 47.49 15.15
CA ASP A 15 -1.27 47.67 15.21
C ASP A 15 -1.67 49.12 14.97
N LYS A 16 -0.87 50.10 15.42
CA LYS A 16 -1.06 51.52 15.12
C LYS A 16 -0.86 51.78 13.63
N HIS A 17 -0.05 50.95 12.98
CA HIS A 17 0.32 51.02 11.58
C HIS A 17 -0.19 49.70 10.95
N ASN A 18 -1.49 49.44 11.16
CA ASN A 18 -2.19 48.17 10.89
C ASN A 18 -1.86 47.50 9.55
N ASN A 19 -1.64 48.29 8.50
CA ASN A 19 -1.29 47.75 7.17
C ASN A 19 0.03 46.96 7.18
N GLY A 20 0.85 47.09 8.23
CA GLY A 20 2.11 46.39 8.44
C GLY A 20 3.29 47.31 8.14
N ILE A 21 4.51 46.83 8.46
CA ILE A 21 5.76 47.57 8.33
C ILE A 21 6.79 46.62 7.70
N TRP A 22 7.52 47.05 6.67
CA TRP A 22 8.65 46.28 6.11
C TRP A 22 9.73 46.11 7.17
N ILE A 23 10.32 44.92 7.31
CA ILE A 23 11.28 44.68 8.39
C ILE A 23 12.53 45.57 8.22
N SER A 24 12.94 45.93 7.00
CA SER A 24 13.99 46.93 6.81
C SER A 24 13.61 48.32 7.33
N LYS A 25 12.33 48.70 7.34
CA LYS A 25 11.89 50.02 7.81
C LYS A 25 11.35 49.99 9.24
N LEU A 26 11.09 48.81 9.82
CA LEU A 26 10.79 48.63 11.25
C LEU A 26 11.76 49.38 12.16
N PRO A 27 13.10 49.29 12.03
CA PRO A 27 14.03 50.08 12.86
C PRO A 27 13.78 51.60 12.77
N HIS A 28 13.55 52.12 11.56
CA HIS A 28 13.20 53.54 11.37
C HIS A 28 11.89 53.85 12.08
N PHE A 29 10.90 52.99 11.94
CA PHE A 29 9.59 53.20 12.52
C PHE A 29 9.67 53.20 14.04
N TYR A 30 10.44 52.26 14.60
CA TYR A 30 10.69 52.13 16.02
C TYR A 30 11.39 53.38 16.56
N LYS A 31 12.46 53.83 15.89
CA LYS A 31 13.17 55.06 16.22
C LYS A 31 12.22 56.25 16.24
N GLU A 32 11.32 56.38 15.28
CA GLU A 32 10.36 57.49 15.25
C GLU A 32 9.38 57.40 16.42
N PHE A 33 8.90 56.20 16.76
CA PHE A 33 7.81 56.06 17.73
C PHE A 33 8.31 56.14 19.18
N TYR A 34 9.51 55.60 19.46
CA TYR A 34 10.00 55.39 20.82
C TYR A 34 11.30 56.14 21.12
N LYS A 35 11.89 56.79 20.11
CA LYS A 35 13.15 57.55 20.22
C LYS A 35 14.24 56.66 20.81
N GLU A 36 14.30 55.40 20.34
CA GLU A 36 15.19 54.37 20.82
C GLU A 36 15.72 53.63 19.59
N ASP A 37 16.96 53.21 19.65
CA ASP A 37 17.64 52.50 18.57
C ASP A 37 17.34 51.02 18.69
N LEU A 38 16.51 50.50 17.79
CA LEU A 38 16.21 49.07 17.70
C LEU A 38 17.51 48.28 17.52
N ASN A 39 17.82 47.40 18.48
CA ASN A 39 18.97 46.50 18.38
C ASN A 39 18.72 45.47 17.27
N GLN A 40 19.77 44.98 16.60
CA GLN A 40 19.62 43.99 15.52
C GLN A 40 19.01 42.66 16.03
N GLY A 41 19.18 42.32 17.31
CA GLY A 41 18.64 41.10 17.89
C GLY A 41 17.12 41.12 18.01
N VAL A 42 16.48 42.30 18.03
CA VAL A 42 15.03 42.31 18.09
C VAL A 42 14.48 41.74 16.77
N LEU A 43 15.22 41.83 15.65
CA LEU A 43 14.84 41.19 14.39
C LEU A 43 14.64 39.67 14.55
N GLN A 44 15.55 38.97 15.25
CA GLN A 44 15.35 37.53 15.45
C GLN A 44 14.19 37.27 16.43
N GLN A 45 13.94 38.19 17.38
CA GLN A 45 12.73 38.11 18.19
C GLN A 45 11.49 38.16 17.28
N PHE A 46 11.47 39.07 16.31
CA PHE A 46 10.33 39.22 15.40
C PHE A 46 10.06 37.91 14.67
N GLU A 47 11.12 37.24 14.23
CA GLU A 47 11.02 35.98 13.51
C GLU A 47 10.39 34.88 14.37
N HIS A 48 10.75 34.78 15.66
CA HIS A 48 10.24 33.71 16.51
C HIS A 48 8.93 34.04 17.23
N TRP A 49 8.56 35.30 17.40
CA TRP A 49 7.42 35.72 18.22
C TRP A 49 6.11 35.23 17.61
N PRO A 50 5.35 34.33 18.30
CA PRO A 50 4.00 33.99 17.85
C PRO A 50 2.95 35.01 18.34
N HIS A 51 3.24 35.76 19.41
CA HIS A 51 2.26 36.59 20.12
C HIS A 51 2.30 38.07 19.71
N ILE A 52 3.29 38.48 18.91
CA ILE A 52 3.51 39.91 18.65
C ILE A 52 3.19 40.25 17.19
N CYS A 53 3.49 39.34 16.26
CA CYS A 53 3.44 39.67 14.85
C CYS A 53 3.32 38.42 13.96
N THR A 54 3.27 38.66 12.65
CA THR A 54 3.37 37.65 11.59
C THR A 54 4.39 38.24 10.61
N VAL A 55 5.45 37.50 10.33
CA VAL A 55 6.38 37.84 9.26
C VAL A 55 5.72 37.35 7.97
N GLU A 56 5.77 38.15 6.91
CA GLU A 56 5.17 37.82 5.62
C GLU A 56 6.19 38.09 4.53
N LYS A 57 6.34 37.16 3.59
CA LYS A 57 7.42 37.20 2.59
C LYS A 57 6.95 36.79 1.17
N PRO A 58 5.77 37.23 0.68
CA PRO A 58 5.34 36.87 -0.68
C PRO A 58 6.24 37.52 -1.75
N CYS A 59 6.77 38.72 -1.47
CA CYS A 59 7.64 39.49 -2.36
C CYS A 59 9.11 39.03 -2.21
N GLY A 60 9.35 37.72 -2.21
CA GLY A 60 10.65 37.13 -1.89
C GLY A 60 11.81 37.67 -2.72
N GLY A 61 11.56 38.07 -3.98
CA GLY A 61 12.56 38.68 -4.86
C GLY A 61 13.13 40.00 -4.31
N GLY A 62 12.39 40.69 -3.43
CA GLY A 62 12.84 41.92 -2.78
C GLY A 62 13.78 41.66 -1.60
N GLN A 63 13.97 40.40 -1.20
CA GLN A 63 14.82 39.96 -0.09
C GLN A 63 14.53 40.74 1.21
N ASP A 64 13.24 41.02 1.48
CA ASP A 64 12.74 41.56 2.74
C ASP A 64 11.31 41.06 2.93
N SER A 65 10.71 41.36 4.08
CA SER A 65 9.45 40.81 4.53
C SER A 65 8.63 41.95 5.16
N LEU A 66 7.33 41.74 5.39
CA LEU A 66 6.51 42.64 6.16
C LEU A 66 6.34 42.04 7.54
N LEU A 67 5.98 42.90 8.47
CA LEU A 67 5.54 42.56 9.80
C LEU A 67 4.12 43.02 9.87
N TYR A 68 3.20 42.09 10.07
CA TYR A 68 1.80 42.38 10.39
C TYR A 68 1.61 42.23 11.90
N PRO A 69 0.66 42.96 12.51
CA PRO A 69 0.35 42.87 13.94
C PRO A 69 -0.22 41.51 14.34
N ALA A 70 -0.06 41.13 15.61
CA ALA A 70 -0.72 39.94 16.16
C ALA A 70 -2.23 40.14 16.30
N ARG A 71 -2.96 39.58 15.33
CA ARG A 71 -4.43 39.44 15.33
C ARG A 71 -4.83 38.00 14.94
N ARG A 72 -3.85 37.10 14.84
CA ARG A 72 -3.95 35.75 14.28
C ARG A 72 -3.02 34.78 15.01
N GLU A 73 -2.55 35.15 16.20
CA GLU A 73 -1.72 34.32 17.05
C GLU A 73 -2.41 32.99 17.36
N GLN A 74 -1.59 31.93 17.52
CA GLN A 74 -2.01 30.55 17.78
C GLN A 74 -3.25 30.14 16.96
N PRO A 75 -3.17 30.13 15.61
CA PRO A 75 -4.32 29.82 14.76
C PRO A 75 -4.73 28.34 14.81
N LEU A 76 -3.82 27.46 15.27
CA LEU A 76 -4.03 26.01 15.40
C LEU A 76 -4.35 25.32 14.06
N LYS A 77 -4.02 25.95 12.93
CA LYS A 77 -4.32 25.43 11.60
C LYS A 77 -3.54 24.16 11.25
N SER A 78 -2.44 23.86 11.94
CA SER A 78 -1.52 22.80 11.55
C SER A 78 -2.12 21.39 11.61
N ASP A 79 -3.33 21.21 12.17
CA ASP A 79 -4.06 19.95 12.06
C ASP A 79 -4.36 19.59 10.59
N GLN A 80 -4.55 20.61 9.75
CA GLN A 80 -4.68 20.49 8.30
C GLN A 80 -3.35 20.12 7.63
N ASP A 81 -2.22 20.27 8.34
CA ASP A 81 -0.84 20.19 7.85
C ASP A 81 -0.67 20.87 6.47
N PRO A 82 -0.75 22.22 6.42
CA PRO A 82 -0.39 22.96 5.22
C PRO A 82 1.14 22.99 5.00
N GLU A 83 1.93 22.92 6.09
CA GLU A 83 3.39 23.05 6.06
C GLU A 83 4.09 22.42 7.29
N LYS A 84 3.36 21.71 8.15
CA LYS A 84 3.92 21.16 9.39
C LYS A 84 4.90 20.04 9.04
N GLU A 85 4.49 19.16 8.11
CA GLU A 85 5.23 18.02 7.62
C GLU A 85 5.23 18.02 6.08
N LEU A 86 4.14 18.50 5.45
CA LEU A 86 3.87 18.47 4.00
C LEU A 86 4.54 17.31 3.22
N PRO A 87 4.33 16.03 3.61
CA PRO A 87 5.01 14.91 2.98
C PRO A 87 4.61 14.76 1.50
N PRO A 88 5.53 14.34 0.62
CA PRO A 88 5.22 14.17 -0.80
C PRO A 88 4.30 12.95 -1.01
N PRO A 89 3.36 13.01 -1.97
CA PRO A 89 2.57 11.85 -2.37
C PRO A 89 3.42 10.86 -3.19
N PRO A 90 2.97 9.60 -3.34
CA PRO A 90 3.60 8.66 -4.27
C PRO A 90 3.40 9.14 -5.72
N PRO A 91 4.23 8.68 -6.67
CA PRO A 91 4.09 9.08 -8.07
C PRO A 91 2.77 8.58 -8.67
N ALA A 92 2.34 7.37 -8.28
CA ALA A 92 1.03 6.79 -8.54
C ALA A 92 0.81 5.67 -7.50
N PRO A 93 -0.43 5.44 -7.03
CA PRO A 93 -0.75 4.27 -6.20
C PRO A 93 -0.43 2.94 -6.90
N LYS A 94 -0.66 2.88 -8.22
CA LYS A 94 -0.62 1.68 -9.07
C LYS A 94 -1.57 0.58 -8.56
N GLN A 95 -1.64 -0.53 -9.32
CA GLN A 95 -2.47 -1.70 -9.04
C GLN A 95 -1.65 -2.99 -9.23
N GLU A 96 -0.33 -2.90 -9.11
CA GLU A 96 0.60 -3.99 -9.41
C GLU A 96 1.72 -4.03 -8.35
N VAL A 97 1.42 -3.56 -7.13
CA VAL A 97 2.35 -3.49 -6.00
C VAL A 97 1.59 -3.98 -4.75
N PRO A 98 1.17 -5.26 -4.70
CA PRO A 98 0.30 -5.76 -3.64
C PRO A 98 0.94 -5.66 -2.25
N SER A 99 2.29 -5.69 -2.17
CA SER A 99 3.05 -5.52 -0.94
C SER A 99 2.82 -4.15 -0.27
N GLN A 100 2.31 -3.16 -1.01
CA GLN A 100 2.03 -1.80 -0.54
C GLN A 100 0.53 -1.62 -0.24
N GLY A 101 -0.29 -2.68 -0.38
CA GLY A 101 -1.71 -2.64 -0.05
C GLY A 101 -1.93 -2.45 1.45
N SER A 102 -3.12 -1.96 1.81
CA SER A 102 -3.50 -1.70 3.20
C SER A 102 -3.56 -3.00 4.02
N PRO A 103 -3.41 -2.93 5.36
CA PRO A 103 -3.66 -4.05 6.27
C PRO A 103 -5.02 -4.71 6.07
N ALA A 104 -5.09 -5.95 6.55
CA ALA A 104 -6.22 -6.85 6.41
C ALA A 104 -7.45 -6.26 7.09
N VAL A 105 -8.54 -6.15 6.33
CA VAL A 105 -9.83 -5.80 6.89
C VAL A 105 -10.24 -7.00 7.76
N MET A 106 -10.40 -6.77 9.07
CA MET A 106 -10.83 -7.78 10.02
C MET A 106 -12.00 -7.28 10.88
N PRO A 107 -13.24 -7.32 10.35
CA PRO A 107 -14.46 -7.10 11.14
C PRO A 107 -14.46 -8.07 12.32
N ASP A 108 -15.28 -7.81 13.34
CA ASP A 108 -15.21 -8.52 14.61
C ASP A 108 -15.32 -10.04 14.48
N VAL A 109 -16.14 -10.57 13.57
CA VAL A 109 -16.22 -12.03 13.36
C VAL A 109 -14.91 -12.56 12.78
N LYS A 110 -14.29 -11.83 11.84
CA LYS A 110 -13.01 -12.24 11.24
C LYS A 110 -11.93 -12.23 12.32
N GLU A 111 -11.91 -11.21 13.16
CA GLU A 111 -10.93 -11.09 14.24
C GLU A 111 -11.14 -12.22 15.26
N LYS A 112 -12.40 -12.54 15.61
CA LYS A 112 -12.71 -13.63 16.55
C LYS A 112 -12.08 -14.91 16.06
N VAL A 113 -12.39 -15.33 14.83
CA VAL A 113 -11.83 -16.57 14.32
C VAL A 113 -10.30 -16.47 14.26
N ALA A 114 -9.73 -15.34 13.81
CA ALA A 114 -8.30 -15.23 13.64
C ALA A 114 -7.55 -15.40 14.98
N GLU A 115 -8.00 -14.71 16.04
CA GLU A 115 -7.32 -14.78 17.33
C GLU A 115 -7.52 -16.17 17.95
N LEU A 116 -8.74 -16.71 17.89
CA LEU A 116 -9.04 -18.06 18.36
C LEU A 116 -8.10 -19.07 17.71
N LEU A 117 -7.89 -18.97 16.39
CA LEU A 117 -6.95 -19.84 15.71
C LEU A 117 -5.52 -19.66 16.24
N GLY A 118 -5.10 -18.42 16.47
CA GLY A 118 -3.77 -18.11 16.98
C GLY A 118 -3.47 -18.81 18.31
N LYS A 119 -4.47 -18.97 19.18
CA LYS A 119 -4.28 -19.58 20.51
C LYS A 119 -4.05 -21.11 20.47
N TYR A 120 -4.19 -21.78 19.32
CA TYR A 120 -4.20 -23.25 19.26
C TYR A 120 -3.22 -23.77 18.21
N SER A 121 -2.14 -24.43 18.66
CA SER A 121 -1.22 -25.17 17.79
C SER A 121 -1.92 -26.36 17.10
N SER A 122 -2.91 -26.96 17.78
CA SER A 122 -3.81 -28.00 17.25
C SER A 122 -4.76 -27.46 16.16
N GLY A 123 -4.75 -26.15 15.90
CA GLY A 123 -5.76 -25.52 15.08
C GLY A 123 -7.09 -25.68 15.83
N LEU A 124 -8.19 -25.53 15.12
CA LEU A 124 -9.51 -25.86 15.65
C LEU A 124 -10.13 -26.76 14.61
N TRP A 125 -10.63 -27.91 15.06
CA TRP A 125 -11.35 -28.86 14.21
C TRP A 125 -12.74 -28.30 13.90
N ALA A 126 -13.40 -28.80 12.86
CA ALA A 126 -14.66 -28.23 12.37
C ALA A 126 -15.74 -28.06 13.45
N SER A 127 -15.81 -28.97 14.43
CA SER A 127 -16.75 -28.90 15.54
C SER A 127 -16.15 -28.13 16.73
N ALA A 128 -14.84 -28.28 16.95
CA ALA A 128 -14.12 -27.57 18.01
C ALA A 128 -14.14 -26.06 17.76
N LEU A 129 -14.15 -25.60 16.52
CA LEU A 129 -14.17 -24.18 16.17
C LEU A 129 -15.41 -23.49 16.76
N PRO A 130 -16.66 -23.89 16.45
CA PRO A 130 -17.84 -23.29 17.07
C PRO A 130 -17.87 -23.49 18.58
N LYS A 131 -17.48 -24.67 19.09
CA LYS A 131 -17.48 -24.91 20.54
C LYS A 131 -16.55 -23.91 21.25
N ALA A 132 -15.34 -23.73 20.75
CA ALA A 132 -14.36 -22.79 21.30
C ALA A 132 -14.80 -21.34 21.12
N PHE A 133 -15.45 -21.02 20.00
CA PHE A 133 -16.02 -19.71 19.70
C PHE A 133 -16.94 -19.27 20.83
N GLU A 134 -17.95 -20.10 21.11
CA GLU A 134 -19.00 -19.75 22.06
C GLU A 134 -18.42 -19.70 23.48
N ASP A 135 -17.51 -20.64 23.80
CA ASP A 135 -16.88 -20.70 25.11
C ASP A 135 -16.00 -19.47 25.38
N MET A 136 -15.25 -19.03 24.37
CA MET A 136 -14.25 -18.00 24.58
C MET A 136 -14.90 -16.62 24.62
N TYR A 137 -15.77 -16.35 23.65
CA TYR A 137 -16.35 -15.03 23.48
C TYR A 137 -17.72 -14.89 24.19
N LYS A 138 -18.18 -15.94 24.89
CA LYS A 138 -19.46 -16.01 25.61
C LYS A 138 -20.64 -15.43 24.79
N VAL A 139 -20.76 -15.89 23.54
CA VAL A 139 -21.79 -15.46 22.60
C VAL A 139 -22.44 -16.67 21.94
N LYS A 140 -23.72 -16.53 21.56
CA LYS A 140 -24.45 -17.48 20.72
C LYS A 140 -24.52 -16.78 19.36
N PHE A 141 -23.56 -17.12 18.51
CA PHE A 141 -23.29 -16.45 17.24
C PHE A 141 -24.46 -16.53 16.25
N PRO A 142 -24.52 -15.60 15.29
CA PRO A 142 -25.41 -15.74 14.14
C PRO A 142 -24.80 -16.93 13.39
N GLU A 143 -25.60 -17.90 12.96
CA GLU A 143 -25.08 -19.16 12.46
C GLU A 143 -24.22 -19.04 11.20
N ASP A 144 -24.41 -18.01 10.37
CA ASP A 144 -23.50 -17.72 9.26
C ASP A 144 -22.06 -17.56 9.76
N ALA A 145 -21.87 -16.89 10.90
CA ALA A 145 -20.55 -16.60 11.45
C ALA A 145 -19.79 -17.88 11.84
N LEU A 146 -20.49 -18.97 12.21
CA LEU A 146 -19.83 -20.24 12.56
C LEU A 146 -19.88 -21.29 11.45
N LYS A 147 -20.82 -21.23 10.49
CA LYS A 147 -20.99 -22.29 9.50
C LYS A 147 -20.56 -21.90 8.10
N ASN A 148 -20.31 -20.61 7.84
CA ASN A 148 -19.80 -20.14 6.55
C ASN A 148 -18.30 -20.46 6.43
N LEU A 149 -17.99 -21.74 6.19
CA LEU A 149 -16.63 -22.28 6.13
C LEU A 149 -15.71 -21.46 5.21
N ALA A 150 -16.25 -20.83 4.16
CA ALA A 150 -15.47 -20.05 3.21
C ALA A 150 -14.89 -18.78 3.82
N SER A 151 -15.68 -18.01 4.58
CA SER A 151 -15.17 -16.81 5.25
C SER A 151 -14.09 -17.22 6.26
N LEU A 152 -14.31 -18.35 6.95
CA LEU A 152 -13.30 -18.89 7.85
C LEU A 152 -12.06 -19.30 7.05
N SER A 153 -12.22 -19.82 5.84
CA SER A 153 -11.12 -20.14 4.93
C SER A 153 -10.39 -18.88 4.42
N ASP A 154 -11.00 -17.70 4.46
CA ASP A 154 -10.29 -16.46 4.17
C ASP A 154 -9.33 -16.15 5.32
N VAL A 155 -9.80 -16.29 6.58
CA VAL A 155 -8.96 -15.94 7.74
C VAL A 155 -8.06 -17.10 8.21
N CYS A 156 -8.28 -18.33 7.75
CA CYS A 156 -7.63 -19.53 8.26
C CYS A 156 -7.30 -20.47 7.09
N THR A 157 -6.27 -21.31 7.26
CA THR A 157 -6.02 -22.40 6.33
C THR A 157 -7.10 -23.40 6.71
N ILE A 158 -7.87 -23.91 5.75
CA ILE A 158 -8.77 -25.02 6.01
C ILE A 158 -8.25 -26.17 5.16
N ASN A 159 -8.14 -27.33 5.80
CA ASN A 159 -7.58 -28.54 5.24
C ASN A 159 -8.44 -29.68 5.78
N TYR A 160 -8.63 -30.71 4.97
CA TYR A 160 -9.54 -31.79 5.27
C TYR A 160 -8.78 -33.00 5.79
N ILE A 161 -9.48 -33.81 6.56
CA ILE A 161 -8.95 -34.91 7.33
C ILE A 161 -9.91 -36.09 7.08
N SER A 162 -9.41 -37.32 7.24
CA SER A 162 -10.17 -38.56 7.09
C SER A 162 -10.72 -38.79 5.67
N GLY A 163 -10.28 -37.99 4.69
CA GLY A 163 -10.61 -38.11 3.27
C GLY A 163 -10.30 -36.78 2.58
N ASN A 164 -10.58 -36.71 1.28
CA ASN A 164 -10.34 -35.51 0.45
C ASN A 164 -11.06 -34.28 1.00
N THR A 165 -12.27 -34.49 1.51
CA THR A 165 -13.23 -33.45 1.90
C THR A 165 -14.17 -34.04 2.96
N GLN A 166 -13.65 -34.93 3.84
CA GLN A 166 -14.53 -35.72 4.72
C GLN A 166 -14.85 -34.98 6.01
N LYS A 167 -13.82 -34.53 6.74
CA LYS A 167 -13.96 -33.66 7.91
C LYS A 167 -12.94 -32.55 7.75
N ALA A 168 -13.02 -31.46 8.50
CA ALA A 168 -12.21 -30.26 8.27
C ALA A 168 -11.47 -29.86 9.53
N ILE A 169 -10.37 -29.15 9.32
CA ILE A 169 -9.52 -28.54 10.32
C ILE A 169 -9.36 -27.10 9.88
N LEU A 170 -9.06 -26.22 10.83
CA LEU A 170 -8.66 -24.86 10.57
C LEU A 170 -7.29 -24.66 11.24
N TYR A 171 -6.39 -23.92 10.60
CA TYR A 171 -5.13 -23.44 11.17
C TYR A 171 -5.05 -21.93 10.91
N ALA A 172 -4.25 -21.18 11.68
CA ALA A 172 -4.11 -19.74 11.50
C ALA A 172 -3.49 -19.42 10.13
N LYS A 173 -3.95 -18.32 9.51
CA LYS A 173 -3.35 -17.78 8.27
C LYS A 173 -2.93 -16.30 8.42
N LEU A 174 -3.41 -15.61 9.47
CA LEU A 174 -3.15 -14.20 9.81
C LEU A 174 -2.88 -13.32 8.56
N PRO A 175 -3.91 -13.10 7.70
CA PRO A 175 -3.78 -12.50 6.37
C PRO A 175 -2.76 -11.35 6.25
N LEU A 176 -2.99 -10.22 6.92
CA LEU A 176 -2.14 -9.03 6.92
C LEU A 176 -2.53 -8.03 8.03
N PRO A 177 -2.83 -8.42 9.28
CA PRO A 177 -3.24 -7.49 10.35
C PRO A 177 -2.06 -6.67 10.91
N THR A 178 -0.92 -6.66 10.23
CA THR A 178 0.31 -6.08 10.72
C THR A 178 0.15 -4.56 10.85
N ASP A 179 0.34 -4.01 12.05
CA ASP A 179 0.14 -2.59 12.34
C ASP A 179 0.97 -2.08 13.53
N LYS A 180 1.28 -2.96 14.49
CA LYS A 180 2.11 -2.69 15.67
C LYS A 180 3.06 -3.88 15.82
N GLY A 1 36.56 4.44 28.43
CA GLY A 1 37.33 5.71 28.55
C GLY A 1 36.42 6.88 28.91
N HIS A 2 36.84 7.73 29.86
CA HIS A 2 36.02 8.82 30.40
C HIS A 2 35.60 9.85 29.34
N MET A 3 36.34 9.96 28.23
CA MET A 3 36.01 10.85 27.13
C MET A 3 34.65 10.51 26.49
N ASP A 4 34.13 9.30 26.67
CA ASP A 4 32.77 8.92 26.28
C ASP A 4 31.73 9.78 27.00
N GLU A 5 32.00 10.17 28.25
CA GLU A 5 31.12 11.02 29.03
C GLU A 5 31.17 12.46 28.51
N VAL A 6 32.34 12.93 28.06
CA VAL A 6 32.50 14.29 27.56
C VAL A 6 31.72 14.38 26.24
N GLN A 7 31.95 13.42 25.35
CA GLN A 7 31.18 13.20 24.13
C GLN A 7 29.68 13.28 24.43
N ASN A 8 29.17 12.38 25.28
CA ASN A 8 27.73 12.27 25.42
C ASN A 8 27.14 13.52 26.07
N ARG A 9 27.87 14.29 26.90
CA ARG A 9 27.25 15.49 27.49
C ARG A 9 27.17 16.61 26.47
N ILE A 10 28.08 16.71 25.49
CA ILE A 10 27.90 17.73 24.46
C ILE A 10 26.70 17.38 23.57
N LYS A 11 26.53 16.12 23.14
CA LYS A 11 25.27 15.83 22.43
C LYS A 11 24.06 16.07 23.34
N GLU A 12 24.17 15.86 24.66
CA GLU A 12 23.07 16.15 25.57
C GLU A 12 22.70 17.64 25.50
N ILE A 13 23.61 18.60 25.74
CA ILE A 13 23.23 20.01 25.65
C ILE A 13 22.71 20.34 24.26
N LEU A 14 23.40 19.89 23.21
CA LEU A 14 23.00 20.24 21.86
C LEU A 14 21.63 19.65 21.51
N ASP A 15 21.21 18.56 22.14
CA ASP A 15 19.90 17.94 21.95
C ASP A 15 18.84 18.58 22.85
N LYS A 16 19.19 18.98 24.07
CA LYS A 16 18.33 19.79 24.95
C LYS A 16 18.03 21.14 24.29
N HIS A 17 18.96 21.63 23.47
CA HIS A 17 18.92 22.92 22.81
C HIS A 17 19.01 22.64 21.31
N ASN A 18 18.09 21.80 20.81
CA ASN A 18 18.09 21.20 19.47
C ASN A 18 18.33 22.16 18.31
N ASN A 19 17.97 23.44 18.49
CA ASN A 19 18.19 24.48 17.46
C ASN A 19 19.68 24.76 17.24
N GLY A 20 20.56 24.29 18.13
CA GLY A 20 22.02 24.40 18.07
C GLY A 20 22.53 25.52 18.99
N ILE A 21 23.86 25.59 19.16
CA ILE A 21 24.55 26.52 20.05
C ILE A 21 25.76 27.09 19.28
N TRP A 22 25.97 28.40 19.28
CA TRP A 22 27.15 29.04 18.67
C TRP A 22 28.42 28.56 19.38
N ILE A 23 29.53 28.33 18.64
CA ILE A 23 30.76 27.84 19.27
C ILE A 23 31.23 28.84 20.33
N SER A 24 31.09 30.16 20.09
CA SER A 24 31.46 31.17 21.07
C SER A 24 30.59 31.14 22.33
N LYS A 25 29.35 30.64 22.27
CA LYS A 25 28.47 30.58 23.46
C LYS A 25 28.39 29.19 24.08
N LEU A 26 28.82 28.13 23.39
CA LEU A 26 28.97 26.79 23.98
C LEU A 26 29.79 26.73 25.27
N PRO A 27 30.91 27.46 25.47
CA PRO A 27 31.59 27.48 26.76
C PRO A 27 30.68 28.00 27.88
N HIS A 28 29.91 29.07 27.64
CA HIS A 28 28.90 29.57 28.58
C HIS A 28 27.88 28.48 28.85
N PHE A 29 27.36 27.85 27.80
CA PHE A 29 26.29 26.89 27.93
C PHE A 29 26.74 25.66 28.72
N TYR A 30 27.99 25.22 28.49
CA TYR A 30 28.62 24.13 29.23
C TYR A 30 28.81 24.53 30.69
N LYS A 31 29.35 25.72 30.96
CA LYS A 31 29.53 26.24 32.31
C LYS A 31 28.19 26.28 33.07
N GLU A 32 27.09 26.64 32.42
CA GLU A 32 25.79 26.67 33.07
C GLU A 32 25.32 25.26 33.41
N PHE A 33 25.50 24.30 32.50
CA PHE A 33 24.88 23.00 32.66
C PHE A 33 25.70 22.08 33.57
N TYR A 34 27.04 22.15 33.48
CA TYR A 34 27.96 21.19 34.12
C TYR A 34 28.92 21.84 35.12
N LYS A 35 28.77 23.14 35.33
CA LYS A 35 29.45 23.92 36.39
C LYS A 35 30.97 23.83 36.27
N GLU A 36 31.48 23.83 35.04
CA GLU A 36 32.86 23.57 34.73
C GLU A 36 33.29 24.45 33.56
N ASP A 37 34.55 24.86 33.57
CA ASP A 37 35.15 25.69 32.54
C ASP A 37 35.58 24.80 31.37
N LEU A 38 34.82 24.85 30.29
CA LEU A 38 35.10 24.13 29.05
C LEU A 38 36.48 24.53 28.53
N ASN A 39 37.41 23.56 28.43
CA ASN A 39 38.74 23.79 27.88
C ASN A 39 38.66 24.08 26.37
N GLN A 40 39.59 24.86 25.82
CA GLN A 40 39.58 25.18 24.38
C GLN A 40 39.81 23.94 23.50
N GLY A 41 40.45 22.88 24.00
CA GLY A 41 40.74 21.67 23.24
C GLY A 41 39.48 20.85 22.96
N VAL A 42 38.46 20.98 23.81
CA VAL A 42 37.21 20.29 23.53
C VAL A 42 36.59 20.89 22.26
N LEU A 43 36.83 22.17 21.93
CA LEU A 43 36.36 22.77 20.68
C LEU A 43 36.88 22.03 19.45
N GLN A 44 38.15 21.64 19.41
CA GLN A 44 38.65 20.88 18.26
C GLN A 44 38.07 19.45 18.27
N GLN A 45 37.78 18.88 19.45
CA GLN A 45 37.00 17.64 19.51
C GLN A 45 35.67 17.82 18.79
N PHE A 46 34.96 18.92 19.04
CA PHE A 46 33.64 19.17 18.47
C PHE A 46 33.72 19.23 16.95
N GLU A 47 34.79 19.85 16.42
CA GLU A 47 35.00 19.96 14.98
C GLU A 47 35.17 18.58 14.34
N HIS A 48 35.91 17.66 14.98
CA HIS A 48 36.12 16.33 14.39
C HIS A 48 35.00 15.34 14.65
N TRP A 49 34.21 15.48 15.74
CA TRP A 49 33.25 14.48 16.18
C TRP A 49 32.15 14.29 15.12
N PRO A 50 32.03 13.11 14.47
CA PRO A 50 30.98 12.86 13.49
C PRO A 50 29.65 12.46 14.16
N HIS A 51 29.67 11.98 15.40
CA HIS A 51 28.50 11.35 16.04
C HIS A 51 28.09 12.05 17.34
N ILE A 52 28.69 13.20 17.65
CA ILE A 52 28.21 14.05 18.76
C ILE A 52 27.47 15.25 18.18
N CYS A 53 27.98 15.81 17.08
CA CYS A 53 27.50 17.07 16.57
C CYS A 53 27.90 17.29 15.11
N THR A 54 27.47 18.43 14.58
CA THR A 54 27.90 18.98 13.29
C THR A 54 28.18 20.47 13.52
N VAL A 55 29.36 20.94 13.14
CA VAL A 55 29.67 22.35 13.09
C VAL A 55 29.13 22.84 11.74
N GLU A 56 28.45 23.98 11.72
CA GLU A 56 27.87 24.53 10.50
C GLU A 56 28.02 26.05 10.48
N LYS A 57 28.19 26.63 9.30
CA LYS A 57 28.13 28.07 9.06
C LYS A 57 26.88 28.38 8.23
N PRO A 58 25.66 28.18 8.78
CA PRO A 58 24.41 28.23 8.01
C PRO A 58 24.11 29.60 7.40
N CYS A 59 24.71 30.69 7.91
CA CYS A 59 24.56 32.02 7.32
C CYS A 59 25.28 32.15 5.96
N GLY A 60 26.19 31.22 5.63
CA GLY A 60 26.86 31.13 4.33
C GLY A 60 28.38 31.25 4.47
N GLY A 61 28.85 32.04 5.44
CA GLY A 61 30.28 32.30 5.64
C GLY A 61 30.48 33.20 6.86
N GLY A 62 29.82 32.89 7.96
CA GLY A 62 29.83 33.71 9.17
C GLY A 62 31.20 33.70 9.87
N GLN A 63 31.37 34.63 10.82
CA GLN A 63 32.59 34.77 11.62
C GLN A 63 32.63 33.74 12.77
N ASP A 64 31.58 32.94 12.94
CA ASP A 64 31.51 31.84 13.91
C ASP A 64 30.57 30.79 13.31
N SER A 65 30.35 29.68 14.01
CA SER A 65 29.63 28.52 13.51
C SER A 65 28.63 28.06 14.58
N LEU A 66 27.67 27.22 14.21
CA LEU A 66 26.71 26.65 15.13
C LEU A 66 26.99 25.17 15.24
N LEU A 67 26.99 24.69 16.47
CA LEU A 67 27.03 23.28 16.78
C LEU A 67 25.59 22.82 16.79
N TYR A 68 25.25 21.93 15.88
CA TYR A 68 23.99 21.22 15.86
C TYR A 68 24.22 19.84 16.48
N PRO A 69 23.22 19.23 17.11
CA PRO A 69 23.34 17.91 17.73
C PRO A 69 23.54 16.78 16.70
N ALA A 70 23.92 15.60 17.19
CA ALA A 70 24.03 14.37 16.43
C ALA A 70 22.76 13.92 15.67
N ARG A 71 21.63 14.59 15.80
CA ARG A 71 20.47 14.33 14.92
C ARG A 71 20.84 14.56 13.45
N ARG A 72 21.89 15.34 13.18
CA ARG A 72 22.48 15.52 11.86
C ARG A 72 23.25 14.29 11.35
N GLU A 73 23.34 13.18 12.10
CA GLU A 73 24.01 11.96 11.65
C GLU A 73 23.46 11.51 10.28
N GLN A 74 24.35 10.99 9.43
CA GLN A 74 24.09 10.50 8.07
C GLN A 74 22.98 11.29 7.31
N PRO A 75 23.28 12.48 6.78
CA PRO A 75 22.35 13.20 5.92
C PRO A 75 22.14 12.44 4.60
N LEU A 76 21.05 12.75 3.89
CA LEU A 76 20.80 12.29 2.53
C LEU A 76 21.61 13.16 1.57
N LYS A 77 22.85 12.75 1.26
CA LYS A 77 23.70 13.48 0.31
C LYS A 77 23.07 13.48 -1.08
N SER A 78 22.43 12.37 -1.46
CA SER A 78 21.69 12.20 -2.71
C SER A 78 20.32 12.89 -2.60
N ASP A 79 20.29 14.21 -2.39
CA ASP A 79 19.04 14.93 -2.18
C ASP A 79 18.09 14.83 -3.38
N GLN A 80 18.64 14.70 -4.59
CA GLN A 80 17.90 14.53 -5.83
C GLN A 80 17.40 13.08 -6.01
N ASP A 81 17.67 12.15 -5.08
CA ASP A 81 17.34 10.73 -5.24
C ASP A 81 15.90 10.45 -5.72
N PRO A 82 14.84 11.09 -5.18
CA PRO A 82 13.45 10.98 -5.64
C PRO A 82 13.15 11.44 -7.09
N GLU A 83 14.18 11.63 -7.90
CA GLU A 83 14.10 12.06 -9.29
C GLU A 83 15.23 11.36 -10.04
N LYS A 84 16.44 11.36 -9.47
CA LYS A 84 17.69 10.81 -10.00
C LYS A 84 17.57 9.34 -10.40
N GLU A 85 16.65 8.59 -9.78
CA GLU A 85 16.26 7.24 -10.18
C GLU A 85 15.92 7.17 -11.68
N LEU A 86 15.39 8.28 -12.21
CA LEU A 86 14.87 8.53 -13.53
C LEU A 86 14.22 7.29 -14.17
N PRO A 87 13.19 6.69 -13.55
CA PRO A 87 12.61 5.42 -14.00
C PRO A 87 11.81 5.59 -15.30
N PRO A 88 11.59 4.50 -16.06
CA PRO A 88 10.66 4.51 -17.20
C PRO A 88 9.21 4.68 -16.70
N PRO A 89 8.29 5.15 -17.56
CA PRO A 89 6.88 5.27 -17.21
C PRO A 89 6.24 3.88 -17.01
N PRO A 90 5.18 3.76 -16.21
CA PRO A 90 4.43 2.51 -16.06
C PRO A 90 3.64 2.19 -17.34
N PRO A 91 3.18 0.94 -17.52
CA PRO A 91 2.33 0.58 -18.65
C PRO A 91 0.97 1.31 -18.61
N ALA A 92 0.49 1.64 -17.40
CA ALA A 92 -0.65 2.50 -17.16
C ALA A 92 -0.43 3.19 -15.80
N PRO A 93 -0.77 4.49 -15.62
CA PRO A 93 -0.61 5.22 -14.36
C PRO A 93 -1.23 4.51 -13.13
N LYS A 94 -2.30 3.73 -13.33
CA LYS A 94 -2.98 3.00 -12.25
C LYS A 94 -2.11 1.90 -11.61
N GLN A 95 -0.96 1.55 -12.20
CA GLN A 95 -0.03 0.59 -11.60
C GLN A 95 0.64 1.23 -10.37
N GLU A 96 0.03 1.08 -9.20
CA GLU A 96 0.62 1.44 -7.92
C GLU A 96 1.81 0.51 -7.63
N VAL A 97 2.69 0.92 -6.71
CA VAL A 97 3.81 0.11 -6.23
C VAL A 97 3.22 -1.17 -5.56
N PRO A 98 3.80 -2.37 -5.77
CA PRO A 98 3.31 -3.60 -5.16
C PRO A 98 3.22 -3.58 -3.63
N SER A 99 4.13 -2.87 -2.95
CA SER A 99 4.23 -2.78 -1.51
C SER A 99 2.92 -2.29 -0.86
N GLN A 100 2.67 -2.72 0.38
CA GLN A 100 1.44 -2.44 1.12
C GLN A 100 1.78 -1.85 2.50
N GLY A 101 0.81 -1.17 3.11
CA GLY A 101 0.98 -0.51 4.40
C GLY A 101 -0.32 0.15 4.84
N SER A 102 -1.43 -0.59 4.75
CA SER A 102 -2.78 -0.08 4.92
C SER A 102 -3.63 -1.07 5.74
N PRO A 103 -4.72 -0.63 6.39
CA PRO A 103 -5.62 -1.51 7.11
C PRO A 103 -6.39 -2.44 6.17
N ALA A 104 -6.97 -3.49 6.75
CA ALA A 104 -7.55 -4.61 6.05
C ALA A 104 -9.01 -4.85 6.45
N VAL A 105 -9.73 -5.61 5.62
CA VAL A 105 -11.05 -6.13 5.93
C VAL A 105 -10.89 -7.28 6.95
N MET A 106 -10.77 -6.92 8.22
CA MET A 106 -10.63 -7.83 9.36
C MET A 106 -11.69 -7.47 10.42
N PRO A 107 -13.00 -7.53 10.07
CA PRO A 107 -14.08 -7.17 10.99
C PRO A 107 -14.21 -8.15 12.16
N ASP A 108 -15.13 -7.86 13.08
CA ASP A 108 -15.30 -8.54 14.37
C ASP A 108 -15.29 -10.06 14.29
N VAL A 109 -16.07 -10.67 13.38
CA VAL A 109 -16.10 -12.13 13.28
C VAL A 109 -14.74 -12.63 12.77
N LYS A 110 -14.13 -11.95 11.80
CA LYS A 110 -12.83 -12.36 11.27
C LYS A 110 -11.80 -12.29 12.39
N GLU A 111 -11.84 -11.26 13.23
CA GLU A 111 -10.96 -11.10 14.37
C GLU A 111 -11.20 -12.23 15.39
N LYS A 112 -12.46 -12.57 15.70
CA LYS A 112 -12.75 -13.64 16.67
C LYS A 112 -12.09 -14.92 16.25
N VAL A 113 -12.31 -15.31 14.98
CA VAL A 113 -11.70 -16.49 14.40
C VAL A 113 -10.18 -16.37 14.45
N ALA A 114 -9.60 -15.26 13.98
CA ALA A 114 -8.16 -15.11 13.85
C ALA A 114 -7.45 -15.23 15.21
N GLU A 115 -7.98 -14.58 16.25
CA GLU A 115 -7.45 -14.67 17.61
C GLU A 115 -7.61 -16.08 18.15
N LEU A 116 -8.78 -16.70 17.95
CA LEU A 116 -9.07 -18.06 18.39
C LEU A 116 -8.08 -19.03 17.77
N LEU A 117 -7.81 -18.92 16.47
CA LEU A 117 -6.82 -19.75 15.80
C LEU A 117 -5.42 -19.49 16.36
N GLY A 118 -5.05 -18.22 16.58
CA GLY A 118 -3.76 -17.84 17.13
C GLY A 118 -3.48 -18.51 18.49
N LYS A 119 -4.52 -18.69 19.31
CA LYS A 119 -4.41 -19.26 20.66
C LYS A 119 -4.27 -20.79 20.67
N TYR A 120 -4.30 -21.48 19.53
CA TYR A 120 -4.40 -22.94 19.47
C TYR A 120 -3.39 -23.52 18.46
N SER A 121 -2.30 -24.10 18.96
CA SER A 121 -1.34 -24.85 18.16
C SER A 121 -1.98 -26.09 17.51
N SER A 122 -2.99 -26.67 18.15
CA SER A 122 -3.83 -27.76 17.64
C SER A 122 -4.74 -27.32 16.47
N GLY A 123 -4.75 -26.03 16.14
CA GLY A 123 -5.73 -25.47 15.24
C GLY A 123 -7.09 -25.59 15.93
N LEU A 124 -8.16 -25.42 15.18
CA LEU A 124 -9.50 -25.73 15.66
C LEU A 124 -10.10 -26.64 14.61
N TRP A 125 -10.53 -27.81 15.02
CA TRP A 125 -11.21 -28.77 14.17
C TRP A 125 -12.61 -28.26 13.88
N ALA A 126 -13.29 -28.81 12.86
CA ALA A 126 -14.57 -28.30 12.38
C ALA A 126 -15.63 -28.16 13.49
N SER A 127 -15.63 -29.06 14.47
CA SER A 127 -16.54 -29.00 15.62
C SER A 127 -15.95 -28.18 16.78
N ALA A 128 -14.63 -28.26 16.96
CA ALA A 128 -13.94 -27.50 18.01
C ALA A 128 -13.99 -26.00 17.74
N LEU A 129 -14.03 -25.56 16.47
CA LEU A 129 -14.11 -24.14 16.11
C LEU A 129 -15.35 -23.51 16.73
N PRO A 130 -16.61 -23.95 16.45
CA PRO A 130 -17.79 -23.39 17.08
C PRO A 130 -17.79 -23.60 18.60
N LYS A 131 -17.38 -24.77 19.12
CA LYS A 131 -17.39 -24.98 20.58
C LYS A 131 -16.47 -23.97 21.28
N ALA A 132 -15.24 -23.78 20.78
CA ALA A 132 -14.29 -22.84 21.35
C ALA A 132 -14.77 -21.39 21.19
N PHE A 133 -15.39 -21.07 20.05
CA PHE A 133 -15.99 -19.78 19.77
C PHE A 133 -16.94 -19.40 20.90
N GLU A 134 -17.95 -20.24 21.12
CA GLU A 134 -19.05 -19.94 22.04
C GLU A 134 -18.52 -19.93 23.48
N ASP A 135 -17.61 -20.84 23.81
CA ASP A 135 -17.00 -20.91 25.14
C ASP A 135 -16.17 -19.66 25.45
N MET A 136 -15.36 -19.22 24.49
CA MET A 136 -14.37 -18.18 24.73
C MET A 136 -15.00 -16.79 24.71
N TYR A 137 -15.90 -16.54 23.76
CA TYR A 137 -16.51 -15.23 23.59
C TYR A 137 -17.87 -15.13 24.31
N LYS A 138 -18.31 -16.21 25.00
CA LYS A 138 -19.61 -16.32 25.69
C LYS A 138 -20.76 -15.73 24.86
N VAL A 139 -20.75 -16.06 23.58
CA VAL A 139 -21.61 -15.45 22.56
C VAL A 139 -22.35 -16.59 21.85
N LYS A 140 -23.65 -16.40 21.60
CA LYS A 140 -24.46 -17.27 20.75
C LYS A 140 -24.39 -16.66 19.36
N PHE A 141 -23.46 -17.17 18.55
CA PHE A 141 -23.15 -16.64 17.23
C PHE A 141 -24.31 -16.78 16.23
N PRO A 142 -24.38 -15.88 15.22
CA PRO A 142 -25.26 -16.09 14.08
C PRO A 142 -24.63 -17.27 13.33
N GLU A 143 -25.42 -18.21 12.81
CA GLU A 143 -24.83 -19.45 12.30
C GLU A 143 -23.95 -19.23 11.08
N ASP A 144 -24.20 -18.20 10.28
CA ASP A 144 -23.31 -17.80 9.18
C ASP A 144 -21.87 -17.61 9.69
N ALA A 145 -21.72 -17.02 10.88
CA ALA A 145 -20.40 -16.72 11.44
C ALA A 145 -19.61 -17.99 11.77
N LEU A 146 -20.28 -19.10 12.13
CA LEU A 146 -19.62 -20.36 12.45
C LEU A 146 -19.71 -21.43 11.36
N LYS A 147 -20.62 -21.33 10.38
CA LYS A 147 -20.81 -22.36 9.34
C LYS A 147 -20.43 -21.87 7.94
N ASN A 148 -20.18 -20.58 7.72
CA ASN A 148 -19.69 -20.08 6.44
C ASN A 148 -18.18 -20.32 6.38
N LEU A 149 -17.76 -21.58 6.19
CA LEU A 149 -16.36 -21.98 6.26
C LEU A 149 -15.49 -21.23 5.25
N ALA A 150 -16.04 -20.62 4.20
CA ALA A 150 -15.25 -19.82 3.26
C ALA A 150 -14.64 -18.58 3.91
N SER A 151 -15.42 -17.82 4.69
CA SER A 151 -14.89 -16.66 5.41
C SER A 151 -13.85 -17.12 6.43
N LEU A 152 -14.11 -18.27 7.05
CA LEU A 152 -13.14 -18.88 7.95
C LEU A 152 -11.90 -19.28 7.15
N SER A 153 -12.03 -19.73 5.90
CA SER A 153 -10.91 -20.02 5.02
C SER A 153 -10.17 -18.74 4.56
N ASP A 154 -10.78 -17.57 4.67
CA ASP A 154 -10.07 -16.31 4.42
C ASP A 154 -9.10 -16.04 5.57
N VAL A 155 -9.54 -16.22 6.83
CA VAL A 155 -8.66 -16.00 7.99
C VAL A 155 -7.84 -17.23 8.41
N CYS A 156 -8.14 -18.43 7.90
CA CYS A 156 -7.55 -19.69 8.34
C CYS A 156 -7.21 -20.57 7.15
N THR A 157 -6.20 -21.42 7.28
CA THR A 157 -5.95 -22.47 6.31
C THR A 157 -7.03 -23.49 6.68
N ILE A 158 -7.85 -23.94 5.72
CA ILE A 158 -8.74 -25.06 5.94
C ILE A 158 -8.19 -26.20 5.09
N ASN A 159 -8.10 -27.34 5.75
CA ASN A 159 -7.54 -28.58 5.25
C ASN A 159 -8.43 -29.67 5.84
N TYR A 160 -8.46 -30.86 5.24
CA TYR A 160 -9.43 -31.89 5.54
C TYR A 160 -8.76 -33.19 5.97
N ILE A 161 -9.53 -34.04 6.63
CA ILE A 161 -9.11 -35.33 7.15
C ILE A 161 -10.25 -36.32 6.87
N SER A 162 -9.98 -37.62 7.00
CA SER A 162 -10.92 -38.72 6.79
C SER A 162 -11.51 -38.78 5.36
N GLY A 163 -10.96 -38.02 4.41
CA GLY A 163 -11.35 -37.96 3.02
C GLY A 163 -10.78 -36.72 2.37
N ASN A 164 -11.05 -36.52 1.07
CA ASN A 164 -10.64 -35.32 0.34
C ASN A 164 -11.28 -34.07 0.96
N THR A 165 -12.56 -34.18 1.33
CA THR A 165 -13.43 -33.10 1.79
C THR A 165 -14.53 -33.76 2.63
N GLN A 166 -14.21 -34.19 3.86
CA GLN A 166 -15.11 -35.00 4.69
C GLN A 166 -15.13 -34.45 6.12
N LYS A 167 -13.99 -34.45 6.80
CA LYS A 167 -13.78 -33.77 8.08
C LYS A 167 -12.87 -32.58 7.76
N ALA A 168 -12.94 -31.47 8.50
CA ALA A 168 -12.15 -30.27 8.25
C ALA A 168 -11.41 -29.86 9.52
N ILE A 169 -10.31 -29.15 9.33
CA ILE A 169 -9.41 -28.59 10.32
C ILE A 169 -9.23 -27.14 9.89
N LEU A 170 -9.00 -26.24 10.84
CA LEU A 170 -8.60 -24.88 10.60
C LEU A 170 -7.25 -24.67 11.28
N TYR A 171 -6.31 -24.00 10.61
CA TYR A 171 -5.05 -23.53 11.17
C TYR A 171 -4.98 -22.01 10.92
N ALA A 172 -4.18 -21.26 11.66
CA ALA A 172 -4.06 -19.81 11.46
C ALA A 172 -3.52 -19.50 10.05
N LYS A 173 -4.05 -18.44 9.41
CA LYS A 173 -3.51 -17.90 8.15
C LYS A 173 -3.18 -16.40 8.29
N LEU A 174 -3.89 -15.68 9.18
CA LEU A 174 -3.66 -14.28 9.54
C LEU A 174 -3.30 -13.40 8.32
N PRO A 175 -4.27 -13.19 7.40
CA PRO A 175 -3.99 -12.57 6.09
C PRO A 175 -3.31 -11.20 6.20
N LEU A 176 -3.85 -10.31 7.04
CA LEU A 176 -3.39 -8.94 7.24
C LEU A 176 -3.48 -8.62 8.75
N PRO A 177 -2.82 -7.56 9.25
CA PRO A 177 -2.66 -7.30 10.68
C PRO A 177 -3.75 -6.40 11.27
N THR A 178 -4.91 -6.37 10.61
CA THR A 178 -6.03 -5.46 10.83
C THR A 178 -5.67 -4.00 10.51
N ASP A 179 -4.59 -3.46 11.09
CA ASP A 179 -4.05 -2.13 10.82
C ASP A 179 -2.55 -2.10 11.15
N LYS A 180 -2.18 -2.64 12.31
CA LYS A 180 -0.82 -2.75 12.81
C LYS A 180 -0.83 -3.84 13.89
N GLY A 1 39.64 31.72 -7.63
CA GLY A 1 39.26 32.37 -8.90
C GLY A 1 38.62 33.73 -8.67
N HIS A 2 39.12 34.79 -9.31
CA HIS A 2 38.70 36.17 -9.08
C HIS A 2 37.21 36.41 -9.30
N MET A 3 36.55 35.60 -10.15
CA MET A 3 35.12 35.71 -10.43
C MET A 3 34.27 35.50 -9.16
N ASP A 4 34.79 34.83 -8.13
CA ASP A 4 34.11 34.71 -6.83
C ASP A 4 34.00 36.07 -6.15
N GLU A 5 35.01 36.92 -6.30
CA GLU A 5 35.01 38.27 -5.74
C GLU A 5 34.04 39.16 -6.52
N VAL A 6 33.92 38.96 -7.85
CA VAL A 6 32.98 39.72 -8.67
C VAL A 6 31.55 39.37 -8.21
N GLN A 7 31.26 38.07 -8.17
CA GLN A 7 30.02 37.51 -7.66
C GLN A 7 29.64 38.17 -6.32
N ASN A 8 30.47 37.98 -5.30
CA ASN A 8 30.06 38.40 -3.97
C ASN A 8 30.00 39.92 -3.84
N ARG A 9 30.73 40.72 -4.65
CA ARG A 9 30.60 42.17 -4.53
C ARG A 9 29.29 42.65 -5.11
N ILE A 10 28.72 41.98 -6.11
CA ILE A 10 27.37 42.35 -6.55
C ILE A 10 26.36 41.98 -5.48
N LYS A 11 26.34 40.76 -4.92
CA LYS A 11 25.32 40.50 -3.90
C LYS A 11 25.52 41.44 -2.69
N GLU A 12 26.74 41.89 -2.41
CA GLU A 12 26.97 42.92 -1.40
C GLU A 12 26.25 44.22 -1.73
N ILE A 13 26.38 44.82 -2.93
CA ILE A 13 25.66 46.07 -3.21
C ILE A 13 24.16 45.81 -3.10
N LEU A 14 23.67 44.73 -3.70
CA LEU A 14 22.25 44.46 -3.72
C LEU A 14 21.70 44.23 -2.31
N ASP A 15 22.49 43.69 -1.39
CA ASP A 15 22.08 43.44 -0.01
C ASP A 15 22.22 44.69 0.86
N LYS A 16 23.29 45.47 0.66
CA LYS A 16 23.51 46.75 1.33
C LYS A 16 22.45 47.77 0.91
N HIS A 17 21.86 47.58 -0.28
CA HIS A 17 20.82 48.40 -0.87
C HIS A 17 19.63 47.47 -1.11
N ASN A 18 19.19 46.79 -0.04
CA ASN A 18 18.22 45.69 -0.02
C ASN A 18 16.94 45.88 -0.83
N ASN A 19 16.49 47.13 -1.01
CA ASN A 19 15.34 47.44 -1.87
C ASN A 19 15.56 47.08 -3.34
N GLY A 20 16.78 46.68 -3.72
CA GLY A 20 17.21 46.36 -5.07
C GLY A 20 17.71 47.60 -5.82
N ILE A 21 18.33 47.37 -6.99
CA ILE A 21 18.96 48.40 -7.81
C ILE A 21 18.46 48.20 -9.26
N TRP A 22 18.01 49.27 -9.93
CA TRP A 22 17.68 49.22 -11.36
C TRP A 22 18.92 48.88 -12.16
N ILE A 23 18.81 48.00 -13.16
CA ILE A 23 20.01 47.50 -13.84
C ILE A 23 20.72 48.63 -14.60
N SER A 24 20.01 49.61 -15.16
CA SER A 24 20.67 50.77 -15.74
C SER A 24 21.37 51.66 -14.70
N LYS A 25 20.96 51.64 -13.41
CA LYS A 25 21.66 52.41 -12.35
C LYS A 25 22.72 51.57 -11.63
N LEU A 26 22.69 50.24 -11.75
CA LEU A 26 23.70 49.32 -11.23
C LEU A 26 25.13 49.74 -11.59
N PRO A 27 25.51 50.03 -12.85
CA PRO A 27 26.88 50.38 -13.19
C PRO A 27 27.42 51.56 -12.40
N HIS A 28 26.66 52.65 -12.23
CA HIS A 28 27.15 53.78 -11.43
C HIS A 28 27.07 53.48 -9.95
N PHE A 29 26.13 52.65 -9.49
CA PHE A 29 26.12 52.21 -8.10
C PHE A 29 27.40 51.42 -7.78
N TYR A 30 27.80 50.54 -8.69
CA TYR A 30 29.02 49.76 -8.60
C TYR A 30 30.24 50.68 -8.62
N LYS A 31 30.28 51.65 -9.54
CA LYS A 31 31.35 52.65 -9.60
C LYS A 31 31.48 53.38 -8.26
N GLU A 32 30.37 53.81 -7.66
CA GLU A 32 30.42 54.51 -6.37
C GLU A 32 30.99 53.61 -5.29
N PHE A 33 30.61 52.33 -5.27
CA PHE A 33 30.93 51.47 -4.14
C PHE A 33 32.37 50.94 -4.23
N TYR A 34 32.85 50.60 -5.44
CA TYR A 34 34.10 49.89 -5.64
C TYR A 34 35.14 50.65 -6.48
N LYS A 35 34.78 51.82 -7.00
CA LYS A 35 35.66 52.69 -7.80
C LYS A 35 36.22 51.90 -8.99
N GLU A 36 35.35 51.13 -9.64
CA GLU A 36 35.66 50.27 -10.77
C GLU A 36 34.50 50.40 -11.76
N ASP A 37 34.82 50.30 -13.05
CA ASP A 37 33.84 50.37 -14.12
C ASP A 37 33.28 48.98 -14.36
N LEU A 38 32.01 48.77 -14.01
CA LEU A 38 31.31 47.53 -14.30
C LEU A 38 31.33 47.28 -15.81
N ASN A 39 31.93 46.17 -16.23
CA ASN A 39 31.89 45.74 -17.63
C ASN A 39 30.46 45.32 -17.98
N GLN A 40 29.98 45.59 -19.19
CA GLN A 40 28.63 45.17 -19.60
C GLN A 40 28.44 43.64 -19.56
N GLY A 41 29.50 42.84 -19.62
CA GLY A 41 29.43 41.39 -19.50
C GLY A 41 28.98 40.93 -18.12
N VAL A 42 29.16 41.75 -17.07
CA VAL A 42 28.69 41.34 -15.76
C VAL A 42 27.14 41.33 -15.79
N LEU A 43 26.50 42.14 -16.63
CA LEU A 43 25.04 42.11 -16.82
C LEU A 43 24.54 40.72 -17.24
N GLN A 44 25.21 40.05 -18.18
CA GLN A 44 24.77 38.69 -18.54
C GLN A 44 25.10 37.69 -17.42
N GLN A 45 26.17 37.95 -16.65
CA GLN A 45 26.41 37.18 -15.44
C GLN A 45 25.21 37.31 -14.51
N PHE A 46 24.67 38.51 -14.32
CA PHE A 46 23.53 38.72 -13.44
C PHE A 46 22.35 37.86 -13.89
N GLU A 47 22.11 37.83 -15.20
CA GLU A 47 21.00 37.12 -15.79
C GLU A 47 21.09 35.61 -15.52
N HIS A 48 22.30 35.03 -15.51
CA HIS A 48 22.46 33.60 -15.26
C HIS A 48 22.70 33.24 -13.80
N TRP A 49 23.19 34.15 -12.95
CA TRP A 49 23.59 33.87 -11.58
C TRP A 49 22.37 33.50 -10.72
N PRO A 50 22.27 32.27 -10.18
CA PRO A 50 21.25 31.94 -9.17
C PRO A 50 21.69 32.38 -7.76
N HIS A 51 23.01 32.52 -7.52
CA HIS A 51 23.55 32.71 -6.16
C HIS A 51 23.79 34.16 -5.81
N ILE A 52 23.61 35.10 -6.74
CA ILE A 52 24.04 36.50 -6.51
C ILE A 52 22.85 37.45 -6.51
N CYS A 53 21.87 37.24 -7.39
CA CYS A 53 20.82 38.21 -7.60
C CYS A 53 19.57 37.56 -8.21
N THR A 54 18.53 38.36 -8.36
CA THR A 54 17.32 38.01 -9.10
C THR A 54 17.05 39.22 -9.98
N VAL A 55 17.04 39.00 -11.29
CA VAL A 55 16.57 40.02 -12.23
C VAL A 55 15.05 40.03 -12.07
N GLU A 56 14.45 41.22 -11.98
CA GLU A 56 13.01 41.39 -11.85
C GLU A 56 12.57 42.41 -12.89
N LYS A 57 11.35 42.25 -13.39
CA LYS A 57 10.75 43.16 -14.37
C LYS A 57 9.50 43.79 -13.75
N PRO A 58 9.65 44.58 -12.65
CA PRO A 58 8.52 45.16 -11.95
C PRO A 58 7.83 46.25 -12.79
N CYS A 59 6.59 46.59 -12.41
CA CYS A 59 5.77 47.58 -13.11
C CYS A 59 6.18 49.03 -12.81
N GLY A 60 7.20 49.27 -11.99
CA GLY A 60 7.65 50.60 -11.56
C GLY A 60 8.38 51.40 -12.64
N GLY A 61 8.53 50.85 -13.86
CA GLY A 61 9.16 51.56 -14.97
C GLY A 61 8.85 50.86 -16.30
N GLY A 62 9.05 49.53 -16.37
CA GLY A 62 8.64 48.73 -17.51
C GLY A 62 9.51 48.91 -18.76
N GLN A 63 10.68 49.56 -18.63
CA GLN A 63 11.64 49.77 -19.72
C GLN A 63 13.08 49.47 -19.23
N ASP A 64 13.21 48.89 -18.03
CA ASP A 64 14.43 48.39 -17.42
C ASP A 64 13.98 47.34 -16.39
N SER A 65 14.91 46.75 -15.65
CA SER A 65 14.70 45.67 -14.71
C SER A 65 15.31 46.07 -13.38
N LEU A 66 14.97 45.37 -12.29
CA LEU A 66 15.63 45.52 -11.01
C LEU A 66 16.55 44.33 -10.79
N LEU A 67 17.47 44.51 -9.86
CA LEU A 67 18.34 43.49 -9.31
C LEU A 67 18.01 43.44 -7.84
N TYR A 68 17.38 42.35 -7.42
CA TYR A 68 17.21 42.06 -6.00
C TYR A 68 18.40 41.22 -5.54
N PRO A 69 18.82 41.32 -4.27
CA PRO A 69 19.88 40.48 -3.71
C PRO A 69 19.46 39.00 -3.68
N ALA A 70 20.44 38.09 -3.76
CA ALA A 70 20.18 36.67 -3.58
C ALA A 70 19.82 36.35 -2.12
N ARG A 71 18.53 36.09 -1.90
CA ARG A 71 17.96 35.57 -0.64
C ARG A 71 17.05 34.35 -0.90
N ARG A 72 17.08 33.83 -2.12
CA ARG A 72 16.31 32.66 -2.59
C ARG A 72 17.26 31.77 -3.41
N GLU A 73 18.55 31.76 -3.04
CA GLU A 73 19.60 31.07 -3.80
C GLU A 73 19.41 29.54 -3.78
N GLN A 74 18.69 29.00 -2.79
CA GLN A 74 18.25 27.61 -2.73
C GLN A 74 16.79 27.61 -2.22
N PRO A 75 15.98 26.58 -2.54
CA PRO A 75 14.54 26.62 -2.28
C PRO A 75 14.20 26.47 -0.80
N LEU A 76 14.98 25.68 -0.04
CA LEU A 76 14.83 25.49 1.40
C LEU A 76 16.09 24.88 2.01
N LYS A 77 16.64 23.84 1.38
CA LYS A 77 17.90 23.16 1.78
C LYS A 77 17.89 22.69 3.25
N SER A 78 16.70 22.39 3.78
CA SER A 78 16.48 22.12 5.20
C SER A 78 15.34 21.10 5.36
N ASP A 79 15.29 20.08 4.51
CA ASP A 79 14.38 18.95 4.74
C ASP A 79 14.72 18.28 6.09
N GLN A 80 16.01 18.33 6.44
CA GLN A 80 16.59 17.93 7.72
C GLN A 80 16.30 18.92 8.87
N ASP A 81 15.41 19.89 8.71
CA ASP A 81 15.10 20.87 9.76
C ASP A 81 14.82 20.29 11.16
N PRO A 82 14.13 19.13 11.30
CA PRO A 82 13.97 18.41 12.56
C PRO A 82 15.26 18.05 13.31
N GLU A 83 16.45 18.21 12.73
CA GLU A 83 17.74 18.08 13.43
C GLU A 83 18.56 19.38 13.38
N LYS A 84 18.13 20.39 12.61
CA LYS A 84 18.84 21.67 12.54
C LYS A 84 18.39 22.52 13.73
N GLU A 85 17.09 22.85 13.76
CA GLU A 85 16.49 23.61 14.84
C GLU A 85 16.10 22.68 16.00
N LEU A 86 15.90 21.38 15.70
CA LEU A 86 15.45 20.34 16.65
C LEU A 86 14.52 20.85 17.78
N PRO A 87 13.37 21.46 17.44
CA PRO A 87 12.44 21.99 18.43
C PRO A 87 11.77 20.87 19.24
N PRO A 88 11.11 21.21 20.38
CA PRO A 88 10.26 20.27 21.11
C PRO A 88 9.22 19.60 20.18
N PRO A 89 8.79 18.36 20.47
CA PRO A 89 7.89 17.63 19.60
C PRO A 89 6.50 18.31 19.55
N PRO A 90 5.86 18.35 18.37
CA PRO A 90 4.51 18.90 18.23
C PRO A 90 3.46 17.95 18.83
N PRO A 91 2.24 18.45 19.11
CA PRO A 91 1.12 17.57 19.44
C PRO A 91 0.87 16.71 18.20
N ALA A 92 0.62 15.41 18.39
CA ALA A 92 0.60 14.46 17.28
C ALA A 92 -0.49 14.83 16.26
N PRO A 93 -0.20 14.72 14.94
CA PRO A 93 -1.20 14.90 13.90
C PRO A 93 -2.20 13.74 13.89
N LYS A 94 -3.26 13.86 13.07
CA LYS A 94 -4.23 12.78 12.87
C LYS A 94 -3.52 11.51 12.41
N GLN A 95 -4.03 10.35 12.84
CA GLN A 95 -3.38 9.05 12.65
C GLN A 95 -4.17 8.17 11.66
N GLU A 96 -5.22 8.70 11.03
CA GLU A 96 -5.93 8.02 9.95
C GLU A 96 -4.97 7.80 8.76
N VAL A 97 -5.21 6.73 8.00
CA VAL A 97 -4.38 6.38 6.85
C VAL A 97 -4.48 7.47 5.75
N PRO A 98 -3.47 7.60 4.87
CA PRO A 98 -3.48 8.55 3.74
C PRO A 98 -4.38 8.03 2.60
N SER A 99 -5.68 7.87 2.88
CA SER A 99 -6.74 7.38 1.99
C SER A 99 -6.59 5.90 1.56
N GLN A 100 -5.46 5.27 1.85
CA GLN A 100 -5.20 3.84 1.66
C GLN A 100 -4.10 3.44 2.65
N GLY A 101 -4.01 2.14 2.97
CA GLY A 101 -2.97 1.59 3.84
C GLY A 101 -3.11 0.08 3.92
N SER A 102 -2.10 -0.58 4.49
CA SER A 102 -2.02 -2.04 4.56
C SER A 102 -3.01 -2.75 5.49
N PRO A 103 -3.51 -2.18 6.61
CA PRO A 103 -4.48 -2.84 7.51
C PRO A 103 -5.57 -3.54 6.71
N ALA A 104 -5.65 -4.85 6.93
CA ALA A 104 -6.44 -5.75 6.14
C ALA A 104 -7.93 -5.59 6.45
N VAL A 105 -8.78 -6.08 5.55
CA VAL A 105 -10.21 -6.18 5.78
C VAL A 105 -10.43 -7.24 6.84
N MET A 106 -10.74 -6.84 8.07
CA MET A 106 -10.87 -7.74 9.22
C MET A 106 -12.18 -7.49 10.02
N PRO A 107 -13.37 -7.71 9.41
CA PRO A 107 -14.63 -7.72 10.14
C PRO A 107 -14.56 -8.57 11.42
N ASP A 108 -15.36 -8.20 12.41
CA ASP A 108 -15.28 -8.73 13.77
C ASP A 108 -15.42 -10.25 13.87
N VAL A 109 -16.29 -10.88 13.07
CA VAL A 109 -16.42 -12.34 13.08
C VAL A 109 -15.10 -12.98 12.67
N LYS A 110 -14.44 -12.43 11.65
CA LYS A 110 -13.17 -12.97 11.19
C LYS A 110 -12.09 -12.70 12.24
N GLU A 111 -12.11 -11.55 12.91
CA GLU A 111 -11.16 -11.27 13.97
C GLU A 111 -11.31 -12.28 15.12
N LYS A 112 -12.55 -12.61 15.51
CA LYS A 112 -12.81 -13.60 16.55
C LYS A 112 -12.14 -14.92 16.18
N VAL A 113 -12.38 -15.45 14.98
CA VAL A 113 -11.74 -16.70 14.61
C VAL A 113 -10.21 -16.52 14.49
N ALA A 114 -9.71 -15.40 13.97
CA ALA A 114 -8.27 -15.21 13.77
C ALA A 114 -7.54 -15.27 15.12
N GLU A 115 -8.07 -14.60 16.15
CA GLU A 115 -7.53 -14.64 17.51
C GLU A 115 -7.69 -16.04 18.11
N LEU A 116 -8.81 -16.72 17.83
CA LEU A 116 -9.04 -18.09 18.26
C LEU A 116 -7.91 -18.99 17.77
N LEU A 117 -7.56 -18.88 16.48
CA LEU A 117 -6.50 -19.68 15.89
C LEU A 117 -5.16 -19.35 16.53
N GLY A 118 -4.91 -18.08 16.85
CA GLY A 118 -3.74 -17.65 17.62
C GLY A 118 -3.65 -18.36 18.97
N LYS A 119 -4.78 -18.68 19.61
CA LYS A 119 -4.82 -19.31 20.92
C LYS A 119 -4.51 -20.82 20.90
N TYR A 120 -4.28 -21.45 19.74
CA TYR A 120 -4.18 -22.91 19.59
C TYR A 120 -2.94 -23.34 18.79
N SER A 121 -2.60 -24.63 18.89
CA SER A 121 -1.49 -25.28 18.19
C SER A 121 -2.01 -26.45 17.32
N SER A 122 -3.00 -27.21 17.81
CA SER A 122 -3.76 -28.21 17.07
C SER A 122 -4.74 -27.56 16.07
N GLY A 123 -4.69 -26.22 15.91
CA GLY A 123 -5.69 -25.52 15.17
C GLY A 123 -7.02 -25.68 15.90
N LEU A 124 -8.11 -25.52 15.17
CA LEU A 124 -9.43 -25.87 15.67
C LEU A 124 -9.98 -26.85 14.66
N TRP A 125 -10.57 -27.93 15.14
CA TRP A 125 -11.26 -28.90 14.31
C TRP A 125 -12.62 -28.35 13.94
N ALA A 126 -13.25 -28.85 12.88
CA ALA A 126 -14.50 -28.30 12.34
C ALA A 126 -15.61 -28.11 13.38
N SER A 127 -15.70 -29.01 14.36
CA SER A 127 -16.70 -28.93 15.44
C SER A 127 -16.14 -28.18 16.65
N ALA A 128 -14.84 -28.30 16.90
CA ALA A 128 -14.16 -27.56 17.96
C ALA A 128 -14.18 -26.06 17.68
N LEU A 129 -14.19 -25.63 16.41
CA LEU A 129 -14.25 -24.21 16.03
C LEU A 129 -15.50 -23.54 16.60
N PRO A 130 -16.75 -23.97 16.29
CA PRO A 130 -17.93 -23.37 16.89
C PRO A 130 -17.96 -23.53 18.41
N LYS A 131 -17.56 -24.70 18.95
CA LYS A 131 -17.54 -24.85 20.41
C LYS A 131 -16.62 -23.83 21.07
N ALA A 132 -15.41 -23.66 20.54
CA ALA A 132 -14.41 -22.74 21.07
C ALA A 132 -14.85 -21.29 20.89
N PHE A 133 -15.53 -20.98 19.78
CA PHE A 133 -16.08 -19.66 19.48
C PHE A 133 -16.98 -19.24 20.64
N GLU A 134 -17.99 -20.07 20.91
CA GLU A 134 -19.04 -19.80 21.88
C GLU A 134 -18.45 -19.77 23.28
N ASP A 135 -17.50 -20.68 23.58
CA ASP A 135 -16.89 -20.78 24.89
C ASP A 135 -16.02 -19.57 25.20
N MET A 136 -15.23 -19.09 24.22
CA MET A 136 -14.24 -18.06 24.49
C MET A 136 -14.93 -16.71 24.59
N TYR A 137 -15.66 -16.34 23.54
CA TYR A 137 -16.25 -15.01 23.45
C TYR A 137 -17.56 -14.90 24.23
N LYS A 138 -18.05 -16.01 24.81
CA LYS A 138 -19.28 -16.10 25.61
C LYS A 138 -20.47 -15.48 24.88
N VAL A 139 -20.74 -15.99 23.68
CA VAL A 139 -21.81 -15.52 22.81
C VAL A 139 -22.50 -16.72 22.15
N LYS A 140 -23.82 -16.65 21.98
CA LYS A 140 -24.57 -17.61 21.18
C LYS A 140 -24.56 -17.05 19.77
N PHE A 141 -23.61 -17.53 18.97
CA PHE A 141 -23.32 -16.98 17.64
C PHE A 141 -24.50 -17.13 16.66
N PRO A 142 -24.63 -16.21 15.69
CA PRO A 142 -25.54 -16.39 14.57
C PRO A 142 -24.91 -17.47 13.68
N GLU A 143 -25.71 -18.36 13.08
CA GLU A 143 -25.14 -19.50 12.37
C GLU A 143 -24.31 -19.06 11.16
N ASP A 144 -24.67 -17.93 10.53
CA ASP A 144 -23.89 -17.37 9.42
C ASP A 144 -22.44 -17.11 9.79
N ALA A 145 -22.17 -16.76 11.06
CA ALA A 145 -20.84 -16.46 11.53
C ALA A 145 -20.02 -17.73 11.80
N LEU A 146 -20.65 -18.83 12.24
CA LEU A 146 -19.93 -20.06 12.60
C LEU A 146 -20.02 -21.21 11.58
N LYS A 147 -20.96 -21.21 10.62
CA LYS A 147 -21.09 -22.27 9.61
C LYS A 147 -20.48 -21.89 8.26
N ASN A 148 -20.20 -20.60 8.00
CA ASN A 148 -19.69 -20.15 6.70
C ASN A 148 -18.19 -20.40 6.64
N LEU A 149 -17.79 -21.65 6.34
CA LEU A 149 -16.41 -22.10 6.28
C LEU A 149 -15.53 -21.23 5.36
N ALA A 150 -16.09 -20.52 4.39
CA ALA A 150 -15.31 -19.72 3.44
C ALA A 150 -14.69 -18.47 4.08
N SER A 151 -15.42 -17.71 4.87
CA SER A 151 -14.85 -16.54 5.56
C SER A 151 -13.79 -17.02 6.57
N LEU A 152 -14.07 -18.15 7.21
CA LEU A 152 -13.09 -18.76 8.10
C LEU A 152 -11.87 -19.18 7.27
N SER A 153 -12.04 -19.67 6.03
CA SER A 153 -10.92 -19.98 5.13
C SER A 153 -10.17 -18.73 4.69
N ASP A 154 -10.80 -17.55 4.69
CA ASP A 154 -10.11 -16.29 4.38
C ASP A 154 -9.14 -15.93 5.49
N VAL A 155 -9.46 -16.28 6.75
CA VAL A 155 -8.55 -16.00 7.88
C VAL A 155 -7.84 -17.22 8.47
N CYS A 156 -8.13 -18.42 7.99
CA CYS A 156 -7.55 -19.67 8.46
C CYS A 156 -7.16 -20.51 7.27
N THR A 157 -6.06 -21.24 7.40
CA THR A 157 -5.70 -22.27 6.46
C THR A 157 -6.66 -23.40 6.81
N ILE A 158 -7.41 -23.93 5.84
CA ILE A 158 -8.33 -25.04 6.09
C ILE A 158 -7.85 -26.19 5.23
N ASN A 159 -7.82 -27.37 5.84
CA ASN A 159 -7.38 -28.62 5.24
C ASN A 159 -8.36 -29.69 5.71
N TYR A 160 -8.49 -30.78 4.95
CA TYR A 160 -9.53 -31.78 5.14
C TYR A 160 -8.89 -33.12 5.46
N ILE A 161 -9.60 -33.87 6.29
CA ILE A 161 -9.14 -35.09 6.94
C ILE A 161 -10.26 -36.12 6.79
N SER A 162 -9.92 -37.41 6.95
CA SER A 162 -10.83 -38.55 6.81
C SER A 162 -11.40 -38.72 5.38
N GLY A 163 -10.93 -37.93 4.42
CA GLY A 163 -11.34 -37.96 3.01
C GLY A 163 -10.94 -36.64 2.34
N ASN A 164 -11.32 -36.48 1.06
CA ASN A 164 -11.00 -35.29 0.28
C ASN A 164 -11.55 -34.00 0.91
N THR A 165 -12.75 -34.08 1.48
CA THR A 165 -13.55 -32.96 1.99
C THR A 165 -14.51 -33.52 3.06
N GLN A 166 -14.04 -34.47 3.89
CA GLN A 166 -14.93 -35.24 4.77
C GLN A 166 -15.08 -34.55 6.13
N LYS A 167 -13.96 -34.18 6.75
CA LYS A 167 -13.93 -33.40 7.99
C LYS A 167 -12.83 -32.35 7.83
N ALA A 168 -12.77 -31.29 8.64
CA ALA A 168 -11.88 -30.15 8.40
C ALA A 168 -11.14 -29.77 9.69
N ILE A 169 -10.00 -29.12 9.54
CA ILE A 169 -9.22 -28.46 10.58
C ILE A 169 -8.90 -27.09 10.01
N LEU A 170 -8.68 -26.16 10.92
CA LEU A 170 -8.33 -24.78 10.65
C LEU A 170 -7.00 -24.55 11.34
N TYR A 171 -6.08 -23.85 10.69
CA TYR A 171 -4.83 -23.34 11.25
C TYR A 171 -4.76 -21.84 10.94
N ALA A 172 -3.85 -21.08 11.57
CA ALA A 172 -3.72 -19.65 11.31
C ALA A 172 -3.22 -19.39 9.87
N LYS A 173 -3.61 -18.25 9.31
CA LYS A 173 -3.28 -17.84 7.93
C LYS A 173 -2.60 -16.47 7.84
N LEU A 174 -2.19 -15.91 8.98
CA LEU A 174 -1.63 -14.55 9.18
C LEU A 174 -2.28 -13.53 8.23
N PRO A 175 -3.60 -13.28 8.36
CA PRO A 175 -4.36 -12.51 7.38
C PRO A 175 -4.14 -10.99 7.44
N LEU A 176 -3.48 -10.46 8.47
CA LEU A 176 -3.37 -9.02 8.69
C LEU A 176 -1.94 -8.62 9.10
N PRO A 177 -1.44 -7.45 8.65
CA PRO A 177 -0.18 -6.88 9.14
C PRO A 177 -0.37 -6.18 10.49
N THR A 178 -1.62 -5.86 10.84
CA THR A 178 -1.98 -5.02 11.96
C THR A 178 -1.72 -5.66 13.34
N ASP A 179 -1.36 -6.96 13.37
CA ASP A 179 -1.10 -7.73 14.58
C ASP A 179 -0.01 -7.14 15.48
N LYS A 180 0.92 -6.37 14.91
CA LYS A 180 2.06 -5.75 15.61
C LYS A 180 2.25 -4.34 15.06
N GLY A 1 -24.59 2.66 -47.66
CA GLY A 1 -24.00 3.74 -46.83
C GLY A 1 -22.66 4.20 -47.38
N HIS A 2 -22.52 5.49 -47.74
CA HIS A 2 -21.33 6.03 -48.43
C HIS A 2 -20.04 5.82 -47.64
N MET A 3 -20.10 5.80 -46.30
CA MET A 3 -18.91 5.66 -45.48
C MET A 3 -18.19 4.32 -45.70
N ASP A 4 -18.84 3.30 -46.29
CA ASP A 4 -18.15 2.07 -46.70
C ASP A 4 -17.16 2.33 -47.83
N GLU A 5 -17.50 3.22 -48.76
CA GLU A 5 -16.60 3.60 -49.83
C GLU A 5 -15.47 4.47 -49.27
N VAL A 6 -15.76 5.33 -48.28
CA VAL A 6 -14.75 6.17 -47.64
C VAL A 6 -13.76 5.27 -46.90
N GLN A 7 -14.25 4.35 -46.08
CA GLN A 7 -13.47 3.30 -45.43
C GLN A 7 -12.52 2.66 -46.43
N ASN A 8 -13.08 2.06 -47.49
CA ASN A 8 -12.26 1.23 -48.37
C ASN A 8 -11.22 2.06 -49.12
N ARG A 9 -11.46 3.35 -49.44
CA ARG A 9 -10.43 4.10 -50.17
C ARG A 9 -9.28 4.46 -49.26
N ILE A 10 -9.51 4.71 -47.96
CA ILE A 10 -8.39 4.98 -47.08
C ILE A 10 -7.53 3.73 -46.92
N LYS A 11 -8.11 2.54 -46.71
CA LYS A 11 -7.23 1.35 -46.67
C LYS A 11 -6.51 1.18 -48.01
N GLU A 12 -7.14 1.51 -49.15
CA GLU A 12 -6.48 1.34 -50.44
C GLU A 12 -5.27 2.25 -50.59
N ILE A 13 -5.35 3.57 -50.31
CA ILE A 13 -4.16 4.41 -50.38
C ILE A 13 -3.10 3.89 -49.40
N LEU A 14 -3.50 3.66 -48.15
CA LEU A 14 -2.53 3.31 -47.12
C LEU A 14 -1.89 1.95 -47.40
N ASP A 15 -2.57 1.03 -48.09
CA ASP A 15 -2.04 -0.28 -48.44
C ASP A 15 -1.13 -0.20 -49.68
N LYS A 16 -1.48 0.62 -50.68
CA LYS A 16 -0.60 0.89 -51.83
C LYS A 16 0.66 1.61 -51.37
N HIS A 17 0.54 2.42 -50.32
CA HIS A 17 1.61 3.21 -49.71
C HIS A 17 1.85 2.64 -48.33
N ASN A 18 2.12 1.33 -48.27
CA ASN A 18 2.17 0.49 -47.06
C ASN A 18 2.95 1.09 -45.88
N ASN A 19 3.95 1.93 -46.15
CA ASN A 19 4.74 2.59 -45.11
C ASN A 19 3.89 3.56 -44.27
N GLY A 20 2.71 3.98 -44.74
CA GLY A 20 1.76 4.84 -44.04
C GLY A 20 1.83 6.30 -44.51
N ILE A 21 0.87 7.12 -44.07
CA ILE A 21 0.75 8.55 -44.42
C ILE A 21 0.55 9.34 -43.12
N TRP A 22 1.24 10.48 -42.95
CA TRP A 22 1.08 11.37 -41.80
C TRP A 22 -0.33 11.96 -41.76
N ILE A 23 -0.95 12.13 -40.58
CA ILE A 23 -2.31 12.65 -40.49
C ILE A 23 -2.38 14.04 -41.15
N SER A 24 -1.36 14.90 -40.96
CA SER A 24 -1.35 16.23 -41.53
C SER A 24 -1.21 16.21 -43.06
N LYS A 25 -0.64 15.15 -43.65
CA LYS A 25 -0.50 15.06 -45.12
C LYS A 25 -1.64 14.28 -45.77
N LEU A 26 -2.30 13.38 -45.04
CA LEU A 26 -3.48 12.65 -45.53
C LEU A 26 -4.57 13.54 -46.14
N PRO A 27 -4.98 14.71 -45.62
CA PRO A 27 -6.02 15.52 -46.26
C PRO A 27 -5.64 15.95 -47.67
N HIS A 28 -4.38 16.36 -47.93
CA HIS A 28 -3.99 16.73 -49.28
C HIS A 28 -3.69 15.50 -50.10
N PHE A 29 -3.28 14.40 -49.47
CA PHE A 29 -3.13 13.13 -50.18
C PHE A 29 -4.48 12.66 -50.72
N TYR A 30 -5.52 12.79 -49.89
CA TYR A 30 -6.90 12.49 -50.25
C TYR A 30 -7.39 13.42 -51.35
N LYS A 31 -7.11 14.73 -51.24
CA LYS A 31 -7.45 15.70 -52.28
C LYS A 31 -6.80 15.31 -53.61
N GLU A 32 -5.54 14.89 -53.62
CA GLU A 32 -4.85 14.51 -54.85
C GLU A 32 -5.51 13.28 -55.47
N PHE A 33 -5.85 12.29 -54.65
CA PHE A 33 -6.26 11.00 -55.17
C PHE A 33 -7.76 10.97 -55.56
N TYR A 34 -8.61 11.63 -54.77
CA TYR A 34 -10.07 11.52 -54.86
C TYR A 34 -10.77 12.84 -55.17
N LYS A 35 -9.98 13.90 -55.39
CA LYS A 35 -10.42 15.20 -55.90
C LYS A 35 -11.46 15.87 -54.98
N GLU A 36 -11.34 15.63 -53.68
CA GLU A 36 -12.35 16.00 -52.69
C GLU A 36 -11.64 16.52 -51.44
N ASP A 37 -12.28 17.47 -50.77
CA ASP A 37 -11.81 18.08 -49.54
C ASP A 37 -12.24 17.20 -48.36
N LEU A 38 -11.28 16.45 -47.81
CA LEU A 38 -11.49 15.61 -46.65
C LEU A 38 -11.98 16.46 -45.46
N ASN A 39 -13.17 16.14 -44.93
CA ASN A 39 -13.69 16.79 -43.73
C ASN A 39 -12.85 16.39 -42.51
N GLN A 40 -12.68 17.27 -41.53
CA GLN A 40 -11.89 16.99 -40.33
C GLN A 40 -12.47 15.81 -39.52
N GLY A 41 -13.78 15.55 -39.60
CA GLY A 41 -14.43 14.46 -38.88
C GLY A 41 -13.93 13.08 -39.33
N VAL A 42 -13.57 12.92 -40.61
CA VAL A 42 -13.11 11.62 -41.09
C VAL A 42 -11.80 11.25 -40.39
N LEU A 43 -10.98 12.23 -39.95
CA LEU A 43 -9.79 11.96 -39.14
C LEU A 43 -10.15 11.21 -37.85
N GLN A 44 -11.28 11.57 -37.23
CA GLN A 44 -11.73 10.89 -36.03
C GLN A 44 -12.11 9.46 -36.38
N GLN A 45 -12.83 9.26 -37.49
CA GLN A 45 -13.13 7.91 -37.93
C GLN A 45 -11.87 7.10 -38.25
N PHE A 46 -10.81 7.70 -38.81
CA PHE A 46 -9.56 6.99 -39.07
C PHE A 46 -8.98 6.43 -37.77
N GLU A 47 -9.05 7.22 -36.69
CA GLU A 47 -8.58 6.79 -35.37
C GLU A 47 -9.43 5.63 -34.84
N HIS A 48 -10.75 5.63 -35.07
CA HIS A 48 -11.62 4.60 -34.52
C HIS A 48 -11.66 3.31 -35.36
N TRP A 49 -11.44 3.37 -36.69
CA TRP A 49 -11.66 2.25 -37.60
C TRP A 49 -10.64 1.13 -37.36
N PRO A 50 -11.02 -0.04 -36.81
CA PRO A 50 -10.08 -1.14 -36.59
C PRO A 50 -9.72 -1.87 -37.89
N HIS A 51 -10.57 -1.80 -38.92
CA HIS A 51 -10.46 -2.62 -40.14
C HIS A 51 -9.90 -1.84 -41.33
N ILE A 52 -9.54 -0.56 -41.15
CA ILE A 52 -9.09 0.28 -42.25
C ILE A 52 -7.63 0.69 -42.03
N CYS A 53 -7.28 1.12 -40.82
CA CYS A 53 -6.00 1.73 -40.56
C CYS A 53 -5.62 1.68 -39.08
N THR A 54 -4.43 2.17 -38.78
CA THR A 54 -3.90 2.30 -37.43
C THR A 54 -3.27 3.68 -37.32
N VAL A 55 -3.80 4.53 -36.44
CA VAL A 55 -3.12 5.78 -36.10
C VAL A 55 -1.96 5.38 -35.19
N GLU A 56 -0.77 5.95 -35.42
CA GLU A 56 0.44 5.56 -34.71
C GLU A 56 1.28 6.79 -34.41
N LYS A 57 1.81 6.83 -33.19
CA LYS A 57 2.73 7.87 -32.71
C LYS A 57 3.88 7.13 -32.00
N PRO A 58 4.75 6.44 -32.75
CA PRO A 58 5.88 5.67 -32.20
C PRO A 58 6.68 6.42 -31.12
N CYS A 59 7.16 5.67 -30.12
CA CYS A 59 8.02 6.20 -29.07
C CYS A 59 9.35 6.66 -29.69
N GLY A 60 9.87 7.79 -29.20
CA GLY A 60 11.17 8.35 -29.59
C GLY A 60 11.05 9.86 -29.72
N GLY A 61 9.99 10.32 -30.40
CA GLY A 61 9.65 11.73 -30.59
C GLY A 61 8.72 11.88 -31.79
N GLY A 62 8.09 13.05 -31.92
CA GLY A 62 7.19 13.38 -33.02
C GLY A 62 6.36 14.61 -32.69
N GLN A 63 5.57 15.06 -33.67
CA GLN A 63 4.67 16.22 -33.54
C GLN A 63 3.34 15.96 -34.30
N ASP A 64 3.12 14.72 -34.75
CA ASP A 64 1.95 14.28 -35.51
C ASP A 64 1.91 12.75 -35.36
N SER A 65 1.03 12.06 -36.09
CA SER A 65 0.89 10.63 -36.07
C SER A 65 0.88 10.13 -37.52
N LEU A 66 1.14 8.84 -37.73
CA LEU A 66 1.03 8.20 -39.02
C LEU A 66 -0.28 7.44 -39.06
N LEU A 67 -0.72 7.13 -40.26
CA LEU A 67 -1.82 6.28 -40.57
C LEU A 67 -1.22 5.13 -41.35
N TYR A 68 -1.09 3.97 -40.72
CA TYR A 68 -0.74 2.73 -41.39
C TYR A 68 -2.01 2.08 -41.91
N PRO A 69 -1.92 1.22 -42.93
CA PRO A 69 -3.05 0.39 -43.36
C PRO A 69 -3.45 -0.63 -42.30
N ALA A 70 -4.59 -1.30 -42.51
CA ALA A 70 -5.17 -2.29 -41.59
C ALA A 70 -4.30 -3.50 -41.22
N ARG A 71 -3.07 -3.67 -41.75
CA ARG A 71 -2.26 -4.88 -41.54
C ARG A 71 -1.97 -5.17 -40.06
N ARG A 72 -2.08 -4.16 -39.19
CA ARG A 72 -1.85 -4.28 -37.74
C ARG A 72 -3.10 -3.88 -36.93
N GLU A 73 -4.24 -3.72 -37.60
CA GLU A 73 -5.59 -3.47 -37.05
C GLU A 73 -5.56 -2.43 -35.90
N GLN A 74 -6.37 -2.62 -34.85
CA GLN A 74 -6.36 -1.79 -33.64
C GLN A 74 -6.66 -2.71 -32.43
N PRO A 75 -5.80 -3.69 -32.11
CA PRO A 75 -6.04 -4.63 -31.02
C PRO A 75 -6.05 -3.95 -29.65
N LEU A 76 -6.63 -4.67 -28.68
CA LEU A 76 -6.66 -4.31 -27.26
C LEU A 76 -6.64 -5.58 -26.39
N LYS A 77 -6.03 -6.65 -26.91
CA LYS A 77 -6.08 -8.02 -26.38
C LYS A 77 -5.77 -8.14 -24.88
N SER A 78 -5.00 -7.21 -24.31
CA SER A 78 -4.72 -7.19 -22.89
C SER A 78 -5.99 -7.12 -22.03
N ASP A 79 -6.96 -6.30 -22.45
CA ASP A 79 -8.25 -6.02 -21.77
C ASP A 79 -8.14 -5.70 -20.26
N GLN A 80 -6.95 -5.31 -19.78
CA GLN A 80 -6.61 -5.17 -18.36
C GLN A 80 -5.40 -4.21 -18.23
N ASP A 81 -5.25 -3.29 -19.19
CA ASP A 81 -4.03 -2.49 -19.30
C ASP A 81 -3.70 -1.54 -18.14
N PRO A 82 -4.66 -0.95 -17.37
CA PRO A 82 -4.37 -0.06 -16.25
C PRO A 82 -3.45 -0.64 -15.16
N GLU A 83 -3.28 -1.96 -15.12
CA GLU A 83 -2.40 -2.65 -14.17
C GLU A 83 -1.31 -3.46 -14.89
N LYS A 84 -1.36 -3.53 -16.22
CA LYS A 84 -0.34 -4.19 -17.02
C LYS A 84 0.77 -3.19 -17.33
N GLU A 85 0.38 -1.95 -17.65
CA GLU A 85 1.29 -0.85 -17.85
C GLU A 85 1.92 -0.41 -16.52
N LEU A 86 1.20 -0.61 -15.40
CA LEU A 86 1.54 -0.28 -14.01
C LEU A 86 2.61 0.84 -13.89
N PRO A 87 2.27 2.09 -14.28
CA PRO A 87 3.24 3.17 -14.39
C PRO A 87 3.87 3.54 -13.03
N PRO A 88 5.06 4.15 -13.03
CA PRO A 88 5.87 4.35 -11.83
C PRO A 88 5.45 5.45 -10.82
N PRO A 89 4.68 6.52 -11.12
CA PRO A 89 4.53 7.61 -10.16
C PRO A 89 3.70 7.14 -8.93
N PRO A 90 4.20 7.37 -7.70
CA PRO A 90 3.52 6.92 -6.48
C PRO A 90 2.32 7.81 -6.15
N PRO A 91 1.36 7.33 -5.32
CA PRO A 91 0.20 8.11 -4.85
C PRO A 91 0.56 9.09 -3.70
N ALA A 92 1.81 9.57 -3.65
CA ALA A 92 2.41 10.32 -2.54
C ALA A 92 2.03 9.75 -1.16
N PRO A 93 2.32 8.46 -0.91
CA PRO A 93 1.83 7.72 0.26
C PRO A 93 2.30 8.31 1.59
N LYS A 94 3.47 8.96 1.63
CA LYS A 94 4.02 9.56 2.85
C LYS A 94 3.07 10.57 3.51
N GLN A 95 2.17 11.19 2.73
CA GLN A 95 1.18 12.14 3.24
C GLN A 95 0.08 11.48 4.08
N GLU A 96 -0.03 10.14 4.11
CA GLU A 96 -1.09 9.45 4.85
C GLU A 96 -0.55 8.17 5.50
N VAL A 97 -0.11 7.19 4.70
CA VAL A 97 0.37 5.89 5.17
C VAL A 97 1.19 5.23 4.04
N PRO A 98 2.32 4.57 4.32
CA PRO A 98 3.10 3.80 3.34
C PRO A 98 2.26 2.82 2.51
N SER A 99 2.80 2.40 1.37
CA SER A 99 2.12 1.59 0.36
C SER A 99 1.64 0.22 0.88
N GLN A 100 2.22 -0.30 1.95
CA GLN A 100 1.75 -1.46 2.68
C GLN A 100 2.05 -1.26 4.17
N GLY A 101 1.32 -1.98 5.03
CA GLY A 101 1.44 -1.91 6.48
C GLY A 101 0.08 -1.73 7.16
N SER A 102 -0.90 -1.17 6.44
CA SER A 102 -2.28 -1.04 6.89
C SER A 102 -2.90 -2.41 7.21
N PRO A 103 -3.92 -2.49 8.07
CA PRO A 103 -4.64 -3.74 8.34
C PRO A 103 -5.36 -4.24 7.09
N ALA A 104 -5.50 -5.57 7.05
CA ALA A 104 -6.31 -6.27 6.06
C ALA A 104 -7.79 -6.07 6.41
N VAL A 105 -8.68 -6.37 5.47
CA VAL A 105 -10.11 -6.44 5.70
C VAL A 105 -10.33 -7.61 6.68
N MET A 106 -10.60 -7.31 7.95
CA MET A 106 -10.79 -8.30 9.01
C MET A 106 -11.95 -7.83 9.93
N PRO A 107 -13.22 -7.89 9.45
CA PRO A 107 -14.41 -7.69 10.26
C PRO A 107 -14.43 -8.51 11.55
N ASP A 108 -15.29 -8.15 12.51
CA ASP A 108 -15.23 -8.70 13.87
C ASP A 108 -15.36 -10.22 13.96
N VAL A 109 -16.18 -10.87 13.14
CA VAL A 109 -16.25 -12.33 13.13
C VAL A 109 -14.89 -12.89 12.69
N LYS A 110 -14.30 -12.31 11.64
CA LYS A 110 -13.00 -12.75 11.13
C LYS A 110 -11.89 -12.48 12.15
N GLU A 111 -11.95 -11.39 12.90
CA GLU A 111 -11.01 -11.18 13.99
C GLU A 111 -11.19 -12.25 15.07
N LYS A 112 -12.43 -12.55 15.47
CA LYS A 112 -12.72 -13.56 16.49
C LYS A 112 -12.10 -14.90 16.09
N VAL A 113 -12.39 -15.40 14.87
CA VAL A 113 -11.82 -16.67 14.45
C VAL A 113 -10.28 -16.55 14.33
N ALA A 114 -9.74 -15.43 13.82
CA ALA A 114 -8.31 -15.31 13.60
C ALA A 114 -7.54 -15.38 14.94
N GLU A 115 -8.02 -14.68 15.97
CA GLU A 115 -7.42 -14.73 17.30
C GLU A 115 -7.60 -16.11 17.92
N LEU A 116 -8.80 -16.69 17.82
CA LEU A 116 -9.10 -18.02 18.32
C LEU A 116 -8.15 -19.06 17.74
N LEU A 117 -7.87 -19.00 16.43
CA LEU A 117 -6.89 -19.87 15.80
C LEU A 117 -5.50 -19.62 16.38
N GLY A 118 -5.13 -18.36 16.60
CA GLY A 118 -3.86 -17.99 17.21
C GLY A 118 -3.67 -18.65 18.59
N LYS A 119 -4.76 -18.87 19.36
CA LYS A 119 -4.66 -19.47 20.70
C LYS A 119 -4.31 -20.97 20.67
N TYR A 120 -4.34 -21.68 19.53
CA TYR A 120 -4.23 -23.14 19.49
C TYR A 120 -3.22 -23.61 18.45
N SER A 121 -2.14 -24.25 18.90
CA SER A 121 -1.20 -24.96 18.01
C SER A 121 -1.88 -26.15 17.33
N SER A 122 -2.88 -26.76 17.98
CA SER A 122 -3.76 -27.81 17.44
C SER A 122 -4.69 -27.29 16.35
N GLY A 123 -4.71 -25.98 16.08
CA GLY A 123 -5.72 -25.39 15.24
C GLY A 123 -7.07 -25.54 15.97
N LEU A 124 -8.16 -25.41 15.23
CA LEU A 124 -9.49 -25.75 15.74
C LEU A 124 -10.10 -26.64 14.67
N TRP A 125 -10.60 -27.80 15.09
CA TRP A 125 -11.27 -28.75 14.22
C TRP A 125 -12.68 -28.24 13.91
N ALA A 126 -13.34 -28.80 12.88
CA ALA A 126 -14.61 -28.28 12.38
C ALA A 126 -15.70 -28.13 13.46
N SER A 127 -15.72 -29.03 14.45
CA SER A 127 -16.67 -28.96 15.57
C SER A 127 -16.10 -28.12 16.73
N ALA A 128 -14.79 -28.25 16.98
CA ALA A 128 -14.12 -27.52 18.05
C ALA A 128 -14.12 -26.02 17.79
N LEU A 129 -14.10 -25.57 16.53
CA LEU A 129 -14.13 -24.16 16.17
C LEU A 129 -15.41 -23.52 16.76
N PRO A 130 -16.64 -23.96 16.41
CA PRO A 130 -17.87 -23.56 17.10
C PRO A 130 -17.77 -23.60 18.62
N LYS A 131 -17.34 -24.73 19.20
CA LYS A 131 -17.35 -24.87 20.66
C LYS A 131 -16.45 -23.81 21.31
N ALA A 132 -15.23 -23.65 20.82
CA ALA A 132 -14.28 -22.69 21.37
C ALA A 132 -14.74 -21.25 21.14
N PHE A 133 -15.40 -20.97 20.01
CA PHE A 133 -15.95 -19.66 19.69
C PHE A 133 -16.88 -19.22 20.83
N GLU A 134 -17.89 -20.04 21.09
CA GLU A 134 -18.94 -19.74 22.05
C GLU A 134 -18.35 -19.68 23.45
N ASP A 135 -17.46 -20.63 23.77
CA ASP A 135 -16.83 -20.75 25.09
C ASP A 135 -15.94 -19.55 25.40
N MET A 136 -15.25 -19.00 24.39
CA MET A 136 -14.28 -17.94 24.63
C MET A 136 -14.96 -16.58 24.65
N TYR A 137 -15.82 -16.30 23.67
CA TYR A 137 -16.38 -14.96 23.48
C TYR A 137 -17.71 -14.76 24.22
N LYS A 138 -18.26 -15.83 24.82
CA LYS A 138 -19.48 -15.79 25.67
C LYS A 138 -20.71 -15.39 24.86
N VAL A 139 -20.86 -15.97 23.68
CA VAL A 139 -21.87 -15.56 22.70
C VAL A 139 -22.50 -16.80 22.05
N LYS A 140 -23.81 -16.76 21.82
CA LYS A 140 -24.50 -17.77 21.02
C LYS A 140 -24.49 -17.20 19.61
N PHE A 141 -23.49 -17.62 18.83
CA PHE A 141 -23.18 -17.07 17.52
C PHE A 141 -24.34 -17.22 16.53
N PRO A 142 -24.49 -16.30 15.56
CA PRO A 142 -25.38 -16.50 14.42
C PRO A 142 -24.73 -17.60 13.58
N GLU A 143 -25.50 -18.53 13.02
CA GLU A 143 -24.92 -19.71 12.40
C GLU A 143 -24.05 -19.39 11.18
N ASP A 144 -24.33 -18.30 10.45
CA ASP A 144 -23.46 -17.87 9.36
C ASP A 144 -22.04 -17.60 9.86
N ALA A 145 -21.90 -16.98 11.05
CA ALA A 145 -20.60 -16.60 11.57
C ALA A 145 -19.76 -17.84 11.93
N LEU A 146 -20.37 -18.98 12.29
CA LEU A 146 -19.66 -20.21 12.65
C LEU A 146 -19.66 -21.31 11.57
N LYS A 147 -20.53 -21.26 10.56
CA LYS A 147 -20.61 -22.28 9.48
C LYS A 147 -20.25 -21.73 8.10
N ASN A 148 -20.04 -20.43 7.91
CA ASN A 148 -19.59 -19.90 6.62
C ASN A 148 -18.09 -20.11 6.50
N LEU A 149 -17.67 -21.37 6.32
CA LEU A 149 -16.26 -21.78 6.34
C LEU A 149 -15.42 -21.01 5.32
N ALA A 150 -16.00 -20.37 4.30
CA ALA A 150 -15.23 -19.57 3.34
C ALA A 150 -14.63 -18.32 3.97
N SER A 151 -15.39 -17.57 4.79
CA SER A 151 -14.83 -16.41 5.50
C SER A 151 -13.77 -16.88 6.49
N LEU A 152 -14.04 -18.03 7.14
CA LEU A 152 -13.07 -18.62 8.04
C LEU A 152 -11.82 -19.02 7.23
N SER A 153 -11.97 -19.49 5.99
CA SER A 153 -10.86 -19.78 5.08
C SER A 153 -10.12 -18.51 4.60
N ASP A 154 -10.78 -17.34 4.63
CA ASP A 154 -10.11 -16.09 4.31
C ASP A 154 -9.11 -15.74 5.41
N VAL A 155 -9.42 -16.07 6.68
CA VAL A 155 -8.49 -15.82 7.79
C VAL A 155 -7.74 -17.04 8.33
N CYS A 156 -8.03 -18.25 7.86
CA CYS A 156 -7.47 -19.51 8.35
C CYS A 156 -7.15 -20.44 7.18
N THR A 157 -6.16 -21.29 7.32
CA THR A 157 -5.94 -22.38 6.38
C THR A 157 -7.02 -23.39 6.74
N ILE A 158 -7.77 -23.89 5.76
CA ILE A 158 -8.68 -25.02 5.99
C ILE A 158 -8.11 -26.16 5.17
N ASN A 159 -8.05 -27.32 5.81
CA ASN A 159 -7.51 -28.56 5.31
C ASN A 159 -8.42 -29.65 5.87
N TYR A 160 -8.46 -30.82 5.25
CA TYR A 160 -9.45 -31.84 5.52
C TYR A 160 -8.79 -33.15 5.92
N ILE A 161 -9.58 -34.01 6.56
CA ILE A 161 -9.18 -35.31 7.08
C ILE A 161 -10.33 -36.28 6.77
N SER A 162 -10.09 -37.59 6.92
CA SER A 162 -11.05 -38.67 6.69
C SER A 162 -11.56 -38.77 5.23
N GLY A 163 -10.98 -38.00 4.31
CA GLY A 163 -11.32 -37.96 2.90
C GLY A 163 -10.74 -36.69 2.27
N ASN A 164 -11.00 -36.48 0.97
CA ASN A 164 -10.61 -35.24 0.28
C ASN A 164 -11.28 -34.02 0.92
N THR A 165 -12.56 -34.18 1.28
CA THR A 165 -13.46 -33.15 1.78
C THR A 165 -14.55 -33.89 2.57
N GLN A 166 -14.26 -34.24 3.84
CA GLN A 166 -15.16 -35.07 4.65
C GLN A 166 -15.19 -34.56 6.09
N LYS A 167 -14.03 -34.38 6.70
CA LYS A 167 -13.83 -33.72 8.00
C LYS A 167 -12.90 -32.54 7.70
N ALA A 168 -12.98 -31.44 8.45
CA ALA A 168 -12.18 -30.25 8.22
C ALA A 168 -11.46 -29.85 9.50
N ILE A 169 -10.35 -29.16 9.33
CA ILE A 169 -9.46 -28.61 10.34
C ILE A 169 -9.25 -27.16 9.93
N LEU A 170 -8.99 -26.27 10.88
CA LEU A 170 -8.57 -24.92 10.60
C LEU A 170 -7.22 -24.73 11.28
N TYR A 171 -6.31 -24.01 10.64
CA TYR A 171 -5.03 -23.54 11.20
C TYR A 171 -4.95 -22.03 10.95
N ALA A 172 -4.13 -21.29 11.68
CA ALA A 172 -4.04 -19.85 11.52
C ALA A 172 -3.46 -19.49 10.14
N LYS A 173 -3.97 -18.42 9.52
CA LYS A 173 -3.39 -17.78 8.32
C LYS A 173 -3.14 -16.29 8.61
N LEU A 174 -4.03 -15.68 9.42
CA LEU A 174 -3.92 -14.36 10.05
C LEU A 174 -3.35 -13.29 9.10
N PRO A 175 -4.13 -12.80 8.11
CA PRO A 175 -3.70 -11.86 7.07
C PRO A 175 -2.99 -10.58 7.55
N LEU A 176 -3.31 -10.08 8.75
CA LEU A 176 -2.91 -8.79 9.33
C LEU A 176 -1.50 -8.32 8.89
N PRO A 177 -1.37 -7.47 7.85
CA PRO A 177 -0.08 -6.95 7.40
C PRO A 177 0.60 -6.10 8.46
N THR A 178 -0.18 -5.59 9.41
CA THR A 178 0.32 -4.76 10.50
C THR A 178 1.32 -5.52 11.38
N ASP A 179 1.37 -6.86 11.32
CA ASP A 179 2.34 -7.68 12.04
C ASP A 179 3.78 -7.50 11.50
N LYS A 180 3.92 -7.12 10.23
CA LYS A 180 5.22 -6.96 9.57
C LYS A 180 5.98 -5.80 10.23
N GLY A 1 4.20 0.28 -59.42
CA GLY A 1 3.04 1.15 -59.75
C GLY A 1 3.47 2.59 -60.06
N HIS A 2 3.01 3.15 -61.18
CA HIS A 2 3.45 4.46 -61.68
C HIS A 2 3.17 5.61 -60.70
N MET A 3 2.17 5.47 -59.82
CA MET A 3 1.81 6.50 -58.87
C MET A 3 2.91 6.74 -57.83
N ASP A 4 3.86 5.82 -57.65
CA ASP A 4 5.06 6.06 -56.84
C ASP A 4 5.91 7.18 -57.44
N GLU A 5 5.94 7.27 -58.77
CA GLU A 5 6.67 8.32 -59.48
C GLU A 5 5.94 9.66 -59.33
N VAL A 6 4.61 9.66 -59.33
CA VAL A 6 3.82 10.89 -59.18
C VAL A 6 4.06 11.43 -57.76
N GLN A 7 3.93 10.55 -56.77
CA GLN A 7 4.28 10.81 -55.38
C GLN A 7 5.65 11.47 -55.28
N ASN A 8 6.69 10.77 -55.74
CA ASN A 8 8.05 11.24 -55.49
C ASN A 8 8.37 12.52 -56.25
N ARG A 9 7.71 12.85 -57.39
CA ARG A 9 8.02 14.12 -58.05
C ARG A 9 7.36 15.28 -57.32
N ILE A 10 6.20 15.09 -56.68
CA ILE A 10 5.67 16.19 -55.90
C ILE A 10 6.56 16.46 -54.69
N LYS A 11 7.05 15.46 -53.95
CA LYS A 11 7.98 15.80 -52.87
C LYS A 11 9.30 16.37 -53.45
N GLU A 12 9.71 15.98 -54.66
CA GLU A 12 10.89 16.56 -55.30
C GLU A 12 10.72 18.08 -55.47
N ILE A 13 9.66 18.57 -56.13
CA ILE A 13 9.48 20.02 -56.27
C ILE A 13 9.34 20.65 -54.90
N LEU A 14 8.46 20.12 -54.05
CA LEU A 14 8.16 20.75 -52.77
C LEU A 14 9.39 20.80 -51.87
N ASP A 15 10.37 19.90 -52.01
CA ASP A 15 11.55 19.89 -51.16
C ASP A 15 12.75 20.59 -51.83
N LYS A 16 12.80 20.62 -53.17
CA LYS A 16 13.77 21.46 -53.88
C LYS A 16 13.43 22.92 -53.63
N HIS A 17 12.16 23.20 -53.41
CA HIS A 17 11.58 24.49 -53.08
C HIS A 17 11.04 24.37 -51.66
N ASN A 18 11.90 23.96 -50.73
CA ASN A 18 11.58 23.54 -49.35
C ASN A 18 10.61 24.44 -48.58
N ASN A 19 10.60 25.75 -48.87
CA ASN A 19 9.66 26.71 -48.27
C ASN A 19 8.20 26.44 -48.64
N GLY A 20 7.93 25.56 -49.61
CA GLY A 20 6.62 25.14 -50.06
C GLY A 20 6.14 25.89 -51.31
N ILE A 21 5.01 25.46 -51.88
CA ILE A 21 4.38 26.02 -53.08
C ILE A 21 2.89 26.20 -52.75
N TRP A 22 2.28 27.33 -53.12
CA TRP A 22 0.82 27.52 -52.98
C TRP A 22 0.08 26.51 -53.86
N ILE A 23 -0.98 25.87 -53.38
CA ILE A 23 -1.68 24.83 -54.12
C ILE A 23 -2.25 25.42 -55.42
N SER A 24 -2.71 26.67 -55.44
CA SER A 24 -3.17 27.29 -56.67
C SER A 24 -2.03 27.57 -57.67
N LYS A 25 -0.75 27.66 -57.24
CA LYS A 25 0.39 27.81 -58.16
C LYS A 25 1.08 26.48 -58.46
N LEU A 26 0.91 25.46 -57.62
CA LEU A 26 1.38 24.09 -57.85
C LEU A 26 1.07 23.56 -59.26
N PRO A 27 -0.16 23.68 -59.83
CA PRO A 27 -0.44 23.14 -61.16
C PRO A 27 0.46 23.73 -62.25
N HIS A 28 0.71 25.05 -62.25
CA HIS A 28 1.61 25.63 -63.25
C HIS A 28 3.07 25.36 -62.89
N PHE A 29 3.41 25.23 -61.61
CA PHE A 29 4.74 24.81 -61.21
C PHE A 29 5.05 23.41 -61.75
N TYR A 30 4.08 22.50 -61.65
CA TYR A 30 4.15 21.16 -62.19
C TYR A 30 4.27 21.19 -63.71
N LYS A 31 3.43 21.98 -64.39
CA LYS A 31 3.52 22.17 -65.84
C LYS A 31 4.91 22.63 -66.25
N GLU A 32 5.53 23.56 -65.52
CA GLU A 32 6.86 24.05 -65.86
C GLU A 32 7.91 22.95 -65.72
N PHE A 33 7.80 22.12 -64.66
CA PHE A 33 8.85 21.20 -64.31
C PHE A 33 8.75 19.87 -65.08
N TYR A 34 7.52 19.39 -65.32
CA TYR A 34 7.26 18.04 -65.83
C TYR A 34 6.50 18.05 -67.16
N LYS A 35 6.23 19.25 -67.69
CA LYS A 35 5.68 19.48 -69.04
C LYS A 35 4.34 18.77 -69.23
N GLU A 36 3.52 18.75 -68.18
CA GLU A 36 2.30 17.98 -68.14
C GLU A 36 1.24 18.78 -67.39
N ASP A 37 -0.02 18.60 -67.80
CA ASP A 37 -1.18 19.24 -67.20
C ASP A 37 -1.61 18.43 -65.99
N LEU A 38 -1.32 18.96 -64.79
CA LEU A 38 -1.70 18.34 -63.53
C LEU A 38 -3.24 18.20 -63.48
N ASN A 39 -3.73 16.96 -63.34
CA ASN A 39 -5.15 16.68 -63.19
C ASN A 39 -5.65 17.20 -61.83
N GLN A 40 -6.93 17.58 -61.72
CA GLN A 40 -7.48 18.05 -60.44
C GLN A 40 -7.46 16.98 -59.34
N GLY A 41 -7.49 15.69 -59.70
CA GLY A 41 -7.50 14.58 -58.74
C GLY A 41 -6.17 14.42 -58.01
N VAL A 42 -5.07 14.92 -58.59
CA VAL A 42 -3.81 14.85 -57.89
C VAL A 42 -3.87 15.79 -56.68
N LEU A 43 -4.63 16.90 -56.72
CA LEU A 43 -4.85 17.76 -55.55
C LEU A 43 -5.42 16.97 -54.36
N GLN A 44 -6.38 16.06 -54.58
CA GLN A 44 -6.86 15.25 -53.45
C GLN A 44 -5.82 14.20 -53.04
N GLN A 45 -4.93 13.74 -53.95
CA GLN A 45 -3.80 12.94 -53.48
C GLN A 45 -3.01 13.75 -52.47
N PHE A 46 -2.75 15.02 -52.78
CA PHE A 46 -1.88 15.86 -51.97
C PHE A 46 -2.47 16.02 -50.56
N GLU A 47 -3.81 16.13 -50.49
CA GLU A 47 -4.54 16.24 -49.24
C GLU A 47 -4.35 14.98 -48.39
N HIS A 48 -4.39 13.78 -48.98
CA HIS A 48 -4.26 12.54 -48.20
C HIS A 48 -2.82 12.12 -47.94
N TRP A 49 -1.83 12.51 -48.76
CA TRP A 49 -0.48 11.99 -48.70
C TRP A 49 0.20 12.38 -47.38
N PRO A 50 0.56 11.43 -46.49
CA PRO A 50 1.31 11.75 -45.28
C PRO A 50 2.83 11.82 -45.51
N HIS A 51 3.33 11.24 -46.61
CA HIS A 51 4.78 11.05 -46.83
C HIS A 51 5.28 11.82 -48.05
N ILE A 52 4.43 12.66 -48.65
CA ILE A 52 4.84 13.49 -49.80
C ILE A 52 4.85 14.96 -49.38
N CYS A 53 3.83 15.39 -48.64
CA CYS A 53 3.62 16.81 -48.37
C CYS A 53 2.76 17.00 -47.12
N THR A 54 2.52 18.28 -46.80
CA THR A 54 1.57 18.72 -45.81
C THR A 54 0.83 19.90 -46.44
N VAL A 55 -0.50 19.79 -46.55
CA VAL A 55 -1.34 20.92 -46.92
C VAL A 55 -1.39 21.84 -45.70
N GLU A 56 -1.27 23.14 -45.90
CA GLU A 56 -1.22 24.12 -44.83
C GLU A 56 -2.15 25.27 -45.17
N LYS A 57 -2.97 25.70 -44.23
CA LYS A 57 -3.92 26.81 -44.40
C LYS A 57 -3.68 27.87 -43.30
N PRO A 58 -2.47 28.46 -43.25
CA PRO A 58 -2.06 29.33 -42.14
C PRO A 58 -2.80 30.67 -42.11
N CYS A 59 -3.41 31.10 -43.23
CA CYS A 59 -4.08 32.39 -43.37
C CYS A 59 -5.43 32.19 -44.09
N GLY A 60 -6.35 33.14 -43.90
CA GLY A 60 -7.70 33.09 -44.46
C GLY A 60 -8.49 31.89 -43.94
N GLY A 61 -9.55 31.54 -44.66
CA GLY A 61 -10.42 30.40 -44.36
C GLY A 61 -10.07 29.18 -45.20
N GLY A 62 -8.80 29.06 -45.64
CA GLY A 62 -8.36 27.99 -46.53
C GLY A 62 -8.84 28.20 -47.98
N GLN A 63 -9.07 29.46 -48.39
CA GLN A 63 -9.44 29.81 -49.75
C GLN A 63 -8.31 29.43 -50.74
N ASP A 64 -7.07 29.44 -50.26
CA ASP A 64 -5.88 28.91 -50.92
C ASP A 64 -4.98 28.44 -49.77
N SER A 65 -4.00 27.60 -50.07
CA SER A 65 -3.21 26.89 -49.06
C SER A 65 -1.80 26.68 -49.59
N LEU A 66 -0.85 26.29 -48.74
CA LEU A 66 0.48 25.91 -49.16
C LEU A 66 0.57 24.39 -49.15
N LEU A 67 1.57 23.92 -49.87
CA LEU A 67 2.04 22.56 -49.90
C LEU A 67 3.45 22.65 -49.40
N TYR A 68 3.69 22.20 -48.17
CA TYR A 68 5.04 22.02 -47.69
C TYR A 68 5.47 20.60 -48.08
N PRO A 69 6.77 20.33 -48.21
CA PRO A 69 7.28 18.98 -48.41
C PRO A 69 7.00 18.09 -47.20
N ALA A 70 7.25 16.78 -47.35
CA ALA A 70 7.11 15.74 -46.31
C ALA A 70 7.90 15.95 -45.00
N ARG A 71 8.57 17.09 -44.79
CA ARG A 71 9.28 17.36 -43.54
C ARG A 71 8.32 17.44 -42.35
N ARG A 72 7.10 17.98 -42.56
CA ARG A 72 6.14 18.19 -41.46
C ARG A 72 5.38 16.90 -41.13
N GLU A 73 4.99 16.12 -42.15
CA GLU A 73 4.40 14.77 -42.07
C GLU A 73 3.27 14.58 -41.03
N GLN A 74 2.58 15.66 -40.61
CA GLN A 74 1.56 15.64 -39.57
C GLN A 74 0.46 16.67 -39.90
N PRO A 75 -0.75 16.57 -39.32
CA PRO A 75 -1.84 17.51 -39.60
C PRO A 75 -1.57 18.93 -39.07
N LEU A 76 -0.68 19.03 -38.07
CA LEU A 76 -0.30 20.15 -37.19
C LEU A 76 -0.09 19.56 -35.78
N LYS A 77 -0.88 18.54 -35.40
CA LYS A 77 -0.75 17.84 -34.12
C LYS A 77 0.68 17.29 -33.96
N SER A 78 1.31 17.57 -32.82
CA SER A 78 2.60 17.02 -32.46
C SER A 78 2.43 15.54 -32.12
N ASP A 79 3.32 14.68 -32.63
CA ASP A 79 3.37 13.28 -32.20
C ASP A 79 3.81 13.19 -30.72
N GLN A 80 4.56 14.20 -30.26
CA GLN A 80 5.03 14.34 -28.88
C GLN A 80 3.91 14.72 -27.91
N ASP A 81 2.68 14.95 -28.35
CA ASP A 81 1.62 15.49 -27.49
C ASP A 81 1.33 14.70 -26.19
N PRO A 82 1.33 13.36 -26.17
CA PRO A 82 1.26 12.60 -24.92
C PRO A 82 2.37 12.91 -23.91
N GLU A 83 3.53 13.38 -24.39
CA GLU A 83 4.64 13.76 -23.52
C GLU A 83 4.46 15.22 -23.08
N LYS A 84 3.83 16.04 -23.91
CA LYS A 84 3.61 17.45 -23.63
C LYS A 84 2.57 17.57 -22.52
N GLU A 85 1.44 16.88 -22.68
CA GLU A 85 0.32 16.92 -21.76
C GLU A 85 0.65 16.24 -20.42
N LEU A 86 1.39 15.13 -20.53
CA LEU A 86 1.67 14.15 -19.50
C LEU A 86 0.57 14.03 -18.43
N PRO A 87 -0.60 13.46 -18.76
CA PRO A 87 -1.63 13.13 -17.77
C PRO A 87 -1.09 12.10 -16.75
N PRO A 88 -1.70 11.99 -15.55
CA PRO A 88 -1.24 11.08 -14.53
C PRO A 88 -1.33 9.61 -15.01
N PRO A 89 -0.29 8.77 -14.80
CA PRO A 89 -0.32 7.35 -15.06
C PRO A 89 -1.51 6.58 -14.40
N PRO A 90 -1.85 6.76 -13.11
CA PRO A 90 -2.95 6.04 -12.49
C PRO A 90 -4.32 6.52 -13.02
N PRO A 91 -5.41 5.76 -12.80
CA PRO A 91 -6.76 6.19 -13.15
C PRO A 91 -7.18 7.45 -12.38
N ALA A 92 -6.61 7.68 -11.19
CA ALA A 92 -6.72 8.92 -10.43
C ALA A 92 -5.44 9.07 -9.59
N PRO A 93 -4.83 10.26 -9.51
CA PRO A 93 -3.61 10.47 -8.73
C PRO A 93 -3.89 10.22 -7.25
N LYS A 94 -3.02 9.42 -6.62
CA LYS A 94 -3.13 9.07 -5.20
C LYS A 94 -2.53 10.19 -4.34
N GLN A 95 -2.81 10.14 -3.04
CA GLN A 95 -2.37 11.16 -2.07
C GLN A 95 -1.16 10.67 -1.25
N GLU A 96 -0.57 9.53 -1.61
CA GLU A 96 0.57 8.91 -0.94
C GLU A 96 1.37 8.12 -1.97
N VAL A 97 2.62 7.77 -1.65
CA VAL A 97 3.50 6.97 -2.49
C VAL A 97 2.88 5.62 -2.87
N PRO A 98 3.29 4.96 -3.97
CA PRO A 98 2.77 3.65 -4.36
C PRO A 98 3.11 2.55 -3.32
N SER A 99 4.13 2.77 -2.48
CA SER A 99 4.52 1.89 -1.38
C SER A 99 3.48 1.83 -0.23
N GLN A 100 2.39 2.61 -0.30
CA GLN A 100 1.28 2.61 0.65
C GLN A 100 0.69 1.21 0.87
N GLY A 101 0.01 1.03 2.00
CA GLY A 101 -0.74 -0.17 2.35
C GLY A 101 -1.49 0.06 3.67
N SER A 102 -2.35 -0.88 4.04
CA SER A 102 -3.23 -0.82 5.21
C SER A 102 -3.36 -2.22 5.84
N PRO A 103 -3.64 -2.33 7.15
CA PRO A 103 -3.92 -3.60 7.80
C PRO A 103 -5.22 -4.21 7.27
N ALA A 104 -5.34 -5.52 7.51
CA ALA A 104 -6.48 -6.33 7.13
C ALA A 104 -7.74 -5.84 7.85
N VAL A 105 -8.88 -5.85 7.15
CA VAL A 105 -10.11 -5.22 7.61
C VAL A 105 -10.69 -5.88 8.87
N MET A 106 -10.66 -7.21 8.92
CA MET A 106 -11.06 -8.06 10.04
C MET A 106 -12.39 -7.65 10.68
N PRO A 107 -13.51 -7.80 9.95
CA PRO A 107 -14.83 -7.68 10.54
C PRO A 107 -14.89 -8.60 11.75
N ASP A 108 -15.69 -8.22 12.73
CA ASP A 108 -15.70 -8.84 14.06
C ASP A 108 -15.71 -10.37 14.10
N VAL A 109 -16.49 -11.04 13.25
CA VAL A 109 -16.48 -12.51 13.20
C VAL A 109 -15.10 -13.00 12.75
N LYS A 110 -14.53 -12.38 11.72
CA LYS A 110 -13.21 -12.73 11.18
C LYS A 110 -12.13 -12.45 12.21
N GLU A 111 -12.22 -11.36 12.96
CA GLU A 111 -11.29 -11.09 14.05
C GLU A 111 -11.40 -12.19 15.10
N LYS A 112 -12.63 -12.57 15.51
CA LYS A 112 -12.85 -13.62 16.49
C LYS A 112 -12.15 -14.90 16.05
N VAL A 113 -12.41 -15.38 14.83
CA VAL A 113 -11.80 -16.62 14.39
C VAL A 113 -10.29 -16.45 14.23
N ALA A 114 -9.79 -15.31 13.74
CA ALA A 114 -8.37 -15.10 13.52
C ALA A 114 -7.60 -15.20 14.85
N GLU A 115 -8.09 -14.53 15.90
CA GLU A 115 -7.50 -14.56 17.23
C GLU A 115 -7.61 -15.97 17.83
N LEU A 116 -8.78 -16.59 17.70
CA LEU A 116 -9.03 -17.95 18.17
C LEU A 116 -8.08 -18.95 17.52
N LEU A 117 -7.74 -18.78 16.24
CA LEU A 117 -6.75 -19.62 15.60
C LEU A 117 -5.36 -19.39 16.21
N GLY A 118 -5.01 -18.14 16.50
CA GLY A 118 -3.77 -17.81 17.21
C GLY A 118 -3.64 -18.54 18.54
N LYS A 119 -4.76 -18.79 19.24
CA LYS A 119 -4.80 -19.48 20.53
C LYS A 119 -4.43 -20.98 20.46
N TYR A 120 -4.34 -21.63 19.29
CA TYR A 120 -4.23 -23.08 19.19
C TYR A 120 -3.19 -23.53 18.15
N SER A 121 -2.18 -24.27 18.59
CA SER A 121 -1.23 -24.97 17.72
C SER A 121 -1.91 -26.13 16.98
N SER A 122 -2.85 -26.83 17.63
CA SER A 122 -3.73 -27.86 17.06
C SER A 122 -4.73 -27.30 16.04
N GLY A 123 -4.75 -25.99 15.80
CA GLY A 123 -5.80 -25.39 15.04
C GLY A 123 -7.11 -25.55 15.79
N LEU A 124 -8.22 -25.37 15.10
CA LEU A 124 -9.54 -25.71 15.63
C LEU A 124 -10.14 -26.63 14.60
N TRP A 125 -10.60 -27.78 15.07
CA TRP A 125 -11.27 -28.77 14.24
C TRP A 125 -12.66 -28.27 13.85
N ALA A 126 -13.28 -28.88 12.84
CA ALA A 126 -14.53 -28.39 12.25
C ALA A 126 -15.62 -28.11 13.29
N SER A 127 -15.75 -28.99 14.29
CA SER A 127 -16.73 -28.83 15.37
C SER A 127 -16.18 -28.00 16.53
N ALA A 128 -14.86 -28.12 16.79
CA ALA A 128 -14.20 -27.41 17.87
C ALA A 128 -14.17 -25.90 17.62
N LEU A 129 -14.15 -25.45 16.35
CA LEU A 129 -14.19 -24.02 16.03
C LEU A 129 -15.48 -23.41 16.60
N PRO A 130 -16.70 -23.85 16.24
CA PRO A 130 -17.94 -23.46 16.91
C PRO A 130 -17.85 -23.51 18.44
N LYS A 131 -17.41 -24.63 19.02
CA LYS A 131 -17.40 -24.76 20.48
C LYS A 131 -16.50 -23.70 21.12
N ALA A 132 -15.28 -23.54 20.62
CA ALA A 132 -14.31 -22.58 21.17
C ALA A 132 -14.76 -21.15 20.92
N PHE A 133 -15.43 -20.87 19.79
CA PHE A 133 -16.01 -19.58 19.47
C PHE A 133 -16.92 -19.15 20.63
N GLU A 134 -17.91 -19.99 20.94
CA GLU A 134 -18.95 -19.68 21.91
C GLU A 134 -18.34 -19.62 23.32
N ASP A 135 -17.42 -20.54 23.63
CA ASP A 135 -16.80 -20.62 24.94
C ASP A 135 -15.92 -19.39 25.23
N MET A 136 -15.16 -18.92 24.24
CA MET A 136 -14.17 -17.88 24.46
C MET A 136 -14.86 -16.53 24.54
N TYR A 137 -15.74 -16.25 23.58
CA TYR A 137 -16.36 -14.93 23.44
C TYR A 137 -17.71 -14.84 24.18
N LYS A 138 -18.15 -15.93 24.84
CA LYS A 138 -19.42 -16.04 25.57
C LYS A 138 -20.61 -15.45 24.79
N VAL A 139 -20.71 -15.83 23.52
CA VAL A 139 -21.79 -15.39 22.62
C VAL A 139 -22.43 -16.61 21.97
N LYS A 140 -23.77 -16.62 21.88
CA LYS A 140 -24.51 -17.60 21.09
C LYS A 140 -24.52 -17.03 19.68
N PHE A 141 -23.55 -17.46 18.87
CA PHE A 141 -23.30 -16.91 17.54
C PHE A 141 -24.50 -17.09 16.60
N PRO A 142 -24.68 -16.16 15.64
CA PRO A 142 -25.62 -16.37 14.55
C PRO A 142 -25.00 -17.46 13.68
N GLU A 143 -25.80 -18.40 13.13
CA GLU A 143 -25.19 -19.56 12.46
C GLU A 143 -24.40 -19.15 11.22
N ASP A 144 -24.80 -18.06 10.55
CA ASP A 144 -24.06 -17.53 9.41
C ASP A 144 -22.59 -17.22 9.75
N ALA A 145 -22.31 -16.85 11.00
CA ALA A 145 -20.96 -16.53 11.44
C ALA A 145 -20.14 -17.80 11.71
N LEU A 146 -20.76 -18.91 12.17
CA LEU A 146 -20.04 -20.14 12.54
C LEU A 146 -20.14 -21.30 11.52
N LYS A 147 -21.06 -21.26 10.54
CA LYS A 147 -21.22 -22.31 9.53
C LYS A 147 -20.64 -21.92 8.16
N ASN A 148 -20.27 -20.66 7.92
CA ASN A 148 -19.77 -20.22 6.62
C ASN A 148 -18.27 -20.52 6.57
N LEU A 149 -17.91 -21.80 6.35
CA LEU A 149 -16.54 -22.28 6.38
C LEU A 149 -15.62 -21.41 5.51
N ALA A 150 -16.10 -20.90 4.38
CA ALA A 150 -15.30 -20.15 3.41
C ALA A 150 -14.76 -18.82 3.93
N SER A 151 -15.54 -18.05 4.71
CA SER A 151 -15.02 -16.82 5.32
C SER A 151 -13.92 -17.18 6.32
N LEU A 152 -14.14 -18.28 7.05
CA LEU A 152 -13.12 -18.78 7.95
C LEU A 152 -11.89 -19.19 7.11
N SER A 153 -12.04 -19.78 5.92
CA SER A 153 -10.93 -20.04 4.99
C SER A 153 -10.24 -18.76 4.50
N ASP A 154 -10.92 -17.62 4.47
CA ASP A 154 -10.27 -16.36 4.11
C ASP A 154 -9.27 -15.98 5.21
N VAL A 155 -9.59 -16.28 6.47
CA VAL A 155 -8.69 -15.94 7.59
C VAL A 155 -7.92 -17.12 8.21
N CYS A 156 -8.10 -18.34 7.68
CA CYS A 156 -7.50 -19.57 8.20
C CYS A 156 -7.12 -20.50 7.04
N THR A 157 -6.11 -21.33 7.24
CA THR A 157 -5.81 -22.42 6.33
C THR A 157 -6.89 -23.43 6.69
N ILE A 158 -7.55 -24.05 5.71
CA ILE A 158 -8.45 -25.16 5.98
C ILE A 158 -7.93 -26.35 5.20
N ASN A 159 -7.81 -27.45 5.94
CA ASN A 159 -7.22 -28.71 5.57
C ASN A 159 -8.19 -29.77 6.10
N TYR A 160 -8.21 -30.95 5.50
CA TYR A 160 -9.23 -31.96 5.77
C TYR A 160 -8.61 -33.29 6.17
N ILE A 161 -9.42 -34.14 6.79
CA ILE A 161 -9.06 -35.49 7.21
C ILE A 161 -10.26 -36.39 6.92
N SER A 162 -10.06 -37.72 6.99
CA SER A 162 -11.07 -38.75 6.76
C SER A 162 -11.63 -38.80 5.33
N GLY A 163 -11.06 -38.00 4.41
CA GLY A 163 -11.40 -37.93 3.00
C GLY A 163 -10.78 -36.67 2.40
N ASN A 164 -11.05 -36.42 1.11
CA ASN A 164 -10.61 -35.19 0.43
C ASN A 164 -11.21 -33.96 1.12
N THR A 165 -12.48 -34.05 1.50
CA THR A 165 -13.30 -32.95 2.02
C THR A 165 -14.44 -33.60 2.85
N GLN A 166 -14.14 -34.05 4.08
CA GLN A 166 -15.13 -34.72 4.94
C GLN A 166 -15.06 -34.17 6.36
N LYS A 167 -13.90 -34.26 7.01
CA LYS A 167 -13.64 -33.67 8.33
C LYS A 167 -12.67 -32.52 8.05
N ALA A 168 -12.70 -31.42 8.81
CA ALA A 168 -11.96 -30.20 8.48
C ALA A 168 -11.23 -29.68 9.70
N ILE A 169 -10.17 -28.91 9.46
CA ILE A 169 -9.18 -28.46 10.42
C ILE A 169 -8.81 -27.08 9.96
N LEU A 170 -9.08 -26.08 10.78
CA LEU A 170 -8.63 -24.73 10.55
C LEU A 170 -7.27 -24.59 11.22
N TYR A 171 -6.31 -23.96 10.55
CA TYR A 171 -5.02 -23.53 11.09
C TYR A 171 -4.88 -22.04 10.80
N ALA A 172 -3.96 -21.34 11.46
CA ALA A 172 -3.72 -19.92 11.18
C ALA A 172 -3.20 -19.74 9.75
N LYS A 173 -3.40 -18.52 9.21
CA LYS A 173 -3.03 -18.14 7.83
C LYS A 173 -2.11 -16.91 7.81
N LEU A 174 -1.77 -16.38 8.98
CA LEU A 174 -0.96 -15.18 9.21
C LEU A 174 -1.45 -13.99 8.36
N PRO A 175 -2.69 -13.50 8.62
CA PRO A 175 -3.20 -12.29 7.99
C PRO A 175 -2.48 -11.03 8.51
N LEU A 176 -3.00 -9.84 8.16
CA LEU A 176 -2.34 -8.57 8.37
C LEU A 176 -3.05 -7.59 9.34
N PRO A 177 -3.74 -7.98 10.43
CA PRO A 177 -4.22 -7.02 11.44
C PRO A 177 -3.09 -6.55 12.37
N THR A 178 -1.89 -6.47 11.83
CA THR A 178 -0.69 -6.20 12.59
C THR A 178 -0.71 -4.77 13.16
N ASP A 179 0.15 -4.55 14.17
CA ASP A 179 0.37 -3.24 14.80
C ASP A 179 0.88 -2.18 13.80
N LYS A 180 1.34 -2.63 12.63
CA LYS A 180 2.01 -1.86 11.59
C LYS A 180 1.63 -2.49 10.25
N GLY A 1 -6.52 36.09 55.55
CA GLY A 1 -5.08 36.44 55.62
C GLY A 1 -4.71 37.51 54.59
N HIS A 2 -4.08 38.61 55.04
CA HIS A 2 -3.78 39.77 54.19
C HIS A 2 -2.89 39.44 52.99
N MET A 3 -2.07 38.39 53.06
CA MET A 3 -1.20 38.01 51.95
C MET A 3 -1.99 37.56 50.72
N ASP A 4 -3.29 37.25 50.83
CA ASP A 4 -4.14 37.02 49.66
C ASP A 4 -4.20 38.27 48.78
N GLU A 5 -4.15 39.46 49.39
CA GLU A 5 -4.11 40.72 48.67
C GLU A 5 -2.74 40.90 48.01
N VAL A 6 -1.66 40.48 48.69
CA VAL A 6 -0.30 40.60 48.14
C VAL A 6 -0.19 39.68 46.93
N GLN A 7 -0.58 38.41 47.11
CA GLN A 7 -0.70 37.41 46.07
C GLN A 7 -1.39 37.99 44.84
N ASN A 8 -2.66 38.39 44.98
CA ASN A 8 -3.42 38.75 43.79
C ASN A 8 -2.91 40.04 43.16
N ARG A 9 -2.26 40.97 43.89
CA ARG A 9 -1.73 42.17 43.21
C ARG A 9 -0.49 41.85 42.41
N ILE A 10 0.30 40.82 42.76
CA ILE A 10 1.37 40.42 41.86
C ILE A 10 0.81 39.77 40.61
N LYS A 11 -0.15 38.83 40.69
CA LYS A 11 -0.68 38.31 39.42
C LYS A 11 -1.35 39.44 38.63
N GLU A 12 -1.89 40.47 39.29
CA GLU A 12 -2.43 41.64 38.62
C GLU A 12 -1.36 42.38 37.82
N ILE A 13 -0.18 42.75 38.38
CA ILE A 13 0.83 43.41 37.55
C ILE A 13 1.27 42.48 36.44
N LEU A 14 1.59 41.22 36.79
CA LEU A 14 2.14 40.31 35.81
C LEU A 14 1.16 40.06 34.67
N ASP A 15 -0.15 40.16 34.90
CA ASP A 15 -1.15 39.90 33.86
C ASP A 15 -1.61 41.17 33.16
N LYS A 16 -1.64 42.33 33.84
CA LYS A 16 -1.86 43.61 33.19
C LYS A 16 -0.69 43.92 32.25
N HIS A 17 0.47 43.34 32.54
CA HIS A 17 1.68 43.41 31.74
C HIS A 17 2.00 41.99 31.25
N ASN A 18 0.97 41.25 30.79
CA ASN A 18 0.92 39.81 30.47
C ASN A 18 2.20 39.16 29.94
N ASN A 19 2.98 39.88 29.13
CA ASN A 19 4.31 39.46 28.68
C ASN A 19 5.31 39.12 29.80
N GLY A 20 4.99 39.47 31.06
CA GLY A 20 5.81 39.20 32.24
C GLY A 20 6.73 40.37 32.60
N ILE A 21 7.38 40.29 33.76
CA ILE A 21 8.26 41.33 34.31
C ILE A 21 9.56 40.64 34.75
N TRP A 22 10.74 41.22 34.46
CA TRP A 22 12.02 40.72 34.96
C TRP A 22 12.04 40.83 36.49
N ILE A 23 12.53 39.81 37.20
CA ILE A 23 12.47 39.80 38.66
C ILE A 23 13.30 40.95 39.25
N SER A 24 14.37 41.38 38.58
CA SER A 24 15.15 42.55 38.98
C SER A 24 14.38 43.87 38.82
N LYS A 25 13.44 43.95 37.86
CA LYS A 25 12.63 45.16 37.65
C LYS A 25 11.28 45.10 38.38
N LEU A 26 10.80 43.90 38.73
CA LEU A 26 9.62 43.68 39.59
C LEU A 26 9.59 44.61 40.81
N PRO A 27 10.64 44.79 41.63
CA PRO A 27 10.58 45.67 42.79
C PRO A 27 10.21 47.11 42.42
N HIS A 28 10.80 47.71 41.38
CA HIS A 28 10.45 49.08 41.03
C HIS A 28 9.14 49.14 40.25
N PHE A 29 8.76 48.06 39.56
CA PHE A 29 7.46 47.99 38.94
C PHE A 29 6.36 47.98 40.00
N TYR A 30 6.56 47.20 41.07
CA TYR A 30 5.68 47.17 42.22
C TYR A 30 5.60 48.55 42.86
N LYS A 31 6.76 49.20 43.08
CA LYS A 31 6.84 50.57 43.60
C LYS A 31 6.01 51.52 42.74
N GLU A 32 6.14 51.51 41.42
CA GLU A 32 5.41 52.49 40.61
C GLU A 32 3.90 52.20 40.56
N PHE A 33 3.47 50.93 40.72
CA PHE A 33 2.06 50.57 40.62
C PHE A 33 1.33 50.75 41.95
N TYR A 34 1.97 50.41 43.08
CA TYR A 34 1.32 50.32 44.40
C TYR A 34 1.92 51.26 45.44
N LYS A 35 2.96 52.01 45.06
CA LYS A 35 3.59 53.06 45.86
C LYS A 35 4.05 52.49 47.21
N GLU A 36 4.65 51.30 47.18
CA GLU A 36 5.15 50.59 48.33
C GLU A 36 6.46 49.93 47.93
N ASP A 37 7.39 49.88 48.87
CA ASP A 37 8.70 49.25 48.71
C ASP A 37 8.52 47.75 48.89
N LEU A 38 8.65 47.00 47.79
CA LEU A 38 8.60 45.55 47.81
C LEU A 38 9.68 45.01 48.77
N ASN A 39 9.27 44.30 49.82
CA ASN A 39 10.19 43.64 50.74
C ASN A 39 10.95 42.52 50.01
N GLN A 40 12.18 42.24 50.41
CA GLN A 40 13.01 41.20 49.78
C GLN A 40 12.34 39.81 49.86
N GLY A 41 11.58 39.52 50.92
CA GLY A 41 10.96 38.21 51.13
C GLY A 41 9.88 37.91 50.10
N VAL A 42 9.26 38.92 49.48
CA VAL A 42 8.25 38.65 48.47
C VAL A 42 8.91 37.95 47.27
N LEU A 43 10.20 38.16 47.00
CA LEU A 43 10.96 37.38 46.02
C LEU A 43 10.89 35.88 46.32
N GLN A 44 10.95 35.49 47.60
CA GLN A 44 10.83 34.08 47.95
C GLN A 44 9.42 33.60 47.62
N GLN A 45 8.42 34.43 47.91
CA GLN A 45 7.04 34.08 47.54
C GLN A 45 6.92 33.89 46.04
N PHE A 46 7.52 34.76 45.23
CA PHE A 46 7.46 34.66 43.78
C PHE A 46 7.99 33.29 43.32
N GLU A 47 9.09 32.85 43.93
CA GLU A 47 9.71 31.57 43.61
C GLU A 47 8.82 30.38 43.97
N HIS A 48 8.05 30.44 45.08
CA HIS A 48 7.29 29.28 45.54
C HIS A 48 5.82 29.30 45.11
N TRP A 49 5.25 30.44 44.68
CA TRP A 49 3.83 30.58 44.42
C TRP A 49 3.43 29.86 43.12
N PRO A 50 2.61 28.79 43.15
CA PRO A 50 2.04 28.23 41.93
C PRO A 50 0.84 29.04 41.43
N HIS A 51 0.14 29.76 42.33
CA HIS A 51 -1.15 30.39 42.02
C HIS A 51 -0.99 31.81 41.47
N ILE A 52 0.22 32.39 41.53
CA ILE A 52 0.40 33.82 41.25
C ILE A 52 1.24 34.02 40.00
N CYS A 53 2.25 33.17 39.76
CA CYS A 53 3.23 33.43 38.72
C CYS A 53 3.95 32.15 38.29
N THR A 54 4.83 32.31 37.29
CA THR A 54 5.79 31.31 36.85
C THR A 54 7.12 32.06 36.75
N VAL A 55 8.13 31.64 37.51
CA VAL A 55 9.48 32.13 37.32
C VAL A 55 9.99 31.44 36.06
N GLU A 56 10.62 32.20 35.17
CA GLU A 56 11.21 31.70 33.93
C GLU A 56 12.66 32.13 33.95
N LYS A 57 13.58 31.23 33.61
CA LYS A 57 15.02 31.46 33.78
C LYS A 57 15.72 31.42 32.40
N PRO A 58 15.26 32.19 31.40
CA PRO A 58 15.77 32.10 30.04
C PRO A 58 17.25 32.50 30.00
N CYS A 59 18.13 31.55 29.68
CA CYS A 59 19.58 31.69 29.68
C CYS A 59 20.11 32.40 30.95
N GLY A 60 19.52 32.09 32.12
CA GLY A 60 19.81 32.77 33.38
C GLY A 60 19.42 31.90 34.58
N GLY A 61 19.36 32.51 35.76
CA GLY A 61 18.95 31.84 37.00
C GLY A 61 19.44 32.53 38.28
N GLY A 62 19.79 33.82 38.23
CA GLY A 62 20.39 34.56 39.33
C GLY A 62 19.88 36.00 39.33
N GLN A 63 18.58 36.14 39.60
CA GLN A 63 17.82 37.38 39.49
C GLN A 63 18.00 38.03 38.10
N ASP A 64 18.00 37.19 37.08
CA ASP A 64 18.07 37.52 35.65
C ASP A 64 17.08 36.57 34.97
N SER A 65 15.87 36.61 35.50
CA SER A 65 14.76 35.70 35.26
C SER A 65 13.50 36.55 35.04
N LEU A 66 12.44 35.99 34.46
CA LEU A 66 11.17 36.66 34.29
C LEU A 66 10.16 36.10 35.28
N LEU A 67 9.09 36.86 35.47
CA LEU A 67 7.89 36.49 36.18
C LEU A 67 6.79 36.60 35.17
N TYR A 68 6.28 35.47 34.72
CA TYR A 68 5.06 35.44 33.92
C TYR A 68 3.87 35.33 34.89
N PRO A 69 2.69 35.82 34.50
CA PRO A 69 1.48 35.70 35.32
C PRO A 69 1.01 34.25 35.43
N ALA A 70 0.28 33.94 36.50
CA ALA A 70 -0.40 32.67 36.60
C ALA A 70 -1.60 32.66 35.65
N ARG A 71 -1.43 31.94 34.53
CA ARG A 71 -2.48 31.60 33.57
C ARG A 71 -2.47 30.08 33.31
N ARG A 72 -1.74 29.33 34.12
CA ARG A 72 -1.41 27.91 33.95
C ARG A 72 -1.40 27.20 35.31
N GLU A 73 -2.30 27.60 36.23
CA GLU A 73 -2.43 27.03 37.57
C GLU A 73 -2.76 25.52 37.57
N GLN A 74 -3.20 24.94 36.44
CA GLN A 74 -3.45 23.51 36.29
C GLN A 74 -2.18 22.68 36.59
N PRO A 75 -2.32 21.40 36.99
CA PRO A 75 -1.18 20.50 37.26
C PRO A 75 -0.18 20.45 36.10
N LEU A 76 1.11 20.35 36.45
CA LEU A 76 2.21 20.23 35.49
C LEU A 76 2.17 18.84 34.87
N LYS A 77 1.71 18.74 33.61
CA LYS A 77 1.84 17.51 32.82
C LYS A 77 3.32 17.31 32.44
N SER A 78 3.68 16.10 32.00
CA SER A 78 5.06 15.76 31.67
C SER A 78 5.56 16.66 30.55
N ASP A 79 6.59 17.47 30.84
CA ASP A 79 7.28 18.24 29.81
C ASP A 79 8.01 17.32 28.83
N GLN A 80 8.35 16.09 29.28
CA GLN A 80 9.00 15.06 28.48
C GLN A 80 8.04 14.37 27.49
N ASP A 81 6.73 14.65 27.50
CA ASP A 81 5.77 13.93 26.64
C ASP A 81 6.13 13.88 25.14
N PRO A 82 6.60 14.97 24.49
CA PRO A 82 7.12 14.97 23.12
C PRO A 82 8.31 14.03 22.86
N GLU A 83 8.91 13.45 23.91
CA GLU A 83 10.03 12.52 23.85
C GLU A 83 9.61 11.14 24.38
N LYS A 84 8.61 11.09 25.27
CA LYS A 84 8.22 9.91 26.03
C LYS A 84 7.68 8.81 25.10
N GLU A 85 6.84 9.19 24.15
CA GLU A 85 6.22 8.30 23.15
C GLU A 85 6.39 8.88 21.73
N LEU A 86 7.20 9.93 21.63
CA LEU A 86 7.47 10.76 20.47
C LEU A 86 6.23 11.00 19.58
N PRO A 87 5.14 11.60 20.13
CA PRO A 87 3.93 11.88 19.36
C PRO A 87 4.01 12.98 18.27
N PRO A 88 4.97 13.95 18.20
CA PRO A 88 4.89 15.03 17.22
C PRO A 88 4.77 14.63 15.74
N PRO A 89 5.54 13.65 15.19
CA PRO A 89 5.44 13.27 13.78
C PRO A 89 4.02 12.80 13.38
N PRO A 90 3.62 12.99 12.11
CA PRO A 90 2.38 12.41 11.59
C PRO A 90 2.52 10.87 11.50
N PRO A 91 1.39 10.13 11.43
CA PRO A 91 1.42 8.68 11.22
C PRO A 91 2.24 8.26 10.00
N ALA A 92 2.15 9.04 8.92
CA ALA A 92 2.97 8.98 7.72
C ALA A 92 2.88 10.34 7.02
N PRO A 93 3.86 10.71 6.17
CA PRO A 93 3.74 11.89 5.31
C PRO A 93 2.72 11.66 4.17
N LYS A 94 2.53 10.40 3.74
CA LYS A 94 1.50 10.00 2.79
C LYS A 94 0.11 10.19 3.38
N GLN A 95 -0.91 10.20 2.52
CA GLN A 95 -2.32 10.37 2.89
C GLN A 95 -3.18 9.25 2.30
N GLU A 96 -2.55 8.21 1.75
CA GLU A 96 -3.16 7.09 1.07
C GLU A 96 -2.20 5.89 1.17
N VAL A 97 -2.70 4.67 0.94
CA VAL A 97 -1.88 3.46 0.94
C VAL A 97 -0.84 3.50 -0.21
N PRO A 98 0.33 2.87 -0.05
CA PRO A 98 1.27 2.68 -1.15
C PRO A 98 0.71 1.65 -2.14
N SER A 99 1.25 1.64 -3.37
CA SER A 99 0.88 0.68 -4.40
C SER A 99 1.26 -0.76 -4.03
N GLN A 100 2.22 -0.94 -3.11
CA GLN A 100 2.73 -2.24 -2.70
C GLN A 100 1.66 -3.11 -2.04
N GLY A 101 0.71 -2.50 -1.31
CA GLY A 101 -0.36 -3.26 -0.65
C GLY A 101 -1.03 -2.45 0.48
N SER A 102 -1.98 -3.10 1.16
CA SER A 102 -2.80 -2.51 2.22
C SER A 102 -2.94 -3.53 3.38
N PRO A 103 -3.25 -3.08 4.61
CA PRO A 103 -3.61 -3.95 5.72
C PRO A 103 -4.77 -4.91 5.38
N ALA A 104 -4.88 -5.99 6.16
CA ALA A 104 -6.00 -6.92 6.13
C ALA A 104 -7.30 -6.24 6.54
N VAL A 105 -8.42 -6.87 6.19
CA VAL A 105 -9.77 -6.44 6.51
C VAL A 105 -10.38 -7.56 7.34
N MET A 106 -10.46 -7.34 8.66
CA MET A 106 -10.92 -8.33 9.63
C MET A 106 -12.16 -7.82 10.38
N PRO A 107 -13.37 -7.90 9.76
CA PRO A 107 -14.63 -7.66 10.46
C PRO A 107 -14.75 -8.53 11.71
N ASP A 108 -15.68 -8.21 12.60
CA ASP A 108 -15.78 -8.78 13.94
C ASP A 108 -15.74 -10.31 13.99
N VAL A 109 -16.51 -10.99 13.13
CA VAL A 109 -16.49 -12.45 13.08
C VAL A 109 -15.09 -12.92 12.67
N LYS A 110 -14.50 -12.33 11.62
CA LYS A 110 -13.19 -12.72 11.13
C LYS A 110 -12.10 -12.47 12.17
N GLU A 111 -12.19 -11.38 12.93
CA GLU A 111 -11.26 -11.10 14.01
C GLU A 111 -11.38 -12.16 15.12
N LYS A 112 -12.62 -12.54 15.51
CA LYS A 112 -12.86 -13.59 16.50
C LYS A 112 -12.15 -14.87 16.05
N VAL A 113 -12.40 -15.29 14.82
CA VAL A 113 -11.78 -16.47 14.24
C VAL A 113 -10.25 -16.31 14.28
N ALA A 114 -9.73 -15.18 13.80
CA ALA A 114 -8.30 -15.01 13.60
C ALA A 114 -7.54 -15.12 14.92
N GLU A 115 -8.04 -14.50 15.99
CA GLU A 115 -7.43 -14.61 17.33
C GLU A 115 -7.62 -16.01 17.90
N LEU A 116 -8.81 -16.59 17.70
CA LEU A 116 -9.14 -17.95 18.16
C LEU A 116 -8.17 -18.96 17.56
N LEU A 117 -7.87 -18.84 16.26
CA LEU A 117 -6.84 -19.65 15.61
C LEU A 117 -5.47 -19.32 16.17
N GLY A 118 -5.18 -18.03 16.35
CA GLY A 118 -3.88 -17.53 16.78
C GLY A 118 -3.37 -18.21 18.06
N LYS A 119 -4.26 -18.50 19.03
CA LYS A 119 -3.86 -19.06 20.32
C LYS A 119 -4.09 -20.57 20.44
N TYR A 120 -4.28 -21.29 19.33
CA TYR A 120 -4.50 -22.74 19.31
C TYR A 120 -3.48 -23.41 18.38
N SER A 121 -2.46 -24.04 18.96
CA SER A 121 -1.49 -24.84 18.21
C SER A 121 -2.14 -26.07 17.55
N SER A 122 -3.17 -26.63 18.19
CA SER A 122 -4.02 -27.70 17.66
C SER A 122 -4.90 -27.24 16.49
N GLY A 123 -4.90 -25.95 16.15
CA GLY A 123 -5.87 -25.39 15.24
C GLY A 123 -7.23 -25.50 15.91
N LEU A 124 -8.29 -25.33 15.13
CA LEU A 124 -9.64 -25.63 15.58
C LEU A 124 -10.22 -26.56 14.54
N TRP A 125 -10.77 -27.69 14.99
CA TRP A 125 -11.42 -28.66 14.14
C TRP A 125 -12.80 -28.13 13.77
N ALA A 126 -13.44 -28.67 12.72
CA ALA A 126 -14.72 -28.16 12.18
C ALA A 126 -15.79 -27.92 13.25
N SER A 127 -15.91 -28.84 14.21
CA SER A 127 -16.88 -28.74 15.31
C SER A 127 -16.32 -27.89 16.46
N ALA A 128 -15.01 -28.00 16.71
CA ALA A 128 -14.34 -27.27 17.78
C ALA A 128 -14.32 -25.77 17.52
N LEU A 129 -14.34 -25.32 16.24
CA LEU A 129 -14.37 -23.89 15.89
C LEU A 129 -15.63 -23.24 16.50
N PRO A 130 -16.88 -23.66 16.18
CA PRO A 130 -18.09 -23.22 16.89
C PRO A 130 -18.01 -23.36 18.41
N LYS A 131 -17.55 -24.51 18.94
CA LYS A 131 -17.54 -24.69 20.40
C LYS A 131 -16.62 -23.66 21.07
N ALA A 132 -15.39 -23.50 20.57
CA ALA A 132 -14.42 -22.58 21.13
C ALA A 132 -14.85 -21.13 20.95
N PHE A 133 -15.51 -20.80 19.84
CA PHE A 133 -16.10 -19.50 19.58
C PHE A 133 -16.97 -19.07 20.76
N GLU A 134 -17.97 -19.89 21.07
CA GLU A 134 -18.99 -19.57 22.06
C GLU A 134 -18.38 -19.62 23.46
N ASP A 135 -17.49 -20.60 23.70
CA ASP A 135 -16.83 -20.81 24.99
C ASP A 135 -15.90 -19.65 25.33
N MET A 136 -15.19 -19.07 24.36
CA MET A 136 -14.17 -18.09 24.65
C MET A 136 -14.78 -16.69 24.79
N TYR A 137 -15.58 -16.26 23.81
CA TYR A 137 -16.04 -14.87 23.78
C TYR A 137 -17.34 -14.67 24.59
N LYS A 138 -17.91 -15.75 25.15
CA LYS A 138 -19.14 -15.75 25.96
C LYS A 138 -20.32 -15.23 25.15
N VAL A 139 -20.55 -15.90 24.02
CA VAL A 139 -21.49 -15.50 22.98
C VAL A 139 -22.23 -16.75 22.51
N LYS A 140 -23.47 -16.59 22.06
CA LYS A 140 -24.25 -17.61 21.36
C LYS A 140 -24.69 -16.85 20.12
N PHE A 141 -23.97 -17.02 19.01
CA PHE A 141 -24.13 -16.18 17.82
C PHE A 141 -24.53 -16.99 16.58
N PRO A 142 -25.07 -16.35 15.52
CA PRO A 142 -25.69 -17.03 14.40
C PRO A 142 -24.80 -18.09 13.79
N GLU A 143 -25.39 -19.20 13.36
CA GLU A 143 -24.64 -20.28 12.70
C GLU A 143 -23.97 -19.78 11.43
N ASP A 144 -24.51 -18.76 10.77
CA ASP A 144 -23.89 -18.15 9.59
C ASP A 144 -22.46 -17.70 9.89
N ALA A 145 -22.20 -17.19 11.11
CA ALA A 145 -20.87 -16.78 11.53
C ALA A 145 -19.93 -17.98 11.77
N LEU A 146 -20.46 -19.14 12.19
CA LEU A 146 -19.68 -20.29 12.66
C LEU A 146 -19.56 -21.40 11.62
N LYS A 147 -20.46 -21.44 10.63
CA LYS A 147 -20.60 -22.56 9.70
C LYS A 147 -20.27 -22.18 8.26
N ASN A 148 -20.13 -20.88 7.93
CA ASN A 148 -19.77 -20.42 6.59
C ASN A 148 -18.28 -20.64 6.38
N LEU A 149 -17.91 -21.85 5.95
CA LEU A 149 -16.53 -22.31 5.79
C LEU A 149 -15.66 -21.35 4.97
N ALA A 150 -16.25 -20.59 4.03
CA ALA A 150 -15.50 -19.75 3.11
C ALA A 150 -14.83 -18.55 3.79
N SER A 151 -15.57 -17.75 4.57
CA SER A 151 -14.98 -16.61 5.27
C SER A 151 -13.94 -17.11 6.28
N LEU A 152 -14.23 -18.26 6.89
CA LEU A 152 -13.27 -18.88 7.79
C LEU A 152 -12.03 -19.26 6.99
N SER A 153 -12.17 -19.76 5.75
CA SER A 153 -11.04 -20.06 4.87
C SER A 153 -10.30 -18.80 4.41
N ASP A 154 -10.94 -17.63 4.40
CA ASP A 154 -10.26 -16.37 4.11
C ASP A 154 -9.29 -16.01 5.24
N VAL A 155 -9.63 -16.39 6.49
CA VAL A 155 -8.78 -16.03 7.65
C VAL A 155 -8.06 -17.23 8.29
N CYS A 156 -8.21 -18.44 7.76
CA CYS A 156 -7.62 -19.67 8.26
C CYS A 156 -7.21 -20.55 7.09
N THR A 157 -6.16 -21.35 7.27
CA THR A 157 -5.85 -22.41 6.33
C THR A 157 -6.91 -23.46 6.68
N ILE A 158 -7.71 -23.91 5.71
CA ILE A 158 -8.61 -25.02 5.93
C ILE A 158 -8.08 -26.17 5.09
N ASN A 159 -8.02 -27.31 5.75
CA ASN A 159 -7.45 -28.55 5.27
C ASN A 159 -8.35 -29.65 5.83
N TYR A 160 -8.34 -30.84 5.24
CA TYR A 160 -9.32 -31.87 5.52
C TYR A 160 -8.63 -33.15 5.98
N ILE A 161 -9.41 -33.99 6.64
CA ILE A 161 -8.99 -35.26 7.22
C ILE A 161 -10.09 -36.27 6.89
N SER A 162 -9.80 -37.56 7.03
CA SER A 162 -10.68 -38.69 6.71
C SER A 162 -10.99 -38.83 5.21
N GLY A 163 -10.77 -37.79 4.39
CA GLY A 163 -10.83 -37.82 2.94
C GLY A 163 -10.91 -36.39 2.41
N ASN A 164 -10.96 -36.25 1.08
CA ASN A 164 -11.15 -34.96 0.41
C ASN A 164 -12.48 -34.34 0.86
N THR A 165 -12.41 -33.21 1.56
CA THR A 165 -13.56 -32.46 2.07
C THR A 165 -14.55 -33.39 2.80
N GLN A 166 -14.05 -34.22 3.75
CA GLN A 166 -14.90 -35.13 4.53
C GLN A 166 -14.99 -34.67 5.98
N LYS A 167 -13.85 -34.38 6.60
CA LYS A 167 -13.74 -33.72 7.90
C LYS A 167 -12.80 -32.53 7.65
N ALA A 168 -12.90 -31.43 8.38
CA ALA A 168 -12.09 -30.23 8.16
C ALA A 168 -11.40 -29.82 9.46
N ILE A 169 -10.28 -29.14 9.29
CA ILE A 169 -9.43 -28.57 10.31
C ILE A 169 -9.22 -27.12 9.87
N LEU A 170 -8.98 -26.22 10.82
CA LEU A 170 -8.58 -24.84 10.55
C LEU A 170 -7.24 -24.65 11.26
N TYR A 171 -6.29 -24.00 10.59
CA TYR A 171 -5.03 -23.52 11.17
C TYR A 171 -4.95 -22.02 10.90
N ALA A 172 -4.08 -21.29 11.61
CA ALA A 172 -3.87 -19.86 11.36
C ALA A 172 -3.29 -19.65 9.95
N LYS A 173 -3.51 -18.45 9.42
CA LYS A 173 -3.11 -18.03 8.06
C LYS A 173 -2.26 -16.75 8.09
N LEU A 174 -1.67 -16.48 9.25
CA LEU A 174 -0.84 -15.32 9.63
C LEU A 174 -1.38 -14.00 9.02
N PRO A 175 -2.50 -13.47 9.58
CA PRO A 175 -3.08 -12.19 9.19
C PRO A 175 -2.12 -10.99 9.10
N LEU A 176 -2.65 -9.90 8.52
CA LEU A 176 -1.93 -8.67 8.21
C LEU A 176 -2.70 -7.39 8.64
N PRO A 177 -3.46 -7.33 9.75
CA PRO A 177 -4.19 -6.11 10.15
C PRO A 177 -3.27 -5.03 10.75
N THR A 178 -1.96 -5.25 10.72
CA THR A 178 -1.00 -4.41 11.39
C THR A 178 -0.99 -3.00 10.79
N ASP A 179 -0.97 -1.99 11.67
CA ASP A 179 -0.94 -0.57 11.31
C ASP A 179 -0.46 0.24 12.52
N LYS A 180 -1.09 0.02 13.66
CA LYS A 180 -0.65 0.54 14.96
C LYS A 180 0.54 -0.30 15.43
N GLY A 1 33.17 40.51 -29.89
CA GLY A 1 34.13 41.21 -29.01
C GLY A 1 35.19 40.26 -28.45
N HIS A 2 36.47 40.51 -28.73
CA HIS A 2 37.58 39.63 -28.35
C HIS A 2 37.71 39.47 -26.82
N MET A 3 37.23 40.44 -26.04
CA MET A 3 37.27 40.40 -24.59
C MET A 3 36.54 39.17 -24.03
N ASP A 4 35.52 38.66 -24.71
CA ASP A 4 34.84 37.42 -24.33
C ASP A 4 35.77 36.20 -24.46
N GLU A 5 36.70 36.23 -25.41
CA GLU A 5 37.71 35.20 -25.53
C GLU A 5 38.73 35.34 -24.39
N VAL A 6 39.00 36.57 -23.91
CA VAL A 6 39.92 36.79 -22.79
C VAL A 6 39.29 36.16 -21.54
N GLN A 7 38.02 36.49 -21.27
CA GLN A 7 37.21 35.88 -20.21
C GLN A 7 37.35 34.35 -20.26
N ASN A 8 36.94 33.76 -21.39
CA ASN A 8 36.83 32.32 -21.44
C ASN A 8 38.18 31.62 -21.35
N ARG A 9 39.29 32.24 -21.78
CA ARG A 9 40.59 31.54 -21.67
C ARG A 9 41.10 31.58 -20.25
N ILE A 10 40.81 32.61 -19.46
CA ILE A 10 41.22 32.53 -18.06
C ILE A 10 40.43 31.44 -17.35
N LYS A 11 39.10 31.32 -17.53
CA LYS A 11 38.43 30.18 -16.89
C LYS A 11 38.97 28.86 -17.45
N GLU A 12 39.37 28.78 -18.72
CA GLU A 12 39.91 27.56 -19.29
C GLU A 12 41.19 27.14 -18.56
N ILE A 13 42.21 28.00 -18.41
CA ILE A 13 43.41 27.61 -17.68
C ILE A 13 43.06 27.29 -16.23
N LEU A 14 42.33 28.19 -15.55
CA LEU A 14 42.06 28.00 -14.13
C LEU A 14 41.28 26.72 -13.88
N ASP A 15 40.49 26.24 -14.83
CA ASP A 15 39.71 25.01 -14.66
C ASP A 15 40.47 23.78 -15.14
N LYS A 16 41.34 23.89 -16.15
CA LYS A 16 42.24 22.81 -16.54
C LYS A 16 43.23 22.53 -15.41
N HIS A 17 43.54 23.58 -14.64
CA HIS A 17 44.43 23.58 -13.49
C HIS A 17 43.55 23.91 -12.30
N ASN A 18 42.50 23.11 -12.11
CA ASN A 18 41.37 23.32 -11.18
C ASN A 18 41.76 23.79 -9.78
N ASN A 19 42.92 23.38 -9.28
CA ASN A 19 43.41 23.78 -7.96
C ASN A 19 43.82 25.27 -7.88
N GLY A 20 43.83 25.99 -9.01
CA GLY A 20 44.04 27.42 -9.11
C GLY A 20 45.47 27.79 -9.46
N ILE A 21 45.71 29.08 -9.76
CA ILE A 21 47.00 29.66 -10.13
C ILE A 21 47.22 30.90 -9.25
N TRP A 22 48.42 31.08 -8.68
CA TRP A 22 48.82 32.30 -7.97
C TRP A 22 48.78 33.48 -8.92
N ILE A 23 48.21 34.62 -8.51
CA ILE A 23 48.03 35.75 -9.42
C ILE A 23 49.38 36.29 -9.88
N SER A 24 50.43 36.29 -9.06
CA SER A 24 51.78 36.65 -9.53
C SER A 24 52.36 35.64 -10.53
N LYS A 25 51.90 34.37 -10.57
CA LYS A 25 52.35 33.40 -11.57
C LYS A 25 51.42 33.33 -12.78
N LEU A 26 50.16 33.78 -12.68
CA LEU A 26 49.24 33.85 -13.82
C LEU A 26 49.80 34.59 -15.04
N PRO A 27 50.52 35.73 -14.97
CA PRO A 27 51.10 36.34 -16.18
C PRO A 27 52.08 35.40 -16.88
N HIS A 28 52.92 34.68 -16.12
CA HIS A 28 53.82 33.67 -16.65
C HIS A 28 53.00 32.54 -17.29
N PHE A 29 51.97 32.09 -16.59
CA PHE A 29 51.18 30.96 -17.03
C PHE A 29 50.44 31.29 -18.33
N TYR A 30 49.91 32.52 -18.41
CA TYR A 30 49.23 33.05 -19.56
C TYR A 30 50.20 33.20 -20.73
N LYS A 31 51.38 33.78 -20.52
CA LYS A 31 52.43 33.88 -21.52
C LYS A 31 52.81 32.51 -22.07
N GLU A 32 52.89 31.47 -21.24
CA GLU A 32 53.19 30.12 -21.71
C GLU A 32 52.06 29.59 -22.60
N PHE A 33 50.80 29.79 -22.20
CA PHE A 33 49.68 29.14 -22.83
C PHE A 33 49.23 29.85 -24.11
N TYR A 34 49.25 31.19 -24.11
CA TYR A 34 48.65 32.02 -25.15
C TYR A 34 49.66 32.92 -25.86
N LYS A 35 50.95 32.72 -25.55
CA LYS A 35 52.12 33.35 -26.19
C LYS A 35 51.93 34.85 -26.42
N GLU A 36 51.36 35.53 -25.41
CA GLU A 36 51.18 36.97 -25.40
C GLU A 36 51.31 37.45 -23.96
N ASP A 37 51.78 38.68 -23.79
CA ASP A 37 52.03 39.28 -22.48
C ASP A 37 50.71 39.76 -21.89
N LEU A 38 50.31 39.14 -20.78
CA LEU A 38 49.14 39.53 -20.02
C LEU A 38 49.26 41.00 -19.61
N ASN A 39 48.36 41.86 -20.11
CA ASN A 39 48.32 43.27 -19.74
C ASN A 39 47.96 43.39 -18.25
N GLN A 40 48.48 44.41 -17.57
CA GLN A 40 48.24 44.59 -16.13
C GLN A 40 46.75 44.83 -15.82
N GLY A 41 45.96 45.37 -16.76
CA GLY A 41 44.53 45.62 -16.55
C GLY A 41 43.70 44.33 -16.46
N VAL A 42 44.20 43.22 -17.01
CA VAL A 42 43.44 41.98 -16.88
C VAL A 42 43.41 41.56 -15.40
N LEU A 43 44.41 41.94 -14.59
CA LEU A 43 44.38 41.76 -13.13
C LEU A 43 43.12 42.35 -12.49
N GLN A 44 42.71 43.58 -12.86
CA GLN A 44 41.49 44.14 -12.27
C GLN A 44 40.25 43.43 -12.83
N GLN A 45 40.30 42.93 -14.07
CA GLN A 45 39.24 42.06 -14.57
C GLN A 45 39.10 40.84 -13.67
N PHE A 46 40.21 40.21 -13.29
CA PHE A 46 40.18 39.00 -12.45
C PHE A 46 39.50 39.29 -11.12
N GLU A 47 39.79 40.46 -10.54
CA GLU A 47 39.22 40.87 -9.27
C GLU A 47 37.70 41.05 -9.35
N HIS A 48 37.17 41.60 -10.44
CA HIS A 48 35.74 41.87 -10.55
C HIS A 48 34.92 40.72 -11.13
N TRP A 49 35.52 39.80 -11.92
CA TRP A 49 34.81 38.78 -12.67
C TRP A 49 34.09 37.81 -11.73
N PRO A 50 32.75 37.75 -11.71
CA PRO A 50 32.03 36.77 -10.91
C PRO A 50 31.92 35.41 -11.61
N HIS A 51 32.08 35.36 -12.94
CA HIS A 51 31.78 34.16 -13.74
C HIS A 51 33.02 33.56 -14.41
N ILE A 52 34.22 34.08 -14.14
CA ILE A 52 35.46 33.51 -14.68
C ILE A 52 36.26 32.85 -13.55
N CYS A 53 36.27 33.46 -12.37
CA CYS A 53 37.18 33.03 -11.31
C CYS A 53 36.72 33.51 -9.92
N THR A 54 37.52 33.15 -8.92
CA THR A 54 37.42 33.64 -7.55
C THR A 54 38.85 33.95 -7.12
N VAL A 55 39.09 35.19 -6.66
CA VAL A 55 40.35 35.54 -6.00
C VAL A 55 40.28 34.96 -4.58
N GLU A 56 41.37 34.37 -4.08
CA GLU A 56 41.41 33.73 -2.78
C GLU A 56 42.69 34.15 -2.09
N LYS A 57 42.57 34.78 -0.93
CA LYS A 57 43.71 35.32 -0.17
C LYS A 57 43.52 35.05 1.33
N PRO A 58 43.62 33.77 1.76
CA PRO A 58 43.53 33.37 3.16
C PRO A 58 44.42 34.22 4.07
N CYS A 59 43.94 34.51 5.28
CA CYS A 59 44.66 35.31 6.26
C CYS A 59 46.00 34.63 6.59
N GLY A 60 47.12 35.30 6.28
CA GLY A 60 48.46 34.77 6.52
C GLY A 60 48.83 33.58 5.62
N GLY A 61 48.06 33.32 4.56
CA GLY A 61 48.28 32.18 3.66
C GLY A 61 49.42 32.44 2.67
N GLY A 62 49.78 33.71 2.46
CA GLY A 62 50.84 34.12 1.54
C GLY A 62 50.91 35.65 1.47
N GLN A 63 51.69 36.16 0.51
CA GLN A 63 51.83 37.59 0.21
C GLN A 63 51.32 37.87 -1.22
N ASP A 64 50.40 37.03 -1.69
CA ASP A 64 49.74 37.07 -3.00
C ASP A 64 48.38 36.38 -2.81
N SER A 65 47.61 36.20 -3.87
CA SER A 65 46.31 35.56 -3.87
C SER A 65 46.35 34.43 -4.89
N LEU A 66 45.40 33.51 -4.83
CA LEU A 66 45.18 32.51 -5.85
C LEU A 66 44.00 32.96 -6.69
N LEU A 67 43.90 32.38 -7.88
CA LEU A 67 42.77 32.47 -8.76
C LEU A 67 42.27 31.06 -8.88
N TYR A 68 41.09 30.80 -8.32
CA TYR A 68 40.36 29.56 -8.53
C TYR A 68 39.41 29.77 -9.71
N PRO A 69 39.02 28.70 -10.42
CA PRO A 69 38.09 28.78 -11.54
C PRO A 69 36.67 29.13 -11.11
N ALA A 70 35.83 29.48 -12.10
CA ALA A 70 34.40 29.76 -11.94
C ALA A 70 33.52 28.65 -11.35
N ARG A 71 34.03 27.46 -11.00
CA ARG A 71 33.19 26.41 -10.41
C ARG A 71 32.56 26.85 -9.07
N ARG A 72 33.11 27.89 -8.42
CA ARG A 72 32.54 28.51 -7.23
C ARG A 72 31.34 29.43 -7.52
N GLU A 73 30.89 29.56 -8.78
CA GLU A 73 29.83 30.52 -9.20
C GLU A 73 28.60 30.42 -8.29
N GLN A 74 28.14 29.21 -7.98
CA GLN A 74 27.11 28.92 -6.99
C GLN A 74 27.17 27.41 -6.72
N PRO A 75 27.18 26.95 -5.44
CA PRO A 75 27.33 25.53 -5.12
C PRO A 75 26.13 24.70 -5.59
N LEU A 76 24.93 25.29 -5.62
CA LEU A 76 23.68 24.65 -6.02
C LEU A 76 23.76 24.03 -7.43
N LYS A 77 24.62 24.57 -8.31
CA LYS A 77 24.79 24.06 -9.68
C LYS A 77 25.22 22.58 -9.69
N SER A 78 25.90 22.11 -8.64
CA SER A 78 26.24 20.70 -8.45
C SER A 78 25.03 19.93 -7.93
N ASP A 79 23.90 19.98 -8.63
CA ASP A 79 22.72 19.18 -8.28
C ASP A 79 23.05 17.67 -8.29
N GLN A 80 24.03 17.28 -9.11
CA GLN A 80 24.56 15.93 -9.23
C GLN A 80 25.38 15.48 -8.01
N ASP A 81 25.64 16.35 -7.03
CA ASP A 81 26.60 16.11 -5.94
C ASP A 81 26.47 14.75 -5.22
N PRO A 82 25.27 14.24 -4.90
CA PRO A 82 25.11 12.90 -4.31
C PRO A 82 25.78 11.77 -5.11
N GLU A 83 25.99 11.93 -6.43
CA GLU A 83 26.62 10.90 -7.26
C GLU A 83 28.15 10.97 -7.15
N LYS A 84 28.68 12.11 -6.69
CA LYS A 84 30.11 12.30 -6.44
C LYS A 84 30.41 11.77 -5.04
N GLU A 85 29.52 12.05 -4.08
CA GLU A 85 29.65 11.60 -2.71
C GLU A 85 29.55 10.08 -2.62
N LEU A 86 28.52 9.51 -3.29
CA LEU A 86 28.07 8.12 -3.21
C LEU A 86 28.46 7.43 -1.88
N PRO A 87 27.86 7.86 -0.75
CA PRO A 87 28.29 7.42 0.58
C PRO A 87 28.06 5.92 0.80
N PRO A 88 28.83 5.28 1.71
CA PRO A 88 28.69 3.86 2.02
C PRO A 88 27.40 3.57 2.82
N PRO A 89 27.02 2.29 2.96
CA PRO A 89 25.94 1.85 3.85
C PRO A 89 26.14 2.36 5.30
N PRO A 90 25.06 2.43 6.11
CA PRO A 90 25.15 2.82 7.51
C PRO A 90 25.93 1.77 8.32
N PRO A 91 26.43 2.12 9.52
CA PRO A 91 27.15 1.19 10.39
C PRO A 91 26.24 0.04 10.88
N ALA A 92 24.94 0.31 11.02
CA ALA A 92 23.88 -0.66 11.25
C ALA A 92 22.57 -0.08 10.72
N PRO A 93 21.70 -0.88 10.08
CA PRO A 93 20.33 -0.48 9.72
C PRO A 93 19.55 0.05 10.93
N LYS A 94 18.48 0.81 10.65
CA LYS A 94 17.51 1.22 11.68
C LYS A 94 16.79 -0.01 12.23
N GLN A 95 16.19 0.12 13.41
CA GLN A 95 15.39 -0.94 14.02
C GLN A 95 14.04 -1.11 13.31
N GLU A 96 13.52 -0.06 12.64
CA GLU A 96 12.34 -0.16 11.78
C GLU A 96 12.65 -1.11 10.61
N VAL A 97 11.61 -1.78 10.10
CA VAL A 97 11.69 -2.73 9.00
C VAL A 97 10.74 -2.30 7.88
N PRO A 98 11.00 -2.68 6.61
CA PRO A 98 10.09 -2.41 5.51
C PRO A 98 8.86 -3.34 5.53
N SER A 99 8.90 -4.41 6.33
CA SER A 99 7.87 -5.44 6.48
C SER A 99 6.65 -4.92 7.28
N GLN A 100 6.03 -3.83 6.82
CA GLN A 100 4.88 -3.20 7.42
C GLN A 100 3.96 -2.67 6.31
N GLY A 101 2.72 -2.33 6.66
CA GLY A 101 1.73 -1.78 5.75
C GLY A 101 0.40 -1.61 6.47
N SER A 102 -0.57 -0.98 5.79
CA SER A 102 -1.91 -0.75 6.31
C SER A 102 -2.60 -2.08 6.68
N PRO A 103 -3.42 -2.12 7.74
CA PRO A 103 -4.09 -3.34 8.17
C PRO A 103 -5.10 -3.83 7.14
N ALA A 104 -5.32 -5.15 7.19
CA ALA A 104 -6.33 -5.85 6.41
C ALA A 104 -7.72 -5.54 6.96
N VAL A 105 -8.75 -5.82 6.17
CA VAL A 105 -10.13 -5.79 6.62
C VAL A 105 -10.32 -6.88 7.68
N MET A 106 -10.41 -6.49 8.96
CA MET A 106 -10.44 -7.37 10.12
C MET A 106 -11.61 -6.98 11.07
N PRO A 107 -12.87 -7.01 10.60
CA PRO A 107 -14.04 -6.78 11.45
C PRO A 107 -14.23 -7.89 12.49
N ASP A 108 -15.19 -7.73 13.40
CA ASP A 108 -15.39 -8.58 14.59
C ASP A 108 -15.38 -10.08 14.30
N VAL A 109 -16.14 -10.55 13.29
CA VAL A 109 -16.21 -11.99 12.99
C VAL A 109 -14.86 -12.48 12.44
N LYS A 110 -14.14 -11.65 11.67
CA LYS A 110 -12.81 -12.00 11.14
C LYS A 110 -11.83 -12.09 12.31
N GLU A 111 -11.85 -11.10 13.20
CA GLU A 111 -10.97 -11.07 14.37
C GLU A 111 -11.25 -12.26 15.28
N LYS A 112 -12.52 -12.58 15.57
CA LYS A 112 -12.94 -13.76 16.30
C LYS A 112 -12.20 -14.99 15.79
N VAL A 113 -12.40 -15.35 14.52
CA VAL A 113 -11.81 -16.56 13.99
C VAL A 113 -10.28 -16.46 14.03
N ALA A 114 -9.70 -15.32 13.64
CA ALA A 114 -8.25 -15.18 13.55
C ALA A 114 -7.58 -15.37 14.92
N GLU A 115 -8.12 -14.73 15.96
CA GLU A 115 -7.59 -14.81 17.32
C GLU A 115 -7.80 -16.21 17.89
N LEU A 116 -8.99 -16.78 17.69
CA LEU A 116 -9.29 -18.15 18.12
C LEU A 116 -8.27 -19.12 17.52
N LEU A 117 -7.95 -18.97 16.23
CA LEU A 117 -6.94 -19.79 15.59
C LEU A 117 -5.55 -19.57 16.21
N GLY A 118 -5.16 -18.31 16.43
CA GLY A 118 -3.84 -17.98 16.99
C GLY A 118 -3.58 -18.64 18.34
N LYS A 119 -4.64 -18.81 19.16
CA LYS A 119 -4.53 -19.37 20.51
C LYS A 119 -4.37 -20.91 20.54
N TYR A 120 -4.38 -21.61 19.40
CA TYR A 120 -4.45 -23.07 19.35
C TYR A 120 -3.41 -23.64 18.40
N SER A 121 -2.38 -24.30 18.96
CA SER A 121 -1.40 -25.08 18.20
C SER A 121 -2.03 -26.30 17.50
N SER A 122 -3.06 -26.90 18.13
CA SER A 122 -3.89 -27.96 17.56
C SER A 122 -4.77 -27.45 16.41
N GLY A 123 -4.78 -26.15 16.13
CA GLY A 123 -5.75 -25.57 15.23
C GLY A 123 -7.12 -25.71 15.91
N LEU A 124 -8.19 -25.51 15.16
CA LEU A 124 -9.53 -25.83 15.62
C LEU A 124 -10.08 -26.77 14.57
N TRP A 125 -10.68 -27.86 15.03
CA TRP A 125 -11.34 -28.82 14.17
C TRP A 125 -12.71 -28.25 13.79
N ALA A 126 -13.34 -28.77 12.72
CA ALA A 126 -14.57 -28.20 12.16
C ALA A 126 -15.65 -27.92 13.20
N SER A 127 -15.90 -28.89 14.09
CA SER A 127 -16.89 -28.76 15.17
C SER A 127 -16.33 -27.92 16.33
N ALA A 128 -15.03 -28.09 16.62
CA ALA A 128 -14.38 -27.37 17.71
C ALA A 128 -14.34 -25.86 17.45
N LEU A 129 -14.35 -25.40 16.19
CA LEU A 129 -14.32 -23.97 15.87
C LEU A 129 -15.57 -23.28 16.47
N PRO A 130 -16.84 -23.63 16.12
CA PRO A 130 -18.04 -23.16 16.81
C PRO A 130 -17.99 -23.37 18.33
N LYS A 131 -17.59 -24.55 18.82
CA LYS A 131 -17.62 -24.81 20.26
C LYS A 131 -16.70 -23.84 21.01
N ALA A 132 -15.46 -23.70 20.53
CA ALA A 132 -14.48 -22.82 21.14
C ALA A 132 -14.90 -21.36 21.01
N PHE A 133 -15.53 -20.98 19.91
CA PHE A 133 -16.06 -19.63 19.68
C PHE A 133 -16.99 -19.22 20.81
N GLU A 134 -18.04 -20.02 20.99
CA GLU A 134 -19.13 -19.70 21.91
C GLU A 134 -18.62 -19.78 23.35
N ASP A 135 -17.72 -20.73 23.63
CA ASP A 135 -17.08 -20.88 24.94
C ASP A 135 -16.12 -19.74 25.27
N MET A 136 -15.36 -19.23 24.30
CA MET A 136 -14.31 -18.26 24.58
C MET A 136 -14.92 -16.89 24.86
N TYR A 137 -15.75 -16.39 23.93
CA TYR A 137 -16.20 -14.99 24.04
C TYR A 137 -17.50 -14.86 24.86
N LYS A 138 -18.10 -15.99 25.29
CA LYS A 138 -19.41 -16.05 25.94
C LYS A 138 -20.47 -15.42 25.05
N VAL A 139 -20.64 -16.06 23.89
CA VAL A 139 -21.43 -15.56 22.77
C VAL A 139 -22.25 -16.71 22.19
N LYS A 140 -23.42 -16.41 21.63
CA LYS A 140 -24.23 -17.33 20.83
C LYS A 140 -24.55 -16.51 19.60
N PHE A 141 -23.75 -16.66 18.55
CA PHE A 141 -23.79 -15.77 17.38
C PHE A 141 -24.30 -16.48 16.11
N PRO A 142 -24.64 -15.74 15.02
CA PRO A 142 -25.30 -16.32 13.85
C PRO A 142 -24.53 -17.52 13.29
N GLU A 143 -25.24 -18.53 12.81
CA GLU A 143 -24.56 -19.73 12.35
C GLU A 143 -23.79 -19.47 11.06
N ASP A 144 -24.22 -18.49 10.25
CA ASP A 144 -23.45 -18.04 9.10
C ASP A 144 -22.11 -17.42 9.50
N ALA A 145 -21.99 -16.91 10.73
CA ALA A 145 -20.73 -16.41 11.26
C ALA A 145 -19.96 -17.52 12.00
N LEU A 146 -20.64 -18.48 12.66
CA LEU A 146 -19.95 -19.54 13.40
C LEU A 146 -19.40 -20.64 12.49
N LYS A 147 -20.19 -21.05 11.48
CA LYS A 147 -19.95 -22.26 10.69
C LYS A 147 -19.69 -22.10 9.18
N ASN A 148 -19.89 -20.93 8.56
CA ASN A 148 -19.76 -20.80 7.09
C ASN A 148 -18.30 -20.99 6.71
N LEU A 149 -17.94 -22.21 6.27
CA LEU A 149 -16.58 -22.65 6.07
C LEU A 149 -15.75 -21.66 5.26
N ALA A 150 -16.29 -21.10 4.18
CA ALA A 150 -15.53 -20.29 3.24
C ALA A 150 -14.96 -19.02 3.87
N SER A 151 -15.73 -18.31 4.71
CA SER A 151 -15.24 -17.12 5.40
C SER A 151 -14.09 -17.53 6.32
N LEU A 152 -14.23 -18.68 6.99
CA LEU A 152 -13.19 -19.20 7.84
C LEU A 152 -11.98 -19.55 6.96
N SER A 153 -12.15 -20.10 5.76
CA SER A 153 -11.06 -20.33 4.82
C SER A 153 -10.38 -19.04 4.34
N ASP A 154 -11.06 -17.88 4.39
CA ASP A 154 -10.42 -16.61 4.07
C ASP A 154 -9.43 -16.24 5.19
N VAL A 155 -9.82 -16.44 6.47
CA VAL A 155 -8.95 -16.05 7.60
C VAL A 155 -8.04 -17.18 8.08
N CYS A 156 -8.20 -18.42 7.60
CA CYS A 156 -7.54 -19.61 8.12
C CYS A 156 -7.19 -20.57 6.96
N THR A 157 -6.15 -21.39 7.16
CA THR A 157 -5.88 -22.51 6.26
C THR A 157 -6.95 -23.52 6.65
N ILE A 158 -7.67 -24.09 5.69
CA ILE A 158 -8.56 -25.21 5.94
C ILE A 158 -8.03 -26.36 5.11
N ASN A 159 -7.98 -27.50 5.78
CA ASN A 159 -7.39 -28.74 5.32
C ASN A 159 -8.28 -29.84 5.88
N TYR A 160 -8.25 -31.03 5.30
CA TYR A 160 -9.22 -32.07 5.58
C TYR A 160 -8.53 -33.33 6.06
N ILE A 161 -9.31 -34.18 6.72
CA ILE A 161 -8.88 -35.43 7.32
C ILE A 161 -9.98 -36.45 6.99
N SER A 162 -9.67 -37.75 7.12
CA SER A 162 -10.52 -38.88 6.74
C SER A 162 -10.75 -38.99 5.22
N GLY A 163 -10.56 -37.91 4.46
CA GLY A 163 -10.52 -37.86 3.01
C GLY A 163 -10.65 -36.40 2.57
N ASN A 164 -10.59 -36.14 1.27
CA ASN A 164 -10.84 -34.81 0.71
C ASN A 164 -12.25 -34.37 1.08
N THR A 165 -12.39 -33.19 1.68
CA THR A 165 -13.65 -32.60 2.13
C THR A 165 -14.54 -33.60 2.92
N GLN A 166 -13.96 -34.44 3.80
CA GLN A 166 -14.74 -35.40 4.59
C GLN A 166 -14.87 -34.90 6.04
N LYS A 167 -13.74 -34.56 6.66
CA LYS A 167 -13.65 -33.91 7.95
C LYS A 167 -12.71 -32.72 7.71
N ALA A 168 -12.80 -31.61 8.45
CA ALA A 168 -11.98 -30.42 8.23
C ALA A 168 -11.29 -30.00 9.53
N ILE A 169 -10.19 -29.28 9.36
CA ILE A 169 -9.32 -28.72 10.39
C ILE A 169 -9.08 -27.28 9.93
N LEU A 170 -8.78 -26.38 10.86
CA LEU A 170 -8.40 -25.01 10.57
C LEU A 170 -7.05 -24.76 11.22
N TYR A 171 -6.17 -24.01 10.56
CA TYR A 171 -4.91 -23.49 11.10
C TYR A 171 -4.87 -21.99 10.78
N ALA A 172 -4.05 -21.21 11.49
CA ALA A 172 -3.99 -19.75 11.30
C ALA A 172 -3.40 -19.40 9.92
N LYS A 173 -3.91 -18.32 9.30
CA LYS A 173 -3.37 -17.77 8.05
C LYS A 173 -3.03 -16.27 8.17
N LEU A 174 -3.38 -15.64 9.30
CA LEU A 174 -3.07 -14.25 9.69
C LEU A 174 -2.96 -13.27 8.49
N PRO A 175 -4.09 -12.91 7.84
CA PRO A 175 -4.09 -11.98 6.72
C PRO A 175 -3.67 -10.55 7.11
N LEU A 176 -3.71 -10.18 8.39
CA LEU A 176 -3.16 -8.92 8.90
C LEU A 176 -1.67 -8.83 8.52
N PRO A 177 -1.24 -7.89 7.67
CA PRO A 177 0.17 -7.76 7.28
C PRO A 177 0.99 -7.01 8.33
N THR A 178 0.31 -6.34 9.26
CA THR A 178 0.91 -5.55 10.28
C THR A 178 1.69 -6.46 11.25
N ASP A 179 2.67 -5.88 11.94
CA ASP A 179 3.55 -6.58 12.88
C ASP A 179 2.84 -6.83 14.22
N LYS A 180 1.76 -7.63 14.16
CA LYS A 180 0.80 -7.92 15.22
C LYS A 180 0.50 -6.68 16.06
N GLY A 1 -50.17 36.84 10.36
CA GLY A 1 -49.57 36.02 9.28
C GLY A 1 -50.32 34.70 9.10
N HIS A 2 -50.75 34.37 7.88
CA HIS A 2 -51.60 33.21 7.60
C HIS A 2 -50.95 31.90 8.05
N MET A 3 -49.65 31.73 7.84
CA MET A 3 -48.93 30.49 8.19
C MET A 3 -48.98 30.23 9.70
N ASP A 4 -48.94 31.28 10.52
CA ASP A 4 -49.11 31.18 11.98
C ASP A 4 -50.56 30.87 12.35
N GLU A 5 -51.52 31.35 11.56
CA GLU A 5 -52.93 31.05 11.77
C GLU A 5 -53.22 29.58 11.43
N VAL A 6 -52.62 29.01 10.39
CA VAL A 6 -52.82 27.58 10.06
C VAL A 6 -52.26 26.76 11.22
N GLN A 7 -51.02 27.05 11.65
CA GLN A 7 -50.40 26.44 12.82
C GLN A 7 -51.37 26.43 13.99
N ASN A 8 -51.78 27.61 14.47
CA ASN A 8 -52.51 27.67 15.72
C ASN A 8 -53.92 27.08 15.59
N ARG A 9 -54.54 27.00 14.40
CA ARG A 9 -55.84 26.33 14.33
C ARG A 9 -55.69 24.82 14.36
N ILE A 10 -54.60 24.23 13.87
CA ILE A 10 -54.45 22.78 14.03
C ILE A 10 -54.22 22.45 15.50
N LYS A 11 -53.39 23.20 16.25
CA LYS A 11 -53.29 22.87 17.68
C LYS A 11 -54.64 23.11 18.35
N GLU A 12 -55.45 24.07 17.91
CA GLU A 12 -56.78 24.28 18.44
C GLU A 12 -57.65 23.02 18.23
N ILE A 13 -57.84 22.49 17.01
CA ILE A 13 -58.67 21.29 16.87
C ILE A 13 -58.11 20.12 17.67
N LEU A 14 -56.80 19.91 17.63
CA LEU A 14 -56.20 18.77 18.33
C LEU A 14 -56.34 18.94 19.84
N ASP A 15 -56.33 20.16 20.36
CA ASP A 15 -56.47 20.43 21.79
C ASP A 15 -57.93 20.35 22.23
N LYS A 16 -58.84 20.88 21.41
CA LYS A 16 -60.29 20.83 21.61
C LYS A 16 -60.75 19.37 21.60
N HIS A 17 -60.17 18.58 20.71
CA HIS A 17 -60.48 17.18 20.48
C HIS A 17 -59.29 16.41 21.04
N ASN A 18 -59.01 16.66 22.33
CA ASN A 18 -57.83 16.28 23.09
C ASN A 18 -57.36 14.83 22.96
N ASN A 19 -58.28 13.89 22.68
CA ASN A 19 -57.94 12.48 22.45
C ASN A 19 -57.09 12.28 21.19
N GLY A 20 -56.96 13.30 20.33
CA GLY A 20 -56.23 13.27 19.08
C GLY A 20 -57.14 12.88 17.91
N ILE A 21 -56.62 13.01 16.69
CA ILE A 21 -57.36 12.82 15.44
C ILE A 21 -56.48 11.97 14.51
N TRP A 22 -57.04 10.96 13.84
CA TRP A 22 -56.30 10.19 12.83
C TRP A 22 -55.91 11.09 11.68
N ILE A 23 -54.69 10.99 11.15
CA ILE A 23 -54.22 11.92 10.12
C ILE A 23 -55.06 11.79 8.85
N SER A 24 -55.61 10.60 8.54
CA SER A 24 -56.55 10.41 7.44
C SER A 24 -57.89 11.11 7.68
N LYS A 25 -58.34 11.28 8.94
CA LYS A 25 -59.60 11.97 9.26
C LYS A 25 -59.38 13.44 9.63
N LEU A 26 -58.15 13.88 9.91
CA LEU A 26 -57.78 15.29 10.08
C LEU A 26 -58.36 16.20 8.97
N PRO A 27 -58.23 15.90 7.66
CA PRO A 27 -58.84 16.73 6.61
C PRO A 27 -60.36 16.88 6.76
N HIS A 28 -61.09 15.80 7.08
CA HIS A 28 -62.52 15.87 7.37
C HIS A 28 -62.75 16.79 8.56
N PHE A 29 -61.98 16.61 9.63
CA PHE A 29 -62.15 17.38 10.85
C PHE A 29 -61.91 18.86 10.60
N TYR A 30 -60.89 19.18 9.79
CA TYR A 30 -60.53 20.53 9.40
C TYR A 30 -61.66 21.17 8.60
N LYS A 31 -62.15 20.48 7.57
CA LYS A 31 -63.27 20.92 6.76
C LYS A 31 -64.50 21.19 7.62
N GLU A 32 -64.80 20.36 8.62
CA GLU A 32 -65.95 20.58 9.48
C GLU A 32 -65.77 21.82 10.35
N PHE A 33 -64.57 22.01 10.92
CA PHE A 33 -64.37 23.03 11.94
C PHE A 33 -64.15 24.42 11.34
N TYR A 34 -63.45 24.50 10.21
CA TYR A 34 -62.96 25.76 9.64
C TYR A 34 -63.52 26.05 8.23
N LYS A 35 -64.31 25.11 7.68
CA LYS A 35 -65.03 25.26 6.42
C LYS A 35 -64.04 25.59 5.30
N GLU A 36 -62.90 24.92 5.31
CA GLU A 36 -61.78 25.14 4.42
C GLU A 36 -61.22 23.77 4.04
N ASP A 37 -60.70 23.66 2.82
CA ASP A 37 -60.18 22.42 2.28
C ASP A 37 -58.69 22.33 2.58
N LEU A 38 -58.34 21.47 3.54
CA LEU A 38 -56.97 21.20 3.92
C LEU A 38 -56.17 20.72 2.70
N ASN A 39 -55.11 21.46 2.33
CA ASN A 39 -54.19 21.05 1.27
C ASN A 39 -53.35 19.85 1.74
N GLN A 40 -52.92 18.97 0.84
CA GLN A 40 -52.11 17.81 1.20
C GLN A 40 -50.76 18.21 1.83
N GLY A 41 -50.21 19.37 1.48
CA GLY A 41 -48.92 19.84 1.98
C GLY A 41 -48.94 20.21 3.46
N VAL A 42 -50.13 20.47 4.04
CA VAL A 42 -50.20 20.76 5.47
C VAL A 42 -49.88 19.46 6.23
N LEU A 43 -50.17 18.27 5.67
CA LEU A 43 -49.73 17.00 6.27
C LEU A 43 -48.21 16.95 6.47
N GLN A 44 -47.44 17.47 5.51
CA GLN A 44 -45.99 17.49 5.64
C GLN A 44 -45.58 18.45 6.76
N GLN A 45 -46.25 19.61 6.84
CA GLN A 45 -46.03 20.52 7.96
C GLN A 45 -46.39 19.87 9.29
N PHE A 46 -47.45 19.05 9.38
CA PHE A 46 -47.82 18.38 10.63
C PHE A 46 -46.67 17.50 11.12
N GLU A 47 -46.03 16.75 10.20
CA GLU A 47 -44.87 15.95 10.53
C GLU A 47 -43.73 16.82 11.08
N HIS A 48 -43.46 18.00 10.48
CA HIS A 48 -42.32 18.81 10.87
C HIS A 48 -42.58 19.72 12.07
N TRP A 49 -43.82 20.08 12.40
CA TRP A 49 -44.15 21.07 13.42
C TRP A 49 -43.89 20.51 14.83
N PRO A 50 -42.93 21.04 15.60
CA PRO A 50 -42.81 20.68 17.01
C PRO A 50 -43.82 21.41 17.90
N HIS A 51 -44.31 22.59 17.47
CA HIS A 51 -45.10 23.48 18.34
C HIS A 51 -46.60 23.26 18.22
N ILE A 52 -47.07 22.38 17.32
CA ILE A 52 -48.50 22.29 17.01
C ILE A 52 -49.06 20.93 17.40
N CYS A 53 -48.30 19.85 17.22
CA CYS A 53 -48.82 18.52 17.36
C CYS A 53 -47.71 17.50 17.61
N THR A 54 -48.13 16.26 17.85
CA THR A 54 -47.28 15.09 17.92
C THR A 54 -47.91 14.09 16.96
N VAL A 55 -47.21 13.73 15.88
CA VAL A 55 -47.62 12.61 15.04
C VAL A 55 -47.28 11.35 15.85
N GLU A 56 -48.21 10.39 15.88
CA GLU A 56 -48.01 9.12 16.56
C GLU A 56 -48.29 8.04 15.54
N LYS A 57 -47.40 7.05 15.47
CA LYS A 57 -47.42 6.00 14.46
C LYS A 57 -47.56 4.64 15.16
N PRO A 58 -48.67 4.39 15.88
CA PRO A 58 -48.90 3.14 16.61
C PRO A 58 -49.14 1.96 15.64
N CYS A 59 -49.51 2.24 14.39
CA CYS A 59 -49.66 1.28 13.30
C CYS A 59 -48.82 1.75 12.10
N GLY A 60 -48.74 0.95 11.05
CA GLY A 60 -47.90 1.20 9.88
C GLY A 60 -48.39 0.41 8.67
N GLY A 61 -47.62 0.47 7.57
CA GLY A 61 -47.99 -0.08 6.28
C GLY A 61 -48.92 0.84 5.48
N GLY A 62 -49.11 2.09 5.94
CA GLY A 62 -49.94 3.10 5.32
C GLY A 62 -49.97 4.34 6.20
N GLN A 63 -50.65 5.40 5.73
CA GLN A 63 -50.88 6.62 6.50
C GLN A 63 -52.03 6.35 7.48
N ASP A 64 -51.71 5.77 8.64
CA ASP A 64 -52.69 5.37 9.65
C ASP A 64 -52.05 5.64 11.00
N SER A 65 -52.02 6.92 11.33
CA SER A 65 -51.31 7.54 12.43
C SER A 65 -52.25 8.54 13.12
N LEU A 66 -51.93 8.97 14.34
CA LEU A 66 -52.72 9.96 15.05
C LEU A 66 -51.95 11.27 15.08
N LEU A 67 -52.70 12.33 15.35
CA LEU A 67 -52.22 13.65 15.64
C LEU A 67 -52.72 13.93 17.03
N TYR A 68 -51.80 13.99 17.98
CA TYR A 68 -52.08 14.49 19.32
C TYR A 68 -51.76 15.98 19.31
N PRO A 69 -52.37 16.77 20.20
CA PRO A 69 -52.04 18.19 20.36
C PRO A 69 -50.58 18.43 20.76
N ALA A 70 -50.13 19.69 20.65
CA ALA A 70 -48.83 20.24 21.05
C ALA A 70 -48.30 19.97 22.47
N ARG A 71 -48.83 19.02 23.24
CA ARG A 71 -48.44 18.78 24.64
C ARG A 71 -47.01 18.24 24.83
N ARG A 72 -46.19 18.19 23.77
CA ARG A 72 -44.75 17.91 23.82
C ARG A 72 -43.97 19.04 23.12
N GLU A 73 -44.49 20.27 23.09
CA GLU A 73 -43.85 21.42 22.42
C GLU A 73 -42.59 21.94 23.17
N GLN A 74 -42.25 21.39 24.33
CA GLN A 74 -40.99 21.69 25.03
C GLN A 74 -39.81 21.53 24.04
N PRO A 75 -38.90 22.50 23.95
CA PRO A 75 -37.86 22.50 22.91
C PRO A 75 -36.89 21.34 23.10
N LEU A 76 -36.48 20.73 21.98
CA LEU A 76 -35.45 19.71 21.97
C LEU A 76 -34.09 20.38 22.19
N LYS A 77 -33.28 19.84 23.11
CA LYS A 77 -31.97 20.40 23.50
C LYS A 77 -30.98 19.25 23.66
N SER A 78 -30.81 18.47 22.59
CA SER A 78 -29.93 17.31 22.56
C SER A 78 -28.48 17.73 22.81
N ASP A 79 -27.67 16.76 23.27
CA ASP A 79 -26.21 16.86 23.37
C ASP A 79 -25.58 15.57 22.79
N GLN A 80 -26.26 15.03 21.77
CA GLN A 80 -26.03 13.72 21.17
C GLN A 80 -26.32 13.78 19.65
N ASP A 81 -26.51 14.97 19.09
CA ASP A 81 -27.01 15.16 17.73
C ASP A 81 -26.23 14.41 16.63
N PRO A 82 -24.88 14.37 16.65
CA PRO A 82 -24.06 13.62 15.70
C PRO A 82 -24.39 12.11 15.58
N GLU A 83 -25.15 11.54 16.51
CA GLU A 83 -25.58 10.15 16.49
C GLU A 83 -27.09 10.01 16.68
N LYS A 84 -27.81 11.13 16.81
CA LYS A 84 -29.26 11.15 16.98
C LYS A 84 -29.91 11.17 15.60
N GLU A 85 -29.36 11.98 14.68
CA GLU A 85 -29.76 11.97 13.28
C GLU A 85 -29.38 10.65 12.62
N LEU A 86 -28.30 10.02 13.14
CA LEU A 86 -27.63 8.81 12.64
C LEU A 86 -27.87 8.58 11.14
N PRO A 87 -27.32 9.47 10.28
CA PRO A 87 -27.65 9.50 8.86
C PRO A 87 -27.20 8.21 8.14
N PRO A 88 -27.78 7.89 6.97
CA PRO A 88 -27.38 6.73 6.17
C PRO A 88 -25.86 6.66 5.95
N PRO A 89 -25.24 5.48 6.09
CA PRO A 89 -23.79 5.33 5.93
C PRO A 89 -23.38 5.42 4.45
N PRO A 90 -22.11 5.77 4.16
CA PRO A 90 -21.56 5.69 2.81
C PRO A 90 -21.36 4.22 2.38
N PRO A 91 -21.12 3.94 1.08
CA PRO A 91 -20.82 2.59 0.62
C PRO A 91 -19.48 2.08 1.17
N ALA A 92 -18.54 2.98 1.42
CA ALA A 92 -17.30 2.75 2.14
C ALA A 92 -16.88 4.08 2.77
N PRO A 93 -16.27 4.11 3.97
CA PRO A 93 -15.99 5.35 4.71
C PRO A 93 -14.96 6.24 4.01
N LYS A 94 -14.10 5.67 3.16
CA LYS A 94 -13.20 6.39 2.26
C LYS A 94 -13.31 5.71 0.90
N GLN A 95 -13.04 6.44 -0.19
CA GLN A 95 -13.23 5.97 -1.57
C GLN A 95 -11.95 6.18 -2.40
N GLU A 96 -10.84 6.57 -1.75
CA GLU A 96 -9.54 6.85 -2.36
C GLU A 96 -8.46 6.40 -1.37
N VAL A 97 -7.19 6.41 -1.81
CA VAL A 97 -6.00 6.04 -1.04
C VAL A 97 -6.21 4.70 -0.30
N PRO A 98 -6.36 3.58 -1.04
CA PRO A 98 -6.51 2.25 -0.44
C PRO A 98 -5.23 1.83 0.31
N SER A 99 -5.35 0.80 1.16
CA SER A 99 -4.26 0.27 1.98
C SER A 99 -3.09 -0.22 1.10
N GLN A 100 -1.86 0.07 1.52
CA GLN A 100 -0.61 -0.40 0.91
C GLN A 100 0.37 -0.84 2.02
N GLY A 101 -0.18 -1.34 3.13
CA GLY A 101 0.57 -1.67 4.35
C GLY A 101 -0.30 -1.44 5.59
N SER A 102 -1.27 -0.53 5.49
CA SER A 102 -2.32 -0.28 6.49
C SER A 102 -3.12 -1.56 6.80
N PRO A 103 -3.87 -1.60 7.93
CA PRO A 103 -4.75 -2.70 8.29
C PRO A 103 -5.68 -3.18 7.17
N ALA A 104 -6.04 -4.46 7.29
CA ALA A 104 -6.80 -5.22 6.32
C ALA A 104 -8.29 -5.21 6.65
N VAL A 105 -9.12 -5.58 5.68
CA VAL A 105 -10.55 -5.84 5.88
C VAL A 105 -10.69 -6.98 6.90
N MET A 106 -11.04 -6.66 8.14
CA MET A 106 -11.06 -7.59 9.26
C MET A 106 -12.32 -7.33 10.11
N PRO A 107 -13.53 -7.66 9.61
CA PRO A 107 -14.75 -7.68 10.42
C PRO A 107 -14.52 -8.50 11.69
N ASP A 108 -15.26 -8.19 12.75
CA ASP A 108 -14.97 -8.76 14.07
C ASP A 108 -15.17 -10.26 14.16
N VAL A 109 -16.05 -10.86 13.36
CA VAL A 109 -16.16 -12.32 13.28
C VAL A 109 -14.82 -12.91 12.81
N LYS A 110 -14.18 -12.28 11.81
CA LYS A 110 -12.90 -12.77 11.31
C LYS A 110 -11.82 -12.60 12.36
N GLU A 111 -11.83 -11.48 13.10
CA GLU A 111 -10.88 -11.25 14.18
C GLU A 111 -11.05 -12.32 15.26
N LYS A 112 -12.29 -12.61 15.69
CA LYS A 112 -12.58 -13.64 16.69
C LYS A 112 -11.93 -14.95 16.27
N VAL A 113 -12.20 -15.42 15.06
CA VAL A 113 -11.64 -16.69 14.63
C VAL A 113 -10.12 -16.58 14.51
N ALA A 114 -9.56 -15.47 14.01
CA ALA A 114 -8.13 -15.34 13.82
C ALA A 114 -7.38 -15.43 15.16
N GLU A 115 -7.87 -14.73 16.19
CA GLU A 115 -7.30 -14.77 17.54
C GLU A 115 -7.45 -16.18 18.12
N LEU A 116 -8.64 -16.76 17.98
CA LEU A 116 -8.93 -18.12 18.44
C LEU A 116 -7.97 -19.13 17.80
N LEU A 117 -7.67 -19.01 16.51
CA LEU A 117 -6.70 -19.88 15.85
C LEU A 117 -5.30 -19.64 16.40
N GLY A 118 -4.91 -18.39 16.62
CA GLY A 118 -3.61 -18.04 17.17
C GLY A 118 -3.35 -18.75 18.52
N LYS A 119 -4.39 -18.93 19.33
CA LYS A 119 -4.29 -19.57 20.65
C LYS A 119 -4.19 -21.10 20.60
N TYR A 120 -4.25 -21.75 19.43
CA TYR A 120 -4.38 -23.19 19.31
C TYR A 120 -3.40 -23.78 18.29
N SER A 121 -2.33 -24.41 18.77
CA SER A 121 -1.40 -25.17 17.94
C SER A 121 -2.08 -26.38 17.26
N SER A 122 -3.09 -26.96 17.92
CA SER A 122 -3.96 -28.02 17.40
C SER A 122 -4.89 -27.52 16.28
N GLY A 123 -4.88 -26.22 15.98
CA GLY A 123 -5.88 -25.62 15.12
C GLY A 123 -7.22 -25.74 15.84
N LEU A 124 -8.30 -25.51 15.12
CA LEU A 124 -9.64 -25.81 15.64
C LEU A 124 -10.26 -26.71 14.59
N TRP A 125 -10.76 -27.86 15.05
CA TRP A 125 -11.46 -28.81 14.20
C TRP A 125 -12.85 -28.24 13.88
N ALA A 126 -13.50 -28.74 12.82
CA ALA A 126 -14.74 -28.16 12.30
C ALA A 126 -15.83 -27.95 13.36
N SER A 127 -15.96 -28.88 14.31
CA SER A 127 -16.93 -28.79 15.41
C SER A 127 -16.34 -28.03 16.62
N ALA A 128 -15.03 -28.21 16.86
CA ALA A 128 -14.34 -27.54 17.94
C ALA A 128 -14.29 -26.03 17.71
N LEU A 129 -14.30 -25.57 16.45
CA LEU A 129 -14.30 -24.14 16.12
C LEU A 129 -15.54 -23.48 16.73
N PRO A 130 -16.81 -23.87 16.40
CA PRO A 130 -18.00 -23.43 17.11
C PRO A 130 -17.89 -23.51 18.63
N LYS A 131 -17.49 -24.68 19.17
CA LYS A 131 -17.47 -24.86 20.63
C LYS A 131 -16.53 -23.84 21.28
N ALA A 132 -15.31 -23.69 20.75
CA ALA A 132 -14.32 -22.77 21.29
C ALA A 132 -14.73 -21.32 21.09
N PHE A 133 -15.38 -21.00 19.97
CA PHE A 133 -15.93 -19.69 19.68
C PHE A 133 -16.86 -19.28 20.83
N GLU A 134 -17.86 -20.11 21.08
CA GLU A 134 -18.93 -19.82 22.02
C GLU A 134 -18.36 -19.78 23.44
N ASP A 135 -17.46 -20.70 23.76
CA ASP A 135 -16.86 -20.81 25.09
C ASP A 135 -16.01 -19.59 25.41
N MET A 136 -15.21 -19.12 24.44
CA MET A 136 -14.22 -18.11 24.72
C MET A 136 -14.81 -16.71 24.72
N TYR A 137 -15.70 -16.43 23.77
CA TYR A 137 -16.28 -15.10 23.61
C TYR A 137 -17.65 -14.99 24.31
N LYS A 138 -18.13 -16.07 24.96
CA LYS A 138 -19.41 -16.16 25.65
C LYS A 138 -20.57 -15.55 24.85
N VAL A 139 -20.66 -15.94 23.57
CA VAL A 139 -21.70 -15.48 22.65
C VAL A 139 -22.29 -16.69 21.94
N LYS A 140 -23.62 -16.72 21.80
CA LYS A 140 -24.32 -17.69 20.95
C LYS A 140 -24.40 -17.02 19.59
N PHE A 141 -23.43 -17.33 18.73
CA PHE A 141 -23.19 -16.66 17.46
C PHE A 141 -24.38 -16.79 16.50
N PRO A 142 -24.52 -15.83 15.56
CA PRO A 142 -25.43 -15.99 14.43
C PRO A 142 -24.79 -17.10 13.60
N GLU A 143 -25.57 -18.08 13.12
CA GLU A 143 -24.96 -19.26 12.51
C GLU A 143 -24.15 -18.94 11.26
N ASP A 144 -24.50 -17.86 10.53
CA ASP A 144 -23.72 -17.42 9.37
C ASP A 144 -22.26 -17.15 9.75
N ALA A 145 -21.99 -16.67 10.97
CA ALA A 145 -20.65 -16.38 11.45
C ALA A 145 -19.84 -17.67 11.67
N LEU A 146 -20.47 -18.78 12.07
CA LEU A 146 -19.77 -20.04 12.39
C LEU A 146 -19.91 -21.16 11.34
N LYS A 147 -20.90 -21.12 10.45
CA LYS A 147 -21.11 -22.16 9.42
C LYS A 147 -20.55 -21.76 8.06
N ASN A 148 -20.23 -20.48 7.82
CA ASN A 148 -19.72 -20.05 6.51
C ASN A 148 -18.23 -20.40 6.42
N LEU A 149 -17.91 -21.63 6.00
CA LEU A 149 -16.55 -22.13 5.86
C LEU A 149 -15.64 -21.17 5.08
N ALA A 150 -16.17 -20.37 4.14
CA ALA A 150 -15.38 -19.54 3.24
C ALA A 150 -14.73 -18.34 3.92
N SER A 151 -15.47 -17.54 4.68
CA SER A 151 -14.90 -16.38 5.38
C SER A 151 -13.88 -16.87 6.41
N LEU A 152 -14.19 -18.00 7.05
CA LEU A 152 -13.23 -18.63 7.95
C LEU A 152 -12.00 -19.08 7.15
N SER A 153 -12.16 -19.58 5.93
CA SER A 153 -11.04 -19.90 5.04
C SER A 153 -10.25 -18.67 4.58
N ASP A 154 -10.82 -17.46 4.64
CA ASP A 154 -10.06 -16.24 4.36
C ASP A 154 -9.10 -15.98 5.53
N VAL A 155 -9.55 -16.17 6.79
CA VAL A 155 -8.69 -15.95 7.96
C VAL A 155 -7.87 -17.18 8.37
N CYS A 156 -8.17 -18.37 7.86
CA CYS A 156 -7.60 -19.63 8.33
C CYS A 156 -7.28 -20.53 7.15
N THR A 157 -6.24 -21.36 7.28
CA THR A 157 -6.00 -22.44 6.32
C THR A 157 -7.06 -23.45 6.71
N ILE A 158 -7.87 -23.91 5.75
CA ILE A 158 -8.80 -25.01 5.99
C ILE A 158 -8.28 -26.15 5.15
N ASN A 159 -8.12 -27.29 5.82
CA ASN A 159 -7.56 -28.51 5.27
C ASN A 159 -8.41 -29.65 5.79
N TYR A 160 -8.65 -30.66 4.96
CA TYR A 160 -9.55 -31.75 5.29
C TYR A 160 -8.77 -32.93 5.85
N ILE A 161 -9.49 -33.77 6.60
CA ILE A 161 -8.97 -34.88 7.36
C ILE A 161 -9.92 -36.05 7.08
N SER A 162 -9.43 -37.28 7.27
CA SER A 162 -10.20 -38.53 7.14
C SER A 162 -10.71 -38.81 5.73
N GLY A 163 -10.25 -38.04 4.73
CA GLY A 163 -10.58 -38.18 3.32
C GLY A 163 -10.20 -36.90 2.58
N ASN A 164 -10.49 -36.85 1.28
CA ASN A 164 -10.22 -35.66 0.45
C ASN A 164 -11.00 -34.44 0.95
N THR A 165 -12.25 -34.67 1.39
CA THR A 165 -13.24 -33.65 1.71
C THR A 165 -14.25 -34.28 2.70
N GLN A 166 -13.76 -34.88 3.80
CA GLN A 166 -14.59 -35.71 4.68
C GLN A 166 -14.88 -34.99 6.00
N LYS A 167 -13.85 -34.52 6.71
CA LYS A 167 -14.00 -33.62 7.87
C LYS A 167 -12.98 -32.51 7.71
N ALA A 168 -13.06 -31.41 8.46
CA ALA A 168 -12.26 -30.21 8.21
C ALA A 168 -11.53 -29.81 9.48
N ILE A 169 -10.42 -29.10 9.30
CA ILE A 169 -9.59 -28.50 10.32
C ILE A 169 -9.39 -27.05 9.89
N LEU A 170 -9.11 -26.18 10.85
CA LEU A 170 -8.69 -24.82 10.59
C LEU A 170 -7.32 -24.65 11.26
N TYR A 171 -6.41 -23.91 10.63
CA TYR A 171 -5.14 -23.45 11.17
C TYR A 171 -5.05 -21.95 10.90
N ALA A 172 -4.20 -21.21 11.64
CA ALA A 172 -4.07 -19.77 11.45
C ALA A 172 -3.50 -19.45 10.05
N LYS A 173 -3.98 -18.36 9.43
CA LYS A 173 -3.42 -17.82 8.18
C LYS A 173 -3.04 -16.33 8.31
N LEU A 174 -3.33 -15.68 9.45
CA LEU A 174 -2.99 -14.30 9.83
C LEU A 174 -2.85 -13.36 8.60
N PRO A 175 -3.94 -13.10 7.85
CA PRO A 175 -3.86 -12.39 6.58
C PRO A 175 -3.49 -10.90 6.76
N LEU A 176 -3.89 -10.29 7.88
CA LEU A 176 -3.67 -8.87 8.14
C LEU A 176 -2.16 -8.56 8.33
N PRO A 177 -1.69 -7.38 7.89
CA PRO A 177 -0.30 -6.96 8.10
C PRO A 177 -0.07 -6.37 9.49
N THR A 178 -1.14 -6.08 10.23
CA THR A 178 -1.09 -5.33 11.46
C THR A 178 -0.31 -6.09 12.54
N ASP A 179 0.36 -5.33 13.41
CA ASP A 179 1.12 -5.83 14.56
C ASP A 179 1.27 -4.75 15.64
N LYS A 180 1.47 -3.51 15.21
CA LYS A 180 1.49 -2.29 16.01
C LYS A 180 1.01 -1.14 15.13
N GLY A 1 -24.05 -11.64 -30.10
CA GLY A 1 -23.89 -11.56 -31.58
C GLY A 1 -22.46 -11.89 -32.01
N HIS A 2 -22.29 -12.84 -32.93
CA HIS A 2 -20.98 -13.36 -33.35
C HIS A 2 -20.06 -12.29 -33.95
N MET A 3 -20.63 -11.22 -34.52
CA MET A 3 -19.83 -10.14 -35.10
C MET A 3 -18.93 -9.45 -34.06
N ASP A 4 -19.21 -9.56 -32.76
CA ASP A 4 -18.33 -9.04 -31.71
C ASP A 4 -16.96 -9.73 -31.76
N GLU A 5 -16.94 -11.03 -32.03
CA GLU A 5 -15.70 -11.79 -32.13
C GLU A 5 -14.97 -11.40 -33.42
N VAL A 6 -15.71 -11.18 -34.53
CA VAL A 6 -15.12 -10.78 -35.79
C VAL A 6 -14.47 -9.40 -35.63
N GLN A 7 -15.24 -8.44 -35.11
CA GLN A 7 -14.79 -7.11 -34.76
C GLN A 7 -13.49 -7.18 -33.98
N ASN A 8 -13.53 -7.81 -32.80
CA ASN A 8 -12.38 -7.74 -31.91
C ASN A 8 -11.16 -8.46 -32.50
N ARG A 9 -11.31 -9.46 -33.39
CA ARG A 9 -10.11 -10.11 -33.91
C ARG A 9 -9.48 -9.30 -35.03
N ILE A 10 -10.22 -8.48 -35.78
CA ILE A 10 -9.54 -7.60 -36.73
C ILE A 10 -8.80 -6.51 -35.98
N LYS A 11 -9.39 -5.87 -34.96
CA LYS A 11 -8.57 -4.90 -34.22
C LYS A 11 -7.40 -5.60 -33.57
N GLU A 12 -7.51 -6.86 -33.14
CA GLU A 12 -6.36 -7.59 -32.59
C GLU A 12 -5.22 -7.65 -33.61
N ILE A 13 -5.46 -8.13 -34.84
CA ILE A 13 -4.39 -8.19 -35.84
C ILE A 13 -3.86 -6.80 -36.15
N LEU A 14 -4.72 -5.82 -36.37
CA LEU A 14 -4.27 -4.48 -36.72
C LEU A 14 -3.48 -3.86 -35.56
N ASP A 15 -3.79 -4.22 -34.32
CA ASP A 15 -3.11 -3.69 -33.14
C ASP A 15 -1.77 -4.38 -32.91
N LYS A 16 -1.72 -5.72 -33.07
CA LYS A 16 -0.45 -6.47 -32.96
C LYS A 16 0.47 -6.04 -34.09
N HIS A 17 -0.10 -5.86 -35.28
CA HIS A 17 0.61 -5.54 -36.51
C HIS A 17 0.41 -4.03 -36.73
N ASN A 18 0.74 -3.25 -35.68
CA ASN A 18 0.47 -1.82 -35.50
C ASN A 18 0.70 -0.94 -36.73
N ASN A 19 1.72 -1.25 -37.53
CA ASN A 19 2.05 -0.50 -38.74
C ASN A 19 0.90 -0.47 -39.76
N GLY A 20 -0.08 -1.38 -39.66
CA GLY A 20 -1.24 -1.48 -40.52
C GLY A 20 -1.07 -2.58 -41.57
N ILE A 21 -2.15 -2.90 -42.30
CA ILE A 21 -2.22 -3.99 -43.26
C ILE A 21 -2.96 -3.49 -44.50
N TRP A 22 -2.41 -3.69 -45.70
CA TRP A 22 -3.09 -3.36 -46.96
C TRP A 22 -4.36 -4.19 -47.09
N ILE A 23 -5.47 -3.64 -47.59
CA ILE A 23 -6.73 -4.39 -47.68
C ILE A 23 -6.52 -5.64 -48.53
N SER A 24 -5.72 -5.55 -49.62
CA SER A 24 -5.45 -6.70 -50.47
C SER A 24 -4.62 -7.79 -49.78
N LYS A 25 -3.85 -7.46 -48.73
CA LYS A 25 -3.03 -8.45 -48.00
C LYS A 25 -3.69 -8.91 -46.70
N LEU A 26 -4.66 -8.17 -46.16
CA LEU A 26 -5.48 -8.59 -45.02
C LEU A 26 -6.11 -9.99 -45.17
N PRO A 27 -6.65 -10.45 -46.31
CA PRO A 27 -7.22 -11.79 -46.40
C PRO A 27 -6.22 -12.88 -46.02
N HIS A 28 -4.99 -12.85 -46.54
CA HIS A 28 -4.00 -13.87 -46.15
C HIS A 28 -3.39 -13.59 -44.79
N PHE A 29 -3.33 -12.33 -44.35
CA PHE A 29 -2.90 -12.03 -43.00
C PHE A 29 -3.86 -12.66 -41.98
N TYR A 30 -5.17 -12.53 -42.25
CA TYR A 30 -6.24 -13.10 -41.46
C TYR A 30 -6.17 -14.64 -41.49
N LYS A 31 -6.00 -15.23 -42.68
CA LYS A 31 -5.81 -16.67 -42.83
C LYS A 31 -4.64 -17.16 -41.98
N GLU A 32 -3.51 -16.45 -41.98
CA GLU A 32 -2.35 -16.86 -41.20
C GLU A 32 -2.65 -16.84 -39.71
N PHE A 33 -3.42 -15.85 -39.23
CA PHE A 33 -3.61 -15.66 -37.81
C PHE A 33 -4.73 -16.54 -37.24
N TYR A 34 -5.82 -16.73 -37.98
CA TYR A 34 -7.05 -17.37 -37.46
C TYR A 34 -7.44 -18.64 -38.21
N LYS A 35 -6.69 -19.00 -39.27
CA LYS A 35 -6.87 -20.22 -40.06
C LYS A 35 -8.31 -20.29 -40.59
N GLU A 36 -8.81 -19.14 -41.06
CA GLU A 36 -10.15 -18.95 -41.56
C GLU A 36 -10.05 -18.11 -42.83
N ASP A 37 -10.91 -18.41 -43.79
CA ASP A 37 -10.93 -17.74 -45.09
C ASP A 37 -11.81 -16.50 -44.97
N LEU A 38 -11.15 -15.33 -44.97
CA LEU A 38 -11.81 -14.04 -44.89
C LEU A 38 -12.75 -13.85 -46.09
N ASN A 39 -14.06 -13.79 -45.86
CA ASN A 39 -15.05 -13.53 -46.92
C ASN A 39 -14.94 -12.08 -47.39
N GLN A 40 -15.26 -11.79 -48.66
CA GLN A 40 -15.17 -10.42 -49.20
C GLN A 40 -16.11 -9.44 -48.49
N GLY A 41 -17.23 -9.91 -47.91
CA GLY A 41 -18.18 -9.06 -47.20
C GLY A 41 -17.60 -8.47 -45.91
N VAL A 42 -16.63 -9.15 -45.30
CA VAL A 42 -16.02 -8.62 -44.09
C VAL A 42 -15.24 -7.35 -44.45
N LEU A 43 -14.73 -7.20 -45.68
CA LEU A 43 -14.13 -5.92 -46.13
C LEU A 43 -15.11 -4.75 -46.02
N GLN A 44 -16.40 -4.99 -46.29
CA GLN A 44 -17.41 -3.95 -46.11
C GLN A 44 -17.63 -3.65 -44.62
N GLN A 45 -17.56 -4.68 -43.76
CA GLN A 45 -17.53 -4.43 -42.30
C GLN A 45 -16.42 -3.44 -41.95
N PHE A 46 -15.23 -3.64 -42.51
CA PHE A 46 -14.07 -2.86 -42.11
C PHE A 46 -14.26 -1.39 -42.49
N GLU A 47 -14.84 -1.14 -43.67
CA GLU A 47 -15.19 0.20 -44.12
C GLU A 47 -16.16 0.87 -43.12
N HIS A 48 -17.15 0.14 -42.59
CA HIS A 48 -18.15 0.73 -41.69
C HIS A 48 -17.71 0.80 -40.23
N TRP A 49 -16.62 0.14 -39.80
CA TRP A 49 -16.20 -0.03 -38.42
C TRP A 49 -15.12 0.98 -37.99
N PRO A 50 -15.44 2.21 -37.54
CA PRO A 50 -14.43 3.09 -36.98
C PRO A 50 -13.83 2.47 -35.70
N HIS A 51 -14.66 1.83 -34.86
CA HIS A 51 -14.22 1.37 -33.53
C HIS A 51 -13.29 0.16 -33.62
N ILE A 52 -13.03 -0.36 -34.81
CA ILE A 52 -12.12 -1.47 -35.06
C ILE A 52 -10.90 -0.94 -35.82
N CYS A 53 -11.08 -0.02 -36.77
CA CYS A 53 -10.03 0.36 -37.68
C CYS A 53 -10.25 1.71 -38.37
N THR A 54 -9.20 2.19 -39.05
CA THR A 54 -9.24 3.32 -39.97
C THR A 54 -8.83 2.73 -41.32
N VAL A 55 -9.46 3.17 -42.41
CA VAL A 55 -9.05 2.83 -43.77
C VAL A 55 -8.41 4.12 -44.31
N GLU A 56 -7.16 4.04 -44.75
CA GLU A 56 -6.40 5.19 -45.22
C GLU A 56 -5.90 4.95 -46.63
N LYS A 57 -6.07 5.94 -47.49
CA LYS A 57 -5.59 5.93 -48.89
C LYS A 57 -4.96 7.27 -49.25
N PRO A 58 -3.79 7.62 -48.66
CA PRO A 58 -3.01 8.79 -49.04
C PRO A 58 -2.84 8.92 -50.56
N CYS A 59 -2.79 10.16 -51.06
CA CYS A 59 -2.52 10.44 -52.47
C CYS A 59 -1.09 10.04 -52.82
N GLY A 60 -0.84 9.72 -54.10
CA GLY A 60 0.49 9.41 -54.62
C GLY A 60 0.44 8.58 -55.90
N GLY A 61 -0.52 7.67 -56.02
CA GLY A 61 -0.74 6.85 -57.22
C GLY A 61 -1.27 5.45 -56.91
N GLY A 62 -1.16 4.99 -55.66
CA GLY A 62 -1.62 3.68 -55.22
C GLY A 62 -3.13 3.49 -55.44
N GLN A 63 -3.55 2.22 -55.49
CA GLN A 63 -4.90 1.79 -55.90
C GLN A 63 -5.51 0.86 -54.84
N ASP A 64 -5.05 0.97 -53.58
CA ASP A 64 -5.55 0.21 -52.44
C ASP A 64 -5.41 1.10 -51.19
N SER A 65 -5.78 0.60 -50.03
CA SER A 65 -5.84 1.35 -48.78
C SER A 65 -5.16 0.54 -47.66
N LEU A 66 -4.79 1.18 -46.54
CA LEU A 66 -4.23 0.51 -45.39
C LEU A 66 -5.24 0.54 -44.28
N LEU A 67 -5.43 -0.61 -43.65
CA LEU A 67 -6.18 -0.77 -42.43
C LEU A 67 -5.21 -0.48 -41.30
N TYR A 68 -5.51 0.56 -40.54
CA TYR A 68 -4.82 0.88 -39.28
C TYR A 68 -5.77 0.51 -38.13
N PRO A 69 -5.25 0.19 -36.94
CA PRO A 69 -6.05 -0.17 -35.77
C PRO A 69 -6.90 0.99 -35.23
N ALA A 70 -7.89 0.66 -34.39
CA ALA A 70 -8.82 1.55 -33.68
C ALA A 70 -8.23 2.66 -32.79
N ARG A 71 -6.92 2.95 -32.78
CA ARG A 71 -6.35 3.89 -31.80
C ARG A 71 -6.91 5.32 -31.91
N ARG A 72 -7.49 5.66 -33.07
CA ARG A 72 -8.12 6.98 -33.31
C ARG A 72 -9.60 6.98 -32.91
N GLU A 73 -10.15 5.84 -32.51
CA GLU A 73 -11.58 5.60 -32.31
C GLU A 73 -11.76 4.86 -30.98
N GLN A 74 -11.37 5.53 -29.89
CA GLN A 74 -11.59 5.06 -28.52
C GLN A 74 -13.10 4.79 -28.30
N PRO A 75 -13.49 3.73 -27.56
CA PRO A 75 -14.88 3.31 -27.50
C PRO A 75 -15.70 4.20 -26.54
N LEU A 76 -15.21 4.32 -25.29
CA LEU A 76 -15.74 5.19 -24.24
C LEU A 76 -14.55 5.48 -23.31
N LYS A 77 -13.43 5.88 -23.91
CA LYS A 77 -12.16 6.18 -23.23
C LYS A 77 -11.67 7.55 -23.72
N SER A 78 -10.81 8.19 -22.94
CA SER A 78 -10.41 9.58 -23.17
C SER A 78 -8.95 9.80 -22.79
N ASP A 79 -8.58 9.45 -21.55
CA ASP A 79 -7.31 9.73 -20.86
C ASP A 79 -7.05 11.23 -20.62
N GLN A 80 -7.58 12.10 -21.49
CA GLN A 80 -7.65 13.55 -21.34
C GLN A 80 -8.66 14.00 -20.25
N ASP A 81 -9.39 13.06 -19.65
CA ASP A 81 -10.51 13.36 -18.73
C ASP A 81 -10.21 14.40 -17.63
N PRO A 82 -9.05 14.35 -16.93
CA PRO A 82 -8.66 15.33 -15.91
C PRO A 82 -8.62 16.79 -16.37
N GLU A 83 -8.69 17.07 -17.67
CA GLU A 83 -8.75 18.43 -18.22
C GLU A 83 -9.94 18.63 -19.17
N LYS A 84 -10.63 17.55 -19.53
CA LYS A 84 -11.80 17.58 -20.38
C LYS A 84 -13.00 17.97 -19.52
N GLU A 85 -13.24 17.20 -18.45
CA GLU A 85 -14.29 17.44 -17.49
C GLU A 85 -13.82 18.33 -16.35
N LEU A 86 -12.50 18.32 -16.06
CA LEU A 86 -11.83 19.05 -14.97
C LEU A 86 -12.70 19.25 -13.71
N PRO A 87 -13.16 18.15 -13.06
CA PRO A 87 -13.94 18.22 -11.84
C PRO A 87 -13.10 18.80 -10.68
N PRO A 88 -13.72 19.20 -9.55
CA PRO A 88 -13.02 19.59 -8.34
C PRO A 88 -11.94 18.56 -7.93
N PRO A 89 -10.77 19.00 -7.43
CA PRO A 89 -9.67 18.09 -7.15
C PRO A 89 -9.97 17.16 -5.97
N PRO A 90 -9.40 15.93 -5.95
CA PRO A 90 -9.52 15.01 -4.83
C PRO A 90 -8.66 15.51 -3.65
N PRO A 91 -8.86 14.96 -2.43
CA PRO A 91 -8.01 15.27 -1.28
C PRO A 91 -6.56 14.79 -1.47
N ALA A 92 -6.37 13.70 -2.23
CA ALA A 92 -5.08 13.21 -2.71
C ALA A 92 -5.34 12.42 -3.99
N PRO A 93 -4.45 12.47 -5.01
CA PRO A 93 -4.66 11.79 -6.27
C PRO A 93 -4.58 10.27 -6.10
N LYS A 94 -5.35 9.53 -6.91
CA LYS A 94 -5.47 8.07 -6.83
C LYS A 94 -4.20 7.35 -7.30
N GLN A 95 -3.29 8.06 -8.00
CA GLN A 95 -2.11 7.49 -8.64
C GLN A 95 -1.14 6.80 -7.66
N GLU A 96 -1.19 7.13 -6.38
CA GLU A 96 -0.24 6.67 -5.36
C GLU A 96 -0.91 6.62 -3.99
N VAL A 97 -0.23 6.01 -3.01
CA VAL A 97 -0.66 5.91 -1.62
C VAL A 97 0.61 5.83 -0.75
N PRO A 98 0.67 6.49 0.42
CA PRO A 98 1.87 6.49 1.26
C PRO A 98 2.08 5.18 2.03
N SER A 99 1.02 4.39 2.21
CA SER A 99 1.02 3.15 3.00
C SER A 99 2.03 2.14 2.45
N GLN A 100 2.67 1.37 3.35
CA GLN A 100 3.67 0.37 2.98
C GLN A 100 3.03 -0.87 2.32
N GLY A 101 1.71 -1.05 2.45
CA GLY A 101 0.95 -2.14 1.87
C GLY A 101 -0.54 -1.89 2.03
N SER A 102 -1.36 -2.79 1.47
CA SER A 102 -2.82 -2.71 1.51
C SER A 102 -3.34 -2.79 2.96
N PRO A 103 -4.53 -2.22 3.26
CA PRO A 103 -5.20 -2.39 4.54
C PRO A 103 -5.64 -3.83 4.75
N ALA A 104 -5.79 -4.14 6.03
CA ALA A 104 -6.34 -5.35 6.56
C ALA A 104 -7.82 -5.52 6.14
N VAL A 105 -8.31 -6.76 6.22
CA VAL A 105 -9.71 -7.11 6.03
C VAL A 105 -10.05 -8.01 7.21
N MET A 106 -10.51 -7.40 8.31
CA MET A 106 -10.75 -8.07 9.59
C MET A 106 -12.08 -7.63 10.21
N PRO A 107 -13.25 -7.92 9.57
CA PRO A 107 -14.54 -7.76 10.21
C PRO A 107 -14.60 -8.49 11.57
N ASP A 108 -15.58 -8.16 12.42
CA ASP A 108 -15.69 -8.67 13.79
C ASP A 108 -15.58 -10.20 13.87
N VAL A 109 -16.35 -10.91 13.04
CA VAL A 109 -16.31 -12.38 13.02
C VAL A 109 -14.92 -12.85 12.57
N LYS A 110 -14.34 -12.23 11.53
CA LYS A 110 -13.03 -12.64 11.02
C LYS A 110 -11.98 -12.46 12.11
N GLU A 111 -12.01 -11.35 12.86
CA GLU A 111 -11.09 -11.10 13.94
C GLU A 111 -11.23 -12.15 15.05
N LYS A 112 -12.47 -12.50 15.44
CA LYS A 112 -12.72 -13.56 16.43
C LYS A 112 -12.02 -14.85 15.98
N VAL A 113 -12.28 -15.29 14.76
CA VAL A 113 -11.66 -16.49 14.21
C VAL A 113 -10.13 -16.35 14.25
N ALA A 114 -9.59 -15.22 13.81
CA ALA A 114 -8.16 -15.06 13.62
C ALA A 114 -7.42 -15.17 14.97
N GLU A 115 -7.93 -14.51 16.01
CA GLU A 115 -7.37 -14.63 17.36
C GLU A 115 -7.58 -16.04 17.90
N LEU A 116 -8.77 -16.60 17.73
CA LEU A 116 -9.12 -17.95 18.18
C LEU A 116 -8.15 -18.98 17.60
N LEU A 117 -7.84 -18.90 16.31
CA LEU A 117 -6.84 -19.75 15.69
C LEU A 117 -5.46 -19.55 16.33
N GLY A 118 -5.07 -18.30 16.56
CA GLY A 118 -3.82 -17.96 17.22
C GLY A 118 -3.67 -18.64 18.60
N LYS A 119 -4.77 -18.87 19.32
CA LYS A 119 -4.71 -19.47 20.65
C LYS A 119 -4.37 -20.98 20.65
N TYR A 120 -4.38 -21.68 19.50
CA TYR A 120 -4.28 -23.15 19.47
C TYR A 120 -3.20 -23.65 18.51
N SER A 121 -2.23 -24.40 19.04
CA SER A 121 -1.25 -25.14 18.27
C SER A 121 -1.94 -26.25 17.44
N SER A 122 -2.96 -26.88 18.01
CA SER A 122 -3.83 -27.89 17.38
C SER A 122 -4.71 -27.28 16.28
N GLY A 123 -4.70 -25.95 16.08
CA GLY A 123 -5.68 -25.31 15.23
C GLY A 123 -7.05 -25.48 15.89
N LEU A 124 -8.12 -25.36 15.12
CA LEU A 124 -9.46 -25.71 15.58
C LEU A 124 -10.03 -26.65 14.54
N TRP A 125 -10.66 -27.73 14.99
CA TRP A 125 -11.32 -28.67 14.10
C TRP A 125 -12.71 -28.13 13.74
N ALA A 126 -13.35 -28.67 12.71
CA ALA A 126 -14.62 -28.14 12.19
C ALA A 126 -15.69 -27.92 13.26
N SER A 127 -15.81 -28.84 14.23
CA SER A 127 -16.76 -28.74 15.33
C SER A 127 -16.20 -27.90 16.48
N ALA A 128 -14.89 -28.02 16.73
CA ALA A 128 -14.22 -27.29 17.81
C ALA A 128 -14.19 -25.78 17.53
N LEU A 129 -14.20 -25.35 16.26
CA LEU A 129 -14.21 -23.93 15.91
C LEU A 129 -15.46 -23.26 16.50
N PRO A 130 -16.72 -23.65 16.17
CA PRO A 130 -17.93 -23.20 16.86
C PRO A 130 -17.85 -23.33 18.39
N LYS A 131 -17.44 -24.49 18.91
CA LYS A 131 -17.45 -24.69 20.37
C LYS A 131 -16.54 -23.67 21.06
N ALA A 132 -15.32 -23.51 20.58
CA ALA A 132 -14.35 -22.57 21.12
C ALA A 132 -14.80 -21.12 20.92
N PHE A 133 -15.46 -20.83 19.80
CA PHE A 133 -16.02 -19.53 19.48
C PHE A 133 -16.95 -19.08 20.61
N GLU A 134 -17.94 -19.91 20.93
CA GLU A 134 -19.00 -19.52 21.83
C GLU A 134 -18.49 -19.56 23.27
N ASP A 135 -17.58 -20.47 23.59
CA ASP A 135 -16.99 -20.59 24.91
C ASP A 135 -16.10 -19.38 25.24
N MET A 136 -15.23 -18.98 24.29
CA MET A 136 -14.20 -17.99 24.58
C MET A 136 -14.76 -16.58 24.59
N TYR A 137 -15.63 -16.25 23.62
CA TYR A 137 -16.18 -14.92 23.49
C TYR A 137 -17.53 -14.79 24.23
N LYS A 138 -17.98 -15.86 24.90
CA LYS A 138 -19.26 -15.94 25.64
C LYS A 138 -20.43 -15.34 24.85
N VAL A 139 -20.56 -15.77 23.60
CA VAL A 139 -21.60 -15.36 22.66
C VAL A 139 -22.22 -16.60 22.07
N LYS A 140 -23.54 -16.64 21.92
CA LYS A 140 -24.24 -17.66 21.14
C LYS A 140 -24.67 -16.87 19.92
N PHE A 141 -23.86 -16.93 18.85
CA PHE A 141 -24.02 -16.04 17.70
C PHE A 141 -24.42 -16.80 16.43
N PRO A 142 -24.89 -16.10 15.36
CA PRO A 142 -25.51 -16.73 14.19
C PRO A 142 -24.68 -17.87 13.65
N GLU A 143 -25.32 -18.99 13.33
CA GLU A 143 -24.61 -20.15 12.82
C GLU A 143 -23.84 -19.83 11.54
N ASP A 144 -24.28 -18.87 10.71
CA ASP A 144 -23.51 -18.43 9.54
C ASP A 144 -22.10 -18.00 9.95
N ALA A 145 -21.94 -17.27 11.06
CA ALA A 145 -20.63 -16.87 11.55
C ALA A 145 -19.76 -18.11 11.84
N LEU A 146 -20.35 -19.18 12.40
CA LEU A 146 -19.62 -20.32 12.93
C LEU A 146 -19.43 -21.41 11.87
N LYS A 147 -20.31 -21.47 10.86
CA LYS A 147 -20.39 -22.58 9.90
C LYS A 147 -20.08 -22.17 8.47
N ASN A 148 -20.01 -20.89 8.12
CA ASN A 148 -19.74 -20.44 6.75
C ASN A 148 -18.26 -20.58 6.49
N LEU A 149 -17.86 -21.77 6.03
CA LEU A 149 -16.48 -22.20 5.91
C LEU A 149 -15.60 -21.15 5.23
N ALA A 150 -16.11 -20.45 4.22
CA ALA A 150 -15.31 -19.54 3.39
C ALA A 150 -14.72 -18.35 4.14
N SER A 151 -15.47 -17.72 5.04
CA SER A 151 -14.90 -16.63 5.88
C SER A 151 -13.78 -17.20 6.75
N LEU A 152 -14.03 -18.40 7.28
CA LEU A 152 -13.04 -19.05 8.10
C LEU A 152 -11.82 -19.35 7.22
N SER A 153 -11.98 -19.79 5.98
CA SER A 153 -10.88 -19.95 5.03
C SER A 153 -10.19 -18.62 4.68
N ASP A 154 -10.89 -17.48 4.75
CA ASP A 154 -10.30 -16.18 4.46
C ASP A 154 -9.27 -15.82 5.53
N VAL A 155 -9.49 -16.26 6.78
CA VAL A 155 -8.52 -16.01 7.87
C VAL A 155 -7.75 -17.25 8.35
N CYS A 156 -8.00 -18.45 7.80
CA CYS A 156 -7.39 -19.70 8.22
C CYS A 156 -7.03 -20.59 7.03
N THR A 157 -6.02 -21.43 7.20
CA THR A 157 -5.75 -22.51 6.26
C THR A 157 -6.83 -23.51 6.61
N ILE A 158 -7.58 -24.01 5.63
CA ILE A 158 -8.52 -25.11 5.87
C ILE A 158 -8.02 -26.26 5.03
N ASN A 159 -7.98 -27.41 5.69
CA ASN A 159 -7.44 -28.67 5.22
C ASN A 159 -8.37 -29.74 5.78
N TYR A 160 -8.38 -30.93 5.20
CA TYR A 160 -9.38 -31.95 5.49
C TYR A 160 -8.72 -33.23 5.96
N ILE A 161 -9.53 -34.06 6.62
CA ILE A 161 -9.12 -35.34 7.18
C ILE A 161 -10.25 -36.32 6.87
N SER A 162 -9.99 -37.63 7.00
CA SER A 162 -10.89 -38.73 6.67
C SER A 162 -11.18 -38.87 5.15
N GLY A 163 -11.00 -37.80 4.39
CA GLY A 163 -11.02 -37.75 2.93
C GLY A 163 -11.00 -36.28 2.51
N ASN A 164 -10.81 -36.01 1.22
CA ASN A 164 -10.97 -34.66 0.69
C ASN A 164 -12.41 -34.21 0.94
N THR A 165 -12.59 -33.03 1.55
CA THR A 165 -13.88 -32.49 1.97
C THR A 165 -14.77 -33.55 2.64
N GLN A 166 -14.32 -34.12 3.76
CA GLN A 166 -15.11 -35.06 4.58
C GLN A 166 -15.14 -34.57 6.03
N LYS A 167 -13.98 -34.34 6.62
CA LYS A 167 -13.81 -33.68 7.93
C LYS A 167 -12.86 -32.52 7.64
N ALA A 168 -12.91 -31.41 8.38
CA ALA A 168 -12.09 -30.23 8.15
C ALA A 168 -11.37 -29.82 9.44
N ILE A 169 -10.25 -29.16 9.26
CA ILE A 169 -9.36 -28.62 10.28
C ILE A 169 -9.11 -27.18 9.83
N LEU A 170 -8.80 -26.30 10.78
CA LEU A 170 -8.41 -24.93 10.51
C LEU A 170 -7.07 -24.73 11.21
N TYR A 171 -6.10 -24.14 10.51
CA TYR A 171 -4.83 -23.68 11.08
C TYR A 171 -4.75 -22.17 10.82
N ALA A 172 -3.92 -21.46 11.56
CA ALA A 172 -3.86 -20.00 11.46
C ALA A 172 -3.31 -19.57 10.08
N LYS A 173 -3.95 -18.55 9.47
CA LYS A 173 -3.45 -17.84 8.29
C LYS A 173 -3.21 -16.37 8.67
N LEU A 174 -4.07 -15.85 9.57
CA LEU A 174 -3.95 -14.58 10.29
C LEU A 174 -3.39 -13.40 9.44
N PRO A 175 -4.22 -12.78 8.57
CA PRO A 175 -3.88 -11.53 7.88
C PRO A 175 -3.50 -10.38 8.84
N LEU A 176 -3.18 -9.21 8.28
CA LEU A 176 -3.00 -7.99 9.05
C LEU A 176 -4.27 -7.71 9.88
N PRO A 177 -4.16 -7.13 11.09
CA PRO A 177 -5.28 -6.82 11.96
C PRO A 177 -5.95 -5.49 11.61
N THR A 178 -5.16 -4.52 11.12
CA THR A 178 -5.55 -3.14 10.91
C THR A 178 -4.67 -2.53 9.82
N ASP A 179 -5.06 -1.35 9.31
CA ASP A 179 -4.26 -0.58 8.35
C ASP A 179 -2.94 -0.10 8.95
N LYS A 180 -2.92 0.13 10.27
CA LYS A 180 -1.78 0.62 11.04
C LYS A 180 -1.89 0.08 12.47
N GLY A 1 -17.05 -10.96 -25.98
CA GLY A 1 -16.96 -9.99 -27.09
C GLY A 1 -17.09 -10.68 -28.45
N HIS A 2 -18.00 -10.20 -29.31
CA HIS A 2 -18.32 -10.81 -30.61
C HIS A 2 -17.12 -10.88 -31.56
N MET A 3 -16.12 -10.02 -31.38
CA MET A 3 -14.91 -10.01 -32.21
C MET A 3 -14.11 -11.31 -32.09
N ASP A 4 -14.28 -12.10 -31.02
CA ASP A 4 -13.73 -13.45 -30.92
C ASP A 4 -14.28 -14.34 -32.05
N GLU A 5 -15.55 -14.16 -32.40
CA GLU A 5 -16.16 -14.85 -33.52
C GLU A 5 -15.61 -14.34 -34.86
N VAL A 6 -15.24 -13.05 -34.95
CA VAL A 6 -14.77 -12.47 -36.19
C VAL A 6 -13.41 -13.07 -36.49
N GLN A 7 -12.45 -12.95 -35.57
CA GLN A 7 -11.11 -13.49 -35.76
C GLN A 7 -11.20 -14.99 -36.09
N ASN A 8 -12.01 -15.76 -35.35
CA ASN A 8 -12.04 -17.20 -35.58
C ASN A 8 -12.64 -17.54 -36.93
N ARG A 9 -13.60 -16.76 -37.47
CA ARG A 9 -14.14 -17.11 -38.80
C ARG A 9 -13.16 -16.78 -39.90
N ILE A 10 -12.26 -15.82 -39.68
CA ILE A 10 -11.20 -15.57 -40.66
C ILE A 10 -10.20 -16.73 -40.70
N LYS A 11 -9.75 -17.26 -39.56
CA LYS A 11 -8.89 -18.45 -39.65
C LYS A 11 -9.66 -19.60 -40.28
N GLU A 12 -10.99 -19.71 -40.05
CA GLU A 12 -11.76 -20.76 -40.70
C GLU A 12 -11.72 -20.64 -42.23
N ILE A 13 -12.00 -19.47 -42.84
CA ILE A 13 -11.93 -19.41 -44.31
C ILE A 13 -10.51 -19.74 -44.78
N LEU A 14 -9.50 -19.16 -44.14
CA LEU A 14 -8.13 -19.37 -44.57
C LEU A 14 -7.70 -20.82 -44.35
N ASP A 15 -8.33 -21.56 -43.45
CA ASP A 15 -8.06 -22.98 -43.21
C ASP A 15 -8.83 -23.86 -44.20
N LYS A 16 -10.08 -23.51 -44.56
CA LYS A 16 -10.81 -24.17 -45.64
C LYS A 16 -10.04 -23.99 -46.95
N HIS A 17 -9.39 -22.85 -47.12
CA HIS A 17 -8.77 -22.39 -48.35
C HIS A 17 -7.28 -22.25 -48.06
N ASN A 18 -6.66 -23.36 -47.64
CA ASN A 18 -5.30 -23.43 -47.10
C ASN A 18 -4.23 -22.75 -47.95
N ASN A 19 -4.39 -22.79 -49.29
CA ASN A 19 -3.46 -22.13 -50.22
C ASN A 19 -3.43 -20.60 -50.05
N GLY A 20 -4.40 -20.01 -49.35
CA GLY A 20 -4.51 -18.60 -49.02
C GLY A 20 -5.55 -17.89 -49.87
N ILE A 21 -5.81 -16.61 -49.56
CA ILE A 21 -6.80 -15.75 -50.23
C ILE A 21 -6.13 -14.37 -50.42
N TRP A 22 -6.19 -13.77 -51.61
CA TRP A 22 -5.70 -12.40 -51.82
C TRP A 22 -6.50 -11.43 -50.97
N ILE A 23 -5.87 -10.45 -50.33
CA ILE A 23 -6.58 -9.57 -49.41
C ILE A 23 -7.66 -8.75 -50.15
N SER A 24 -7.45 -8.43 -51.43
CA SER A 24 -8.48 -7.77 -52.23
C SER A 24 -9.68 -8.68 -52.52
N LYS A 25 -9.51 -10.01 -52.55
CA LYS A 25 -10.62 -10.96 -52.76
C LYS A 25 -11.19 -11.51 -51.46
N LEU A 26 -10.46 -11.42 -50.34
CA LEU A 26 -10.94 -11.73 -48.98
C LEU A 26 -12.34 -11.13 -48.70
N PRO A 27 -12.64 -9.83 -48.92
CA PRO A 27 -13.95 -9.28 -48.64
C PRO A 27 -15.08 -10.01 -49.37
N HIS A 28 -14.94 -10.34 -50.66
CA HIS A 28 -16.01 -11.07 -51.35
C HIS A 28 -16.00 -12.55 -50.97
N PHE A 29 -14.84 -13.11 -50.61
CA PHE A 29 -14.78 -14.47 -50.10
C PHE A 29 -15.57 -14.57 -48.78
N TYR A 30 -15.39 -13.58 -47.92
CA TYR A 30 -16.11 -13.44 -46.66
C TYR A 30 -17.60 -13.29 -46.91
N LYS A 31 -17.99 -12.40 -47.84
CA LYS A 31 -19.39 -12.21 -48.25
C LYS A 31 -20.00 -13.53 -48.71
N GLU A 32 -19.30 -14.32 -49.52
CA GLU A 32 -19.82 -15.60 -49.99
C GLU A 32 -19.99 -16.57 -48.82
N PHE A 33 -19.04 -16.60 -47.88
CA PHE A 33 -19.03 -17.65 -46.87
C PHE A 33 -20.02 -17.35 -45.74
N TYR A 34 -20.17 -16.07 -45.35
CA TYR A 34 -20.90 -15.66 -44.14
C TYR A 34 -22.08 -14.74 -44.42
N LYS A 35 -22.27 -14.33 -45.67
CA LYS A 35 -23.37 -13.44 -46.10
C LYS A 35 -23.36 -12.15 -45.26
N GLU A 36 -22.17 -11.60 -45.06
CA GLU A 36 -21.91 -10.42 -44.25
C GLU A 36 -20.87 -9.58 -44.98
N ASP A 37 -20.97 -8.26 -44.85
CA ASP A 37 -20.07 -7.31 -45.48
C ASP A 37 -18.90 -7.04 -44.54
N LEU A 38 -17.73 -7.55 -44.91
CA LEU A 38 -16.48 -7.33 -44.19
C LEU A 38 -16.21 -5.83 -44.10
N ASN A 39 -16.10 -5.29 -42.88
CA ASN A 39 -15.72 -3.89 -42.65
C ASN A 39 -14.25 -3.67 -43.04
N GLN A 40 -13.87 -2.47 -43.47
CA GLN A 40 -12.47 -2.18 -43.85
C GLN A 40 -11.50 -2.33 -42.68
N GLY A 41 -11.95 -2.13 -41.43
CA GLY A 41 -11.10 -2.20 -40.25
C GLY A 41 -10.66 -3.63 -39.92
N VAL A 42 -11.37 -4.65 -40.41
CA VAL A 42 -10.93 -6.01 -40.20
C VAL A 42 -9.62 -6.23 -40.98
N LEU A 43 -9.39 -5.54 -42.11
CA LEU A 43 -8.11 -5.58 -42.82
C LEU A 43 -6.94 -5.20 -41.92
N GLN A 44 -7.11 -4.17 -41.08
CA GLN A 44 -6.04 -3.76 -40.17
C GLN A 44 -5.80 -4.84 -39.12
N GLN A 45 -6.89 -5.43 -38.61
CA GLN A 45 -6.76 -6.56 -37.69
C GLN A 45 -6.08 -7.77 -38.36
N PHE A 46 -6.34 -8.03 -39.65
CA PHE A 46 -5.68 -9.11 -40.38
C PHE A 46 -4.15 -8.94 -40.33
N GLU A 47 -3.69 -7.70 -40.56
CA GLU A 47 -2.27 -7.38 -40.50
C GLU A 47 -1.69 -7.61 -39.10
N HIS A 48 -2.43 -7.31 -38.02
CA HIS A 48 -1.88 -7.44 -36.68
C HIS A 48 -2.01 -8.84 -36.07
N TRP A 49 -3.01 -9.66 -36.45
CA TRP A 49 -3.37 -10.91 -35.79
C TRP A 49 -2.24 -11.94 -35.93
N PRO A 50 -1.57 -12.36 -34.84
CA PRO A 50 -0.59 -13.45 -34.90
C PRO A 50 -1.25 -14.84 -34.94
N HIS A 51 -2.46 -14.97 -34.38
CA HIS A 51 -3.10 -16.29 -34.14
C HIS A 51 -4.12 -16.67 -35.21
N ILE A 52 -4.34 -15.83 -36.23
CA ILE A 52 -5.41 -16.05 -37.20
C ILE A 52 -4.82 -16.27 -38.60
N CYS A 53 -3.78 -15.52 -38.96
CA CYS A 53 -3.28 -15.50 -40.32
C CYS A 53 -1.84 -14.99 -40.38
N THR A 54 -1.31 -14.98 -41.60
CA THR A 54 -0.06 -14.34 -42.00
C THR A 54 -0.41 -13.56 -43.27
N VAL A 55 0.21 -12.40 -43.46
CA VAL A 55 0.07 -11.60 -44.67
C VAL A 55 1.40 -11.72 -45.42
N GLU A 56 1.32 -11.98 -46.72
CA GLU A 56 2.45 -12.27 -47.57
C GLU A 56 2.40 -11.39 -48.79
N LYS A 57 3.51 -10.70 -49.04
CA LYS A 57 3.68 -9.78 -50.17
C LYS A 57 5.01 -10.11 -50.87
N PRO A 58 5.17 -11.32 -51.43
CA PRO A 58 6.44 -11.75 -52.04
C PRO A 58 6.81 -10.87 -53.24
N CYS A 59 5.81 -10.43 -54.00
CA CYS A 59 5.90 -9.41 -55.05
C CYS A 59 4.67 -8.52 -54.91
N GLY A 60 4.80 -7.23 -55.20
CA GLY A 60 3.70 -6.27 -55.13
C GLY A 60 4.22 -4.84 -55.11
N GLY A 61 3.30 -3.88 -54.98
CA GLY A 61 3.60 -2.45 -54.91
C GLY A 61 2.43 -1.67 -54.32
N GLY A 62 1.72 -2.27 -53.35
CA GLY A 62 0.48 -1.76 -52.79
C GLY A 62 -0.09 -2.79 -51.83
N GLN A 63 -1.36 -2.66 -51.47
CA GLN A 63 -2.11 -3.68 -50.74
C GLN A 63 -2.53 -4.75 -51.76
N ASP A 64 -1.60 -5.66 -52.10
CA ASP A 64 -1.83 -6.77 -53.02
C ASP A 64 -0.97 -7.90 -52.47
N SER A 65 -1.55 -8.56 -51.47
CA SER A 65 -0.89 -9.53 -50.60
C SER A 65 -1.80 -10.75 -50.46
N LEU A 66 -1.29 -11.87 -49.95
CA LEU A 66 -2.07 -13.05 -49.69
C LEU A 66 -2.18 -13.25 -48.19
N LEU A 67 -3.37 -13.60 -47.76
CA LEU A 67 -3.66 -14.06 -46.43
C LEU A 67 -3.46 -15.56 -46.44
N TYR A 68 -2.52 -16.03 -45.64
CA TYR A 68 -2.36 -17.45 -45.36
C TYR A 68 -2.98 -17.70 -43.98
N PRO A 69 -3.44 -18.93 -43.69
CA PRO A 69 -3.94 -19.30 -42.37
C PRO A 69 -2.86 -19.22 -41.28
N ALA A 70 -3.30 -19.26 -40.02
CA ALA A 70 -2.46 -19.22 -38.82
C ALA A 70 -1.32 -20.25 -38.72
N ARG A 71 -1.25 -21.26 -39.60
CA ARG A 71 -0.24 -22.33 -39.51
C ARG A 71 1.20 -21.79 -39.49
N ARG A 72 1.43 -20.61 -40.11
CA ARG A 72 2.75 -19.99 -40.19
C ARG A 72 3.09 -19.14 -38.95
N GLU A 73 2.13 -18.95 -38.03
CA GLU A 73 2.27 -18.36 -36.69
C GLU A 73 3.35 -17.29 -36.53
N GLN A 74 3.29 -16.27 -37.41
CA GLN A 74 4.18 -15.12 -37.36
C GLN A 74 3.93 -14.27 -36.09
N PRO A 75 4.92 -13.48 -35.63
CA PRO A 75 4.80 -12.67 -34.41
C PRO A 75 3.66 -11.64 -34.47
N LEU A 76 3.28 -11.13 -33.29
CA LEU A 76 2.37 -9.99 -33.16
C LEU A 76 3.00 -8.81 -33.91
N LYS A 77 2.24 -8.13 -34.77
CA LYS A 77 2.77 -7.13 -35.69
C LYS A 77 2.15 -5.74 -35.46
N SER A 78 1.86 -5.42 -34.20
CA SER A 78 1.46 -4.08 -33.78
C SER A 78 2.58 -3.09 -34.11
N ASP A 79 3.82 -3.49 -33.79
CA ASP A 79 5.04 -2.67 -33.82
C ASP A 79 4.89 -1.33 -33.06
N GLN A 80 3.96 -1.29 -32.09
CA GLN A 80 3.61 -0.09 -31.32
C GLN A 80 3.07 -0.47 -29.93
N ASP A 81 2.99 -1.75 -29.56
CA ASP A 81 2.30 -2.15 -28.34
C ASP A 81 2.85 -1.54 -27.04
N PRO A 82 4.19 -1.45 -26.84
CA PRO A 82 4.77 -0.71 -25.72
C PRO A 82 4.33 0.76 -25.64
N GLU A 83 3.95 1.37 -26.76
CA GLU A 83 3.54 2.77 -26.81
C GLU A 83 2.01 2.88 -26.62
N LYS A 84 1.29 1.88 -27.11
CA LYS A 84 -0.16 1.80 -26.98
C LYS A 84 -0.52 1.65 -25.50
N GLU A 85 0.11 0.68 -24.83
CA GLU A 85 -0.24 0.28 -23.48
C GLU A 85 0.29 1.25 -22.42
N LEU A 86 1.53 1.73 -22.64
CA LEU A 86 2.36 2.50 -21.72
C LEU A 86 2.07 2.21 -20.23
N PRO A 87 2.34 0.99 -19.73
CA PRO A 87 2.17 0.65 -18.33
C PRO A 87 3.20 1.41 -17.45
N PRO A 88 2.95 1.52 -16.12
CA PRO A 88 3.96 2.05 -15.20
C PRO A 88 5.16 1.08 -15.14
N PRO A 89 6.39 1.60 -14.95
CA PRO A 89 7.58 0.76 -14.91
C PRO A 89 7.63 -0.08 -13.63
N PRO A 90 8.23 -1.28 -13.66
CA PRO A 90 8.50 -2.08 -12.46
C PRO A 90 9.60 -1.45 -11.60
N PRO A 91 9.76 -1.88 -10.33
CA PRO A 91 10.90 -1.48 -9.49
C PRO A 91 12.25 -1.79 -10.13
N ALA A 92 12.35 -2.89 -10.87
CA ALA A 92 13.49 -3.24 -11.72
C ALA A 92 12.97 -4.06 -12.91
N PRO A 93 13.48 -3.83 -14.14
CA PRO A 93 13.02 -4.54 -15.33
C PRO A 93 13.56 -5.98 -15.44
N LYS A 94 14.68 -6.27 -14.76
CA LYS A 94 15.37 -7.57 -14.82
C LYS A 94 16.05 -7.86 -13.48
N GLN A 95 16.62 -9.07 -13.34
CA GLN A 95 17.43 -9.57 -12.23
C GLN A 95 16.64 -9.79 -10.93
N GLU A 96 15.57 -9.03 -10.70
CA GLU A 96 14.61 -9.21 -9.61
C GLU A 96 13.24 -8.71 -10.09
N VAL A 97 12.19 -8.98 -9.29
CA VAL A 97 10.80 -8.74 -9.60
C VAL A 97 10.09 -8.20 -8.34
N PRO A 98 8.96 -7.47 -8.48
CA PRO A 98 8.21 -6.99 -7.33
C PRO A 98 7.60 -8.15 -6.54
N SER A 99 7.47 -7.97 -5.23
CA SER A 99 6.72 -8.88 -4.36
C SER A 99 5.23 -8.83 -4.70
N GLN A 100 4.48 -9.86 -4.27
CA GLN A 100 3.02 -9.96 -4.47
C GLN A 100 2.37 -10.48 -3.19
N GLY A 101 1.11 -10.11 -2.97
CA GLY A 101 0.33 -10.45 -1.77
C GLY A 101 -0.93 -9.61 -1.74
N SER A 102 -1.72 -9.73 -0.67
CA SER A 102 -2.99 -9.04 -0.49
C SER A 102 -3.16 -8.58 0.97
N PRO A 103 -3.87 -7.47 1.23
CA PRO A 103 -4.25 -7.03 2.57
C PRO A 103 -5.38 -7.92 3.15
N ALA A 104 -5.92 -7.53 4.32
CA ALA A 104 -7.01 -8.21 5.00
C ALA A 104 -8.17 -7.24 5.23
N VAL A 105 -9.36 -7.80 5.35
CA VAL A 105 -10.59 -7.14 5.76
C VAL A 105 -11.15 -8.09 6.81
N MET A 106 -11.07 -7.71 8.09
CA MET A 106 -11.39 -8.59 9.21
C MET A 106 -12.35 -7.93 10.20
N PRO A 107 -13.67 -7.91 9.88
CA PRO A 107 -14.69 -7.53 10.83
C PRO A 107 -14.65 -8.42 12.07
N ASP A 108 -15.41 -8.09 13.12
CA ASP A 108 -15.34 -8.79 14.41
C ASP A 108 -15.57 -10.30 14.32
N VAL A 109 -16.38 -10.79 13.37
CA VAL A 109 -16.50 -12.24 13.14
C VAL A 109 -15.18 -12.81 12.65
N LYS A 110 -14.54 -12.18 11.66
CA LYS A 110 -13.23 -12.61 11.17
C LYS A 110 -12.22 -12.53 12.32
N GLU A 111 -12.30 -11.48 13.15
CA GLU A 111 -11.39 -11.31 14.28
C GLU A 111 -11.56 -12.44 15.30
N LYS A 112 -12.81 -12.86 15.60
CA LYS A 112 -13.10 -13.97 16.51
C LYS A 112 -12.33 -15.21 16.06
N VAL A 113 -12.49 -15.56 14.78
CA VAL A 113 -11.73 -16.64 14.17
C VAL A 113 -10.22 -16.41 14.28
N ALA A 114 -9.71 -15.26 13.84
CA ALA A 114 -8.29 -15.02 13.70
C ALA A 114 -7.59 -15.11 15.07
N GLU A 115 -8.18 -14.54 16.12
CA GLU A 115 -7.67 -14.61 17.48
C GLU A 115 -7.73 -16.04 18.01
N LEU A 116 -8.79 -16.80 17.71
CA LEU A 116 -8.87 -18.22 18.07
C LEU A 116 -7.67 -18.96 17.49
N LEU A 117 -7.45 -18.81 16.19
CA LEU A 117 -6.34 -19.47 15.52
C LEU A 117 -4.99 -19.01 16.05
N GLY A 118 -4.90 -17.76 16.53
CA GLY A 118 -3.70 -17.23 17.16
C GLY A 118 -3.39 -17.96 18.48
N LYS A 119 -4.41 -18.27 19.29
CA LYS A 119 -4.18 -18.82 20.63
C LYS A 119 -3.89 -20.33 20.58
N TYR A 120 -4.53 -21.05 19.66
CA TYR A 120 -4.50 -22.51 19.65
C TYR A 120 -3.24 -23.06 18.96
N SER A 121 -2.90 -24.31 19.28
CA SER A 121 -1.78 -25.05 18.69
C SER A 121 -2.26 -26.31 17.93
N SER A 122 -3.37 -26.91 18.37
CA SER A 122 -4.09 -27.98 17.66
C SER A 122 -4.89 -27.42 16.47
N GLY A 123 -4.80 -26.10 16.21
CA GLY A 123 -5.69 -25.45 15.28
C GLY A 123 -7.09 -25.51 15.91
N LEU A 124 -8.12 -25.42 15.10
CA LEU A 124 -9.49 -25.69 15.54
C LEU A 124 -10.03 -26.66 14.52
N TRP A 125 -10.74 -27.68 14.99
CA TRP A 125 -11.38 -28.66 14.14
C TRP A 125 -12.76 -28.12 13.76
N ALA A 126 -13.39 -28.68 12.71
CA ALA A 126 -14.64 -28.18 12.15
C ALA A 126 -15.75 -27.97 13.21
N SER A 127 -15.85 -28.87 14.19
CA SER A 127 -16.82 -28.77 15.28
C SER A 127 -16.28 -27.93 16.45
N ALA A 128 -14.97 -28.01 16.69
CA ALA A 128 -14.32 -27.27 17.77
C ALA A 128 -14.30 -25.76 17.49
N LEU A 129 -14.31 -25.32 16.23
CA LEU A 129 -14.37 -23.90 15.87
C LEU A 129 -15.67 -23.28 16.47
N PRO A 130 -16.89 -23.80 16.19
CA PRO A 130 -18.13 -23.44 16.89
C PRO A 130 -18.04 -23.51 18.42
N LYS A 131 -17.49 -24.60 18.98
CA LYS A 131 -17.42 -24.73 20.45
C LYS A 131 -16.55 -23.61 21.03
N ALA A 132 -15.36 -23.40 20.46
CA ALA A 132 -14.42 -22.41 20.95
C ALA A 132 -14.93 -20.99 20.76
N PHE A 133 -15.66 -20.72 19.66
CA PHE A 133 -16.37 -19.48 19.41
C PHE A 133 -17.20 -19.11 20.64
N GLU A 134 -18.13 -19.99 20.97
CA GLU A 134 -19.15 -19.69 21.96
C GLU A 134 -18.55 -19.73 23.36
N ASP A 135 -17.61 -20.64 23.62
CA ASP A 135 -16.97 -20.78 24.92
C ASP A 135 -16.10 -19.58 25.24
N MET A 136 -15.27 -19.15 24.29
CA MET A 136 -14.24 -18.17 24.58
C MET A 136 -14.81 -16.76 24.63
N TYR A 137 -15.77 -16.46 23.76
CA TYR A 137 -16.39 -15.13 23.73
C TYR A 137 -17.69 -15.08 24.53
N LYS A 138 -18.13 -16.22 25.12
CA LYS A 138 -19.36 -16.37 25.93
C LYS A 138 -20.54 -15.66 25.27
N VAL A 139 -20.70 -16.00 24.00
CA VAL A 139 -21.80 -15.59 23.14
C VAL A 139 -22.38 -16.81 22.44
N LYS A 140 -23.67 -16.82 22.16
CA LYS A 140 -24.34 -17.79 21.29
C LYS A 140 -24.73 -16.90 20.12
N PHE A 141 -24.08 -17.07 18.95
CA PHE A 141 -24.23 -16.09 17.87
C PHE A 141 -24.52 -16.75 16.51
N PRO A 142 -24.88 -15.97 15.45
CA PRO A 142 -25.38 -16.51 14.19
C PRO A 142 -24.47 -17.58 13.63
N GLU A 143 -25.06 -18.67 13.15
CA GLU A 143 -24.26 -19.80 12.71
C GLU A 143 -23.43 -19.44 11.47
N ASP A 144 -23.86 -18.47 10.65
CA ASP A 144 -23.05 -17.98 9.53
C ASP A 144 -21.63 -17.65 10.00
N ALA A 145 -21.50 -17.00 11.17
CA ALA A 145 -20.20 -16.61 11.68
C ALA A 145 -19.26 -17.80 11.94
N LEU A 146 -19.79 -18.95 12.38
CA LEU A 146 -19.01 -20.14 12.78
C LEU A 146 -19.05 -21.26 11.74
N LYS A 147 -19.96 -21.23 10.77
CA LYS A 147 -20.18 -22.32 9.82
C LYS A 147 -19.86 -21.95 8.38
N ASN A 148 -19.77 -20.66 8.03
CA ASN A 148 -19.50 -20.21 6.67
C ASN A 148 -18.02 -20.42 6.36
N LEU A 149 -17.67 -21.62 5.86
CA LEU A 149 -16.31 -22.10 5.69
C LEU A 149 -15.40 -21.13 4.91
N ALA A 150 -15.95 -20.26 4.05
CA ALA A 150 -15.13 -19.39 3.20
C ALA A 150 -14.47 -18.25 3.97
N SER A 151 -15.19 -17.55 4.86
CA SER A 151 -14.56 -16.52 5.70
C SER A 151 -13.49 -17.17 6.59
N LEU A 152 -13.80 -18.38 7.07
CA LEU A 152 -12.87 -19.14 7.88
C LEU A 152 -11.65 -19.48 7.03
N SER A 153 -11.83 -19.84 5.76
CA SER A 153 -10.74 -20.10 4.82
C SER A 153 -9.96 -18.83 4.44
N ASP A 154 -10.53 -17.65 4.63
CA ASP A 154 -9.83 -16.39 4.35
C ASP A 154 -8.81 -16.11 5.44
N VAL A 155 -9.17 -16.35 6.71
CA VAL A 155 -8.26 -16.07 7.83
C VAL A 155 -7.51 -17.33 8.33
N CYS A 156 -7.83 -18.52 7.84
CA CYS A 156 -7.24 -19.80 8.26
C CYS A 156 -6.95 -20.68 7.06
N THR A 157 -5.94 -21.53 7.18
CA THR A 157 -5.69 -22.59 6.23
C THR A 157 -6.76 -23.61 6.59
N ILE A 158 -7.55 -24.06 5.62
CA ILE A 158 -8.50 -25.13 5.84
C ILE A 158 -8.03 -26.30 5.01
N ASN A 159 -7.97 -27.44 5.68
CA ASN A 159 -7.44 -28.70 5.22
C ASN A 159 -8.38 -29.76 5.79
N TYR A 160 -8.40 -30.95 5.20
CA TYR A 160 -9.42 -31.97 5.50
C TYR A 160 -8.77 -33.25 5.98
N ILE A 161 -9.58 -34.06 6.66
CA ILE A 161 -9.20 -35.33 7.23
C ILE A 161 -10.34 -36.31 6.90
N SER A 162 -10.09 -37.61 7.01
CA SER A 162 -11.00 -38.71 6.66
C SER A 162 -11.31 -38.82 5.15
N GLY A 163 -11.08 -37.77 4.37
CA GLY A 163 -11.12 -37.74 2.92
C GLY A 163 -11.19 -36.29 2.44
N ASN A 164 -11.22 -36.09 1.12
CA ASN A 164 -11.38 -34.77 0.52
C ASN A 164 -12.70 -34.14 0.97
N THR A 165 -12.64 -33.03 1.70
CA THR A 165 -13.81 -32.30 2.21
C THR A 165 -14.78 -33.22 2.97
N GLN A 166 -14.25 -34.14 3.81
CA GLN A 166 -15.10 -35.05 4.59
C GLN A 166 -15.18 -34.57 6.04
N LYS A 167 -14.03 -34.28 6.64
CA LYS A 167 -13.89 -33.61 7.93
C LYS A 167 -12.92 -32.47 7.65
N ALA A 168 -12.94 -31.36 8.40
CA ALA A 168 -12.10 -30.19 8.15
C ALA A 168 -11.38 -29.79 9.44
N ILE A 169 -10.25 -29.12 9.26
CA ILE A 169 -9.36 -28.61 10.28
C ILE A 169 -9.05 -27.17 9.84
N LEU A 170 -8.72 -26.29 10.79
CA LEU A 170 -8.31 -24.93 10.54
C LEU A 170 -6.96 -24.75 11.21
N TYR A 171 -5.98 -24.18 10.49
CA TYR A 171 -4.70 -23.74 11.02
C TYR A 171 -4.54 -22.24 10.75
N ALA A 172 -3.64 -21.57 11.46
CA ALA A 172 -3.49 -20.12 11.37
C ALA A 172 -3.01 -19.70 9.98
N LYS A 173 -3.64 -18.66 9.41
CA LYS A 173 -3.17 -17.99 8.18
C LYS A 173 -3.02 -16.48 8.44
N LEU A 174 -3.92 -15.90 9.25
CA LEU A 174 -3.88 -14.55 9.82
C LEU A 174 -3.30 -13.50 8.85
N PRO A 175 -4.02 -13.14 7.77
CA PRO A 175 -3.63 -12.05 6.87
C PRO A 175 -3.75 -10.69 7.60
N LEU A 176 -3.22 -9.61 7.03
CA LEU A 176 -3.20 -8.28 7.67
C LEU A 176 -3.41 -7.15 6.66
N PRO A 177 -3.95 -5.98 7.07
CA PRO A 177 -4.12 -4.79 6.23
C PRO A 177 -2.82 -4.00 6.04
N THR A 178 -1.65 -4.63 6.17
CA THR A 178 -0.36 -3.97 6.23
C THR A 178 -0.01 -3.14 4.98
N ASP A 179 -0.62 -3.47 3.83
CA ASP A 179 -0.43 -2.74 2.56
C ASP A 179 -0.74 -1.24 2.68
N LYS A 180 -1.74 -0.87 3.49
CA LYS A 180 -2.17 0.51 3.73
C LYS A 180 -2.61 0.62 5.19
N GLY A 1 -1.41 2.31 -54.85
CA GLY A 1 -0.47 2.82 -55.88
C GLY A 1 0.97 2.47 -55.55
N HIS A 2 1.71 1.87 -56.49
CA HIS A 2 3.07 1.35 -56.29
C HIS A 2 4.05 2.42 -55.83
N MET A 3 3.84 3.69 -56.20
CA MET A 3 4.77 4.77 -55.83
C MET A 3 4.79 5.03 -54.32
N ASP A 4 3.86 4.49 -53.52
CA ASP A 4 3.97 4.51 -52.06
C ASP A 4 5.18 3.72 -51.59
N GLU A 5 5.52 2.64 -52.30
CA GLU A 5 6.71 1.86 -52.03
C GLU A 5 7.96 2.65 -52.44
N VAL A 6 7.90 3.41 -53.53
CA VAL A 6 9.02 4.22 -53.99
C VAL A 6 9.27 5.32 -52.96
N GLN A 7 8.23 6.06 -52.59
CA GLN A 7 8.22 7.03 -51.51
C GLN A 7 8.96 6.48 -50.29
N ASN A 8 8.42 5.41 -49.69
CA ASN A 8 8.95 4.99 -48.41
C ASN A 8 10.35 4.41 -48.51
N ARG A 9 10.79 3.88 -49.68
CA ARG A 9 12.18 3.41 -49.73
C ARG A 9 13.15 4.57 -49.80
N ILE A 10 12.77 5.72 -50.37
CA ILE A 10 13.68 6.86 -50.31
C ILE A 10 13.77 7.40 -48.90
N LYS A 11 12.66 7.51 -48.13
CA LYS A 11 12.85 7.94 -46.75
C LYS A 11 13.67 6.89 -45.98
N GLU A 12 13.57 5.60 -46.32
CA GLU A 12 14.42 4.59 -45.73
C GLU A 12 15.89 4.86 -46.02
N ILE A 13 16.36 5.03 -47.27
CA ILE A 13 17.78 5.29 -47.49
C ILE A 13 18.21 6.56 -46.79
N LEU A 14 17.41 7.62 -46.85
CA LEU A 14 17.79 8.88 -46.25
C LEU A 14 17.85 8.77 -44.73
N ASP A 15 17.01 7.93 -44.11
CA ASP A 15 17.01 7.69 -42.67
C ASP A 15 18.16 6.77 -42.27
N LYS A 16 18.43 5.72 -43.04
CA LYS A 16 19.54 4.80 -42.85
C LYS A 16 20.87 5.53 -43.00
N HIS A 17 20.89 6.55 -43.87
CA HIS A 17 22.06 7.34 -44.22
C HIS A 17 21.75 8.78 -43.76
N ASN A 18 21.41 8.90 -42.46
CA ASN A 18 20.85 10.07 -41.79
C ASN A 18 21.51 11.42 -42.09
N ASN A 19 22.81 11.43 -42.41
CA ASN A 19 23.55 12.65 -42.79
C ASN A 19 23.03 13.29 -44.09
N GLY A 20 22.09 12.64 -44.78
CA GLY A 20 21.56 13.07 -46.06
C GLY A 20 22.47 12.64 -47.23
N ILE A 21 21.98 12.82 -48.46
CA ILE A 21 22.62 12.33 -49.68
C ILE A 21 22.56 13.46 -50.71
N TRP A 22 23.68 13.78 -51.38
CA TRP A 22 23.69 14.72 -52.50
C TRP A 22 22.80 14.21 -53.62
N ILE A 23 21.99 15.05 -54.25
CA ILE A 23 21.02 14.59 -55.24
C ILE A 23 21.73 13.99 -56.45
N SER A 24 22.94 14.46 -56.82
CA SER A 24 23.73 13.80 -57.88
C SER A 24 24.21 12.39 -57.47
N LYS A 25 24.39 12.11 -56.17
CA LYS A 25 24.83 10.79 -55.69
C LYS A 25 23.66 9.89 -55.28
N LEU A 26 22.47 10.44 -55.02
CA LEU A 26 21.23 9.70 -54.78
C LEU A 26 20.99 8.59 -55.81
N PRO A 27 21.10 8.79 -57.14
CA PRO A 27 20.87 7.71 -58.10
C PRO A 27 21.79 6.51 -57.86
N HIS A 28 23.08 6.69 -57.63
CA HIS A 28 23.95 5.53 -57.41
C HIS A 28 23.77 4.96 -56.00
N PHE A 29 23.39 5.78 -55.02
CA PHE A 29 23.05 5.29 -53.70
C PHE A 29 21.80 4.40 -53.77
N TYR A 30 20.81 4.81 -54.54
CA TYR A 30 19.61 4.04 -54.82
C TYR A 30 19.98 2.75 -55.55
N LYS A 31 20.82 2.84 -56.59
CA LYS A 31 21.31 1.68 -57.33
C LYS A 31 21.95 0.67 -56.40
N GLU A 32 22.83 1.08 -55.49
CA GLU A 32 23.52 0.11 -54.64
C GLU A 32 22.57 -0.53 -53.62
N PHE A 33 21.55 0.20 -53.14
CA PHE A 33 20.67 -0.31 -52.09
C PHE A 33 19.53 -1.18 -52.66
N TYR A 34 18.98 -0.83 -53.84
CA TYR A 34 17.75 -1.46 -54.37
C TYR A 34 17.97 -2.14 -55.73
N LYS A 35 19.20 -2.09 -56.25
CA LYS A 35 19.63 -2.76 -57.48
C LYS A 35 18.76 -2.35 -58.67
N GLU A 36 18.50 -1.04 -58.75
CA GLU A 36 17.55 -0.44 -59.66
C GLU A 36 18.14 0.89 -60.15
N ASP A 37 18.04 1.14 -61.45
CA ASP A 37 18.41 2.43 -62.03
C ASP A 37 17.27 3.43 -61.80
N LEU A 38 17.48 4.35 -60.87
CA LEU A 38 16.55 5.43 -60.56
C LEU A 38 16.26 6.26 -61.83
N ASN A 39 14.97 6.39 -62.18
CA ASN A 39 14.56 7.25 -63.30
C ASN A 39 14.74 8.73 -62.91
N GLN A 40 15.00 9.60 -63.89
CA GLN A 40 15.19 11.04 -63.64
C GLN A 40 13.94 11.69 -63.04
N GLY A 41 12.74 11.18 -63.33
CA GLY A 41 11.48 11.76 -62.87
C GLY A 41 11.27 11.55 -61.37
N VAL A 42 11.93 10.58 -60.74
CA VAL A 42 11.80 10.43 -59.31
C VAL A 42 12.48 11.62 -58.62
N LEU A 43 13.52 12.24 -59.22
CA LEU A 43 14.12 13.48 -58.70
C LEU A 43 13.09 14.60 -58.56
N GLN A 44 12.18 14.73 -59.52
CA GLN A 44 11.15 15.75 -59.49
C GLN A 44 10.17 15.42 -58.35
N GLN A 45 9.82 14.14 -58.19
CA GLN A 45 8.99 13.73 -57.07
C GLN A 45 9.68 14.01 -55.72
N PHE A 46 11.00 13.84 -55.61
CA PHE A 46 11.72 14.15 -54.38
C PHE A 46 11.53 15.62 -54.00
N GLU A 47 11.64 16.52 -54.99
CA GLU A 47 11.40 17.94 -54.77
C GLU A 47 9.97 18.20 -54.27
N HIS A 48 8.98 17.46 -54.78
CA HIS A 48 7.58 17.71 -54.41
C HIS A 48 7.16 17.02 -53.11
N TRP A 49 7.79 15.92 -52.69
CA TRP A 49 7.38 15.10 -51.56
C TRP A 49 7.66 15.80 -50.22
N PRO A 50 6.63 16.18 -49.43
CA PRO A 50 6.84 16.69 -48.08
C PRO A 50 7.07 15.55 -47.06
N HIS A 51 6.56 14.35 -47.34
CA HIS A 51 6.51 13.24 -46.38
C HIS A 51 7.74 12.35 -46.43
N ILE A 52 8.65 12.55 -47.39
CA ILE A 52 9.74 11.60 -47.63
C ILE A 52 11.10 12.22 -47.28
N CYS A 53 11.30 13.49 -47.63
CA CYS A 53 12.60 14.12 -47.58
C CYS A 53 12.47 15.65 -47.49
N THR A 54 13.62 16.32 -47.43
CA THR A 54 13.75 17.76 -47.55
C THR A 54 14.91 17.97 -48.52
N VAL A 55 14.68 18.70 -49.61
CA VAL A 55 15.77 19.14 -50.48
C VAL A 55 16.45 20.29 -49.72
N GLU A 56 17.78 20.33 -49.75
CA GLU A 56 18.59 21.35 -49.13
C GLU A 56 19.53 21.90 -50.17
N LYS A 57 19.82 23.20 -50.11
CA LYS A 57 20.66 23.90 -51.09
C LYS A 57 21.80 24.64 -50.37
N PRO A 58 22.69 23.93 -49.64
CA PRO A 58 23.85 24.51 -48.95
C PRO A 58 24.93 24.98 -49.95
N CYS A 59 24.63 25.99 -50.77
CA CYS A 59 25.50 26.48 -51.83
C CYS A 59 26.80 27.11 -51.30
N GLY A 60 26.88 27.40 -50.00
CA GLY A 60 28.11 27.84 -49.34
C GLY A 60 29.18 26.74 -49.29
N GLY A 61 28.83 25.49 -49.60
CA GLY A 61 29.75 24.35 -49.54
C GLY A 61 29.43 23.27 -50.57
N GLY A 62 28.86 23.65 -51.72
CA GLY A 62 28.56 22.73 -52.82
C GLY A 62 27.98 23.47 -54.02
N GLN A 63 27.75 22.73 -55.11
CA GLN A 63 27.18 23.21 -56.37
C GLN A 63 26.08 22.22 -56.83
N ASP A 64 25.39 21.64 -55.85
CA ASP A 64 24.33 20.65 -55.99
C ASP A 64 23.43 20.82 -54.74
N SER A 65 22.51 19.91 -54.50
CA SER A 65 21.55 19.95 -53.42
C SER A 65 21.71 18.68 -52.59
N LEU A 66 21.28 18.69 -51.33
CA LEU A 66 21.20 17.50 -50.49
C LEU A 66 19.75 17.06 -50.42
N LEU A 67 19.57 15.81 -49.99
CA LEU A 67 18.32 15.20 -49.64
C LEU A 67 18.50 14.79 -48.20
N TYR A 68 17.81 15.46 -47.29
CA TYR A 68 17.69 15.02 -45.91
C TYR A 68 16.49 14.09 -45.82
N PRO A 69 16.46 13.14 -44.87
CA PRO A 69 15.27 12.35 -44.57
C PRO A 69 14.11 13.22 -44.08
N ALA A 70 12.89 12.68 -44.10
CA ALA A 70 11.74 13.31 -43.45
C ALA A 70 12.03 13.45 -41.95
N ARG A 71 12.36 14.68 -41.53
CA ARG A 71 12.55 15.06 -40.13
C ARG A 71 11.67 16.26 -39.77
N ARG A 72 10.82 16.69 -40.71
CA ARG A 72 10.01 17.92 -40.67
C ARG A 72 8.54 17.61 -40.98
N GLU A 73 8.16 16.33 -40.97
CA GLU A 73 6.80 15.87 -41.31
C GLU A 73 5.78 16.21 -40.22
N GLN A 74 6.22 16.75 -39.07
CA GLN A 74 5.39 17.16 -37.92
C GLN A 74 4.50 15.97 -37.48
N PRO A 75 5.10 14.84 -37.08
CA PRO A 75 4.39 13.59 -36.85
C PRO A 75 3.50 13.60 -35.57
N LEU A 76 3.71 14.56 -34.66
CA LEU A 76 3.03 14.63 -33.38
C LEU A 76 2.68 16.08 -33.08
N LYS A 77 1.46 16.47 -33.46
CA LYS A 77 0.87 17.80 -33.17
C LYS A 77 -0.50 17.68 -32.48
N SER A 78 -1.02 16.46 -32.31
CA SER A 78 -2.30 16.20 -31.67
C SER A 78 -2.22 16.60 -30.20
N ASP A 79 -3.12 17.49 -29.75
CA ASP A 79 -3.27 17.77 -28.32
C ASP A 79 -3.92 16.56 -27.62
N GLN A 80 -4.74 15.81 -28.35
CA GLN A 80 -5.48 14.62 -27.91
C GLN A 80 -4.60 13.36 -27.94
N ASP A 81 -3.29 13.50 -27.73
CA ASP A 81 -2.34 12.39 -27.62
C ASP A 81 -2.49 11.53 -26.37
N PRO A 82 -2.88 12.04 -25.19
CA PRO A 82 -3.20 11.23 -24.01
C PRO A 82 -4.26 10.16 -24.25
N GLU A 83 -5.12 10.31 -25.27
CA GLU A 83 -6.10 9.30 -25.65
C GLU A 83 -5.41 8.05 -26.24
N LYS A 84 -4.27 8.28 -26.89
CA LYS A 84 -3.56 7.27 -27.66
C LYS A 84 -2.62 6.52 -26.72
N GLU A 85 -1.94 7.29 -25.87
CA GLU A 85 -1.05 6.78 -24.84
C GLU A 85 -1.83 6.03 -23.76
N LEU A 86 -3.01 6.56 -23.38
CA LEU A 86 -3.83 6.16 -22.23
C LEU A 86 -3.05 5.37 -21.15
N PRO A 87 -2.17 6.03 -20.36
CA PRO A 87 -1.43 5.39 -19.28
C PRO A 87 -2.34 4.63 -18.29
N PRO A 88 -1.82 3.59 -17.62
CA PRO A 88 -2.51 2.92 -16.50
C PRO A 88 -2.94 3.92 -15.39
N PRO A 89 -3.98 3.58 -14.60
CA PRO A 89 -4.36 4.38 -13.44
C PRO A 89 -3.26 4.35 -12.36
N PRO A 90 -3.23 5.33 -11.43
CA PRO A 90 -2.26 5.34 -10.34
C PRO A 90 -2.52 4.20 -9.35
N PRO A 91 -1.52 3.83 -8.52
CA PRO A 91 -1.69 2.79 -7.50
C PRO A 91 -2.72 3.22 -6.43
N ALA A 92 -2.78 4.52 -6.13
CA ALA A 92 -3.80 5.16 -5.32
C ALA A 92 -3.89 6.63 -5.76
N PRO A 93 -5.08 7.25 -5.77
CA PRO A 93 -5.25 8.63 -6.22
C PRO A 93 -4.65 9.66 -5.25
N LYS A 94 -4.50 9.30 -3.97
CA LYS A 94 -3.92 10.14 -2.92
C LYS A 94 -3.03 9.26 -2.04
N GLN A 95 -2.12 9.89 -1.30
CA GLN A 95 -1.22 9.24 -0.35
C GLN A 95 -0.97 10.24 0.80
N GLU A 96 -2.07 10.81 1.31
CA GLU A 96 -2.01 11.86 2.33
C GLU A 96 -1.44 11.32 3.65
N VAL A 97 -1.80 10.09 4.03
CA VAL A 97 -1.30 9.46 5.25
C VAL A 97 0.18 9.09 5.09
N PRO A 98 0.99 9.15 6.17
CA PRO A 98 2.39 8.72 6.13
C PRO A 98 2.54 7.19 6.12
N SER A 99 1.48 6.46 6.49
CA SER A 99 1.46 5.01 6.65
C SER A 99 1.98 4.31 5.39
N GLN A 100 2.96 3.41 5.58
CA GLN A 100 3.59 2.68 4.47
C GLN A 100 2.72 1.48 4.01
N GLY A 101 1.69 1.15 4.78
CA GLY A 101 0.72 0.09 4.50
C GLY A 101 -0.43 0.20 5.51
N SER A 102 -1.42 -0.70 5.40
CA SER A 102 -2.64 -0.67 6.20
C SER A 102 -3.06 -2.10 6.60
N PRO A 103 -3.83 -2.27 7.69
CA PRO A 103 -4.46 -3.53 8.05
C PRO A 103 -5.26 -4.17 6.91
N ALA A 104 -5.39 -5.50 7.00
CA ALA A 104 -6.27 -6.28 6.15
C ALA A 104 -7.72 -5.99 6.56
N VAL A 105 -8.66 -6.34 5.67
CA VAL A 105 -10.10 -6.28 5.97
C VAL A 105 -10.36 -7.33 7.05
N MET A 106 -10.59 -6.89 8.30
CA MET A 106 -10.73 -7.74 9.48
C MET A 106 -11.95 -7.33 10.33
N PRO A 107 -13.19 -7.52 9.83
CA PRO A 107 -14.41 -7.39 10.63
C PRO A 107 -14.38 -8.20 11.92
N ASP A 108 -15.30 -7.92 12.84
CA ASP A 108 -15.36 -8.52 14.18
C ASP A 108 -15.39 -10.05 14.16
N VAL A 109 -16.19 -10.67 13.30
CA VAL A 109 -16.23 -12.13 13.21
C VAL A 109 -14.88 -12.65 12.69
N LYS A 110 -14.28 -11.98 11.69
CA LYS A 110 -13.00 -12.41 11.14
C LYS A 110 -11.93 -12.34 12.24
N GLU A 111 -11.95 -11.29 13.05
CA GLU A 111 -11.05 -11.13 14.18
C GLU A 111 -11.27 -12.25 15.21
N LYS A 112 -12.52 -12.59 15.56
CA LYS A 112 -12.81 -13.65 16.53
C LYS A 112 -12.15 -14.94 16.09
N VAL A 113 -12.39 -15.34 14.85
CA VAL A 113 -11.80 -16.54 14.27
C VAL A 113 -10.28 -16.43 14.32
N ALA A 114 -9.70 -15.33 13.82
CA ALA A 114 -8.26 -15.23 13.63
C ALA A 114 -7.52 -15.29 14.99
N GLU A 115 -8.02 -14.59 16.00
CA GLU A 115 -7.44 -14.60 17.35
C GLU A 115 -7.58 -16.00 17.96
N LEU A 116 -8.78 -16.59 17.86
CA LEU A 116 -9.04 -17.95 18.35
C LEU A 116 -8.07 -18.95 17.72
N LEU A 117 -7.85 -18.89 16.41
CA LEU A 117 -6.90 -19.75 15.74
C LEU A 117 -5.48 -19.49 16.24
N GLY A 118 -5.09 -18.23 16.45
CA GLY A 118 -3.77 -17.87 16.95
C GLY A 118 -3.45 -18.55 18.30
N LYS A 119 -4.45 -18.70 19.17
CA LYS A 119 -4.26 -19.32 20.50
C LYS A 119 -4.09 -20.85 20.46
N TYR A 120 -4.20 -21.51 19.30
CA TYR A 120 -4.27 -22.97 19.22
C TYR A 120 -3.29 -23.53 18.18
N SER A 121 -2.18 -24.10 18.64
CA SER A 121 -1.22 -24.83 17.79
C SER A 121 -1.86 -26.08 17.17
N SER A 122 -2.83 -26.69 17.86
CA SER A 122 -3.70 -27.77 17.40
C SER A 122 -4.69 -27.31 16.32
N GLY A 123 -4.73 -26.01 16.01
CA GLY A 123 -5.77 -25.45 15.18
C GLY A 123 -7.10 -25.59 15.89
N LEU A 124 -8.20 -25.39 15.17
CA LEU A 124 -9.53 -25.71 15.67
C LEU A 124 -10.13 -26.61 14.62
N TRP A 125 -10.60 -27.78 15.04
CA TRP A 125 -11.27 -28.74 14.17
C TRP A 125 -12.67 -28.21 13.83
N ALA A 126 -13.33 -28.76 12.81
CA ALA A 126 -14.59 -28.20 12.28
C ALA A 126 -15.66 -28.02 13.36
N SER A 127 -15.75 -28.94 14.33
CA SER A 127 -16.68 -28.86 15.44
C SER A 127 -16.12 -28.04 16.61
N ALA A 128 -14.81 -28.17 16.84
CA ALA A 128 -14.12 -27.45 17.92
C ALA A 128 -14.10 -25.95 17.67
N LEU A 129 -14.09 -25.49 16.41
CA LEU A 129 -14.12 -24.06 16.09
C LEU A 129 -15.39 -23.44 16.70
N PRO A 130 -16.63 -23.87 16.37
CA PRO A 130 -17.84 -23.46 17.08
C PRO A 130 -17.74 -23.56 18.61
N LYS A 131 -17.31 -24.70 19.15
CA LYS A 131 -17.27 -24.89 20.60
C LYS A 131 -16.39 -23.83 21.27
N ALA A 132 -15.17 -23.66 20.77
CA ALA A 132 -14.23 -22.69 21.32
C ALA A 132 -14.70 -21.25 21.10
N PHE A 133 -15.37 -20.97 19.97
CA PHE A 133 -15.97 -19.68 19.66
C PHE A 133 -16.88 -19.26 20.82
N GLU A 134 -17.86 -20.11 21.11
CA GLU A 134 -18.90 -19.83 22.09
C GLU A 134 -18.27 -19.77 23.48
N ASP A 135 -17.39 -20.72 23.78
CA ASP A 135 -16.75 -20.86 25.09
C ASP A 135 -15.87 -19.67 25.42
N MET A 136 -15.20 -19.08 24.42
CA MET A 136 -14.24 -18.02 24.66
C MET A 136 -14.93 -16.66 24.69
N TYR A 137 -15.82 -16.39 23.73
CA TYR A 137 -16.40 -15.06 23.55
C TYR A 137 -17.73 -14.88 24.29
N LYS A 138 -18.27 -15.94 24.90
CA LYS A 138 -19.48 -15.95 25.72
C LYS A 138 -20.71 -15.53 24.91
N VAL A 139 -20.85 -16.13 23.74
CA VAL A 139 -21.85 -15.71 22.74
C VAL A 139 -22.50 -16.92 22.08
N LYS A 140 -23.76 -16.78 21.69
CA LYS A 140 -24.49 -17.72 20.86
C LYS A 140 -24.54 -17.04 19.50
N PHE A 141 -23.57 -17.39 18.65
CA PHE A 141 -23.30 -16.73 17.38
C PHE A 141 -24.47 -16.87 16.40
N PRO A 142 -24.60 -15.92 15.45
CA PRO A 142 -25.49 -16.09 14.31
C PRO A 142 -24.86 -17.22 13.50
N GLU A 143 -25.64 -18.19 13.00
CA GLU A 143 -25.02 -19.38 12.43
C GLU A 143 -24.19 -19.08 11.19
N ASP A 144 -24.51 -18.04 10.42
CA ASP A 144 -23.69 -17.63 9.29
C ASP A 144 -22.23 -17.39 9.69
N ALA A 145 -22.01 -16.83 10.89
CA ALA A 145 -20.67 -16.56 11.41
C ALA A 145 -19.87 -17.84 11.65
N LEU A 146 -20.52 -18.96 12.03
CA LEU A 146 -19.85 -20.23 12.33
C LEU A 146 -20.00 -21.33 11.25
N LYS A 147 -20.97 -21.24 10.33
CA LYS A 147 -21.20 -22.24 9.27
C LYS A 147 -20.71 -21.76 7.90
N ASN A 148 -20.35 -20.48 7.73
CA ASN A 148 -19.76 -20.02 6.47
C ASN A 148 -18.28 -20.35 6.52
N LEU A 149 -17.93 -21.65 6.39
CA LEU A 149 -16.55 -22.11 6.53
C LEU A 149 -15.61 -21.37 5.57
N ALA A 150 -16.10 -20.89 4.42
CA ALA A 150 -15.28 -20.14 3.47
C ALA A 150 -14.77 -18.79 4.02
N SER A 151 -15.56 -18.08 4.82
CA SER A 151 -15.06 -16.88 5.51
C SER A 151 -13.98 -17.27 6.52
N LEU A 152 -14.19 -18.42 7.19
CA LEU A 152 -13.17 -18.94 8.08
C LEU A 152 -11.93 -19.26 7.24
N SER A 153 -12.04 -19.80 6.02
CA SER A 153 -10.91 -19.96 5.12
C SER A 153 -10.27 -18.64 4.69
N ASP A 154 -11.02 -17.53 4.67
CA ASP A 154 -10.45 -16.22 4.37
C ASP A 154 -9.48 -15.80 5.48
N VAL A 155 -9.71 -16.24 6.72
CA VAL A 155 -8.79 -15.96 7.84
C VAL A 155 -8.00 -17.18 8.38
N CYS A 156 -8.16 -18.36 7.81
CA CYS A 156 -7.55 -19.62 8.30
C CYS A 156 -7.16 -20.51 7.13
N THR A 157 -6.16 -21.37 7.34
CA THR A 157 -5.89 -22.44 6.39
C THR A 157 -6.99 -23.44 6.71
N ILE A 158 -7.72 -23.96 5.73
CA ILE A 158 -8.63 -25.07 5.93
C ILE A 158 -8.07 -26.22 5.12
N ASN A 159 -8.07 -27.38 5.77
CA ASN A 159 -7.52 -28.63 5.30
C ASN A 159 -8.43 -29.71 5.86
N TYR A 160 -8.43 -30.90 5.27
CA TYR A 160 -9.41 -31.94 5.56
C TYR A 160 -8.75 -33.23 6.01
N ILE A 161 -9.55 -34.08 6.65
CA ILE A 161 -9.14 -35.37 7.19
C ILE A 161 -10.28 -36.35 6.85
N SER A 162 -10.01 -37.66 6.94
CA SER A 162 -10.96 -38.75 6.69
C SER A 162 -11.50 -38.79 5.24
N GLY A 163 -10.89 -38.05 4.32
CA GLY A 163 -11.20 -38.05 2.90
C GLY A 163 -10.57 -36.83 2.23
N ASN A 164 -10.79 -36.68 0.92
CA ASN A 164 -10.41 -35.46 0.18
C ASN A 164 -11.11 -34.24 0.79
N THR A 165 -12.38 -34.43 1.18
CA THR A 165 -13.17 -33.49 1.96
C THR A 165 -14.24 -34.35 2.64
N GLN A 166 -14.21 -34.44 3.98
CA GLN A 166 -15.14 -35.26 4.75
C GLN A 166 -15.22 -34.70 6.18
N LYS A 167 -14.05 -34.45 6.77
CA LYS A 167 -13.86 -33.74 8.04
C LYS A 167 -12.93 -32.58 7.71
N ALA A 168 -12.98 -31.47 8.45
CA ALA A 168 -12.17 -30.27 8.20
C ALA A 168 -11.45 -29.85 9.48
N ILE A 169 -10.35 -29.14 9.30
CA ILE A 169 -9.47 -28.59 10.31
C ILE A 169 -9.25 -27.14 9.89
N LEU A 170 -8.98 -26.25 10.85
CA LEU A 170 -8.58 -24.89 10.58
C LEU A 170 -7.24 -24.66 11.28
N TYR A 171 -6.32 -23.93 10.66
CA TYR A 171 -5.08 -23.43 11.26
C TYR A 171 -5.00 -21.92 11.00
N ALA A 172 -4.17 -21.18 11.77
CA ALA A 172 -4.01 -19.74 11.57
C ALA A 172 -3.37 -19.45 10.21
N LYS A 173 -3.73 -18.31 9.60
CA LYS A 173 -3.20 -17.85 8.30
C LYS A 173 -2.63 -16.41 8.39
N LEU A 174 -2.55 -15.87 9.61
CA LEU A 174 -2.01 -14.55 9.97
C LEU A 174 -2.35 -13.45 8.91
N PRO A 175 -3.65 -13.12 8.74
CA PRO A 175 -4.09 -12.16 7.72
C PRO A 175 -3.61 -10.73 7.98
N LEU A 176 -3.46 -10.32 9.25
CA LEU A 176 -3.05 -8.96 9.62
C LEU A 176 -1.57 -8.76 9.29
N PRO A 177 -1.17 -7.84 8.38
CA PRO A 177 0.24 -7.54 8.13
C PRO A 177 0.84 -6.61 9.19
N THR A 178 -0.02 -5.92 9.93
CA THR A 178 0.35 -4.85 10.83
C THR A 178 1.15 -5.41 12.02
N ASP A 179 2.02 -4.57 12.57
CA ASP A 179 2.82 -4.84 13.78
C ASP A 179 3.33 -3.54 14.38
N LYS A 180 3.95 -2.70 13.55
CA LYS A 180 4.33 -1.34 13.92
C LYS A 180 3.05 -0.51 14.11
N GLY A 1 2.35 33.32 -5.19
CA GLY A 1 1.76 33.39 -3.84
C GLY A 1 2.39 34.49 -2.99
N HIS A 2 1.59 35.38 -2.39
CA HIS A 2 2.06 36.57 -1.67
C HIS A 2 2.99 36.24 -0.50
N MET A 3 2.86 35.04 0.09
CA MET A 3 3.72 34.59 1.18
C MET A 3 5.20 34.54 0.79
N ASP A 4 5.53 34.48 -0.50
CA ASP A 4 6.92 34.61 -0.97
C ASP A 4 7.47 36.01 -0.71
N GLU A 5 6.64 37.04 -0.88
CA GLU A 5 7.04 38.41 -0.62
C GLU A 5 7.15 38.65 0.89
N VAL A 6 6.29 38.02 1.70
CA VAL A 6 6.36 38.13 3.16
C VAL A 6 7.69 37.52 3.62
N GLN A 7 7.97 36.29 3.19
CA GLN A 7 9.25 35.61 3.39
C GLN A 7 10.41 36.53 3.06
N ASN A 8 10.48 37.00 1.81
CA ASN A 8 11.66 37.73 1.37
C ASN A 8 11.82 39.05 2.11
N ARG A 9 10.75 39.71 2.59
CA ARG A 9 10.95 40.98 3.28
C ARG A 9 11.45 40.77 4.70
N ILE A 10 11.12 39.65 5.36
CA ILE A 10 11.72 39.41 6.67
C ILE A 10 13.20 39.07 6.54
N LYS A 11 13.62 38.26 5.56
CA LYS A 11 15.08 38.12 5.38
C LYS A 11 15.67 39.48 5.01
N GLU A 12 14.98 40.35 4.29
CA GLU A 12 15.51 41.66 3.93
C GLU A 12 15.77 42.52 5.18
N ILE A 13 14.84 42.63 6.16
CA ILE A 13 15.16 43.37 7.38
C ILE A 13 16.31 42.70 8.10
N LEU A 14 16.24 41.38 8.30
CA LEU A 14 17.23 40.69 9.10
C LEU A 14 18.61 40.77 8.44
N ASP A 15 18.69 40.87 7.12
CA ASP A 15 19.95 41.05 6.38
C ASP A 15 20.43 42.50 6.46
N LYS A 16 19.53 43.49 6.35
CA LYS A 16 19.88 44.90 6.49
C LYS A 16 20.36 45.19 7.91
N HIS A 17 19.82 44.46 8.88
CA HIS A 17 20.05 44.57 10.31
C HIS A 17 20.78 43.31 10.74
N ASN A 18 21.90 43.02 10.06
CA ASN A 18 22.68 41.78 10.10
C ASN A 18 22.88 41.19 11.49
N ASN A 19 23.08 42.04 12.50
CA ASN A 19 23.35 41.60 13.87
C ASN A 19 22.14 40.96 14.55
N GLY A 20 20.97 41.02 13.93
CA GLY A 20 19.75 40.35 14.34
C GLY A 20 18.77 41.30 15.03
N ILE A 21 17.53 40.82 15.25
CA ILE A 21 16.42 41.60 15.80
C ILE A 21 15.71 40.73 16.85
N TRP A 22 15.48 41.22 18.07
CA TRP A 22 14.70 40.50 19.08
C TRP A 22 13.29 40.28 18.60
N ILE A 23 12.67 39.14 18.87
CA ILE A 23 11.33 38.87 18.35
C ILE A 23 10.35 39.94 18.86
N SER A 24 10.48 40.40 20.11
CA SER A 24 9.62 41.45 20.63
C SER A 24 9.80 42.80 19.93
N LYS A 25 10.97 43.06 19.31
CA LYS A 25 11.20 44.32 18.58
C LYS A 25 11.06 44.17 17.07
N LEU A 26 11.01 42.94 16.54
CA LEU A 26 10.67 42.64 15.15
C LEU A 26 9.39 43.36 14.70
N PRO A 27 8.25 43.37 15.43
CA PRO A 27 7.04 44.03 14.96
C PRO A 27 7.25 45.52 14.69
N HIS A 28 7.94 46.27 15.57
CA HIS A 28 8.16 47.69 15.30
C HIS A 28 9.26 47.89 14.27
N PHE A 29 10.22 46.97 14.15
CA PHE A 29 11.17 47.01 13.04
C PHE A 29 10.46 46.87 11.71
N TYR A 30 9.50 45.95 11.62
CA TYR A 30 8.66 45.75 10.45
C TYR A 30 7.82 47.01 10.18
N LYS A 31 7.19 47.58 11.22
CA LYS A 31 6.42 48.82 11.12
C LYS A 31 7.28 49.96 10.57
N GLU A 32 8.52 50.11 11.02
CA GLU A 32 9.40 51.17 10.52
C GLU A 32 9.72 50.97 9.05
N PHE A 33 9.99 49.72 8.62
CA PHE A 33 10.52 49.48 7.30
C PHE A 33 9.42 49.45 6.24
N TYR A 34 8.23 48.91 6.58
CA TYR A 34 7.16 48.61 5.62
C TYR A 34 5.85 49.35 5.89
N LYS A 35 5.80 50.12 6.98
CA LYS A 35 4.64 50.96 7.36
C LYS A 35 3.37 50.09 7.44
N GLU A 36 3.50 48.89 8.01
CA GLU A 36 2.43 47.94 8.16
C GLU A 36 2.59 47.29 9.53
N ASP A 37 1.46 46.96 10.14
CA ASP A 37 1.41 46.25 11.40
C ASP A 37 1.63 44.77 11.11
N LEU A 38 2.77 44.24 11.57
CA LEU A 38 3.06 42.81 11.49
C LEU A 38 1.94 42.04 12.20
N ASN A 39 1.27 41.15 11.44
CA ASN A 39 0.29 40.24 12.01
C ASN A 39 1.00 39.29 12.99
N GLN A 40 0.37 38.92 14.09
CA GLN A 40 0.97 37.99 15.06
C GLN A 40 1.29 36.62 14.43
N GLY A 41 0.61 36.19 13.37
CA GLY A 41 0.87 34.91 12.72
C GLY A 41 2.24 34.87 12.04
N VAL A 42 2.82 36.03 11.69
CA VAL A 42 4.15 36.01 11.10
C VAL A 42 5.16 35.52 12.16
N LEU A 43 4.88 35.69 13.46
CA LEU A 43 5.69 35.10 14.55
C LEU A 43 5.85 33.59 14.38
N GLN A 44 4.77 32.85 14.10
CA GLN A 44 4.91 31.40 13.93
C GLN A 44 5.63 31.08 12.61
N GLN A 45 5.46 31.92 11.58
CA GLN A 45 6.29 31.79 10.38
C GLN A 45 7.78 31.93 10.74
N PHE A 46 8.14 32.92 11.55
CA PHE A 46 9.53 33.17 11.94
C PHE A 46 10.12 31.90 12.57
N GLU A 47 9.34 31.25 13.44
CA GLU A 47 9.76 30.07 14.17
C GLU A 47 10.02 28.90 13.20
N HIS A 48 9.18 28.70 12.17
CA HIS A 48 9.30 27.52 11.32
C HIS A 48 10.17 27.73 10.09
N TRP A 49 10.47 28.96 9.65
CA TRP A 49 11.15 29.24 8.40
C TRP A 49 12.63 28.84 8.46
N PRO A 50 13.10 27.85 7.67
CA PRO A 50 14.53 27.61 7.53
C PRO A 50 15.17 28.59 6.52
N HIS A 51 14.38 29.03 5.52
CA HIS A 51 14.88 29.79 4.37
C HIS A 51 15.07 31.28 4.64
N ILE A 52 14.53 31.80 5.76
CA ILE A 52 14.46 33.24 5.98
C ILE A 52 15.35 33.65 7.15
N CYS A 53 15.44 32.82 8.19
CA CYS A 53 16.06 33.21 9.43
C CYS A 53 16.48 32.01 10.29
N THR A 54 17.08 32.33 11.44
CA THR A 54 17.39 31.44 12.56
C THR A 54 16.85 32.17 13.80
N VAL A 55 16.42 31.43 14.82
CA VAL A 55 15.94 31.98 16.08
C VAL A 55 16.93 31.49 17.14
N GLU A 56 17.63 32.43 17.75
CA GLU A 56 18.63 32.20 18.78
C GLU A 56 18.01 32.49 20.14
N LYS A 57 18.21 31.60 21.10
CA LYS A 57 17.66 31.71 22.45
C LYS A 57 18.75 31.56 23.53
N PRO A 58 19.84 32.37 23.49
CA PRO A 58 20.92 32.28 24.46
C PRO A 58 20.42 32.67 25.86
N CYS A 59 21.05 32.11 26.89
CA CYS A 59 20.69 32.34 28.29
C CYS A 59 20.85 33.81 28.72
N GLY A 60 21.67 34.60 28.00
CA GLY A 60 21.88 36.02 28.26
C GLY A 60 20.62 36.88 28.08
N GLY A 61 19.59 36.37 27.39
CA GLY A 61 18.34 37.08 27.17
C GLY A 61 17.19 36.11 26.89
N GLY A 62 17.19 34.95 27.57
CA GLY A 62 16.30 33.83 27.28
C GLY A 62 14.80 34.10 27.50
N GLN A 63 14.45 35.25 28.08
CA GLN A 63 13.05 35.71 28.16
C GLN A 63 12.48 36.02 26.76
N ASP A 64 13.32 36.14 25.73
CA ASP A 64 12.95 36.32 24.33
C ASP A 64 13.99 35.60 23.46
N SER A 65 14.00 35.84 22.15
CA SER A 65 14.93 35.22 21.21
C SER A 65 15.34 36.25 20.15
N LEU A 66 16.44 36.01 19.42
CA LEU A 66 16.92 36.90 18.38
C LEU A 66 16.73 36.22 17.04
N LEU A 67 16.12 36.94 16.12
CA LEU A 67 16.06 36.54 14.74
C LEU A 67 17.37 36.97 14.10
N TYR A 68 18.08 36.00 13.52
CA TYR A 68 19.23 36.24 12.67
C TYR A 68 18.82 35.95 11.22
N PRO A 69 19.44 36.59 10.22
CA PRO A 69 19.17 36.34 8.80
C PRO A 69 19.56 34.92 8.34
N ALA A 70 19.03 34.51 7.18
CA ALA A 70 19.29 33.25 6.44
C ALA A 70 20.74 32.95 6.03
N ARG A 71 21.76 33.55 6.64
CA ARG A 71 23.18 33.35 6.28
C ARG A 71 23.71 31.93 6.51
N ARG A 72 22.89 31.01 7.01
CA ARG A 72 23.25 29.63 7.35
C ARG A 72 22.23 28.65 6.78
N GLU A 73 21.58 29.00 5.67
CA GLU A 73 20.62 28.14 4.98
C GLU A 73 21.30 26.81 4.55
N GLN A 74 22.55 26.90 4.06
CA GLN A 74 23.39 25.79 3.58
C GLN A 74 22.59 24.71 2.82
N PRO A 75 22.12 25.00 1.58
CA PRO A 75 21.32 24.07 0.77
C PRO A 75 21.95 22.68 0.63
N LEU A 76 23.29 22.62 0.51
CA LEU A 76 24.10 21.41 0.56
C LEU A 76 25.50 21.80 1.06
N LYS A 77 26.30 20.82 1.47
CA LYS A 77 27.67 21.03 1.94
C LYS A 77 28.68 20.08 1.30
N SER A 78 28.22 18.90 0.83
CA SER A 78 29.08 17.88 0.23
C SER A 78 29.73 18.37 -1.06
N ASP A 79 29.00 19.20 -1.84
CA ASP A 79 29.40 19.72 -3.16
C ASP A 79 29.84 18.63 -4.17
N GLN A 80 29.43 17.38 -3.91
CA GLN A 80 29.79 16.20 -4.69
C GLN A 80 28.65 15.16 -4.66
N ASP A 81 27.47 15.57 -4.18
CA ASP A 81 26.35 14.65 -3.95
C ASP A 81 25.90 13.86 -5.19
N PRO A 82 25.89 14.43 -6.42
CA PRO A 82 25.62 13.71 -7.67
C PRO A 82 26.54 12.51 -7.96
N GLU A 83 27.65 12.31 -7.22
CA GLU A 83 28.62 11.26 -7.50
C GLU A 83 29.23 10.62 -6.23
N LYS A 84 28.89 11.11 -5.04
CA LYS A 84 29.50 10.63 -3.79
C LYS A 84 29.17 9.16 -3.53
N GLU A 85 27.95 8.76 -3.89
CA GLU A 85 27.40 7.43 -3.70
C GLU A 85 26.53 7.01 -4.89
N LEU A 86 25.91 7.98 -5.60
CA LEU A 86 24.97 7.80 -6.72
C LEU A 86 24.17 6.48 -6.68
N PRO A 87 23.39 6.23 -5.61
CA PRO A 87 22.63 4.99 -5.47
C PRO A 87 21.49 4.91 -6.51
N PRO A 88 20.97 3.71 -6.80
CA PRO A 88 19.79 3.55 -7.65
C PRO A 88 18.54 4.15 -6.97
N PRO A 89 17.51 4.55 -7.75
CA PRO A 89 16.23 4.98 -7.20
C PRO A 89 15.60 3.95 -6.24
N PRO A 90 14.81 4.39 -5.23
CA PRO A 90 14.06 3.48 -4.37
C PRO A 90 12.92 2.79 -5.15
N PRO A 91 12.34 1.71 -4.60
CA PRO A 91 11.16 1.05 -5.18
C PRO A 91 10.01 2.03 -5.44
N ALA A 92 9.81 2.96 -4.51
CA ALA A 92 8.93 4.13 -4.62
C ALA A 92 9.48 5.19 -3.64
N PRO A 93 9.23 6.49 -3.88
CA PRO A 93 9.70 7.53 -2.95
C PRO A 93 9.01 7.44 -1.58
N LYS A 94 7.74 7.00 -1.55
CA LYS A 94 7.01 6.67 -0.33
C LYS A 94 7.43 5.28 0.17
N GLN A 95 8.71 5.13 0.54
CA GLN A 95 9.29 3.86 0.98
C GLN A 95 8.55 3.23 2.17
N GLU A 96 7.77 4.01 2.92
CA GLU A 96 6.92 3.56 4.02
C GLU A 96 5.75 2.70 3.53
N VAL A 97 5.23 2.98 2.33
CA VAL A 97 4.02 2.38 1.76
C VAL A 97 4.26 2.26 0.23
N PRO A 98 5.23 1.45 -0.22
CA PRO A 98 5.66 1.44 -1.62
C PRO A 98 4.62 0.81 -2.56
N SER A 99 3.70 0.00 -2.02
CA SER A 99 2.66 -0.70 -2.78
C SER A 99 1.43 -0.92 -1.90
N GLN A 100 1.63 -1.35 -0.65
CA GLN A 100 0.62 -1.48 0.39
C GLN A 100 1.27 -1.19 1.75
N GLY A 101 0.44 -1.16 2.80
CA GLY A 101 0.86 -0.92 4.18
C GLY A 101 -0.32 -0.87 5.16
N SER A 102 -1.55 -0.72 4.67
CA SER A 102 -2.77 -0.75 5.48
C SER A 102 -2.96 -2.13 6.15
N PRO A 103 -3.71 -2.21 7.27
CA PRO A 103 -4.07 -3.49 7.88
C PRO A 103 -4.96 -4.33 6.94
N ALA A 104 -5.05 -5.63 7.24
CA ALA A 104 -5.93 -6.55 6.52
C ALA A 104 -7.38 -6.20 6.81
N VAL A 105 -8.26 -6.55 5.87
CA VAL A 105 -9.70 -6.47 6.07
C VAL A 105 -10.04 -7.49 7.17
N MET A 106 -10.40 -6.99 8.36
CA MET A 106 -10.59 -7.79 9.59
C MET A 106 -11.93 -7.49 10.27
N PRO A 107 -13.10 -7.76 9.64
CA PRO A 107 -14.41 -7.71 10.30
C PRO A 107 -14.45 -8.53 11.58
N ASP A 108 -15.43 -8.23 12.44
CA ASP A 108 -15.49 -8.75 13.81
C ASP A 108 -15.52 -10.28 13.92
N VAL A 109 -16.30 -10.97 13.09
CA VAL A 109 -16.31 -12.44 13.12
C VAL A 109 -14.93 -12.95 12.73
N LYS A 110 -14.34 -12.38 11.66
CA LYS A 110 -13.03 -12.81 11.18
C LYS A 110 -11.96 -12.53 12.23
N GLU A 111 -12.05 -11.45 12.98
CA GLU A 111 -11.16 -11.18 14.11
C GLU A 111 -11.36 -12.24 15.21
N LYS A 112 -12.60 -12.61 15.56
CA LYS A 112 -12.86 -13.63 16.59
C LYS A 112 -12.18 -14.93 16.20
N VAL A 113 -12.42 -15.36 14.96
CA VAL A 113 -11.80 -16.55 14.39
C VAL A 113 -10.27 -16.41 14.44
N ALA A 114 -9.72 -15.29 13.96
CA ALA A 114 -8.28 -15.15 13.78
C ALA A 114 -7.56 -15.21 15.12
N GLU A 115 -8.06 -14.53 16.15
CA GLU A 115 -7.50 -14.61 17.50
C GLU A 115 -7.66 -16.02 18.05
N LEU A 116 -8.83 -16.62 17.88
CA LEU A 116 -9.13 -17.96 18.38
C LEU A 116 -8.17 -19.00 17.79
N LEU A 117 -7.92 -18.93 16.48
CA LEU A 117 -6.92 -19.78 15.83
C LEU A 117 -5.53 -19.51 16.40
N GLY A 118 -5.18 -18.26 16.65
CA GLY A 118 -3.93 -17.89 17.29
C GLY A 118 -3.72 -18.59 18.64
N LYS A 119 -4.79 -18.82 19.42
CA LYS A 119 -4.67 -19.44 20.74
C LYS A 119 -4.28 -20.93 20.69
N TYR A 120 -4.30 -21.60 19.52
CA TYR A 120 -4.15 -23.06 19.45
C TYR A 120 -3.16 -23.49 18.37
N SER A 121 -2.06 -24.12 18.77
CA SER A 121 -1.13 -24.79 17.86
C SER A 121 -1.81 -25.98 17.16
N SER A 122 -2.79 -26.60 17.82
CA SER A 122 -3.67 -27.66 17.29
C SER A 122 -4.63 -27.15 16.21
N GLY A 123 -4.66 -25.83 15.96
CA GLY A 123 -5.70 -25.24 15.14
C GLY A 123 -7.02 -25.41 15.88
N LEU A 124 -8.13 -25.32 15.17
CA LEU A 124 -9.43 -25.67 15.70
C LEU A 124 -10.05 -26.59 14.64
N TRP A 125 -10.52 -27.76 15.07
CA TRP A 125 -11.20 -28.71 14.21
C TRP A 125 -12.59 -28.20 13.89
N ALA A 126 -13.26 -28.77 12.87
CA ALA A 126 -14.53 -28.26 12.36
C ALA A 126 -15.60 -28.10 13.45
N SER A 127 -15.64 -29.00 14.43
CA SER A 127 -16.57 -28.93 15.56
C SER A 127 -15.99 -28.09 16.72
N ALA A 128 -14.68 -28.18 16.94
CA ALA A 128 -14.00 -27.47 18.02
C ALA A 128 -14.01 -25.95 17.78
N LEU A 129 -14.00 -25.50 16.52
CA LEU A 129 -14.07 -24.07 16.17
C LEU A 129 -15.34 -23.49 16.79
N PRO A 130 -16.58 -23.96 16.46
CA PRO A 130 -17.81 -23.60 17.17
C PRO A 130 -17.69 -23.66 18.68
N LYS A 131 -17.25 -24.78 19.26
CA LYS A 131 -17.24 -24.94 20.72
C LYS A 131 -16.36 -23.87 21.38
N ALA A 132 -15.14 -23.67 20.86
CA ALA A 132 -14.22 -22.68 21.40
C ALA A 132 -14.71 -21.25 21.15
N PHE A 133 -15.39 -21.00 20.03
CA PHE A 133 -16.02 -19.72 19.70
C PHE A 133 -16.93 -19.33 20.86
N GLU A 134 -17.91 -20.18 21.14
CA GLU A 134 -18.98 -19.89 22.09
C GLU A 134 -18.40 -19.84 23.50
N ASP A 135 -17.47 -20.74 23.83
CA ASP A 135 -16.85 -20.80 25.14
C ASP A 135 -16.03 -19.54 25.44
N MET A 136 -15.25 -19.07 24.45
CA MET A 136 -14.29 -18.01 24.69
C MET A 136 -14.95 -16.65 24.66
N TYR A 137 -15.87 -16.43 23.71
CA TYR A 137 -16.53 -15.13 23.54
C TYR A 137 -17.87 -15.05 24.30
N LYS A 138 -18.27 -16.13 25.00
CA LYS A 138 -19.55 -16.25 25.72
C LYS A 138 -20.73 -15.70 24.91
N VAL A 139 -20.76 -16.06 23.63
CA VAL A 139 -21.65 -15.49 22.62
C VAL A 139 -22.36 -16.65 21.94
N LYS A 140 -23.68 -16.48 21.71
CA LYS A 140 -24.48 -17.40 20.91
C LYS A 140 -24.51 -16.80 19.50
N PHE A 141 -23.60 -17.28 18.66
CA PHE A 141 -23.34 -16.71 17.34
C PHE A 141 -24.49 -16.93 16.35
N PRO A 142 -24.60 -16.06 15.33
CA PRO A 142 -25.46 -16.32 14.17
C PRO A 142 -24.75 -17.45 13.41
N GLU A 143 -25.47 -18.48 12.94
CA GLU A 143 -24.79 -19.66 12.41
C GLU A 143 -23.93 -19.37 11.18
N ASP A 144 -24.25 -18.35 10.39
CA ASP A 144 -23.39 -17.91 9.28
C ASP A 144 -21.97 -17.66 9.76
N ALA A 145 -21.80 -17.08 10.95
CA ALA A 145 -20.50 -16.75 11.50
C ALA A 145 -19.60 -17.99 11.68
N LEU A 146 -20.17 -19.16 12.02
CA LEU A 146 -19.43 -20.41 12.25
C LEU A 146 -19.55 -21.45 11.12
N LYS A 147 -20.62 -21.43 10.31
CA LYS A 147 -20.88 -22.44 9.28
C LYS A 147 -20.52 -21.95 7.87
N ASN A 148 -20.27 -20.65 7.68
CA ASN A 148 -19.77 -20.13 6.41
C ASN A 148 -18.26 -20.33 6.35
N LEU A 149 -17.82 -21.59 6.15
CA LEU A 149 -16.41 -21.96 6.20
C LEU A 149 -15.55 -21.19 5.19
N ALA A 150 -16.13 -20.53 4.18
CA ALA A 150 -15.36 -19.72 3.23
C ALA A 150 -14.75 -18.48 3.86
N SER A 151 -15.52 -17.73 4.66
CA SER A 151 -14.97 -16.57 5.39
C SER A 151 -13.92 -17.06 6.39
N LEU A 152 -14.18 -18.21 7.00
CA LEU A 152 -13.22 -18.82 7.90
C LEU A 152 -11.97 -19.22 7.12
N SER A 153 -12.09 -19.66 5.86
CA SER A 153 -10.96 -19.95 4.99
C SER A 153 -10.22 -18.67 4.55
N ASP A 154 -10.85 -17.50 4.61
CA ASP A 154 -10.14 -16.23 4.38
C ASP A 154 -9.18 -15.97 5.55
N VAL A 155 -9.60 -16.21 6.79
CA VAL A 155 -8.72 -16.04 7.95
C VAL A 155 -7.88 -17.27 8.35
N CYS A 156 -8.17 -18.46 7.81
CA CYS A 156 -7.58 -19.71 8.27
C CYS A 156 -7.23 -20.61 7.08
N THR A 157 -6.20 -21.43 7.23
CA THR A 157 -5.95 -22.50 6.28
C THR A 157 -7.01 -23.52 6.65
N ILE A 158 -7.85 -23.94 5.69
CA ILE A 158 -8.74 -25.07 5.93
C ILE A 158 -8.17 -26.21 5.10
N ASN A 159 -8.09 -27.36 5.76
CA ASN A 159 -7.55 -28.60 5.26
C ASN A 159 -8.44 -29.71 5.83
N TYR A 160 -8.45 -30.89 5.21
CA TYR A 160 -9.42 -31.93 5.52
C TYR A 160 -8.71 -33.20 5.97
N ILE A 161 -9.49 -34.05 6.64
CA ILE A 161 -9.04 -35.32 7.19
C ILE A 161 -10.16 -36.33 6.90
N SER A 162 -9.85 -37.63 6.98
CA SER A 162 -10.74 -38.75 6.67
C SER A 162 -11.13 -38.86 5.18
N GLY A 163 -10.90 -37.82 4.38
CA GLY A 163 -11.02 -37.79 2.92
C GLY A 163 -11.12 -36.35 2.46
N ASN A 164 -11.21 -36.13 1.15
CA ASN A 164 -11.42 -34.80 0.58
C ASN A 164 -12.76 -34.26 1.05
N THR A 165 -12.75 -33.11 1.74
CA THR A 165 -13.94 -32.44 2.28
C THR A 165 -14.84 -33.42 3.07
N GLN A 166 -14.25 -34.29 3.93
CA GLN A 166 -15.04 -35.23 4.73
C GLN A 166 -15.09 -34.76 6.19
N LYS A 167 -13.93 -34.44 6.76
CA LYS A 167 -13.77 -33.77 8.05
C LYS A 167 -12.85 -32.59 7.74
N ALA A 168 -12.91 -31.48 8.49
CA ALA A 168 -12.13 -30.28 8.23
C ALA A 168 -11.42 -29.85 9.51
N ILE A 169 -10.32 -29.13 9.33
CA ILE A 169 -9.44 -28.57 10.32
C ILE A 169 -9.25 -27.11 9.89
N LEU A 170 -9.04 -26.21 10.84
CA LEU A 170 -8.64 -24.84 10.56
C LEU A 170 -7.30 -24.62 11.26
N TYR A 171 -6.37 -23.93 10.60
CA TYR A 171 -5.12 -23.45 11.18
C TYR A 171 -5.03 -21.94 10.90
N ALA A 172 -4.25 -21.19 11.69
CA ALA A 172 -4.13 -19.74 11.49
C ALA A 172 -3.48 -19.43 10.13
N LYS A 173 -3.92 -18.35 9.47
CA LYS A 173 -3.31 -17.83 8.22
C LYS A 173 -2.89 -16.36 8.36
N LEU A 174 -3.12 -15.75 9.53
CA LEU A 174 -2.72 -14.40 9.97
C LEU A 174 -2.57 -13.39 8.80
N PRO A 175 -3.69 -12.96 8.17
CA PRO A 175 -3.62 -12.01 7.07
C PRO A 175 -3.13 -10.61 7.51
N LEU A 176 -3.45 -10.20 8.75
CA LEU A 176 -3.07 -8.88 9.27
C LEU A 176 -1.55 -8.73 9.36
N PRO A 177 -1.00 -7.57 8.93
CA PRO A 177 0.43 -7.28 9.03
C PRO A 177 0.81 -6.62 10.35
N THR A 178 -0.17 -6.19 11.14
CA THR A 178 0.03 -5.37 12.32
C THR A 178 0.57 -6.18 13.50
N ASP A 179 1.04 -5.48 14.54
CA ASP A 179 1.66 -6.03 15.75
C ASP A 179 2.75 -7.07 15.42
N LYS A 180 3.67 -6.67 14.52
CA LYS A 180 4.80 -7.45 14.05
C LYS A 180 5.95 -6.47 13.79
N GLY A 1 11.80 32.49 38.91
CA GLY A 1 12.15 33.93 38.88
C GLY A 1 10.93 34.81 39.07
N HIS A 2 10.92 35.67 40.10
CA HIS A 2 9.76 36.48 40.49
C HIS A 2 9.25 37.41 39.38
N MET A 3 10.11 37.81 38.45
CA MET A 3 9.74 38.69 37.34
C MET A 3 8.65 38.04 36.45
N ASP A 4 8.61 36.70 36.36
CA ASP A 4 7.54 35.98 35.65
C ASP A 4 6.20 36.11 36.37
N GLU A 5 6.20 36.26 37.70
CA GLU A 5 4.99 36.57 38.44
C GLU A 5 4.54 37.98 38.06
N VAL A 6 5.43 38.98 38.08
CA VAL A 6 5.08 40.37 37.77
C VAL A 6 4.47 40.45 36.37
N GLN A 7 5.04 39.73 35.41
CA GLN A 7 4.44 39.55 34.08
C GLN A 7 3.00 39.06 34.20
N ASN A 8 2.82 37.84 34.71
CA ASN A 8 1.52 37.19 34.65
C ASN A 8 0.47 37.87 35.52
N ARG A 9 0.83 38.60 36.59
CA ARG A 9 -0.19 39.32 37.35
C ARG A 9 -0.62 40.55 36.59
N ILE A 10 0.27 41.25 35.90
CA ILE A 10 -0.17 42.44 35.18
C ILE A 10 -1.15 42.03 34.07
N LYS A 11 -0.90 40.94 33.34
CA LYS A 11 -1.94 40.51 32.40
C LYS A 11 -3.19 40.03 33.13
N GLU A 12 -3.09 39.41 34.32
CA GLU A 12 -4.26 38.96 35.05
C GLU A 12 -5.16 40.14 35.43
N ILE A 13 -4.63 41.23 35.98
CA ILE A 13 -5.46 42.42 36.29
C ILE A 13 -6.06 42.94 34.99
N LEU A 14 -5.24 43.11 33.95
CA LEU A 14 -5.73 43.64 32.69
C LEU A 14 -6.77 42.72 32.05
N ASP A 15 -6.73 41.43 32.32
CA ASP A 15 -7.70 40.46 31.83
C ASP A 15 -8.98 40.46 32.69
N LYS A 16 -8.85 40.66 34.01
CA LYS A 16 -9.97 40.86 34.93
C LYS A 16 -10.73 42.12 34.54
N HIS A 17 -10.00 43.11 34.01
CA HIS A 17 -10.46 44.45 33.70
C HIS A 17 -10.26 44.64 32.20
N ASN A 18 -10.87 43.74 31.41
CA ASN A 18 -10.64 43.59 29.96
C ASN A 18 -10.71 44.89 29.17
N ASN A 19 -11.58 45.82 29.57
CA ASN A 19 -11.71 47.14 28.91
C ASN A 19 -10.43 47.98 29.01
N GLY A 20 -9.48 47.61 29.88
CA GLY A 20 -8.17 48.21 30.05
C GLY A 20 -8.07 49.09 31.29
N ILE A 21 -6.87 49.57 31.59
CA ILE A 21 -6.54 50.40 32.76
C ILE A 21 -5.61 51.52 32.28
N TRP A 22 -5.88 52.79 32.62
CA TRP A 22 -4.98 53.91 32.31
C TRP A 22 -3.64 53.69 32.98
N ILE A 23 -2.52 53.98 32.31
CA ILE A 23 -1.20 53.69 32.89
C ILE A 23 -0.98 54.54 34.15
N SER A 24 -1.55 55.75 34.24
CA SER A 24 -1.51 56.52 35.49
C SER A 24 -2.27 55.85 36.65
N LYS A 25 -3.29 55.01 36.38
CA LYS A 25 -4.05 54.34 37.43
C LYS A 25 -3.64 52.87 37.62
N LEU A 26 -2.87 52.27 36.71
CA LEU A 26 -2.24 50.96 36.89
C LEU A 26 -1.52 50.82 38.25
N PRO A 27 -0.69 51.78 38.73
CA PRO A 27 -0.07 51.69 40.06
C PRO A 27 -1.10 51.56 41.19
N HIS A 28 -2.21 52.31 41.14
CA HIS A 28 -3.32 52.17 42.08
C HIS A 28 -3.88 50.75 41.99
N PHE A 29 -4.11 50.27 40.77
CA PHE A 29 -4.76 48.99 40.56
C PHE A 29 -3.88 47.84 41.06
N TYR A 30 -2.57 47.93 40.82
CA TYR A 30 -1.57 47.01 41.31
C TYR A 30 -1.54 47.02 42.84
N LYS A 31 -1.50 48.21 43.45
CA LYS A 31 -1.52 48.37 44.90
C LYS A 31 -2.78 47.73 45.49
N GLU A 32 -3.94 47.92 44.89
CA GLU A 32 -5.18 47.36 45.41
C GLU A 32 -5.12 45.84 45.38
N PHE A 33 -4.65 45.25 44.28
CA PHE A 33 -4.77 43.83 44.07
C PHE A 33 -3.68 43.05 44.80
N TYR A 34 -2.46 43.59 44.87
CA TYR A 34 -1.27 42.88 45.34
C TYR A 34 -0.59 43.52 46.54
N LYS A 35 -1.13 44.64 47.03
CA LYS A 35 -0.73 45.32 48.26
C LYS A 35 0.76 45.65 48.23
N GLU A 36 1.24 46.11 47.08
CA GLU A 36 2.63 46.44 46.82
C GLU A 36 2.66 47.72 45.98
N ASP A 37 3.68 48.54 46.20
CA ASP A 37 3.93 49.75 45.44
C ASP A 37 4.58 49.36 44.11
N LEU A 38 3.84 49.53 43.01
CA LEU A 38 4.34 49.34 41.66
C LEU A 38 5.56 50.25 41.44
N ASN A 39 6.74 49.66 41.23
CA ASN A 39 7.96 50.40 40.93
C ASN A 39 7.82 51.10 39.56
N GLN A 40 8.43 52.27 39.37
CA GLN A 40 8.32 53.00 38.11
C GLN A 40 8.92 52.20 36.93
N GLY A 41 9.87 51.29 37.17
CA GLY A 41 10.51 50.47 36.13
C GLY A 41 9.56 49.43 35.54
N VAL A 42 8.50 49.04 36.24
CA VAL A 42 7.57 48.09 35.65
C VAL A 42 6.86 48.78 34.47
N LEU A 43 6.72 50.12 34.46
CA LEU A 43 6.17 50.86 33.33
C LEU A 43 6.97 50.63 32.04
N GLN A 44 8.30 50.63 32.09
CA GLN A 44 9.08 50.34 30.89
C GLN A 44 8.96 48.85 30.51
N GLN A 45 8.79 47.95 31.49
CA GLN A 45 8.44 46.56 31.17
C GLN A 45 7.14 46.52 30.36
N PHE A 46 6.11 47.27 30.77
CA PHE A 46 4.82 47.26 30.11
C PHE A 46 4.97 47.67 28.64
N GLU A 47 5.81 48.68 28.39
CA GLU A 47 6.06 49.19 27.05
C GLU A 47 6.70 48.11 26.16
N HIS A 48 7.66 47.32 26.67
CA HIS A 48 8.35 46.33 25.86
C HIS A 48 7.64 44.97 25.79
N TRP A 49 6.78 44.61 26.75
CA TRP A 49 6.16 43.30 26.85
C TRP A 49 5.18 43.08 25.68
N PRO A 50 5.41 42.11 24.77
CA PRO A 50 4.39 41.73 23.80
C PRO A 50 3.37 40.75 24.39
N HIS A 51 3.75 39.97 25.41
CA HIS A 51 2.95 38.84 25.90
C HIS A 51 2.01 39.21 27.05
N ILE A 52 2.09 40.44 27.58
CA ILE A 52 1.38 40.79 28.82
C ILE A 52 0.28 41.79 28.50
N CYS A 53 0.58 42.83 27.72
CA CYS A 53 -0.29 43.96 27.55
C CYS A 53 -0.02 44.67 26.22
N THR A 54 -0.82 45.68 25.95
CA THR A 54 -0.70 46.56 24.80
C THR A 54 -0.84 47.98 25.35
N VAL A 55 0.18 48.82 25.15
CA VAL A 55 0.09 50.24 25.43
C VAL A 55 -0.69 50.83 24.26
N GLU A 56 -1.76 51.57 24.55
CA GLU A 56 -2.71 52.04 23.56
C GLU A 56 -2.91 53.54 23.76
N LYS A 57 -2.77 54.33 22.71
CA LYS A 57 -2.88 55.79 22.76
C LYS A 57 -3.93 56.30 21.76
N PRO A 58 -5.19 55.83 21.86
CA PRO A 58 -6.22 56.07 20.85
C PRO A 58 -6.64 57.54 20.74
N CYS A 59 -6.32 58.38 21.73
CA CYS A 59 -6.60 59.81 21.74
C CYS A 59 -5.84 60.57 20.64
N GLY A 60 -4.85 59.95 19.99
CA GLY A 60 -4.02 60.63 18.98
C GLY A 60 -3.10 61.65 19.64
N GLY A 61 -2.56 61.30 20.80
CA GLY A 61 -1.71 62.15 21.62
C GLY A 61 -0.96 61.29 22.64
N GLY A 62 -0.33 61.93 23.62
CA GLY A 62 0.53 61.26 24.60
C GLY A 62 0.30 61.78 26.03
N GLN A 63 -0.92 62.22 26.34
CA GLN A 63 -1.26 62.66 27.69
C GLN A 63 -1.18 61.50 28.68
N ASP A 64 -1.67 60.33 28.27
CA ASP A 64 -1.52 59.03 28.93
C ASP A 64 -1.90 57.98 27.88
N SER A 65 -1.84 56.70 28.25
CA SER A 65 -2.21 55.57 27.40
C SER A 65 -3.11 54.64 28.23
N LEU A 66 -3.78 53.71 27.57
CA LEU A 66 -4.49 52.62 28.23
C LEU A 66 -3.68 51.37 28.03
N LEU A 67 -3.53 50.60 29.11
CA LEU A 67 -3.01 49.26 29.07
C LEU A 67 -4.21 48.39 28.77
N TYR A 68 -4.18 47.71 27.63
CA TYR A 68 -5.12 46.65 27.33
C TYR A 68 -4.38 45.34 27.63
N PRO A 69 -5.09 44.24 27.95
CA PRO A 69 -4.49 42.92 28.11
C PRO A 69 -3.82 42.43 26.82
N ALA A 70 -3.05 41.34 26.92
CA ALA A 70 -2.36 40.66 25.81
C ALA A 70 -3.23 40.17 24.63
N ARG A 71 -4.51 40.51 24.55
CA ARG A 71 -5.37 40.07 23.43
C ARG A 71 -4.89 40.59 22.07
N ARG A 72 -4.03 41.61 22.05
CA ARG A 72 -3.45 42.22 20.85
C ARG A 72 -1.94 41.95 20.80
N GLU A 73 -1.48 40.84 21.40
CA GLU A 73 -0.08 40.39 21.34
C GLU A 73 0.46 40.32 19.91
N GLN A 74 -0.43 40.08 18.93
CA GLN A 74 -0.18 40.17 17.50
C GLN A 74 -1.40 40.89 16.88
N PRO A 75 -1.21 41.64 15.78
CA PRO A 75 -2.30 42.43 15.19
C PRO A 75 -3.34 41.54 14.49
N LEU A 76 -2.89 40.44 13.89
CA LEU A 76 -3.72 39.41 13.28
C LEU A 76 -2.89 38.13 13.31
N LYS A 77 -3.34 37.12 14.06
CA LYS A 77 -2.61 35.85 14.15
C LYS A 77 -2.70 35.11 12.82
N SER A 78 -1.64 34.40 12.44
CA SER A 78 -1.52 33.76 11.13
C SER A 78 -2.29 32.44 11.01
N ASP A 79 -3.05 32.01 12.02
CA ASP A 79 -3.82 30.76 11.99
C ASP A 79 -4.80 30.70 10.81
N GLN A 80 -5.32 31.86 10.41
CA GLN A 80 -6.23 32.01 9.27
C GLN A 80 -5.52 31.82 7.91
N ASP A 81 -4.20 31.97 7.95
CA ASP A 81 -3.25 32.07 6.85
C ASP A 81 -3.82 32.65 5.53
N PRO A 82 -4.01 33.98 5.44
CA PRO A 82 -4.36 34.60 4.17
C PRO A 82 -3.18 34.59 3.18
N GLU A 83 -1.96 34.79 3.69
CA GLU A 83 -0.74 35.01 2.89
C GLU A 83 0.54 34.90 3.76
N LYS A 84 0.43 34.33 4.97
CA LYS A 84 1.49 34.38 5.97
C LYS A 84 2.46 33.23 5.81
N GLU A 85 1.92 32.02 5.76
CA GLU A 85 2.63 30.81 5.40
C GLU A 85 2.52 30.61 3.90
N LEU A 86 1.31 30.83 3.38
CA LEU A 86 0.83 30.52 2.06
C LEU A 86 1.56 29.32 1.39
N PRO A 87 1.38 28.08 1.90
CA PRO A 87 1.99 26.90 1.30
C PRO A 87 1.40 26.60 -0.09
N PRO A 88 2.06 25.76 -0.91
CA PRO A 88 1.49 25.28 -2.17
C PRO A 88 0.20 24.48 -1.91
N PRO A 89 -0.73 24.43 -2.89
CA PRO A 89 -2.01 23.72 -2.74
C PRO A 89 -1.83 22.28 -2.25
N PRO A 90 -2.61 21.82 -1.25
CA PRO A 90 -2.62 20.42 -0.82
C PRO A 90 -3.35 19.55 -1.86
N PRO A 91 -3.22 18.21 -1.78
CA PRO A 91 -3.97 17.30 -2.65
C PRO A 91 -5.48 17.38 -2.38
N ALA A 92 -5.87 17.66 -1.13
CA ALA A 92 -7.23 17.98 -0.72
C ALA A 92 -7.16 18.85 0.55
N PRO A 93 -8.09 19.80 0.77
CA PRO A 93 -8.14 20.60 2.00
C PRO A 93 -8.28 19.77 3.28
N LYS A 94 -8.95 18.61 3.19
CA LYS A 94 -9.24 17.72 4.33
C LYS A 94 -8.34 16.49 4.25
N GLN A 95 -8.25 15.75 5.34
CA GLN A 95 -7.57 14.45 5.43
C GLN A 95 -8.41 13.57 6.37
N GLU A 96 -8.61 12.31 5.97
CA GLU A 96 -9.33 11.30 6.75
C GLU A 96 -8.55 9.98 6.83
N VAL A 97 -7.26 10.03 6.47
CA VAL A 97 -6.32 8.93 6.45
C VAL A 97 -5.00 9.43 7.08
N PRO A 98 -4.95 9.66 8.41
CA PRO A 98 -3.72 10.04 9.11
C PRO A 98 -2.75 8.85 9.27
N SER A 99 -3.23 7.62 9.09
CA SER A 99 -2.49 6.39 9.33
C SER A 99 -1.22 6.30 8.47
N GLN A 100 -0.17 5.66 9.01
CA GLN A 100 1.11 5.48 8.33
C GLN A 100 1.12 4.24 7.41
N GLY A 101 0.01 3.52 7.32
CA GLY A 101 -0.15 2.33 6.49
C GLY A 101 -1.63 1.95 6.42
N SER A 102 -1.92 0.82 5.78
CA SER A 102 -3.29 0.40 5.43
C SER A 102 -3.55 -1.00 5.98
N PRO A 103 -4.16 -1.13 7.18
CA PRO A 103 -4.56 -2.43 7.73
C PRO A 103 -5.68 -3.06 6.89
N ALA A 104 -5.85 -4.36 7.13
CA ALA A 104 -6.71 -5.23 6.35
C ALA A 104 -8.14 -5.18 6.89
N VAL A 105 -9.09 -5.65 6.08
CA VAL A 105 -10.49 -5.80 6.46
C VAL A 105 -10.57 -6.93 7.47
N MET A 106 -10.69 -6.59 8.75
CA MET A 106 -10.63 -7.51 9.89
C MET A 106 -11.77 -7.15 10.87
N PRO A 107 -13.05 -7.24 10.46
CA PRO A 107 -14.19 -7.01 11.35
C PRO A 107 -14.26 -8.07 12.46
N ASP A 108 -15.13 -7.84 13.44
CA ASP A 108 -15.16 -8.63 14.68
C ASP A 108 -15.28 -10.14 14.46
N VAL A 109 -16.08 -10.62 13.51
CA VAL A 109 -16.16 -12.06 13.25
C VAL A 109 -14.83 -12.56 12.69
N LYS A 110 -14.17 -11.81 11.80
CA LYS A 110 -12.88 -12.20 11.24
C LYS A 110 -11.85 -12.25 12.36
N GLU A 111 -11.84 -11.24 13.22
CA GLU A 111 -10.96 -11.18 14.38
C GLU A 111 -11.21 -12.36 15.32
N LYS A 112 -12.46 -12.72 15.60
CA LYS A 112 -12.79 -13.84 16.48
C LYS A 112 -12.12 -15.12 15.98
N VAL A 113 -12.26 -15.45 14.69
CA VAL A 113 -11.57 -16.62 14.16
C VAL A 113 -10.06 -16.43 14.29
N ALA A 114 -9.51 -15.30 13.83
CA ALA A 114 -8.07 -15.13 13.72
C ALA A 114 -7.37 -15.24 15.09
N GLU A 115 -7.94 -14.63 16.13
CA GLU A 115 -7.46 -14.73 17.50
C GLU A 115 -7.56 -16.18 17.99
N LEU A 116 -8.74 -16.79 17.88
CA LEU A 116 -9.00 -18.14 18.36
C LEU A 116 -8.06 -19.15 17.72
N LEU A 117 -7.79 -19.03 16.42
CA LEU A 117 -6.83 -19.88 15.74
C LEU A 117 -5.42 -19.66 16.27
N GLY A 118 -5.05 -18.41 16.60
CA GLY A 118 -3.78 -18.10 17.23
C GLY A 118 -3.61 -18.81 18.57
N LYS A 119 -4.70 -19.01 19.34
CA LYS A 119 -4.64 -19.65 20.66
C LYS A 119 -4.28 -21.15 20.63
N TYR A 120 -4.27 -21.83 19.47
CA TYR A 120 -4.15 -23.29 19.42
C TYR A 120 -3.15 -23.77 18.36
N SER A 121 -2.11 -24.48 18.79
CA SER A 121 -1.18 -25.20 17.91
C SER A 121 -1.89 -26.37 17.19
N SER A 122 -2.91 -26.96 17.83
CA SER A 122 -3.81 -27.96 17.26
C SER A 122 -4.71 -27.38 16.17
N GLY A 123 -4.68 -26.06 15.94
CA GLY A 123 -5.66 -25.40 15.10
C GLY A 123 -7.00 -25.54 15.81
N LEU A 124 -8.09 -25.36 15.08
CA LEU A 124 -9.42 -25.69 15.58
C LEU A 124 -10.04 -26.56 14.51
N TRP A 125 -10.60 -27.69 14.93
CA TRP A 125 -11.26 -28.63 14.04
C TRP A 125 -12.64 -28.08 13.65
N ALA A 126 -13.29 -28.70 12.68
CA ALA A 126 -14.62 -28.30 12.21
C ALA A 126 -15.65 -28.21 13.33
N SER A 127 -15.59 -29.12 14.32
CA SER A 127 -16.49 -29.08 15.48
C SER A 127 -15.94 -28.21 16.61
N ALA A 128 -14.61 -28.27 16.82
CA ALA A 128 -13.96 -27.53 17.88
C ALA A 128 -14.03 -26.02 17.64
N LEU A 129 -14.02 -25.56 16.38
CA LEU A 129 -14.11 -24.14 16.03
C LEU A 129 -15.39 -23.52 16.61
N PRO A 130 -16.61 -23.97 16.29
CA PRO A 130 -17.82 -23.41 16.89
C PRO A 130 -17.85 -23.61 18.41
N LYS A 131 -17.44 -24.78 18.93
CA LYS A 131 -17.45 -25.00 20.38
C LYS A 131 -16.57 -23.95 21.08
N ALA A 132 -15.34 -23.77 20.61
CA ALA A 132 -14.39 -22.83 21.20
C ALA A 132 -14.83 -21.38 21.02
N PHE A 133 -15.43 -21.07 19.87
CA PHE A 133 -16.00 -19.75 19.58
C PHE A 133 -16.96 -19.34 20.70
N GLU A 134 -17.98 -20.17 20.92
CA GLU A 134 -19.08 -19.87 21.84
C GLU A 134 -18.55 -19.85 23.27
N ASP A 135 -17.64 -20.76 23.60
CA ASP A 135 -17.07 -20.88 24.93
C ASP A 135 -16.20 -19.66 25.29
N MET A 136 -15.38 -19.20 24.34
CA MET A 136 -14.36 -18.20 24.64
C MET A 136 -14.93 -16.79 24.62
N TYR A 137 -15.84 -16.50 23.68
CA TYR A 137 -16.41 -15.17 23.52
C TYR A 137 -17.79 -15.06 24.19
N LYS A 138 -18.29 -16.14 24.80
CA LYS A 138 -19.59 -16.23 25.50
C LYS A 138 -20.73 -15.61 24.67
N VAL A 139 -20.79 -15.99 23.40
CA VAL A 139 -21.81 -15.50 22.45
C VAL A 139 -22.45 -16.71 21.77
N LYS A 140 -23.78 -16.66 21.58
CA LYS A 140 -24.51 -17.62 20.75
C LYS A 140 -24.43 -17.04 19.34
N PHE A 141 -23.44 -17.48 18.58
CA PHE A 141 -23.13 -16.94 17.26
C PHE A 141 -24.30 -17.10 16.28
N PRO A 142 -24.45 -16.17 15.31
CA PRO A 142 -25.35 -16.38 14.19
C PRO A 142 -24.74 -17.50 13.35
N GLU A 143 -25.53 -18.41 12.81
CA GLU A 143 -24.98 -19.63 12.21
C GLU A 143 -24.11 -19.34 10.98
N ASP A 144 -24.38 -18.27 10.23
CA ASP A 144 -23.50 -17.86 9.13
C ASP A 144 -22.08 -17.62 9.63
N ALA A 145 -21.93 -16.99 10.80
CA ALA A 145 -20.62 -16.63 11.32
C ALA A 145 -19.79 -17.86 11.70
N LEU A 146 -20.45 -18.99 12.08
CA LEU A 146 -19.74 -20.22 12.45
C LEU A 146 -19.77 -21.35 11.40
N LYS A 147 -20.64 -21.31 10.39
CA LYS A 147 -20.75 -22.35 9.35
C LYS A 147 -20.40 -21.84 7.95
N ASN A 148 -20.20 -20.55 7.73
CA ASN A 148 -19.72 -20.04 6.44
C ASN A 148 -18.21 -20.27 6.37
N LEU A 149 -17.79 -21.52 6.17
CA LEU A 149 -16.38 -21.91 6.21
C LEU A 149 -15.52 -21.13 5.21
N ALA A 150 -16.08 -20.50 4.18
CA ALA A 150 -15.31 -19.67 3.25
C ALA A 150 -14.75 -18.41 3.91
N SER A 151 -15.53 -17.71 4.72
CA SER A 151 -15.03 -16.55 5.47
C SER A 151 -13.95 -17.00 6.47
N LEU A 152 -14.18 -18.17 7.08
CA LEU A 152 -13.20 -18.75 7.96
C LEU A 152 -11.95 -19.08 7.15
N SER A 153 -12.08 -19.55 5.90
CA SER A 153 -10.97 -19.79 4.99
C SER A 153 -10.26 -18.51 4.56
N ASP A 154 -10.92 -17.34 4.66
CA ASP A 154 -10.26 -16.06 4.38
C ASP A 154 -9.29 -15.71 5.52
N VAL A 155 -9.65 -16.00 6.78
CA VAL A 155 -8.76 -15.73 7.93
C VAL A 155 -7.97 -16.94 8.41
N CYS A 156 -8.21 -18.14 7.88
CA CYS A 156 -7.60 -19.38 8.34
C CYS A 156 -7.31 -20.28 7.14
N THR A 157 -6.30 -21.15 7.25
CA THR A 157 -6.11 -22.21 6.26
C THR A 157 -7.20 -23.22 6.62
N ILE A 158 -7.85 -23.85 5.64
CA ILE A 158 -8.74 -24.98 5.88
C ILE A 158 -8.21 -26.11 5.03
N ASN A 159 -8.16 -27.29 5.64
CA ASN A 159 -7.67 -28.54 5.08
C ASN A 159 -8.52 -29.64 5.74
N TYR A 160 -8.59 -30.84 5.16
CA TYR A 160 -9.53 -31.88 5.56
C TYR A 160 -8.81 -33.15 6.00
N ILE A 161 -9.52 -33.97 6.76
CA ILE A 161 -9.03 -35.22 7.32
C ILE A 161 -10.17 -36.24 7.18
N SER A 162 -9.85 -37.53 7.28
CA SER A 162 -10.80 -38.65 7.29
C SER A 162 -11.49 -38.88 5.94
N GLY A 163 -11.01 -38.24 4.88
CA GLY A 163 -11.47 -38.35 3.51
C GLY A 163 -10.89 -37.20 2.68
N ASN A 164 -11.20 -37.15 1.38
CA ASN A 164 -10.85 -35.99 0.54
C ASN A 164 -11.53 -34.74 1.09
N THR A 165 -12.80 -34.89 1.48
CA THR A 165 -13.58 -33.91 2.23
C THR A 165 -14.49 -34.75 3.13
N GLN A 166 -14.32 -34.69 4.45
CA GLN A 166 -15.16 -35.44 5.40
C GLN A 166 -15.22 -34.68 6.72
N LYS A 167 -14.06 -34.40 7.32
CA LYS A 167 -13.90 -33.49 8.45
C LYS A 167 -12.90 -32.43 8.01
N ALA A 168 -12.89 -31.28 8.67
CA ALA A 168 -12.05 -30.14 8.33
C ALA A 168 -11.26 -29.78 9.57
N ILE A 169 -10.13 -29.13 9.35
CA ILE A 169 -9.26 -28.55 10.34
C ILE A 169 -9.08 -27.12 9.86
N LEU A 170 -8.83 -26.19 10.79
CA LEU A 170 -8.51 -24.81 10.49
C LEU A 170 -7.17 -24.52 11.18
N TYR A 171 -6.31 -23.71 10.55
CA TYR A 171 -5.06 -23.19 11.11
C TYR A 171 -5.02 -21.68 10.89
N ALA A 172 -4.26 -20.92 11.68
CA ALA A 172 -4.14 -19.47 11.49
C ALA A 172 -3.51 -19.16 10.12
N LYS A 173 -3.93 -18.05 9.48
CA LYS A 173 -3.44 -17.63 8.16
C LYS A 173 -2.88 -16.20 8.14
N LEU A 174 -3.06 -15.45 9.23
CA LEU A 174 -2.58 -14.08 9.46
C LEU A 174 -2.53 -13.21 8.18
N PRO A 175 -3.70 -12.92 7.54
CA PRO A 175 -3.72 -12.15 6.31
C PRO A 175 -3.33 -10.67 6.53
N LEU A 176 -3.62 -10.12 7.71
CA LEU A 176 -3.39 -8.71 8.02
C LEU A 176 -1.90 -8.38 8.12
N PRO A 177 -1.46 -7.18 7.68
CA PRO A 177 -0.10 -6.70 7.93
C PRO A 177 0.05 -6.19 9.36
N THR A 178 -1.05 -5.91 10.04
CA THR A 178 -1.07 -5.23 11.33
C THR A 178 -0.46 -6.05 12.47
N ASP A 179 -0.18 -7.34 12.25
CA ASP A 179 0.54 -8.20 13.19
C ASP A 179 1.99 -7.73 13.39
N LYS A 180 2.59 -7.08 12.39
CA LYS A 180 3.94 -6.53 12.44
C LYS A 180 4.02 -5.45 13.52
N GLY A 1 -3.67 32.78 -11.33
CA GLY A 1 -2.93 33.67 -12.25
C GLY A 1 -3.69 33.88 -13.56
N HIS A 2 -3.91 35.14 -13.96
CA HIS A 2 -4.75 35.49 -15.12
C HIS A 2 -4.24 34.88 -16.44
N MET A 3 -2.95 34.59 -16.54
CA MET A 3 -2.34 33.96 -17.71
C MET A 3 -2.98 32.61 -18.04
N ASP A 4 -3.58 31.92 -17.06
CA ASP A 4 -4.34 30.69 -17.29
C ASP A 4 -5.58 30.97 -18.15
N GLU A 5 -6.22 32.12 -17.96
CA GLU A 5 -7.41 32.48 -18.72
C GLU A 5 -7.01 32.87 -20.15
N VAL A 6 -5.85 33.51 -20.35
CA VAL A 6 -5.39 33.87 -21.70
C VAL A 6 -5.13 32.59 -22.47
N GLN A 7 -4.34 31.68 -21.87
CA GLN A 7 -4.11 30.33 -22.37
C GLN A 7 -5.42 29.68 -22.79
N ASN A 8 -6.34 29.51 -21.84
CA ASN A 8 -7.52 28.70 -22.12
C ASN A 8 -8.40 29.34 -23.17
N ARG A 9 -8.42 30.68 -23.34
CA ARG A 9 -9.31 31.25 -24.35
C ARG A 9 -8.72 31.09 -25.73
N ILE A 10 -7.39 31.05 -25.90
CA ILE A 10 -6.86 30.77 -27.23
C ILE A 10 -7.12 29.33 -27.63
N LYS A 11 -6.95 28.34 -26.73
CA LYS A 11 -7.36 26.99 -27.13
C LYS A 11 -8.87 26.95 -27.39
N GLU A 12 -9.69 27.71 -26.67
CA GLU A 12 -11.13 27.73 -26.89
C GLU A 12 -11.46 28.17 -28.32
N ILE A 13 -10.90 29.30 -28.79
CA ILE A 13 -11.12 29.73 -30.17
C ILE A 13 -10.55 28.72 -31.15
N LEU A 14 -9.33 28.26 -30.97
CA LEU A 14 -8.73 27.36 -31.96
C LEU A 14 -9.48 26.03 -32.01
N ASP A 15 -10.07 25.59 -30.90
CA ASP A 15 -10.84 24.35 -30.84
C ASP A 15 -12.20 24.53 -31.52
N LYS A 16 -12.89 25.65 -31.26
CA LYS A 16 -14.17 25.94 -31.90
C LYS A 16 -13.99 26.21 -33.38
N HIS A 17 -12.89 26.86 -33.74
CA HIS A 17 -12.55 27.28 -35.10
C HIS A 17 -11.51 26.28 -35.59
N ASN A 18 -11.86 24.99 -35.49
CA ASN A 18 -11.01 23.80 -35.66
C ASN A 18 -10.09 23.83 -36.89
N ASN A 19 -10.53 24.45 -37.99
CA ASN A 19 -9.72 24.57 -39.20
C ASN A 19 -8.39 25.33 -38.98
N GLY A 20 -8.25 26.06 -37.87
CA GLY A 20 -7.07 26.83 -37.51
C GLY A 20 -7.19 28.29 -37.96
N ILE A 21 -6.24 29.13 -37.54
CA ILE A 21 -6.27 30.58 -37.76
C ILE A 21 -4.85 31.02 -38.14
N TRP A 22 -4.69 31.76 -39.24
CA TRP A 22 -3.38 32.33 -39.65
C TRP A 22 -2.84 33.26 -38.57
N ILE A 23 -1.52 33.26 -38.31
CA ILE A 23 -0.97 34.05 -37.21
C ILE A 23 -1.31 35.53 -37.39
N SER A 24 -1.19 36.06 -38.61
CA SER A 24 -1.50 37.46 -38.90
C SER A 24 -3.00 37.76 -38.79
N LYS A 25 -3.89 36.77 -38.90
CA LYS A 25 -5.34 36.99 -38.70
C LYS A 25 -5.79 36.72 -37.27
N LEU A 26 -5.04 35.93 -36.49
CA LEU A 26 -5.28 35.69 -35.06
C LEU A 26 -5.59 36.98 -34.28
N PRO A 27 -4.83 38.09 -34.38
CA PRO A 27 -5.12 39.28 -33.59
C PRO A 27 -6.50 39.85 -33.88
N HIS A 28 -6.95 39.93 -35.15
CA HIS A 28 -8.28 40.45 -35.43
C HIS A 28 -9.35 39.42 -35.14
N PHE A 29 -9.03 38.13 -35.22
CA PHE A 29 -9.93 37.07 -34.77
C PHE A 29 -10.19 37.21 -33.27
N TYR A 30 -9.13 37.45 -32.49
CA TYR A 30 -9.20 37.70 -31.05
C TYR A 30 -9.99 38.98 -30.77
N LYS A 31 -9.75 40.06 -31.52
CA LYS A 31 -10.52 41.30 -31.41
C LYS A 31 -12.00 41.04 -31.61
N GLU A 32 -12.38 40.25 -32.61
CA GLU A 32 -13.79 39.95 -32.85
C GLU A 32 -14.40 39.15 -31.69
N PHE A 33 -13.64 38.23 -31.09
CA PHE A 33 -14.19 37.30 -30.12
C PHE A 33 -14.19 37.83 -28.68
N TYR A 34 -13.15 38.57 -28.29
CA TYR A 34 -12.91 39.01 -26.90
C TYR A 34 -12.85 40.52 -26.75
N LYS A 35 -13.09 41.24 -27.85
CA LYS A 35 -13.30 42.69 -27.89
C LYS A 35 -12.07 43.46 -27.40
N GLU A 36 -10.88 42.91 -27.64
CA GLU A 36 -9.63 43.38 -27.06
C GLU A 36 -8.54 43.31 -28.12
N ASP A 37 -7.60 44.26 -28.06
CA ASP A 37 -6.47 44.34 -28.97
C ASP A 37 -5.38 43.40 -28.45
N LEU A 38 -5.21 42.26 -29.12
CA LEU A 38 -4.15 41.30 -28.81
C LEU A 38 -2.79 41.98 -28.97
N ASN A 39 -1.99 42.01 -27.90
CA ASN A 39 -0.61 42.50 -27.96
C ASN A 39 0.23 41.55 -28.84
N GLN A 40 1.23 42.07 -29.56
CA GLN A 40 2.08 41.26 -30.43
C GLN A 40 2.83 40.17 -29.64
N GLY A 41 3.11 40.37 -28.36
CA GLY A 41 3.84 39.43 -27.52
C GLY A 41 3.05 38.16 -27.24
N VAL A 42 1.70 38.22 -27.25
CA VAL A 42 0.93 37.03 -26.99
C VAL A 42 1.17 36.03 -28.16
N LEU A 43 1.47 36.50 -29.37
CA LEU A 43 1.83 35.62 -30.49
C LEU A 43 3.03 34.73 -30.16
N GLN A 44 4.07 35.25 -29.50
CA GLN A 44 5.18 34.40 -29.08
C GLN A 44 4.80 33.50 -27.91
N GLN A 45 3.82 33.88 -27.06
CA GLN A 45 3.28 32.94 -26.09
C GLN A 45 2.74 31.71 -26.83
N PHE A 46 2.02 31.94 -27.92
CA PHE A 46 1.34 30.88 -28.65
C PHE A 46 2.37 29.93 -29.27
N GLU A 47 3.46 30.49 -29.80
CA GLU A 47 4.55 29.74 -30.38
C GLU A 47 5.16 28.78 -29.34
N HIS A 48 5.34 29.21 -28.08
CA HIS A 48 5.92 28.33 -27.07
C HIS A 48 4.91 27.39 -26.41
N TRP A 49 3.61 27.73 -26.33
CA TRP A 49 2.61 27.01 -25.55
C TRP A 49 2.45 25.56 -26.02
N PRO A 50 2.87 24.55 -25.24
CA PRO A 50 2.74 23.15 -25.65
C PRO A 50 1.32 22.60 -25.44
N HIS A 51 0.50 23.28 -24.61
CA HIS A 51 -0.80 22.77 -24.16
C HIS A 51 -1.97 23.61 -24.69
N ILE A 52 -1.70 24.59 -25.57
CA ILE A 52 -2.74 25.48 -26.11
C ILE A 52 -2.85 25.30 -27.61
N CYS A 53 -1.73 25.21 -28.34
CA CYS A 53 -1.76 25.26 -29.79
C CYS A 53 -0.49 24.68 -30.44
N THR A 54 -0.49 24.66 -31.77
CA THR A 54 0.67 24.39 -32.62
C THR A 54 0.77 25.59 -33.56
N VAL A 55 1.98 25.96 -33.96
CA VAL A 55 2.22 26.94 -35.01
C VAL A 55 2.80 26.13 -36.17
N GLU A 56 2.04 26.03 -37.26
CA GLU A 56 2.32 25.14 -38.38
C GLU A 56 2.76 26.00 -39.54
N LYS A 57 3.95 25.76 -40.09
CA LYS A 57 4.56 26.66 -41.07
C LYS A 57 5.01 25.99 -42.39
N PRO A 58 4.18 25.13 -43.02
CA PRO A 58 4.57 24.44 -44.25
C PRO A 58 4.76 25.40 -45.44
N CYS A 59 4.06 26.54 -45.46
CA CYS A 59 4.06 27.51 -46.56
C CYS A 59 5.44 28.16 -46.69
N GLY A 60 6.25 27.71 -47.65
CA GLY A 60 7.59 28.22 -47.94
C GLY A 60 8.47 28.30 -46.69
N GLY A 61 8.30 27.34 -45.78
CA GLY A 61 9.06 27.23 -44.53
C GLY A 61 8.74 28.29 -43.47
N GLY A 62 7.81 29.21 -43.72
CA GLY A 62 7.46 30.27 -42.78
C GLY A 62 7.06 31.60 -43.43
N GLN A 63 6.46 31.58 -44.63
CA GLN A 63 5.94 32.82 -45.24
C GLN A 63 4.78 33.37 -44.39
N ASP A 64 3.98 32.47 -43.83
CA ASP A 64 2.95 32.68 -42.82
C ASP A 64 2.75 31.31 -42.15
N SER A 65 1.96 31.21 -41.09
CA SER A 65 1.79 29.97 -40.34
C SER A 65 0.36 29.89 -39.78
N LEU A 66 -0.09 28.70 -39.38
CA LEU A 66 -1.43 28.49 -38.86
C LEU A 66 -1.35 28.08 -37.42
N LEU A 67 -2.17 28.70 -36.60
CA LEU A 67 -2.42 28.31 -35.23
C LEU A 67 -3.46 27.21 -35.32
N TYR A 68 -3.10 26.03 -34.84
CA TYR A 68 -3.99 24.89 -34.69
C TYR A 68 -4.21 24.65 -33.19
N PRO A 69 -5.34 24.05 -32.78
CA PRO A 69 -5.63 23.78 -31.37
C PRO A 69 -4.74 22.67 -30.78
N ALA A 70 -4.70 22.61 -29.44
CA ALA A 70 -3.90 21.68 -28.62
C ALA A 70 -4.10 20.16 -28.82
N ARG A 71 -4.89 19.66 -29.78
CA ARG A 71 -5.05 18.20 -29.96
C ARG A 71 -3.71 17.51 -30.29
N ARG A 72 -2.71 18.26 -30.75
CA ARG A 72 -1.36 17.76 -30.99
C ARG A 72 -0.51 17.69 -29.71
N GLU A 73 -1.08 17.86 -28.52
CA GLU A 73 -0.38 17.69 -27.24
C GLU A 73 0.37 16.35 -27.20
N GLN A 74 1.51 16.35 -26.48
CA GLN A 74 2.37 15.18 -26.28
C GLN A 74 2.61 14.39 -27.59
N PRO A 75 3.10 15.04 -28.68
CA PRO A 75 3.23 14.40 -29.98
C PRO A 75 4.38 13.39 -29.98
N LEU A 76 4.36 12.45 -30.93
CA LEU A 76 5.49 11.57 -31.20
C LEU A 76 6.56 12.45 -31.85
N LYS A 77 7.63 12.78 -31.12
CA LYS A 77 8.60 13.79 -31.54
C LYS A 77 9.33 13.40 -32.84
N SER A 78 9.51 12.10 -33.07
CA SER A 78 10.16 11.56 -34.25
C SER A 78 9.44 10.28 -34.65
N ASP A 79 8.84 10.23 -35.84
CA ASP A 79 8.26 8.99 -36.36
C ASP A 79 9.33 7.92 -36.59
N GLN A 80 10.58 8.35 -36.84
CA GLN A 80 11.75 7.50 -37.01
C GLN A 80 12.24 6.88 -35.69
N ASP A 81 11.62 7.17 -34.54
CA ASP A 81 12.07 6.69 -33.22
C ASP A 81 12.46 5.21 -33.13
N PRO A 82 11.70 4.25 -33.70
CA PRO A 82 12.06 2.83 -33.74
C PRO A 82 13.41 2.48 -34.38
N GLU A 83 14.10 3.44 -35.02
CA GLU A 83 15.45 3.26 -35.55
C GLU A 83 16.39 4.42 -35.20
N LYS A 84 15.84 5.60 -34.85
CA LYS A 84 16.58 6.77 -34.42
C LYS A 84 17.10 6.54 -33.00
N GLU A 85 16.24 6.03 -32.12
CA GLU A 85 16.53 5.79 -30.71
C GLU A 85 16.63 4.29 -30.42
N LEU A 86 15.95 3.47 -31.25
CA LEU A 86 15.88 2.01 -31.18
C LEU A 86 16.07 1.46 -29.74
N PRO A 87 15.14 1.77 -28.81
CA PRO A 87 15.30 1.49 -27.39
C PRO A 87 15.72 0.03 -27.09
N PRO A 88 16.67 -0.19 -26.16
CA PRO A 88 17.20 -1.52 -25.89
C PRO A 88 16.19 -2.40 -25.13
N PRO A 89 16.34 -3.74 -25.19
CA PRO A 89 15.58 -4.67 -24.38
C PRO A 89 15.99 -4.57 -22.90
N PRO A 90 15.19 -5.14 -21.96
CA PRO A 90 15.60 -5.28 -20.57
C PRO A 90 16.80 -6.24 -20.44
N PRO A 91 17.55 -6.20 -19.32
CA PRO A 91 18.69 -7.10 -19.11
C PRO A 91 18.24 -8.57 -19.02
N ALA A 92 17.06 -8.82 -18.47
CA ALA A 92 16.35 -10.09 -18.48
C ALA A 92 14.85 -9.79 -18.30
N PRO A 93 13.94 -10.55 -18.93
CA PRO A 93 12.51 -10.30 -18.82
C PRO A 93 11.96 -10.63 -17.43
N LYS A 94 12.57 -11.58 -16.71
CA LYS A 94 12.24 -11.97 -15.34
C LYS A 94 13.55 -12.34 -14.63
N GLN A 95 13.54 -12.34 -13.30
CA GLN A 95 14.64 -12.85 -12.46
C GLN A 95 14.09 -13.30 -11.10
N GLU A 96 13.18 -12.51 -10.51
CA GLU A 96 12.53 -12.79 -9.23
C GLU A 96 11.22 -12.00 -9.20
N VAL A 97 10.39 -12.24 -8.18
CA VAL A 97 9.11 -11.58 -7.96
C VAL A 97 8.98 -11.24 -6.46
N PRO A 98 8.23 -10.17 -6.10
CA PRO A 98 8.03 -9.79 -4.71
C PRO A 98 7.13 -10.78 -3.96
N SER A 99 7.27 -10.83 -2.64
CA SER A 99 6.36 -11.56 -1.76
C SER A 99 4.95 -10.93 -1.78
N GLN A 100 3.93 -11.72 -1.42
CA GLN A 100 2.58 -11.21 -1.19
C GLN A 100 2.58 -10.28 0.03
N GLY A 101 1.68 -9.30 0.08
CA GLY A 101 1.49 -8.44 1.25
C GLY A 101 0.29 -7.51 1.14
N SER A 102 -0.79 -7.91 0.45
CA SER A 102 -2.00 -7.10 0.32
C SER A 102 -2.70 -6.94 1.69
N PRO A 103 -3.37 -5.80 1.96
CA PRO A 103 -4.03 -5.56 3.25
C PRO A 103 -5.26 -6.47 3.39
N ALA A 104 -5.41 -7.07 4.57
CA ALA A 104 -6.57 -7.86 4.96
C ALA A 104 -7.80 -6.99 5.17
N VAL A 105 -8.96 -7.64 5.16
CA VAL A 105 -10.25 -7.08 5.54
C VAL A 105 -10.75 -8.02 6.64
N MET A 106 -10.69 -7.56 7.89
CA MET A 106 -10.92 -8.39 9.08
C MET A 106 -11.98 -7.78 10.03
N PRO A 107 -13.26 -7.69 9.59
CA PRO A 107 -14.38 -7.35 10.46
C PRO A 107 -14.46 -8.20 11.74
N ASP A 108 -15.35 -7.83 12.65
CA ASP A 108 -15.49 -8.42 13.99
C ASP A 108 -15.49 -9.95 14.02
N VAL A 109 -16.32 -10.60 13.20
CA VAL A 109 -16.36 -12.07 13.17
C VAL A 109 -15.03 -12.63 12.67
N LYS A 110 -14.42 -12.00 11.65
CA LYS A 110 -13.15 -12.47 11.11
C LYS A 110 -12.05 -12.30 12.17
N GLU A 111 -12.06 -11.22 12.94
CA GLU A 111 -11.12 -11.06 14.03
C GLU A 111 -11.33 -12.15 15.08
N LYS A 112 -12.58 -12.47 15.43
CA LYS A 112 -12.88 -13.54 16.41
C LYS A 112 -12.27 -14.84 15.94
N VAL A 113 -12.52 -15.28 14.71
CA VAL A 113 -11.92 -16.53 14.25
C VAL A 113 -10.40 -16.40 14.18
N ALA A 114 -9.85 -15.29 13.69
CA ALA A 114 -8.42 -15.17 13.48
C ALA A 114 -7.65 -15.27 14.81
N GLU A 115 -8.11 -14.58 15.85
CA GLU A 115 -7.50 -14.68 17.18
C GLU A 115 -7.74 -16.07 17.76
N LEU A 116 -8.93 -16.63 17.57
CA LEU A 116 -9.28 -17.96 18.09
C LEU A 116 -8.33 -19.01 17.54
N LEU A 117 -8.04 -18.96 16.24
CA LEU A 117 -7.02 -19.82 15.65
C LEU A 117 -5.65 -19.59 16.29
N GLY A 118 -5.29 -18.33 16.51
CA GLY A 118 -4.03 -17.96 17.15
C GLY A 118 -3.83 -18.63 18.51
N LYS A 119 -4.92 -18.83 19.28
CA LYS A 119 -4.81 -19.41 20.62
C LYS A 119 -4.49 -20.92 20.64
N TYR A 120 -4.49 -21.62 19.50
CA TYR A 120 -4.40 -23.08 19.47
C TYR A 120 -3.37 -23.58 18.45
N SER A 121 -2.30 -24.22 18.93
CA SER A 121 -1.34 -24.94 18.09
C SER A 121 -2.01 -26.15 17.39
N SER A 122 -3.04 -26.72 18.03
CA SER A 122 -3.92 -27.77 17.48
C SER A 122 -4.81 -27.25 16.35
N GLY A 123 -4.79 -25.95 16.06
CA GLY A 123 -5.77 -25.35 15.18
C GLY A 123 -7.13 -25.50 15.85
N LEU A 124 -8.21 -25.39 15.08
CA LEU A 124 -9.54 -25.73 15.56
C LEU A 124 -10.12 -26.66 14.51
N TRP A 125 -10.69 -27.77 14.96
CA TRP A 125 -11.36 -28.72 14.09
C TRP A 125 -12.75 -28.17 13.73
N ALA A 126 -13.39 -28.68 12.68
CA ALA A 126 -14.62 -28.12 12.12
C ALA A 126 -15.72 -27.88 13.16
N SER A 127 -15.88 -28.81 14.10
CA SER A 127 -16.87 -28.70 15.19
C SER A 127 -16.31 -27.90 16.37
N ALA A 128 -15.01 -28.08 16.65
CA ALA A 128 -14.34 -27.38 17.74
C ALA A 128 -14.29 -25.86 17.49
N LEU A 129 -14.29 -25.41 16.24
CA LEU A 129 -14.27 -23.97 15.93
C LEU A 129 -15.53 -23.31 16.50
N PRO A 130 -16.78 -23.67 16.15
CA PRO A 130 -18.00 -23.23 16.82
C PRO A 130 -17.94 -23.36 18.34
N LYS A 131 -17.53 -24.52 18.87
CA LYS A 131 -17.52 -24.70 20.33
C LYS A 131 -16.60 -23.67 20.99
N ALA A 132 -15.39 -23.50 20.48
CA ALA A 132 -14.41 -22.59 21.04
C ALA A 132 -14.82 -21.13 20.83
N PHE A 133 -15.51 -20.83 19.72
CA PHE A 133 -16.05 -19.52 19.41
C PHE A 133 -16.95 -19.07 20.59
N GLU A 134 -17.93 -19.91 20.90
CA GLU A 134 -18.96 -19.59 21.88
C GLU A 134 -18.34 -19.64 23.29
N ASP A 135 -17.46 -20.61 23.54
CA ASP A 135 -16.82 -20.80 24.84
C ASP A 135 -15.87 -19.67 25.19
N MET A 136 -15.15 -19.10 24.21
CA MET A 136 -14.13 -18.13 24.51
C MET A 136 -14.74 -16.74 24.65
N TYR A 137 -15.55 -16.30 23.68
CA TYR A 137 -16.02 -14.92 23.68
C TYR A 137 -17.30 -14.74 24.51
N LYS A 138 -17.86 -15.83 25.06
CA LYS A 138 -19.09 -15.84 25.88
C LYS A 138 -20.26 -15.31 25.06
N VAL A 139 -20.50 -15.99 23.94
CA VAL A 139 -21.44 -15.58 22.90
C VAL A 139 -22.19 -16.82 22.41
N LYS A 140 -23.44 -16.65 22.01
CA LYS A 140 -24.22 -17.66 21.31
C LYS A 140 -24.68 -16.87 20.09
N PHE A 141 -23.92 -16.97 19.00
CA PHE A 141 -24.09 -16.10 17.84
C PHE A 141 -24.46 -16.88 16.58
N PRO A 142 -24.99 -16.21 15.51
CA PRO A 142 -25.58 -16.87 14.37
C PRO A 142 -24.70 -17.95 13.78
N GLU A 143 -25.28 -19.09 13.42
CA GLU A 143 -24.53 -20.17 12.78
C GLU A 143 -23.96 -19.71 11.44
N ASP A 144 -24.49 -18.66 10.81
CA ASP A 144 -23.87 -18.03 9.64
C ASP A 144 -22.43 -17.58 9.93
N ALA A 145 -22.17 -17.08 11.15
CA ALA A 145 -20.82 -16.73 11.57
C ALA A 145 -20.00 -17.99 11.87
N LEU A 146 -20.60 -19.00 12.51
CA LEU A 146 -19.84 -20.15 13.03
C LEU A 146 -19.52 -21.16 11.93
N LYS A 147 -20.38 -21.28 10.92
CA LYS A 147 -20.36 -22.34 9.92
C LYS A 147 -20.14 -21.88 8.48
N ASN A 148 -19.99 -20.58 8.20
CA ASN A 148 -19.62 -20.15 6.84
C ASN A 148 -18.11 -20.34 6.70
N LEU A 149 -17.70 -21.59 6.49
CA LEU A 149 -16.29 -21.97 6.53
C LEU A 149 -15.45 -21.10 5.59
N ALA A 150 -15.98 -20.62 4.47
CA ALA A 150 -15.19 -19.86 3.49
C ALA A 150 -14.59 -18.57 4.05
N SER A 151 -15.30 -17.82 4.90
CA SER A 151 -14.72 -16.62 5.52
C SER A 151 -13.70 -17.02 6.59
N LEU A 152 -13.94 -18.17 7.24
CA LEU A 152 -12.93 -18.73 8.11
C LEU A 152 -11.71 -19.07 7.23
N SER A 153 -11.87 -19.61 6.01
CA SER A 153 -10.77 -19.81 5.07
C SER A 153 -10.11 -18.51 4.63
N ASP A 154 -10.83 -17.37 4.64
CA ASP A 154 -10.24 -16.08 4.32
C ASP A 154 -9.21 -15.69 5.39
N VAL A 155 -9.42 -16.10 6.65
CA VAL A 155 -8.45 -15.81 7.73
C VAL A 155 -7.71 -17.03 8.29
N CYS A 156 -7.92 -18.23 7.77
CA CYS A 156 -7.37 -19.49 8.28
C CYS A 156 -7.04 -20.42 7.11
N THR A 157 -6.08 -21.33 7.30
CA THR A 157 -5.88 -22.41 6.36
C THR A 157 -7.00 -23.39 6.68
N ILE A 158 -7.66 -23.98 5.68
CA ILE A 158 -8.58 -25.09 5.90
C ILE A 158 -8.00 -26.24 5.10
N ASN A 159 -8.02 -27.40 5.74
CA ASN A 159 -7.44 -28.65 5.27
C ASN A 159 -8.36 -29.75 5.80
N TYR A 160 -8.31 -30.94 5.22
CA TYR A 160 -9.30 -32.00 5.47
C TYR A 160 -8.61 -33.26 5.96
N ILE A 161 -9.41 -34.11 6.60
CA ILE A 161 -8.99 -35.37 7.18
C ILE A 161 -10.10 -36.38 6.84
N SER A 162 -9.81 -37.68 6.99
CA SER A 162 -10.69 -38.82 6.68
C SER A 162 -10.98 -38.98 5.17
N GLY A 163 -10.75 -37.95 4.35
CA GLY A 163 -10.80 -38.00 2.90
C GLY A 163 -10.89 -36.58 2.35
N ASN A 164 -10.97 -36.46 1.02
CA ASN A 164 -11.15 -35.18 0.33
C ASN A 164 -12.47 -34.55 0.80
N THR A 165 -12.39 -33.41 1.50
CA THR A 165 -13.53 -32.66 2.01
C THR A 165 -14.52 -33.57 2.77
N GLN A 166 -14.02 -34.40 3.71
CA GLN A 166 -14.88 -35.30 4.50
C GLN A 166 -14.98 -34.80 5.94
N LYS A 167 -13.85 -34.51 6.56
CA LYS A 167 -13.73 -33.82 7.85
C LYS A 167 -12.81 -32.64 7.57
N ALA A 168 -12.90 -31.54 8.31
CA ALA A 168 -12.10 -30.34 8.08
C ALA A 168 -11.43 -29.92 9.38
N ILE A 169 -10.31 -29.22 9.23
CA ILE A 169 -9.45 -28.68 10.25
C ILE A 169 -9.22 -27.23 9.81
N LEU A 170 -8.90 -26.35 10.75
CA LEU A 170 -8.50 -24.99 10.46
C LEU A 170 -7.16 -24.77 11.18
N TYR A 171 -6.24 -24.05 10.55
CA TYR A 171 -4.99 -23.58 11.16
C TYR A 171 -4.89 -22.06 10.95
N ALA A 172 -4.09 -21.36 11.74
CA ALA A 172 -3.95 -19.91 11.59
C ALA A 172 -3.25 -19.57 10.26
N LYS A 173 -3.72 -18.51 9.59
CA LYS A 173 -3.04 -17.90 8.42
C LYS A 173 -2.55 -16.49 8.78
N LEU A 174 -3.02 -15.95 9.91
CA LEU A 174 -2.63 -14.67 10.51
C LEU A 174 -2.41 -13.52 9.49
N PRO A 175 -3.42 -13.19 8.68
CA PRO A 175 -3.38 -11.99 7.84
C PRO A 175 -3.49 -10.72 8.71
N LEU A 176 -3.31 -9.54 8.11
CA LEU A 176 -3.38 -8.25 8.80
C LEU A 176 -3.80 -7.13 7.83
N PRO A 177 -4.57 -6.11 8.26
CA PRO A 177 -4.89 -4.93 7.44
C PRO A 177 -3.71 -4.00 7.16
N THR A 178 -2.62 -4.19 7.88
CA THR A 178 -1.32 -3.59 7.68
C THR A 178 -1.25 -2.13 8.18
N ASP A 179 -2.33 -1.36 8.02
CA ASP A 179 -2.42 0.06 8.37
C ASP A 179 -3.36 0.30 9.57
N LYS A 180 -3.94 -0.78 10.11
CA LYS A 180 -4.81 -0.82 11.27
C LYS A 180 -4.45 -2.08 12.05
N GLY A 1 38.82 14.61 -50.91
CA GLY A 1 37.58 14.47 -51.72
C GLY A 1 36.67 15.68 -51.58
N HIS A 2 36.10 16.17 -52.69
CA HIS A 2 35.33 17.42 -52.74
C HIS A 2 34.12 17.41 -51.80
N MET A 3 33.52 16.24 -51.55
CA MET A 3 32.35 16.15 -50.66
C MET A 3 32.66 16.53 -49.22
N ASP A 4 33.93 16.67 -48.82
CA ASP A 4 34.31 17.24 -47.52
C ASP A 4 33.94 18.73 -47.48
N GLU A 5 34.15 19.46 -48.57
CA GLU A 5 33.76 20.86 -48.65
C GLU A 5 32.23 20.96 -48.73
N VAL A 6 31.58 20.02 -49.43
CA VAL A 6 30.13 20.02 -49.58
C VAL A 6 29.48 19.82 -48.22
N GLN A 7 29.82 18.73 -47.53
CA GLN A 7 29.19 18.42 -46.25
C GLN A 7 29.39 19.59 -45.28
N ASN A 8 30.61 20.13 -45.20
CA ASN A 8 30.86 21.18 -44.21
C ASN A 8 30.14 22.48 -44.56
N ARG A 9 29.87 22.79 -45.84
CA ARG A 9 29.10 24.00 -46.13
C ARG A 9 27.64 23.79 -45.80
N ILE A 10 27.09 22.58 -45.91
CA ILE A 10 25.71 22.39 -45.50
C ILE A 10 25.57 22.59 -43.99
N LYS A 11 26.45 22.04 -43.14
CA LYS A 11 26.32 22.36 -41.71
C LYS A 11 26.53 23.85 -41.48
N GLU A 12 27.40 24.53 -42.24
CA GLU A 12 27.62 25.96 -42.09
C GLU A 12 26.32 26.73 -42.31
N ILE A 13 25.63 26.58 -43.45
CA ILE A 13 24.38 27.30 -43.66
C ILE A 13 23.38 26.92 -42.59
N LEU A 14 23.13 25.63 -42.38
CA LEU A 14 22.06 25.20 -41.50
C LEU A 14 22.31 25.66 -40.07
N ASP A 15 23.58 25.75 -39.63
CA ASP A 15 23.91 26.18 -38.28
C ASP A 15 23.87 27.70 -38.17
N LYS A 16 24.33 28.42 -39.20
CA LYS A 16 24.25 29.88 -39.24
C LYS A 16 22.80 30.31 -39.18
N HIS A 17 21.95 29.61 -39.93
CA HIS A 17 20.51 29.88 -39.96
C HIS A 17 19.81 29.30 -38.73
N ASN A 18 20.46 28.36 -38.05
CA ASN A 18 20.10 27.48 -36.94
C ASN A 18 18.75 26.78 -36.97
N ASN A 19 17.68 27.51 -37.27
CA ASN A 19 16.31 27.00 -37.38
C ASN A 19 16.12 25.98 -38.52
N GLY A 20 17.09 25.86 -39.44
CA GLY A 20 17.04 24.92 -40.57
C GLY A 20 16.55 25.60 -41.86
N ILE A 21 16.48 24.81 -42.94
CA ILE A 21 16.00 25.23 -44.27
C ILE A 21 15.07 24.13 -44.78
N TRP A 22 13.96 24.47 -45.44
CA TRP A 22 13.08 23.51 -46.12
C TRP A 22 13.84 22.82 -47.25
N ILE A 23 13.72 21.50 -47.40
CA ILE A 23 14.52 20.74 -48.37
C ILE A 23 14.23 21.23 -49.80
N SER A 24 12.99 21.63 -50.11
CA SER A 24 12.67 22.16 -51.44
C SER A 24 13.28 23.54 -51.69
N LYS A 25 13.53 24.35 -50.64
CA LYS A 25 14.20 25.65 -50.79
C LYS A 25 15.72 25.55 -50.66
N LEU A 26 16.25 24.51 -49.99
CA LEU A 26 17.68 24.22 -49.89
C LEU A 26 18.44 24.36 -51.22
N PRO A 27 18.01 23.78 -52.37
CA PRO A 27 18.77 23.90 -53.61
C PRO A 27 19.00 25.34 -54.04
N HIS A 28 18.00 26.22 -53.98
CA HIS A 28 18.22 27.62 -54.37
C HIS A 28 18.96 28.38 -53.27
N PHE A 29 18.78 27.99 -52.00
CA PHE A 29 19.56 28.58 -50.91
C PHE A 29 21.05 28.29 -51.10
N TYR A 30 21.36 27.05 -51.47
CA TYR A 30 22.70 26.58 -51.76
C TYR A 30 23.28 27.32 -52.96
N LYS A 31 22.52 27.39 -54.06
CA LYS A 31 22.92 28.14 -55.26
C LYS A 31 23.23 29.59 -54.92
N GLU A 32 22.42 30.24 -54.10
CA GLU A 32 22.65 31.64 -53.73
C GLU A 32 23.93 31.79 -52.93
N PHE A 33 24.18 30.87 -51.99
CA PHE A 33 25.25 31.05 -51.03
C PHE A 33 26.60 30.61 -51.61
N TYR A 34 26.65 29.47 -52.31
CA TYR A 34 27.89 28.83 -52.73
C TYR A 34 28.07 28.79 -54.25
N LYS A 35 27.12 29.39 -54.99
CA LYS A 35 27.21 29.66 -56.43
C LYS A 35 27.45 28.36 -57.21
N GLU A 36 26.75 27.29 -56.82
CA GLU A 36 26.87 25.98 -57.38
C GLU A 36 25.48 25.36 -57.45
N ASP A 37 25.21 24.65 -58.53
CA ASP A 37 23.94 23.97 -58.77
C ASP A 37 23.94 22.66 -57.99
N LEU A 38 23.17 22.61 -56.90
CA LEU A 38 23.02 21.42 -56.09
C LEU A 38 22.40 20.28 -56.91
N ASN A 39 23.11 19.14 -57.03
CA ASN A 39 22.57 17.94 -57.68
C ASN A 39 21.52 17.28 -56.77
N GLN A 40 20.53 16.58 -57.34
CA GLN A 40 19.50 15.91 -56.56
C GLN A 40 20.09 14.84 -55.60
N GLY A 41 21.20 14.22 -55.96
CA GLY A 41 21.83 13.17 -55.15
C GLY A 41 22.40 13.69 -53.83
N VAL A 42 22.72 14.99 -53.72
CA VAL A 42 23.26 15.51 -52.49
C VAL A 42 22.17 15.44 -51.41
N LEU A 43 20.89 15.53 -51.76
CA LEU A 43 19.78 15.27 -50.82
C LEU A 43 19.92 13.89 -50.17
N GLN A 44 20.37 12.87 -50.92
CA GLN A 44 20.58 11.55 -50.33
C GLN A 44 21.79 11.57 -49.39
N GLN A 45 22.85 12.33 -49.73
CA GLN A 45 23.94 12.56 -48.76
C GLN A 45 23.36 13.09 -47.44
N PHE A 46 22.42 14.04 -47.52
CA PHE A 46 21.91 14.72 -46.34
C PHE A 46 21.15 13.72 -45.45
N GLU A 47 20.38 12.82 -46.07
CA GLU A 47 19.67 11.77 -45.36
C GLU A 47 20.65 10.87 -44.60
N HIS A 48 21.82 10.53 -45.18
CA HIS A 48 22.75 9.62 -44.50
C HIS A 48 23.66 10.32 -43.49
N TRP A 49 23.97 11.61 -43.64
CA TRP A 49 24.97 12.30 -42.83
C TRP A 49 24.47 12.46 -41.37
N PRO A 50 25.10 11.81 -40.36
CA PRO A 50 24.71 12.02 -38.97
C PRO A 50 25.34 13.29 -38.36
N HIS A 51 26.42 13.81 -38.96
CA HIS A 51 27.23 14.89 -38.36
C HIS A 51 27.09 16.20 -39.12
N ILE A 52 26.16 16.30 -40.07
CA ILE A 52 26.00 17.50 -40.90
C ILE A 52 24.61 18.09 -40.68
N CYS A 53 23.58 17.25 -40.69
CA CYS A 53 22.20 17.72 -40.71
C CYS A 53 21.27 16.63 -40.20
N THR A 54 19.98 16.98 -40.10
CA THR A 54 18.91 16.05 -39.82
C THR A 54 17.76 16.40 -40.77
N VAL A 55 17.34 15.44 -41.59
CA VAL A 55 16.13 15.56 -42.38
C VAL A 55 14.97 15.37 -41.40
N GLU A 56 13.97 16.26 -41.46
CA GLU A 56 12.86 16.28 -40.53
C GLU A 56 11.57 16.34 -41.35
N LYS A 57 10.77 15.27 -41.27
CA LYS A 57 9.53 15.11 -42.03
C LYS A 57 8.41 14.72 -41.06
N PRO A 58 7.91 15.68 -40.25
CA PRO A 58 6.73 15.49 -39.41
C PRO A 58 5.56 14.84 -40.19
N CYS A 59 4.72 14.07 -39.48
CA CYS A 59 3.66 13.25 -40.07
C CYS A 59 2.52 14.07 -40.72
N GLY A 60 2.48 15.38 -40.49
CA GLY A 60 1.44 16.27 -41.02
C GLY A 60 1.54 16.53 -42.53
N GLY A 61 2.56 16.01 -43.22
CA GLY A 61 2.76 16.20 -44.65
C GLY A 61 3.85 15.26 -45.19
N GLY A 62 4.28 15.50 -46.42
CA GLY A 62 5.35 14.76 -47.09
C GLY A 62 5.83 15.52 -48.32
N GLN A 63 7.03 15.18 -48.80
CA GLN A 63 7.78 15.91 -49.85
C GLN A 63 7.85 17.42 -49.55
N ASP A 64 7.88 17.77 -48.26
CA ASP A 64 7.90 19.13 -47.72
C ASP A 64 8.42 18.92 -46.30
N SER A 65 9.75 18.99 -46.15
CA SER A 65 10.49 18.61 -44.95
C SER A 65 11.55 19.67 -44.66
N LEU A 66 12.19 19.61 -43.48
CA LEU A 66 13.25 20.54 -43.12
C LEU A 66 14.59 19.81 -43.07
N LEU A 67 15.64 20.60 -43.12
CA LEU A 67 17.01 20.22 -42.88
C LEU A 67 17.41 21.05 -41.69
N TYR A 68 17.51 20.43 -40.53
CA TYR A 68 18.08 21.06 -39.36
C TYR A 68 19.60 20.84 -39.40
N PRO A 69 20.40 21.69 -38.75
CA PRO A 69 21.83 21.46 -38.56
C PRO A 69 22.09 20.22 -37.71
N ALA A 70 23.36 19.77 -37.71
CA ALA A 70 23.91 18.63 -36.96
C ALA A 70 23.67 18.54 -35.45
N ARG A 71 22.86 19.39 -34.81
CA ARG A 71 22.75 19.42 -33.34
C ARG A 71 22.22 18.11 -32.74
N ARG A 72 21.59 17.24 -33.53
CA ARG A 72 21.22 15.87 -33.12
C ARG A 72 22.44 14.98 -32.87
N GLU A 73 23.68 15.44 -33.11
CA GLU A 73 24.92 14.71 -32.82
C GLU A 73 25.03 14.28 -31.33
N GLN A 74 24.26 14.89 -30.44
CA GLN A 74 24.11 14.54 -29.03
C GLN A 74 22.61 14.67 -28.67
N PRO A 75 22.11 13.99 -27.62
CA PRO A 75 20.75 14.19 -27.14
C PRO A 75 20.59 15.63 -26.63
N LEU A 76 19.44 16.24 -26.93
CA LEU A 76 19.14 17.62 -26.54
C LEU A 76 18.93 17.67 -25.02
N LYS A 77 19.89 18.29 -24.32
CA LYS A 77 19.71 18.60 -22.90
C LYS A 77 18.74 19.77 -22.78
N SER A 78 17.98 19.85 -21.68
CA SER A 78 16.96 20.86 -21.48
C SER A 78 16.94 21.29 -20.01
N ASP A 79 17.10 22.59 -19.76
CA ASP A 79 16.90 23.17 -18.42
C ASP A 79 15.40 23.17 -18.06
N GLN A 80 14.52 23.14 -19.07
CA GLN A 80 13.07 23.16 -18.96
C GLN A 80 12.48 21.82 -18.47
N ASP A 81 13.33 20.87 -18.08
CA ASP A 81 12.95 19.50 -17.75
C ASP A 81 11.78 19.33 -16.77
N PRO A 82 11.63 20.15 -15.71
CA PRO A 82 10.50 20.11 -14.78
C PRO A 82 9.10 20.20 -15.40
N GLU A 83 8.97 20.58 -16.68
CA GLU A 83 7.68 20.60 -17.38
C GLU A 83 7.70 19.73 -18.66
N LYS A 84 8.83 19.11 -18.98
CA LYS A 84 8.98 18.33 -20.22
C LYS A 84 8.61 16.88 -19.92
N GLU A 85 9.36 16.24 -19.03
CA GLU A 85 9.02 14.93 -18.49
C GLU A 85 8.01 15.04 -17.34
N LEU A 86 7.89 16.22 -16.72
CA LEU A 86 6.98 16.54 -15.60
C LEU A 86 6.71 15.35 -14.64
N PRO A 87 7.74 14.78 -14.00
CA PRO A 87 7.57 13.66 -13.08
C PRO A 87 6.70 14.06 -11.88
N PRO A 88 5.98 13.10 -11.25
CA PRO A 88 5.06 13.40 -10.17
C PRO A 88 5.79 13.88 -8.91
N PRO A 89 5.14 14.71 -8.06
CA PRO A 89 5.70 15.16 -6.80
C PRO A 89 5.72 14.03 -5.75
N PRO A 90 6.48 14.18 -4.65
CA PRO A 90 6.41 13.27 -3.51
C PRO A 90 5.03 13.38 -2.81
N PRO A 91 4.65 12.41 -1.96
CA PRO A 91 3.39 12.47 -1.21
C PRO A 91 3.39 13.64 -0.21
N ALA A 92 4.56 14.01 0.31
CA ALA A 92 4.81 15.21 1.09
C ALA A 92 6.29 15.57 0.87
N PRO A 93 6.66 16.87 0.79
CA PRO A 93 8.03 17.26 0.46
C PRO A 93 9.05 16.89 1.54
N LYS A 94 8.63 16.72 2.80
CA LYS A 94 9.49 16.23 3.88
C LYS A 94 9.85 14.75 3.70
N GLN A 95 9.09 14.01 2.88
CA GLN A 95 9.22 12.57 2.67
C GLN A 95 9.17 11.80 4.00
N GLU A 96 8.33 12.27 4.95
CA GLU A 96 8.21 11.68 6.29
C GLU A 96 7.25 10.47 6.32
N VAL A 97 6.56 10.20 5.21
CA VAL A 97 5.56 9.14 5.12
C VAL A 97 6.26 7.77 5.33
N PRO A 98 5.76 6.91 6.25
CA PRO A 98 6.38 5.62 6.59
C PRO A 98 6.01 4.53 5.55
N SER A 99 6.09 4.86 4.25
CA SER A 99 5.58 4.04 3.15
C SER A 99 4.10 3.66 3.41
N GLN A 100 3.64 2.48 2.99
CA GLN A 100 2.30 1.97 3.23
C GLN A 100 2.42 0.49 3.65
N GLY A 101 1.50 0.03 4.51
CA GLY A 101 1.50 -1.31 5.07
C GLY A 101 0.37 -1.49 6.09
N SER A 102 -0.80 -0.91 5.80
CA SER A 102 -1.93 -0.81 6.73
C SER A 102 -2.50 -2.19 7.09
N PRO A 103 -3.23 -2.32 8.22
CA PRO A 103 -3.99 -3.51 8.56
C PRO A 103 -4.89 -4.00 7.41
N ALA A 104 -5.06 -5.32 7.35
CA ALA A 104 -6.04 -5.96 6.49
C ALA A 104 -7.45 -5.67 7.00
N VAL A 105 -8.44 -5.88 6.14
CA VAL A 105 -9.85 -5.83 6.52
C VAL A 105 -10.12 -6.98 7.50
N MET A 106 -10.29 -6.65 8.79
CA MET A 106 -10.41 -7.59 9.90
C MET A 106 -11.59 -7.18 10.80
N PRO A 107 -12.84 -7.31 10.32
CA PRO A 107 -14.02 -7.03 11.14
C PRO A 107 -14.18 -8.06 12.27
N ASP A 108 -15.14 -7.82 13.16
CA ASP A 108 -15.35 -8.55 14.42
C ASP A 108 -15.32 -10.07 14.29
N VAL A 109 -16.06 -10.65 13.33
CA VAL A 109 -16.07 -12.11 13.18
C VAL A 109 -14.70 -12.60 12.68
N LYS A 110 -14.03 -11.85 11.80
CA LYS A 110 -12.70 -12.23 11.32
C LYS A 110 -11.75 -12.24 12.52
N GLU A 111 -11.77 -11.19 13.33
CA GLU A 111 -10.94 -11.08 14.52
C GLU A 111 -11.19 -12.24 15.49
N LYS A 112 -12.46 -12.62 15.72
CA LYS A 112 -12.79 -13.75 16.59
C LYS A 112 -12.10 -15.01 16.11
N VAL A 113 -12.29 -15.36 14.83
CA VAL A 113 -11.64 -16.53 14.27
C VAL A 113 -10.12 -16.41 14.41
N ALA A 114 -9.54 -15.29 14.00
CA ALA A 114 -8.10 -15.16 13.88
C ALA A 114 -7.41 -15.30 15.25
N GLU A 115 -7.93 -14.62 16.27
CA GLU A 115 -7.36 -14.69 17.61
C GLU A 115 -7.58 -16.09 18.20
N LEU A 116 -8.77 -16.67 18.00
CA LEU A 116 -9.06 -18.03 18.43
C LEU A 116 -8.08 -19.04 17.82
N LEU A 117 -7.76 -18.90 16.54
CA LEU A 117 -6.74 -19.73 15.91
C LEU A 117 -5.37 -19.49 16.56
N GLY A 118 -5.02 -18.24 16.87
CA GLY A 118 -3.80 -17.90 17.58
C GLY A 118 -3.64 -18.65 18.90
N LYS A 119 -4.73 -18.91 19.63
CA LYS A 119 -4.69 -19.66 20.90
C LYS A 119 -4.32 -21.14 20.73
N TYR A 120 -4.37 -21.74 19.53
CA TYR A 120 -4.26 -23.19 19.37
C TYR A 120 -3.31 -23.61 18.25
N SER A 121 -2.13 -24.11 18.62
CA SER A 121 -1.20 -24.77 17.70
C SER A 121 -1.81 -26.04 17.09
N SER A 122 -2.76 -26.68 17.81
CA SER A 122 -3.58 -27.80 17.36
C SER A 122 -4.56 -27.41 16.25
N GLY A 123 -4.65 -26.12 15.88
CA GLY A 123 -5.70 -25.64 15.02
C GLY A 123 -7.01 -25.71 15.79
N LEU A 124 -8.10 -25.43 15.10
CA LEU A 124 -9.43 -25.69 15.63
C LEU A 124 -10.03 -26.64 14.62
N TRP A 125 -10.52 -27.78 15.10
CA TRP A 125 -11.15 -28.78 14.26
C TRP A 125 -12.55 -28.29 13.89
N ALA A 126 -13.15 -28.86 12.85
CA ALA A 126 -14.41 -28.35 12.28
C ALA A 126 -15.50 -28.09 13.32
N SER A 127 -15.66 -29.00 14.27
CA SER A 127 -16.64 -28.89 15.35
C SER A 127 -16.10 -28.02 16.50
N ALA A 128 -14.80 -28.14 16.78
CA ALA A 128 -14.14 -27.41 17.86
C ALA A 128 -14.12 -25.90 17.58
N LEU A 129 -14.09 -25.45 16.31
CA LEU A 129 -14.14 -24.03 15.98
C LEU A 129 -15.41 -23.41 16.57
N PRO A 130 -16.65 -23.83 16.21
CA PRO A 130 -17.87 -23.41 16.91
C PRO A 130 -17.81 -23.51 18.44
N LYS A 131 -17.39 -24.67 18.99
CA LYS A 131 -17.40 -24.84 20.45
C LYS A 131 -16.49 -23.81 21.12
N ALA A 132 -15.28 -23.62 20.60
CA ALA A 132 -14.32 -22.68 21.16
C ALA A 132 -14.76 -21.24 20.95
N PHE A 133 -15.41 -20.94 19.82
CA PHE A 133 -16.00 -19.63 19.52
C PHE A 133 -16.93 -19.25 20.66
N GLU A 134 -17.91 -20.10 20.93
CA GLU A 134 -19.01 -19.84 21.84
C GLU A 134 -18.47 -19.75 23.27
N ASP A 135 -17.54 -20.64 23.62
CA ASP A 135 -16.94 -20.69 24.95
C ASP A 135 -16.07 -19.47 25.22
N MET A 136 -15.27 -19.02 24.24
CA MET A 136 -14.26 -18.00 24.48
C MET A 136 -14.91 -16.63 24.53
N TYR A 137 -15.73 -16.31 23.54
CA TYR A 137 -16.30 -14.98 23.40
C TYR A 137 -17.63 -14.84 24.15
N LYS A 138 -18.13 -15.95 24.72
CA LYS A 138 -19.40 -16.03 25.44
C LYS A 138 -20.54 -15.40 24.64
N VAL A 139 -20.76 -15.93 23.42
CA VAL A 139 -21.78 -15.43 22.50
C VAL A 139 -22.43 -16.59 21.77
N LYS A 140 -23.75 -16.56 21.63
CA LYS A 140 -24.48 -17.47 20.76
C LYS A 140 -24.48 -16.82 19.38
N PHE A 141 -23.52 -17.22 18.55
CA PHE A 141 -23.22 -16.60 17.26
C PHE A 141 -24.40 -16.68 16.28
N PRO A 142 -24.50 -15.74 15.32
CA PRO A 142 -25.40 -15.88 14.20
C PRO A 142 -24.84 -17.04 13.37
N GLU A 143 -25.67 -17.96 12.89
CA GLU A 143 -25.12 -19.19 12.30
C GLU A 143 -24.31 -18.92 11.04
N ASP A 144 -24.60 -17.85 10.30
CA ASP A 144 -23.82 -17.42 9.13
C ASP A 144 -22.34 -17.22 9.50
N ALA A 145 -22.05 -16.80 10.73
CA ALA A 145 -20.69 -16.57 11.20
C ALA A 145 -19.95 -17.88 11.48
N LEU A 146 -20.64 -18.93 11.97
CA LEU A 146 -19.99 -20.20 12.37
C LEU A 146 -20.18 -21.38 11.42
N LYS A 147 -21.21 -21.39 10.54
CA LYS A 147 -21.47 -22.50 9.61
C LYS A 147 -20.93 -22.24 8.21
N ASN A 148 -20.63 -20.99 7.85
CA ASN A 148 -20.14 -20.68 6.50
C ASN A 148 -18.64 -20.91 6.47
N LEU A 149 -18.23 -22.16 6.21
CA LEU A 149 -16.84 -22.60 6.24
C LEU A 149 -15.93 -21.64 5.46
N ALA A 150 -16.42 -21.10 4.34
CA ALA A 150 -15.68 -20.19 3.48
C ALA A 150 -15.19 -18.91 4.16
N SER A 151 -16.00 -18.29 5.04
CA SER A 151 -15.55 -17.11 5.79
C SER A 151 -14.38 -17.52 6.68
N LEU A 152 -14.49 -18.70 7.30
CA LEU A 152 -13.41 -19.24 8.11
C LEU A 152 -12.20 -19.52 7.22
N SER A 153 -12.39 -20.00 5.98
CA SER A 153 -11.30 -20.15 5.00
C SER A 153 -10.67 -18.80 4.60
N ASP A 154 -11.37 -17.68 4.71
CA ASP A 154 -10.75 -16.37 4.47
C ASP A 154 -9.77 -16.06 5.59
N VAL A 155 -10.14 -16.35 6.85
CA VAL A 155 -9.26 -16.08 7.99
C VAL A 155 -8.25 -17.21 8.31
N CYS A 156 -8.39 -18.40 7.71
CA CYS A 156 -7.63 -19.58 8.12
C CYS A 156 -7.29 -20.48 6.93
N THR A 157 -6.25 -21.28 7.09
CA THR A 157 -5.96 -22.37 6.18
C THR A 157 -6.99 -23.40 6.60
N ILE A 158 -7.75 -23.94 5.64
CA ILE A 158 -8.64 -25.07 5.91
C ILE A 158 -8.13 -26.21 5.06
N ASN A 159 -8.00 -27.35 5.73
CA ASN A 159 -7.46 -28.60 5.23
C ASN A 159 -8.33 -29.68 5.85
N TYR A 160 -8.36 -30.87 5.27
CA TYR A 160 -9.32 -31.91 5.60
C TYR A 160 -8.61 -33.20 5.97
N ILE A 161 -9.35 -34.08 6.64
CA ILE A 161 -8.88 -35.39 7.09
C ILE A 161 -10.02 -36.38 6.81
N SER A 162 -9.74 -37.69 6.92
CA SER A 162 -10.70 -38.78 6.74
C SER A 162 -11.32 -38.86 5.34
N GLY A 163 -10.79 -38.12 4.37
CA GLY A 163 -11.21 -38.07 2.98
C GLY A 163 -10.61 -36.84 2.32
N ASN A 164 -10.85 -36.66 1.01
CA ASN A 164 -10.45 -35.44 0.30
C ASN A 164 -11.19 -34.22 0.88
N THR A 165 -12.46 -34.41 1.21
CA THR A 165 -13.32 -33.47 1.94
C THR A 165 -14.28 -34.34 2.77
N GLN A 166 -14.10 -34.43 4.09
CA GLN A 166 -14.98 -35.24 4.95
C GLN A 166 -14.98 -34.67 6.37
N LYS A 167 -13.78 -34.53 6.95
CA LYS A 167 -13.54 -33.84 8.22
C LYS A 167 -12.69 -32.63 7.85
N ALA A 168 -12.74 -31.50 8.59
CA ALA A 168 -12.01 -30.28 8.29
C ALA A 168 -11.29 -29.81 9.54
N ILE A 169 -10.25 -29.01 9.32
CA ILE A 169 -9.29 -28.52 10.29
C ILE A 169 -9.05 -27.08 9.87
N LEU A 170 -8.79 -26.19 10.82
CA LEU A 170 -8.44 -24.81 10.56
C LEU A 170 -7.08 -24.56 11.22
N TYR A 171 -6.20 -23.81 10.54
CA TYR A 171 -4.94 -23.30 11.08
C TYR A 171 -4.86 -21.81 10.78
N ALA A 172 -4.06 -21.07 11.56
CA ALA A 172 -3.89 -19.63 11.38
C ALA A 172 -3.30 -19.33 9.99
N LYS A 173 -3.71 -18.20 9.40
CA LYS A 173 -3.27 -17.77 8.06
C LYS A 173 -2.65 -16.37 8.05
N LEU A 174 -2.56 -15.73 9.22
CA LEU A 174 -2.01 -14.39 9.46
C LEU A 174 -2.39 -13.37 8.35
N PRO A 175 -3.70 -13.14 8.10
CA PRO A 175 -4.13 -12.11 7.15
C PRO A 175 -3.73 -10.70 7.59
N LEU A 176 -3.74 -10.44 8.91
CA LEU A 176 -3.27 -9.17 9.48
C LEU A 176 -1.75 -9.09 9.32
N PRO A 177 -1.18 -8.13 8.55
CA PRO A 177 0.25 -8.07 8.31
C PRO A 177 1.02 -7.33 9.39
N THR A 178 0.33 -6.50 10.19
CA THR A 178 0.97 -5.59 11.09
C THR A 178 1.55 -6.37 12.28
N ASP A 179 2.82 -6.12 12.60
CA ASP A 179 3.58 -6.84 13.63
C ASP A 179 4.48 -5.91 14.47
N LYS A 180 4.73 -4.69 13.99
CA LYS A 180 5.53 -3.65 14.63
C LYS A 180 4.83 -2.32 14.38
N GLY A 1 37.49 10.14 13.27
CA GLY A 1 38.39 9.68 12.19
C GLY A 1 39.29 10.81 11.68
N HIS A 2 40.60 10.57 11.61
CA HIS A 2 41.62 11.58 11.27
C HIS A 2 41.42 12.17 9.88
N MET A 3 40.75 11.47 8.96
CA MET A 3 40.51 11.95 7.60
C MET A 3 39.61 13.19 7.59
N ASP A 4 38.84 13.46 8.64
CA ASP A 4 38.13 14.73 8.81
C ASP A 4 39.12 15.90 8.87
N GLU A 5 40.24 15.71 9.55
CA GLU A 5 41.27 16.73 9.64
C GLU A 5 42.00 16.88 8.30
N VAL A 6 42.16 15.79 7.54
CA VAL A 6 42.88 15.82 6.27
C VAL A 6 42.05 16.66 5.28
N GLN A 7 40.80 16.28 5.05
CA GLN A 7 39.94 16.99 4.13
C GLN A 7 39.81 18.46 4.55
N ASN A 8 39.60 18.74 5.83
CA ASN A 8 39.42 20.13 6.25
C ASN A 8 40.71 20.95 6.07
N ARG A 9 41.93 20.36 6.18
CA ARG A 9 43.14 21.16 5.94
C ARG A 9 43.35 21.42 4.47
N ILE A 10 42.84 20.57 3.58
CA ILE A 10 42.90 20.89 2.15
C ILE A 10 41.98 22.06 1.80
N LYS A 11 40.74 22.13 2.29
CA LYS A 11 39.98 23.37 2.07
C LYS A 11 40.66 24.55 2.75
N GLU A 12 41.38 24.35 3.86
CA GLU A 12 42.11 25.43 4.51
C GLU A 12 43.20 25.99 3.58
N ILE A 13 44.09 25.18 2.97
CA ILE A 13 45.06 25.74 2.04
C ILE A 13 44.31 26.40 0.88
N LEU A 14 43.37 25.67 0.28
CA LEU A 14 42.73 26.13 -0.93
C LEU A 14 41.94 27.41 -0.72
N ASP A 15 41.47 27.70 0.51
CA ASP A 15 40.72 28.92 0.77
C ASP A 15 41.62 30.03 1.33
N LYS A 16 42.71 29.70 2.04
CA LYS A 16 43.72 30.69 2.41
C LYS A 16 44.47 31.17 1.16
N HIS A 17 44.44 30.37 0.09
CA HIS A 17 44.99 30.63 -1.22
C HIS A 17 43.81 30.57 -2.21
N ASN A 18 42.74 31.31 -1.91
CA ASN A 18 41.42 31.24 -2.56
C ASN A 18 41.44 31.18 -4.09
N ASN A 19 42.40 31.88 -4.72
CA ASN A 19 42.55 31.85 -6.19
C ASN A 19 42.85 30.46 -6.76
N GLY A 20 43.25 29.49 -5.92
CA GLY A 20 43.44 28.09 -6.25
C GLY A 20 44.91 27.68 -6.28
N ILE A 21 45.16 26.37 -6.42
CA ILE A 21 46.48 25.75 -6.41
C ILE A 21 46.49 24.67 -7.52
N TRP A 22 47.51 24.62 -8.37
CA TRP A 22 47.66 23.55 -9.38
C TRP A 22 47.81 22.19 -8.69
N ILE A 23 47.22 21.10 -9.23
CA ILE A 23 47.35 19.78 -8.60
C ILE A 23 48.83 19.39 -8.51
N SER A 24 49.65 19.73 -9.50
CA SER A 24 51.08 19.45 -9.46
C SER A 24 51.82 20.22 -8.36
N LYS A 25 51.31 21.39 -7.93
CA LYS A 25 51.95 22.18 -6.88
C LYS A 25 51.26 22.04 -5.52
N LEU A 26 50.07 21.48 -5.44
CA LEU A 26 49.39 21.08 -4.19
C LEU A 26 50.32 20.29 -3.26
N PRO A 27 51.06 19.24 -3.69
CA PRO A 27 52.00 18.53 -2.80
C PRO A 27 53.07 19.45 -2.22
N HIS A 28 53.63 20.37 -3.02
CA HIS A 28 54.57 21.39 -2.52
C HIS A 28 53.88 22.23 -1.46
N PHE A 29 52.66 22.70 -1.76
CA PHE A 29 51.95 23.60 -0.89
C PHE A 29 51.57 22.91 0.43
N TYR A 30 51.23 21.62 0.37
CA TYR A 30 50.94 20.82 1.53
C TYR A 30 52.20 20.64 2.38
N LYS A 31 53.32 20.26 1.76
CA LYS A 31 54.61 20.14 2.44
C LYS A 31 55.00 21.46 3.11
N GLU A 32 54.76 22.59 2.45
CA GLU A 32 55.10 23.91 2.91
C GLU A 32 54.24 24.30 4.13
N PHE A 33 52.96 23.93 4.16
CA PHE A 33 52.05 24.35 5.24
C PHE A 33 52.04 23.38 6.42
N TYR A 34 52.14 22.07 6.16
CA TYR A 34 51.91 21.03 7.19
C TYR A 34 53.14 20.14 7.44
N LYS A 35 54.23 20.38 6.71
CA LYS A 35 55.54 19.75 6.90
C LYS A 35 55.40 18.21 6.84
N GLU A 36 54.60 17.73 5.90
CA GLU A 36 54.30 16.33 5.67
C GLU A 36 54.27 16.10 4.16
N ASP A 37 54.68 14.91 3.75
CA ASP A 37 54.64 14.48 2.36
C ASP A 37 53.22 14.06 2.02
N LEU A 38 52.56 14.85 1.19
CA LEU A 38 51.23 14.53 0.65
C LEU A 38 51.31 13.18 -0.07
N ASN A 39 50.58 12.18 0.42
CA ASN A 39 50.49 10.87 -0.22
C ASN A 39 49.78 10.99 -1.57
N GLN A 40 50.11 10.18 -2.57
CA GLN A 40 49.47 10.25 -3.88
C GLN A 40 47.96 9.95 -3.81
N GLY A 41 47.49 9.19 -2.81
CA GLY A 41 46.08 8.84 -2.65
C GLY A 41 45.22 10.03 -2.23
N VAL A 42 45.80 11.08 -1.66
CA VAL A 42 45.01 12.25 -1.33
C VAL A 42 44.54 12.90 -2.65
N LEU A 43 45.28 12.76 -3.77
CA LEU A 43 44.82 13.22 -5.09
C LEU A 43 43.47 12.61 -5.50
N GLN A 44 43.25 11.31 -5.28
CA GLN A 44 41.94 10.74 -5.61
C GLN A 44 40.86 11.22 -4.62
N GLN A 45 41.24 11.49 -3.36
CA GLN A 45 40.33 12.16 -2.44
C GLN A 45 39.92 13.52 -3.02
N PHE A 46 40.86 14.29 -3.56
CA PHE A 46 40.58 15.63 -4.10
C PHE A 46 39.53 15.53 -5.22
N GLU A 47 39.69 14.53 -6.09
CA GLU A 47 38.78 14.31 -7.21
C GLU A 47 37.35 14.02 -6.72
N HIS A 48 37.18 13.21 -5.66
CA HIS A 48 35.84 12.84 -5.22
C HIS A 48 35.20 13.84 -4.26
N TRP A 49 35.96 14.67 -3.52
CA TRP A 49 35.43 15.50 -2.44
C TRP A 49 34.47 16.57 -2.99
N PRO A 50 33.16 16.52 -2.67
CA PRO A 50 32.23 17.56 -3.11
C PRO A 50 32.24 18.81 -2.21
N HIS A 51 32.75 18.69 -0.97
CA HIS A 51 32.62 19.75 0.05
C HIS A 51 33.98 20.34 0.45
N ILE A 52 35.07 19.98 -0.25
CA ILE A 52 36.41 20.47 0.08
C ILE A 52 36.93 21.33 -1.05
N CYS A 53 36.67 20.96 -2.30
CA CYS A 53 37.31 21.59 -3.43
C CYS A 53 36.54 21.36 -4.73
N THR A 54 37.03 21.99 -5.80
CA THR A 54 36.61 21.79 -7.18
C THR A 54 37.90 21.62 -7.99
N VAL A 55 37.85 20.90 -9.11
CA VAL A 55 39.01 20.64 -9.95
C VAL A 55 38.68 21.21 -11.33
N GLU A 56 39.27 22.35 -11.67
CA GLU A 56 39.13 22.99 -12.97
C GLU A 56 40.17 22.37 -13.89
N LYS A 57 39.70 21.58 -14.85
CA LYS A 57 40.50 21.06 -15.96
C LYS A 57 40.02 21.82 -17.22
N PRO A 58 40.45 23.08 -17.42
CA PRO A 58 39.92 23.95 -18.46
C PRO A 58 40.09 23.35 -19.86
N CYS A 59 39.26 23.83 -20.80
CA CYS A 59 39.10 23.30 -22.16
C CYS A 59 38.83 21.78 -22.21
N GLY A 60 38.41 21.17 -21.08
CA GLY A 60 38.23 19.74 -20.93
C GLY A 60 39.52 18.93 -21.13
N GLY A 61 40.70 19.56 -21.07
CA GLY A 61 41.94 18.90 -21.46
C GLY A 61 43.20 19.72 -21.17
N GLY A 62 43.19 20.57 -20.14
CA GLY A 62 44.41 21.23 -19.65
C GLY A 62 45.46 20.18 -19.24
N GLN A 63 46.74 20.54 -19.37
CA GLN A 63 47.85 19.61 -19.09
C GLN A 63 47.88 19.21 -17.60
N ASP A 64 47.36 20.08 -16.73
CA ASP A 64 47.11 19.83 -15.31
C ASP A 64 45.84 20.63 -14.96
N SER A 65 45.45 20.70 -13.69
CA SER A 65 44.17 21.24 -13.28
C SER A 65 44.36 22.14 -12.05
N LEU A 66 43.41 23.03 -11.74
CA LEU A 66 43.50 23.87 -10.57
C LEU A 66 42.48 23.41 -9.55
N LEU A 67 42.96 23.23 -8.34
CA LEU A 67 42.13 23.00 -7.18
C LEU A 67 41.67 24.36 -6.73
N TYR A 68 40.35 24.55 -6.73
CA TYR A 68 39.71 25.70 -6.11
C TYR A 68 39.09 25.22 -4.80
N PRO A 69 38.91 26.10 -3.80
CA PRO A 69 38.25 25.73 -2.55
C PRO A 69 36.76 25.39 -2.75
N ALA A 70 36.14 24.82 -1.71
CA ALA A 70 34.72 24.45 -1.65
C ALA A 70 33.69 25.57 -1.89
N ARG A 71 34.08 26.80 -2.27
CA ARG A 71 33.13 27.90 -2.45
C ARG A 71 32.11 27.63 -3.57
N ARG A 72 32.38 26.67 -4.45
CA ARG A 72 31.44 26.20 -5.48
C ARG A 72 30.40 25.20 -4.92
N GLU A 73 30.34 24.95 -3.62
CA GLU A 73 29.31 24.14 -2.97
C GLU A 73 27.91 24.55 -3.44
N GLN A 74 26.97 23.60 -3.47
CA GLN A 74 25.62 23.81 -4.01
C GLN A 74 24.58 23.63 -2.89
N PRO A 75 23.42 24.32 -2.97
CA PRO A 75 22.39 24.26 -1.91
C PRO A 75 21.87 22.84 -1.66
N LEU A 76 21.63 22.08 -2.74
CA LEU A 76 21.14 20.70 -2.71
C LEU A 76 21.33 20.05 -4.08
N LYS A 77 21.03 20.80 -5.17
CA LYS A 77 21.08 20.32 -6.56
C LYS A 77 20.26 19.02 -6.69
N SER A 78 19.00 19.09 -6.26
CA SER A 78 18.06 17.98 -6.22
C SER A 78 17.85 17.38 -7.61
N ASP A 79 17.39 16.13 -7.65
CA ASP A 79 16.92 15.46 -8.87
C ASP A 79 15.54 14.84 -8.60
N GLN A 80 14.78 15.48 -7.69
CA GLN A 80 13.52 15.00 -7.14
C GLN A 80 12.57 16.19 -6.91
N ASP A 81 12.85 17.34 -7.52
CA ASP A 81 12.15 18.59 -7.24
C ASP A 81 10.62 18.52 -7.43
N PRO A 82 10.08 17.88 -8.49
CA PRO A 82 8.63 17.63 -8.69
C PRO A 82 7.94 16.74 -7.65
N GLU A 83 8.53 16.56 -6.47
CA GLU A 83 8.03 15.77 -5.38
C GLU A 83 8.53 16.39 -4.08
N LYS A 84 9.79 16.83 -4.03
CA LYS A 84 10.47 17.47 -2.91
C LYS A 84 9.72 18.69 -2.38
N GLU A 85 8.89 19.33 -3.21
CA GLU A 85 7.94 20.37 -2.82
C GLU A 85 7.09 19.93 -1.62
N LEU A 86 6.84 18.62 -1.54
CA LEU A 86 6.04 17.90 -0.58
C LEU A 86 4.83 18.71 -0.07
N PRO A 87 3.87 19.05 -0.95
CA PRO A 87 2.67 19.79 -0.57
C PRO A 87 1.78 18.96 0.39
N PRO A 88 0.77 19.60 1.05
CA PRO A 88 -0.13 18.90 1.97
C PRO A 88 -0.80 17.63 1.42
N PRO A 89 -1.43 17.62 0.22
CA PRO A 89 -1.92 16.38 -0.37
C PRO A 89 -0.75 15.53 -0.90
N PRO A 90 -0.82 14.19 -0.85
CA PRO A 90 0.24 13.33 -1.39
C PRO A 90 0.27 13.43 -2.94
N PRO A 91 1.40 13.11 -3.58
CA PRO A 91 1.58 13.15 -5.03
C PRO A 91 0.92 11.94 -5.74
N ALA A 92 -0.16 11.38 -5.16
CA ALA A 92 -0.82 10.13 -5.51
C ALA A 92 0.17 9.04 -5.97
N PRO A 93 1.03 8.53 -5.06
CA PRO A 93 1.99 7.46 -5.36
C PRO A 93 1.33 6.22 -6.00
N LYS A 94 0.11 5.91 -5.57
CA LYS A 94 -0.77 4.88 -6.11
C LYS A 94 -2.20 5.45 -6.10
N GLN A 95 -3.13 4.80 -6.81
CA GLN A 95 -4.52 5.26 -6.87
C GLN A 95 -5.21 5.21 -5.50
N GLU A 96 -4.76 4.33 -4.61
CA GLU A 96 -5.19 4.21 -3.22
C GLU A 96 -3.99 3.62 -2.46
N VAL A 97 -3.92 3.83 -1.14
CA VAL A 97 -2.85 3.30 -0.30
C VAL A 97 -2.83 1.77 -0.45
N PRO A 98 -1.68 1.14 -0.77
CA PRO A 98 -1.59 -0.30 -0.95
C PRO A 98 -1.78 -1.02 0.38
N SER A 99 -2.26 -2.27 0.33
CA SER A 99 -2.68 -3.03 1.50
C SER A 99 -1.57 -3.25 2.53
N GLN A 100 -0.29 -3.22 2.11
CA GLN A 100 0.86 -3.33 3.01
C GLN A 100 0.97 -2.14 3.98
N GLY A 101 0.30 -1.02 3.72
CA GLY A 101 0.48 0.25 4.42
C GLY A 101 -0.64 0.55 5.43
N SER A 102 -1.60 -0.35 5.62
CA SER A 102 -2.76 -0.15 6.49
C SER A 102 -3.30 -1.49 7.01
N PRO A 103 -4.13 -1.50 8.08
CA PRO A 103 -4.86 -2.68 8.49
C PRO A 103 -5.67 -3.25 7.32
N ALA A 104 -5.65 -4.58 7.26
CA ALA A 104 -6.42 -5.37 6.32
C ALA A 104 -7.90 -5.32 6.71
N VAL A 105 -8.77 -5.69 5.77
CA VAL A 105 -10.18 -5.90 6.03
C VAL A 105 -10.31 -7.07 7.01
N MET A 106 -10.59 -6.76 8.29
CA MET A 106 -10.70 -7.73 9.39
C MET A 106 -11.97 -7.42 10.21
N PRO A 107 -13.18 -7.65 9.66
CA PRO A 107 -14.45 -7.56 10.40
C PRO A 107 -14.46 -8.36 11.71
N ASP A 108 -15.44 -8.08 12.58
CA ASP A 108 -15.56 -8.64 13.93
C ASP A 108 -15.42 -10.17 13.96
N VAL A 109 -16.20 -10.88 13.13
CA VAL A 109 -16.14 -12.35 13.11
C VAL A 109 -14.79 -12.83 12.56
N LYS A 110 -14.23 -12.13 11.58
CA LYS A 110 -12.93 -12.49 11.01
C LYS A 110 -11.85 -12.35 12.09
N GLU A 111 -11.89 -11.28 12.89
CA GLU A 111 -10.96 -11.10 13.99
C GLU A 111 -11.16 -12.18 15.06
N LYS A 112 -12.41 -12.49 15.45
CA LYS A 112 -12.69 -13.52 16.44
C LYS A 112 -12.07 -14.84 16.01
N VAL A 113 -12.32 -15.29 14.78
CA VAL A 113 -11.78 -16.56 14.35
C VAL A 113 -10.24 -16.47 14.23
N ALA A 114 -9.70 -15.36 13.73
CA ALA A 114 -8.25 -15.24 13.53
C ALA A 114 -7.51 -15.33 14.88
N GLU A 115 -8.03 -14.66 15.92
CA GLU A 115 -7.49 -14.71 17.28
C GLU A 115 -7.66 -16.12 17.85
N LEU A 116 -8.86 -16.68 17.75
CA LEU A 116 -9.18 -18.03 18.21
C LEU A 116 -8.19 -19.05 17.66
N LEU A 117 -7.90 -18.98 16.36
CA LEU A 117 -6.91 -19.84 15.74
C LEU A 117 -5.52 -19.62 16.32
N GLY A 118 -5.14 -18.38 16.58
CA GLY A 118 -3.87 -18.04 17.20
C GLY A 118 -3.68 -18.72 18.56
N LYS A 119 -4.76 -18.92 19.34
CA LYS A 119 -4.66 -19.49 20.69
C LYS A 119 -4.32 -20.99 20.72
N TYR A 120 -4.27 -21.70 19.59
CA TYR A 120 -4.16 -23.18 19.56
C TYR A 120 -2.99 -23.65 18.69
N SER A 121 -2.39 -24.78 19.09
CA SER A 121 -1.35 -25.50 18.35
C SER A 121 -1.95 -26.63 17.50
N SER A 122 -2.98 -27.32 18.02
CA SER A 122 -3.82 -28.28 17.31
C SER A 122 -4.71 -27.62 16.24
N GLY A 123 -4.62 -26.30 16.06
CA GLY A 123 -5.57 -25.56 15.25
C GLY A 123 -6.92 -25.70 15.94
N LEU A 124 -8.00 -25.56 15.17
CA LEU A 124 -9.33 -25.88 15.66
C LEU A 124 -9.93 -26.76 14.57
N TRP A 125 -10.50 -27.88 14.99
CA TRP A 125 -11.19 -28.80 14.10
C TRP A 125 -12.55 -28.23 13.72
N ALA A 126 -13.21 -28.82 12.71
CA ALA A 126 -14.49 -28.33 12.23
C ALA A 126 -15.56 -28.24 13.34
N SER A 127 -15.56 -29.17 14.31
CA SER A 127 -16.49 -29.11 15.45
C SER A 127 -15.93 -28.26 16.59
N ALA A 128 -14.61 -28.32 16.81
CA ALA A 128 -13.96 -27.56 17.86
C ALA A 128 -14.02 -26.06 17.60
N LEU A 129 -14.04 -25.63 16.32
CA LEU A 129 -14.12 -24.23 15.93
C LEU A 129 -15.38 -23.58 16.53
N PRO A 130 -16.62 -24.02 16.24
CA PRO A 130 -17.82 -23.45 16.85
C PRO A 130 -17.83 -23.63 18.37
N LYS A 131 -17.42 -24.80 18.89
CA LYS A 131 -17.41 -25.01 20.34
C LYS A 131 -16.52 -23.98 21.04
N ALA A 132 -15.30 -23.78 20.56
CA ALA A 132 -14.35 -22.85 21.13
C ALA A 132 -14.80 -21.40 20.95
N PHE A 133 -15.41 -21.08 19.80
CA PHE A 133 -15.95 -19.76 19.50
C PHE A 133 -16.91 -19.33 20.60
N GLU A 134 -17.94 -20.14 20.83
CA GLU A 134 -19.01 -19.84 21.77
C GLU A 134 -18.46 -19.82 23.19
N ASP A 135 -17.57 -20.75 23.52
CA ASP A 135 -16.97 -20.85 24.85
C ASP A 135 -16.11 -19.62 25.18
N MET A 136 -15.32 -19.14 24.22
CA MET A 136 -14.33 -18.13 24.50
C MET A 136 -14.96 -16.74 24.53
N TYR A 137 -15.81 -16.44 23.54
CA TYR A 137 -16.41 -15.13 23.41
C TYR A 137 -17.76 -15.03 24.12
N LYS A 138 -18.22 -16.11 24.78
CA LYS A 138 -19.50 -16.22 25.50
C LYS A 138 -20.68 -15.63 24.72
N VAL A 139 -20.79 -16.01 23.45
CA VAL A 139 -21.85 -15.57 22.54
C VAL A 139 -22.51 -16.80 21.94
N LYS A 140 -23.85 -16.81 21.84
CA LYS A 140 -24.57 -17.83 21.08
C LYS A 140 -24.54 -17.32 19.63
N PHE A 141 -23.55 -17.80 18.90
CA PHE A 141 -23.20 -17.32 17.57
C PHE A 141 -24.30 -17.50 16.52
N PRO A 142 -24.46 -16.55 15.58
CA PRO A 142 -25.30 -16.75 14.40
C PRO A 142 -24.66 -17.88 13.57
N GLU A 143 -25.46 -18.68 12.87
CA GLU A 143 -24.95 -19.83 12.11
C GLU A 143 -24.00 -19.36 11.00
N ASP A 144 -24.30 -18.25 10.32
CA ASP A 144 -23.42 -17.76 9.26
C ASP A 144 -22.02 -17.41 9.80
N ALA A 145 -21.95 -16.89 11.03
CA ALA A 145 -20.68 -16.53 11.64
C ALA A 145 -19.83 -17.76 11.97
N LEU A 146 -20.43 -18.92 12.28
CA LEU A 146 -19.67 -20.14 12.63
C LEU A 146 -19.61 -21.23 11.55
N LYS A 147 -20.50 -21.23 10.54
CA LYS A 147 -20.58 -22.29 9.52
C LYS A 147 -20.30 -21.81 8.10
N ASN A 148 -20.09 -20.52 7.88
CA ASN A 148 -19.67 -20.02 6.58
C ASN A 148 -18.16 -20.21 6.48
N LEU A 149 -17.72 -21.47 6.35
CA LEU A 149 -16.32 -21.83 6.47
C LEU A 149 -15.44 -21.00 5.56
N ALA A 150 -15.90 -20.58 4.37
CA ALA A 150 -15.08 -19.83 3.41
C ALA A 150 -14.52 -18.52 3.97
N SER A 151 -15.28 -17.77 4.77
CA SER A 151 -14.75 -16.56 5.40
C SER A 151 -13.67 -16.93 6.42
N LEU A 152 -13.91 -18.03 7.13
CA LEU A 152 -12.92 -18.57 8.04
C LEU A 152 -11.69 -18.98 7.20
N SER A 153 -11.85 -19.54 6.00
CA SER A 153 -10.75 -19.84 5.08
C SER A 153 -10.03 -18.57 4.60
N ASP A 154 -10.68 -17.41 4.61
CA ASP A 154 -10.04 -16.15 4.24
C ASP A 154 -9.03 -15.74 5.32
N VAL A 155 -9.34 -16.01 6.61
CA VAL A 155 -8.42 -15.67 7.72
C VAL A 155 -7.68 -16.87 8.34
N CYS A 156 -7.98 -18.10 7.93
CA CYS A 156 -7.44 -19.35 8.45
C CYS A 156 -7.14 -20.28 7.28
N THR A 157 -6.15 -21.17 7.39
CA THR A 157 -5.96 -22.24 6.42
C THR A 157 -7.05 -23.25 6.77
N ILE A 158 -7.73 -23.83 5.78
CA ILE A 158 -8.63 -24.97 6.01
C ILE A 158 -8.11 -26.09 5.11
N ASN A 159 -8.08 -27.28 5.70
CA ASN A 159 -7.60 -28.52 5.12
C ASN A 159 -8.44 -29.64 5.74
N TYR A 160 -8.51 -30.82 5.13
CA TYR A 160 -9.46 -31.86 5.51
C TYR A 160 -8.75 -33.13 5.93
N ILE A 161 -9.46 -33.96 6.69
CA ILE A 161 -8.97 -35.22 7.22
C ILE A 161 -10.12 -36.23 7.06
N SER A 162 -9.81 -37.52 7.10
CA SER A 162 -10.75 -38.64 7.07
C SER A 162 -11.39 -38.86 5.68
N GLY A 163 -11.17 -37.94 4.73
CA GLY A 163 -11.58 -38.01 3.35
C GLY A 163 -11.60 -36.59 2.76
N ASN A 164 -11.77 -36.47 1.44
CA ASN A 164 -11.90 -35.17 0.78
C ASN A 164 -13.15 -34.48 1.34
N THR A 165 -12.98 -33.30 1.94
CA THR A 165 -14.05 -32.52 2.57
C THR A 165 -14.90 -33.39 3.53
N GLN A 166 -14.27 -34.32 4.28
CA GLN A 166 -15.03 -35.25 5.15
C GLN A 166 -15.14 -34.62 6.53
N LYS A 167 -13.98 -34.29 7.13
CA LYS A 167 -13.85 -33.48 8.33
C LYS A 167 -12.84 -32.41 7.95
N ALA A 168 -12.84 -31.28 8.64
CA ALA A 168 -11.98 -30.15 8.33
C ALA A 168 -11.18 -29.82 9.58
N ILE A 169 -10.04 -29.21 9.37
CA ILE A 169 -9.17 -28.66 10.37
C ILE A 169 -8.98 -27.21 9.92
N LEU A 170 -8.72 -26.30 10.86
CA LEU A 170 -8.37 -24.94 10.57
C LEU A 170 -7.03 -24.67 11.25
N TYR A 171 -6.17 -23.87 10.63
CA TYR A 171 -4.93 -23.34 11.21
C TYR A 171 -4.93 -21.83 10.96
N ALA A 172 -4.12 -21.04 11.67
CA ALA A 172 -4.07 -19.59 11.46
C ALA A 172 -3.48 -19.26 10.08
N LYS A 173 -4.01 -18.20 9.44
CA LYS A 173 -3.42 -17.60 8.22
C LYS A 173 -3.18 -16.11 8.46
N LEU A 174 -4.00 -15.48 9.33
CA LEU A 174 -3.86 -14.14 9.91
C LEU A 174 -3.26 -13.10 8.94
N PRO A 175 -4.01 -12.67 7.92
CA PRO A 175 -3.49 -11.82 6.84
C PRO A 175 -3.18 -10.37 7.25
N LEU A 176 -3.59 -9.92 8.45
CA LEU A 176 -3.34 -8.57 8.97
C LEU A 176 -1.82 -8.28 8.99
N PRO A 177 -1.31 -7.33 8.18
CA PRO A 177 0.12 -7.12 8.01
C PRO A 177 0.74 -6.18 9.05
N THR A 178 -0.09 -5.40 9.74
CA THR A 178 0.39 -4.32 10.57
C THR A 178 1.17 -4.87 11.78
N ASP A 179 2.39 -4.35 11.96
CA ASP A 179 3.19 -4.60 13.16
C ASP A 179 2.58 -3.91 14.39
N LYS A 180 1.86 -2.81 14.15
CA LYS A 180 1.11 -2.09 15.18
C LYS A 180 0.03 -3.01 15.75
#